data_6Q44
#
_entry.id   6Q44
#
_entity_poly.entity_id   1
_entity_poly.type   'polypeptide(L)'
_entity_poly.pdbx_seq_one_letter_code
;GAMGPPSSRDAVRVTASAHMKHWLEPVLCEAGLGHNYKVDKVLKVLRIYPRSNTLSSLPLCLCDANYKILAFANYKAIAA
FERKERRRVTQNLLNSEIMIHSFTIRFYNDDQVQGFFDGLKFKQKASLFPGYLVLEINDFSMFNRDQLILSNAGTIEFLY
GTPRYIARFIEQEFSDEE
;
_entity_poly.pdbx_strand_id   A
#
# COMPACT_ATOMS: atom_id res chain seq x y z
N GLY A 1 -39.47 21.23 -34.17
CA GLY A 1 -39.07 22.16 -33.07
C GLY A 1 -37.94 21.61 -32.23
N ALA A 2 -36.75 21.48 -32.83
CA ALA A 2 -35.59 20.96 -32.12
C ALA A 2 -35.08 21.96 -31.09
N MET A 3 -34.50 21.45 -30.01
CA MET A 3 -33.98 22.29 -28.95
C MET A 3 -32.67 21.73 -28.41
N GLY A 4 -31.89 22.58 -27.74
CA GLY A 4 -30.61 22.15 -27.19
C GLY A 4 -29.50 22.18 -28.21
N PRO A 5 -28.58 23.16 -28.13
CA PRO A 5 -27.46 23.27 -29.08
C PRO A 5 -26.43 22.15 -28.90
N PRO A 6 -25.66 21.83 -29.95
CA PRO A 6 -24.64 20.78 -29.89
C PRO A 6 -23.46 21.17 -29.02
N SER A 7 -22.82 20.18 -28.41
CA SER A 7 -21.66 20.42 -27.54
C SER A 7 -20.36 20.15 -28.29
N SER A 8 -19.67 21.21 -28.66
CA SER A 8 -18.40 21.10 -29.37
C SER A 8 -17.44 22.22 -28.99
N ARG A 9 -17.78 23.45 -29.38
CA ARG A 9 -16.95 24.60 -29.07
C ARG A 9 -17.00 24.92 -27.58
N ASP A 10 -18.19 24.81 -26.99
CA ASP A 10 -18.37 25.08 -25.57
C ASP A 10 -17.80 23.96 -24.72
N ALA A 11 -17.99 22.72 -25.18
CA ALA A 11 -17.49 21.55 -24.46
C ALA A 11 -16.02 21.33 -24.75
N VAL A 12 -15.40 20.43 -23.99
CA VAL A 12 -13.98 20.11 -24.15
C VAL A 12 -13.78 18.63 -24.48
N ARG A 13 -12.53 18.24 -24.67
CA ARG A 13 -12.20 16.86 -24.99
C ARG A 13 -11.45 16.20 -23.83
N VAL A 14 -11.81 14.95 -23.53
CA VAL A 14 -11.17 14.21 -22.44
C VAL A 14 -10.68 12.84 -22.93
N THR A 15 -9.43 12.53 -22.63
CA THR A 15 -8.83 11.26 -23.02
C THR A 15 -8.63 10.37 -21.81
N ALA A 16 -7.75 10.79 -20.91
CA ALA A 16 -7.46 10.03 -19.68
C ALA A 16 -6.98 8.62 -20.01
N SER A 17 -5.66 8.43 -20.00
CA SER A 17 -5.07 7.13 -20.28
C SER A 17 -4.14 6.69 -19.15
N ALA A 18 -4.62 5.77 -18.32
CA ALA A 18 -3.84 5.27 -17.19
C ALA A 18 -4.23 3.83 -16.85
N HIS A 19 -3.23 2.99 -16.66
CA HIS A 19 -3.46 1.58 -16.33
C HIS A 19 -2.64 1.16 -15.12
N MET A 20 -3.15 0.20 -14.35
CA MET A 20 -2.46 -0.29 -13.16
C MET A 20 -1.16 -0.99 -13.54
N LYS A 21 -0.11 -0.76 -12.76
CA LYS A 21 1.20 -1.35 -13.02
C LYS A 21 1.76 -2.00 -11.75
N HIS A 22 2.62 -2.99 -11.93
CA HIS A 22 3.24 -3.70 -10.81
C HIS A 22 4.53 -3.00 -10.38
N TRP A 23 4.51 -2.39 -9.20
CA TRP A 23 5.69 -1.68 -8.69
C TRP A 23 6.26 -2.35 -7.45
N LEU A 24 5.47 -3.20 -6.79
CA LEU A 24 5.92 -3.90 -5.58
C LEU A 24 7.14 -4.78 -5.86
N GLU A 25 7.16 -5.38 -7.05
CA GLU A 25 8.28 -6.24 -7.44
C GLU A 25 9.56 -5.43 -7.66
N PRO A 26 9.55 -4.46 -8.59
CA PRO A 26 10.73 -3.63 -8.91
C PRO A 26 11.15 -2.70 -7.77
N VAL A 27 10.17 -2.20 -7.01
CA VAL A 27 10.45 -1.28 -5.91
C VAL A 27 11.37 -1.91 -4.85
N LEU A 28 11.14 -3.19 -4.56
CA LEU A 28 11.93 -3.91 -3.55
C LEU A 28 13.24 -4.46 -4.13
N CYS A 29 13.36 -4.50 -5.45
CA CYS A 29 14.57 -5.03 -6.08
C CYS A 29 15.28 -4.00 -6.95
N GLU A 30 14.58 -3.51 -7.97
CA GLU A 30 15.15 -2.51 -8.88
C GLU A 30 15.35 -1.16 -8.20
N ALA A 31 14.38 -0.77 -7.37
CA ALA A 31 14.45 0.50 -6.65
C ALA A 31 15.13 0.34 -5.30
N GLY A 32 14.90 -0.81 -4.66
CA GLY A 32 15.51 -1.08 -3.36
C GLY A 32 15.12 -0.04 -2.31
N LEU A 33 13.85 0.34 -2.29
CA LEU A 33 13.35 1.32 -1.33
C LEU A 33 13.55 0.82 0.10
N GLY A 34 13.75 1.76 1.02
CA GLY A 34 13.96 1.41 2.41
C GLY A 34 13.37 2.41 3.38
N HIS A 35 14.25 3.07 4.15
CA HIS A 35 13.83 4.04 5.15
C HIS A 35 13.32 5.34 4.51
N ASN A 36 14.23 6.09 3.88
CA ASN A 36 13.86 7.35 3.24
C ASN A 36 13.89 7.25 1.72
N TYR A 37 12.70 7.11 1.12
CA TYR A 37 12.58 7.00 -0.33
C TYR A 37 11.26 7.62 -0.80
N LYS A 38 11.26 8.17 -2.02
CA LYS A 38 10.06 8.79 -2.58
C LYS A 38 9.92 8.49 -4.07
N VAL A 39 8.84 7.79 -4.43
CA VAL A 39 8.58 7.45 -5.82
C VAL A 39 7.12 7.70 -6.19
N ASP A 40 6.84 7.83 -7.49
CA ASP A 40 5.48 8.07 -7.98
C ASP A 40 4.88 6.81 -8.59
N LYS A 41 3.81 6.30 -7.99
CA LYS A 41 3.14 5.11 -8.48
C LYS A 41 1.64 5.16 -8.16
N VAL A 42 0.89 4.23 -8.74
CA VAL A 42 -0.56 4.18 -8.53
C VAL A 42 -0.94 3.09 -7.52
N LEU A 43 -1.90 3.42 -6.66
CA LEU A 43 -2.38 2.48 -5.65
C LEU A 43 -3.90 2.48 -5.57
N LYS A 44 -4.50 1.31 -5.35
CA LYS A 44 -5.94 1.17 -5.26
C LYS A 44 -6.36 0.63 -3.90
N VAL A 45 -7.37 1.26 -3.30
CA VAL A 45 -7.89 0.85 -1.99
C VAL A 45 -9.22 0.13 -2.16
N LEU A 46 -9.41 -0.95 -1.40
CA LEU A 46 -10.64 -1.74 -1.49
C LEU A 46 -11.50 -1.60 -0.23
N ARG A 47 -10.89 -1.29 0.91
CA ARG A 47 -11.63 -1.16 2.17
C ARG A 47 -11.18 0.05 2.98
N ILE A 48 -12.16 0.78 3.53
CA ILE A 48 -11.89 1.95 4.36
C ILE A 48 -12.82 1.98 5.56
N TYR A 49 -12.28 2.26 6.74
CA TYR A 49 -13.07 2.30 7.96
C TYR A 49 -13.09 3.71 8.55
N PRO A 50 -14.10 4.53 8.16
CA PRO A 50 -14.22 5.91 8.65
C PRO A 50 -14.26 5.99 10.18
N ARG A 51 -13.77 7.10 10.72
CA ARG A 51 -13.75 7.30 12.17
C ARG A 51 -14.52 8.57 12.57
N SER A 52 -14.69 8.76 13.87
CA SER A 52 -15.40 9.93 14.40
C SER A 52 -14.59 11.21 14.23
N ASN A 53 -13.32 11.09 13.84
CA ASN A 53 -12.46 12.25 13.67
C ASN A 53 -13.00 13.20 12.58
N THR A 54 -13.73 12.64 11.63
CA THR A 54 -14.33 13.43 10.55
C THR A 54 -13.26 14.13 9.70
N LEU A 55 -12.15 13.44 9.48
CA LEU A 55 -11.05 13.98 8.68
C LEU A 55 -11.12 13.46 7.24
N SER A 56 -12.04 12.54 6.98
CA SER A 56 -12.19 11.95 5.65
C SER A 56 -10.93 11.19 5.24
N SER A 57 -10.24 10.62 6.24
CA SER A 57 -9.03 9.86 6.02
C SER A 57 -8.63 9.11 7.28
N LEU A 58 -8.63 7.79 7.20
CA LEU A 58 -8.29 6.94 8.35
C LEU A 58 -7.75 5.60 7.87
N PRO A 59 -7.12 4.82 8.78
CA PRO A 59 -6.56 3.50 8.45
C PRO A 59 -7.47 2.71 7.49
N LEU A 60 -6.92 2.33 6.35
CA LEU A 60 -7.67 1.60 5.34
C LEU A 60 -6.85 0.45 4.73
N CYS A 61 -7.55 -0.51 4.13
CA CYS A 61 -6.89 -1.66 3.49
C CYS A 61 -6.89 -1.48 1.98
N LEU A 62 -5.73 -1.65 1.37
CA LEU A 62 -5.59 -1.49 -0.07
C LEU A 62 -4.87 -2.69 -0.68
N CYS A 63 -5.18 -2.96 -1.96
CA CYS A 63 -4.55 -4.08 -2.67
C CYS A 63 -3.79 -3.57 -3.89
N ASP A 64 -2.50 -3.89 -3.94
CA ASP A 64 -1.66 -3.47 -5.06
C ASP A 64 -1.70 -4.51 -6.17
N ALA A 65 -0.84 -4.32 -7.18
CA ALA A 65 -0.81 -5.23 -8.32
C ALA A 65 -0.24 -6.61 -7.97
N ASN A 66 0.79 -6.64 -7.12
CA ASN A 66 1.42 -7.92 -6.75
C ASN A 66 0.89 -8.45 -5.42
N TYR A 67 0.59 -7.56 -4.48
CA TYR A 67 0.09 -7.96 -3.17
C TYR A 67 -0.75 -6.86 -2.54
N LYS A 68 -1.42 -7.18 -1.45
CA LYS A 68 -2.25 -6.22 -0.74
C LYS A 68 -1.71 -5.95 0.65
N ILE A 69 -1.39 -4.68 0.92
CA ILE A 69 -0.83 -4.30 2.22
C ILE A 69 -1.72 -3.27 2.92
N LEU A 70 -1.40 -3.02 4.19
CA LEU A 70 -2.15 -2.05 4.99
C LEU A 70 -1.38 -0.73 5.02
N ALA A 71 -2.10 0.38 4.89
CA ALA A 71 -1.46 1.70 4.90
C ALA A 71 -2.39 2.77 5.47
N PHE A 72 -1.78 3.83 5.99
CA PHE A 72 -2.55 4.95 6.55
C PHE A 72 -1.94 6.26 6.11
N ALA A 73 -2.80 7.25 5.89
CA ALA A 73 -2.35 8.57 5.44
C ALA A 73 -2.13 9.53 6.61
N ASN A 74 -1.06 10.32 6.52
CA ASN A 74 -0.73 11.30 7.55
C ASN A 74 -1.60 12.53 7.39
N TYR A 75 -1.80 13.28 8.48
CA TYR A 75 -2.64 14.47 8.44
C TYR A 75 -2.22 15.43 7.34
N LYS A 76 -0.92 15.54 7.09
CA LYS A 76 -0.43 16.43 6.04
C LYS A 76 -1.02 16.00 4.70
N ALA A 77 -1.06 14.69 4.50
CA ALA A 77 -1.62 14.10 3.29
C ALA A 77 -3.14 14.24 3.30
N ILE A 78 -3.74 14.09 4.48
CA ILE A 78 -5.19 14.20 4.63
C ILE A 78 -5.68 15.60 4.27
N ALA A 79 -5.05 16.61 4.86
CA ALA A 79 -5.42 18.00 4.61
C ALA A 79 -5.26 18.37 3.14
N ALA A 80 -4.32 17.74 2.45
CA ALA A 80 -4.07 18.03 1.04
C ALA A 80 -5.31 17.82 0.18
N PHE A 81 -5.89 16.62 0.21
CA PHE A 81 -7.06 16.33 -0.60
C PHE A 81 -8.23 17.26 -0.26
N GLU A 82 -8.30 17.66 1.01
CA GLU A 82 -9.35 18.56 1.46
C GLU A 82 -9.22 19.93 0.82
N ARG A 83 -7.99 20.40 0.68
CA ARG A 83 -7.72 21.72 0.07
C ARG A 83 -7.95 21.70 -1.44
N LYS A 84 -7.46 20.64 -2.10
CA LYS A 84 -7.59 20.53 -3.56
C LYS A 84 -9.00 20.12 -4.01
N GLU A 85 -9.64 19.21 -3.29
CA GLU A 85 -10.97 18.74 -3.68
C GLU A 85 -12.08 19.19 -2.72
N ARG A 86 -11.74 19.53 -1.47
CA ARG A 86 -12.73 19.97 -0.50
C ARG A 86 -13.87 18.95 -0.35
N ARG A 87 -13.54 17.68 -0.50
CA ARG A 87 -14.52 16.60 -0.38
C ARG A 87 -13.90 15.37 0.27
N ARG A 88 -14.76 14.42 0.64
CA ARG A 88 -14.30 13.18 1.27
C ARG A 88 -13.60 12.30 0.24
N VAL A 89 -12.30 12.07 0.45
CA VAL A 89 -11.51 11.26 -0.47
C VAL A 89 -11.71 9.77 -0.26
N THR A 90 -11.86 9.35 0.99
CA THR A 90 -12.04 7.94 1.32
C THR A 90 -13.28 7.33 0.66
N GLN A 91 -14.22 8.18 0.24
CA GLN A 91 -15.44 7.69 -0.39
C GLN A 91 -15.16 6.98 -1.71
N ASN A 92 -14.96 7.76 -2.78
CA ASN A 92 -14.70 7.18 -4.11
C ASN A 92 -13.37 7.64 -4.70
N LEU A 93 -12.78 8.69 -4.13
CA LEU A 93 -11.51 9.22 -4.65
C LEU A 93 -10.36 8.24 -4.45
N LEU A 94 -10.30 7.61 -3.28
CA LEU A 94 -9.24 6.65 -2.99
C LEU A 94 -9.41 5.38 -3.83
N ASN A 95 -10.65 4.94 -3.99
CA ASN A 95 -10.97 3.72 -4.75
C ASN A 95 -10.45 3.80 -6.19
N SER A 96 -10.51 4.98 -6.78
CA SER A 96 -10.05 5.16 -8.16
C SER A 96 -8.55 4.89 -8.29
N GLU A 97 -7.74 5.92 -8.10
CA GLU A 97 -6.28 5.80 -8.19
C GLU A 97 -5.61 6.92 -7.41
N ILE A 98 -4.49 6.61 -6.76
CA ILE A 98 -3.78 7.61 -5.97
C ILE A 98 -2.28 7.57 -6.26
N MET A 99 -1.68 8.75 -6.33
CA MET A 99 -0.25 8.88 -6.57
C MET A 99 0.43 9.40 -5.30
N ILE A 100 1.15 8.51 -4.62
CA ILE A 100 1.83 8.87 -3.39
C ILE A 100 3.19 9.50 -3.66
N HIS A 101 3.34 10.76 -3.27
CA HIS A 101 4.60 11.49 -3.47
C HIS A 101 5.69 10.94 -2.56
N SER A 102 5.32 10.63 -1.32
CA SER A 102 6.27 10.10 -0.34
C SER A 102 5.64 9.05 0.55
N PHE A 103 6.43 8.05 0.94
CA PHE A 103 5.95 6.97 1.79
C PHE A 103 7.11 6.26 2.48
N THR A 104 6.87 5.79 3.71
CA THR A 104 7.90 5.09 4.48
C THR A 104 7.44 3.70 4.88
N ILE A 105 8.38 2.76 4.92
CA ILE A 105 8.07 1.38 5.27
C ILE A 105 7.96 1.22 6.79
N ARG A 106 6.99 0.42 7.22
CA ARG A 106 6.77 0.16 8.64
C ARG A 106 6.32 -1.28 8.87
N PHE A 107 6.70 -1.84 10.02
CA PHE A 107 6.33 -3.21 10.36
C PHE A 107 5.16 -3.23 11.34
N TYR A 108 4.21 -4.12 11.10
CA TYR A 108 3.04 -4.24 11.96
C TYR A 108 2.86 -5.67 12.47
N ASN A 109 2.30 -5.79 13.66
CA ASN A 109 2.06 -7.11 14.28
C ASN A 109 0.56 -7.41 14.32
N ASP A 110 0.21 -8.56 14.88
CA ASP A 110 -1.19 -8.97 14.97
C ASP A 110 -2.01 -7.97 15.77
N ASP A 111 -1.44 -7.45 16.85
CA ASP A 111 -2.13 -6.49 17.70
C ASP A 111 -2.29 -5.15 16.98
N GLN A 112 -1.25 -4.73 16.26
CA GLN A 112 -1.27 -3.46 15.54
C GLN A 112 -2.38 -3.42 14.49
N VAL A 113 -2.44 -4.47 13.66
CA VAL A 113 -3.46 -4.55 12.61
C VAL A 113 -4.87 -4.63 13.20
N GLN A 114 -4.98 -5.24 14.38
CA GLN A 114 -6.27 -5.37 15.04
C GLN A 114 -6.88 -4.00 15.32
N GLY A 115 -6.08 -3.12 15.92
CA GLY A 115 -6.54 -1.77 16.21
C GLY A 115 -6.65 -0.93 14.95
N PHE A 116 -5.78 -1.22 13.98
CA PHE A 116 -5.75 -0.50 12.71
C PHE A 116 -7.09 -0.63 11.98
N PHE A 117 -7.66 -1.83 12.03
CA PHE A 117 -8.95 -2.10 11.37
C PHE A 117 -10.01 -2.47 12.39
N ASP A 118 -11.23 -2.72 11.91
CA ASP A 118 -12.35 -3.08 12.78
C ASP A 118 -12.05 -4.35 13.58
N GLY A 119 -11.23 -5.23 13.01
CA GLY A 119 -10.88 -6.46 13.69
C GLY A 119 -10.35 -7.52 12.74
N LEU A 120 -9.51 -7.09 11.79
CA LEU A 120 -8.93 -8.01 10.81
C LEU A 120 -7.79 -8.79 11.45
N LYS A 121 -7.88 -10.12 11.38
CA LYS A 121 -6.87 -11.00 11.96
C LYS A 121 -5.95 -11.59 10.90
N PHE A 122 -4.65 -11.31 11.03
CA PHE A 122 -3.65 -11.82 10.09
C PHE A 122 -2.84 -12.94 10.75
N LYS A 123 -2.71 -14.07 10.06
CA LYS A 123 -1.96 -15.20 10.58
C LYS A 123 -0.54 -15.24 10.01
N GLN A 124 0.45 -15.15 10.89
CA GLN A 124 1.85 -15.16 10.47
C GLN A 124 2.48 -16.55 10.67
N LYS A 125 1.65 -17.56 10.96
CA LYS A 125 2.12 -18.92 11.16
C LYS A 125 3.12 -19.00 12.31
N ALA A 126 2.70 -18.51 13.48
CA ALA A 126 3.53 -18.53 14.68
C ALA A 126 4.82 -17.73 14.47
N SER A 127 4.78 -16.44 14.81
CA SER A 127 5.93 -15.57 14.66
C SER A 127 6.02 -14.58 15.82
N LEU A 128 7.24 -14.33 16.30
CA LEU A 128 7.45 -13.40 17.41
C LEU A 128 7.67 -11.99 16.88
N PHE A 129 8.30 -11.88 15.72
CA PHE A 129 8.56 -10.58 15.10
C PHE A 129 7.47 -10.22 14.10
N PRO A 130 7.28 -8.92 13.82
CA PRO A 130 6.25 -8.46 12.88
C PRO A 130 6.60 -8.83 11.44
N GLY A 131 5.64 -9.43 10.74
CA GLY A 131 5.85 -9.83 9.36
C GLY A 131 4.85 -9.18 8.42
N TYR A 132 4.40 -7.97 8.76
CA TYR A 132 3.44 -7.24 7.95
C TYR A 132 4.03 -5.90 7.49
N LEU A 133 4.01 -5.68 6.18
CA LEU A 133 4.54 -4.45 5.61
C LEU A 133 3.44 -3.38 5.51
N VAL A 134 3.64 -2.26 6.18
CA VAL A 134 2.67 -1.18 6.17
C VAL A 134 3.32 0.13 5.70
N LEU A 135 2.68 0.78 4.74
CA LEU A 135 3.18 2.04 4.20
C LEU A 135 2.51 3.24 4.84
N GLU A 136 3.18 4.38 4.74
CA GLU A 136 2.66 5.63 5.29
C GLU A 136 2.48 6.66 4.17
N ILE A 137 1.33 7.32 4.15
CA ILE A 137 1.06 8.32 3.12
C ILE A 137 1.22 9.73 3.67
N ASN A 138 2.41 10.30 3.51
CA ASN A 138 2.68 11.65 3.99
C ASN A 138 2.00 12.68 3.08
N ASP A 139 2.05 12.42 1.77
CA ASP A 139 1.43 13.31 0.81
C ASP A 139 1.09 12.54 -0.46
N PHE A 140 -0.18 12.58 -0.86
CA PHE A 140 -0.64 11.89 -2.04
C PHE A 140 -1.55 12.78 -2.88
N SER A 141 -1.88 12.34 -4.09
CA SER A 141 -2.75 13.12 -4.97
C SER A 141 -3.54 12.22 -5.91
N MET A 142 -4.63 12.75 -6.45
CA MET A 142 -5.49 12.00 -7.37
C MET A 142 -4.80 11.85 -8.73
N PHE A 143 -4.39 10.63 -9.05
CA PHE A 143 -3.73 10.37 -10.32
C PHE A 143 -4.74 10.22 -11.46
N ASN A 144 -5.62 9.23 -11.34
CA ASN A 144 -6.64 8.99 -12.36
C ASN A 144 -8.01 9.51 -11.90
N ARG A 145 -8.62 10.34 -12.74
CA ARG A 145 -9.93 10.92 -12.43
C ARG A 145 -11.02 9.84 -12.50
N ASP A 146 -10.92 8.95 -13.47
CA ASP A 146 -11.91 7.88 -13.64
C ASP A 146 -11.97 6.98 -12.41
N GLN A 147 -13.15 6.40 -12.17
CA GLN A 147 -13.36 5.52 -11.04
C GLN A 147 -13.28 4.05 -11.45
N LEU A 148 -12.27 3.34 -10.92
CA LEU A 148 -12.08 1.93 -11.23
C LEU A 148 -11.72 1.15 -9.98
N ILE A 149 -12.15 -0.11 -9.91
CA ILE A 149 -11.87 -0.97 -8.77
C ILE A 149 -10.96 -2.14 -9.17
N LEU A 150 -10.12 -2.58 -8.24
CA LEU A 150 -9.20 -3.68 -8.50
C LEU A 150 -9.92 -5.02 -8.40
N SER A 151 -10.59 -5.40 -9.48
CA SER A 151 -11.31 -6.68 -9.52
C SER A 151 -10.35 -7.87 -9.54
N ASN A 152 -9.08 -7.60 -9.87
CA ASN A 152 -8.06 -8.65 -9.92
C ASN A 152 -7.41 -8.87 -8.55
N ALA A 153 -7.88 -8.17 -7.53
CA ALA A 153 -7.33 -8.29 -6.18
C ALA A 153 -7.53 -9.70 -5.63
N GLY A 154 -8.61 -10.36 -6.04
CA GLY A 154 -8.90 -11.70 -5.57
C GLY A 154 -7.85 -12.71 -5.97
N THR A 155 -7.36 -12.59 -7.20
CA THR A 155 -6.33 -13.50 -7.70
C THR A 155 -4.96 -13.21 -7.09
N ILE A 156 -4.77 -11.95 -6.68
CA ILE A 156 -3.51 -11.53 -6.08
C ILE A 156 -3.22 -12.29 -4.80
N GLU A 157 -1.94 -12.58 -4.58
CA GLU A 157 -1.50 -13.31 -3.39
C GLU A 157 -1.28 -12.36 -2.22
N PHE A 158 -0.92 -12.94 -1.07
CA PHE A 158 -0.66 -12.16 0.14
C PHE A 158 0.84 -12.08 0.42
N LEU A 159 1.26 -10.99 1.06
CA LEU A 159 2.67 -10.80 1.37
C LEU A 159 3.08 -11.52 2.65
N TYR A 160 2.11 -12.03 3.40
CA TYR A 160 2.37 -12.73 4.66
C TYR A 160 3.25 -13.97 4.45
N GLY A 161 3.14 -14.57 3.27
CA GLY A 161 3.93 -15.77 2.97
C GLY A 161 5.03 -15.53 1.96
N THR A 162 5.21 -14.28 1.52
CA THR A 162 6.26 -13.96 0.57
C THR A 162 7.64 -14.02 1.22
N PRO A 163 8.48 -15.00 0.83
CA PRO A 163 9.83 -15.14 1.41
C PRO A 163 10.71 -13.92 1.18
N ARG A 164 10.47 -13.23 0.06
CA ARG A 164 11.24 -12.04 -0.29
C ARG A 164 11.00 -10.91 0.72
N TYR A 165 9.73 -10.59 0.95
CA TYR A 165 9.37 -9.52 1.89
C TYR A 165 9.87 -9.82 3.29
N ILE A 166 9.72 -11.07 3.72
CA ILE A 166 10.15 -11.48 5.04
C ILE A 166 11.68 -11.50 5.16
N ALA A 167 12.35 -12.00 4.12
CA ALA A 167 13.80 -12.08 4.12
C ALA A 167 14.46 -10.70 4.02
N ARG A 168 13.87 -9.82 3.23
CA ARG A 168 14.42 -8.48 3.02
C ARG A 168 14.31 -7.58 4.25
N PHE A 169 13.26 -7.78 5.06
CA PHE A 169 13.05 -6.92 6.23
C PHE A 169 13.22 -7.66 7.57
N ILE A 170 12.92 -8.95 7.62
CA ILE A 170 13.03 -9.71 8.86
C ILE A 170 14.37 -10.44 8.99
N GLU A 171 14.74 -11.19 7.96
CA GLU A 171 16.00 -11.94 7.99
C GLU A 171 17.23 -11.04 8.11
N GLN A 172 17.06 -9.74 7.86
CA GLN A 172 18.17 -8.79 7.95
C GLN A 172 18.77 -8.78 9.35
N GLU A 173 17.91 -8.85 10.37
CA GLU A 173 18.36 -8.85 11.75
C GLU A 173 17.30 -9.44 12.67
N PHE A 174 17.69 -10.43 13.48
CA PHE A 174 16.77 -11.08 14.41
C PHE A 174 17.38 -11.22 15.79
N SER A 175 18.64 -11.65 15.86
CA SER A 175 19.33 -11.84 17.12
C SER A 175 19.93 -10.52 17.63
N ASP A 176 19.88 -10.32 18.93
CA ASP A 176 20.41 -9.11 19.55
C ASP A 176 21.93 -9.09 19.47
N GLU A 177 22.54 -10.27 19.62
CA GLU A 177 24.00 -10.39 19.57
C GLU A 177 24.66 -9.61 20.71
N GLU A 178 24.01 -9.59 21.86
CA GLU A 178 24.52 -8.88 23.03
C GLU A 178 24.02 -9.50 24.33
N GLY A 1 -29.34 20.48 -13.64
CA GLY A 1 -30.20 19.41 -14.21
C GLY A 1 -29.95 18.06 -13.55
N ALA A 2 -30.97 17.20 -13.58
CA ALA A 2 -30.87 15.88 -12.97
C ALA A 2 -30.55 14.82 -14.02
N MET A 3 -29.42 14.13 -13.87
CA MET A 3 -29.01 13.09 -14.81
C MET A 3 -28.30 11.96 -14.07
N GLY A 4 -28.34 10.76 -14.67
CA GLY A 4 -27.70 9.60 -14.07
C GLY A 4 -27.07 8.70 -15.11
N PRO A 5 -26.02 7.94 -14.73
CA PRO A 5 -25.33 7.03 -15.65
C PRO A 5 -26.16 5.79 -15.97
N PRO A 6 -26.32 5.43 -17.27
CA PRO A 6 -27.10 4.26 -17.67
C PRO A 6 -26.65 2.99 -16.97
N SER A 7 -25.33 2.83 -16.81
CA SER A 7 -24.76 1.66 -16.15
C SER A 7 -25.22 0.36 -16.82
N SER A 8 -24.48 -0.07 -17.82
CA SER A 8 -24.81 -1.30 -18.54
C SER A 8 -24.57 -2.53 -17.66
N ARG A 9 -25.36 -3.58 -17.90
CA ARG A 9 -25.23 -4.82 -17.13
C ARG A 9 -24.64 -5.94 -17.97
N ASP A 10 -24.94 -5.94 -19.27
CA ASP A 10 -24.43 -6.95 -20.18
C ASP A 10 -23.46 -6.35 -21.21
N ALA A 11 -22.89 -5.19 -20.88
CA ALA A 11 -21.96 -4.52 -21.77
C ALA A 11 -20.81 -3.89 -20.99
N VAL A 12 -19.71 -3.62 -21.69
CA VAL A 12 -18.53 -3.01 -21.07
C VAL A 12 -17.89 -1.97 -21.99
N ARG A 13 -16.90 -1.26 -21.49
CA ARG A 13 -16.21 -0.23 -22.25
C ARG A 13 -14.69 -0.44 -22.21
N VAL A 14 -14.17 -0.79 -21.04
CA VAL A 14 -12.74 -1.00 -20.86
C VAL A 14 -12.41 -2.48 -20.75
N THR A 15 -11.45 -2.95 -21.54
CA THR A 15 -11.04 -4.35 -21.53
C THR A 15 -9.72 -4.52 -20.78
N ALA A 16 -8.77 -3.62 -21.03
CA ALA A 16 -7.47 -3.67 -20.39
C ALA A 16 -7.50 -2.97 -19.03
N SER A 17 -6.70 -3.48 -18.09
CA SER A 17 -6.63 -2.90 -16.75
C SER A 17 -5.75 -1.65 -16.73
N ALA A 18 -5.63 -1.04 -15.55
CA ALA A 18 -4.81 0.16 -15.39
C ALA A 18 -3.32 -0.18 -15.49
N HIS A 19 -2.51 0.84 -15.75
CA HIS A 19 -1.07 0.65 -15.86
C HIS A 19 -0.39 0.79 -14.50
N MET A 20 -0.27 -0.33 -13.78
CA MET A 20 0.36 -0.32 -12.47
C MET A 20 1.08 -1.64 -12.19
N LYS A 21 1.60 -2.26 -13.26
CA LYS A 21 2.32 -3.53 -13.14
C LYS A 21 3.58 -3.35 -12.31
N HIS A 22 4.27 -2.24 -12.51
CA HIS A 22 5.51 -1.94 -11.78
C HIS A 22 5.21 -1.23 -10.46
N TRP A 23 4.99 -2.00 -9.41
CA TRP A 23 4.70 -1.43 -8.10
C TRP A 23 5.59 -2.05 -7.00
N LEU A 24 5.09 -3.06 -6.28
CA LEU A 24 5.82 -3.68 -5.19
C LEU A 24 7.07 -4.42 -5.66
N GLU A 25 7.03 -4.98 -6.86
CA GLU A 25 8.16 -5.72 -7.40
C GLU A 25 9.38 -4.81 -7.64
N PRO A 26 9.26 -3.82 -8.55
CA PRO A 26 10.36 -2.90 -8.89
C PRO A 26 10.74 -1.95 -7.75
N VAL A 27 9.74 -1.45 -7.03
CA VAL A 27 9.97 -0.49 -5.95
C VAL A 27 11.07 -0.95 -4.99
N LEU A 28 11.04 -2.24 -4.64
CA LEU A 28 12.03 -2.80 -3.71
C LEU A 28 13.19 -3.48 -4.46
N CYS A 29 13.05 -3.62 -5.78
CA CYS A 29 14.10 -4.25 -6.58
C CYS A 29 15.04 -3.23 -7.20
N GLU A 30 14.50 -2.34 -8.02
CA GLU A 30 15.31 -1.32 -8.69
C GLU A 30 15.31 0.00 -7.91
N ALA A 31 14.16 0.38 -7.38
CA ALA A 31 14.04 1.61 -6.63
C ALA A 31 14.79 1.54 -5.29
N GLY A 32 14.80 0.36 -4.69
CA GLY A 32 15.49 0.17 -3.43
C GLY A 32 14.85 0.96 -2.29
N LEU A 33 13.52 0.89 -2.20
CA LEU A 33 12.78 1.59 -1.15
C LEU A 33 13.22 1.13 0.24
N GLY A 34 13.41 2.09 1.15
CA GLY A 34 13.83 1.77 2.50
C GLY A 34 13.05 2.54 3.55
N HIS A 35 13.61 3.66 4.00
CA HIS A 35 12.97 4.49 5.01
C HIS A 35 12.81 5.93 4.53
N ASN A 36 13.80 6.44 3.80
CA ASN A 36 13.77 7.80 3.28
C ASN A 36 13.83 7.82 1.76
N TYR A 37 12.96 7.02 1.13
CA TYR A 37 12.90 6.95 -0.33
C TYR A 37 11.52 7.37 -0.84
N LYS A 38 11.50 8.11 -1.94
CA LYS A 38 10.25 8.58 -2.52
C LYS A 38 10.11 8.11 -3.97
N VAL A 39 8.96 7.51 -4.29
CA VAL A 39 8.71 7.02 -5.64
C VAL A 39 7.30 7.39 -6.10
N ASP A 40 7.07 7.31 -7.41
CA ASP A 40 5.76 7.60 -7.99
C ASP A 40 5.11 6.33 -8.50
N LYS A 41 4.02 5.91 -7.84
CA LYS A 41 3.31 4.70 -8.22
C LYS A 41 1.81 4.87 -8.08
N VAL A 42 1.04 3.98 -8.72
CA VAL A 42 -0.41 4.04 -8.65
C VAL A 42 -0.92 2.96 -7.70
N LEU A 43 -1.65 3.40 -6.66
CA LEU A 43 -2.19 2.49 -5.66
C LEU A 43 -3.71 2.58 -5.59
N LYS A 44 -4.36 1.43 -5.44
CA LYS A 44 -5.83 1.38 -5.36
C LYS A 44 -6.28 0.83 -4.01
N VAL A 45 -7.27 1.48 -3.41
CA VAL A 45 -7.81 1.07 -2.11
C VAL A 45 -9.17 0.38 -2.29
N LEU A 46 -9.41 -0.67 -1.52
CA LEU A 46 -10.66 -1.41 -1.61
C LEU A 46 -11.44 -1.47 -0.30
N ARG A 47 -10.82 -1.06 0.82
CA ARG A 47 -11.50 -1.11 2.11
C ARG A 47 -11.27 0.16 2.93
N ILE A 48 -12.37 0.71 3.45
CA ILE A 48 -12.32 1.91 4.29
C ILE A 48 -13.48 1.89 5.30
N TYR A 49 -13.19 2.28 6.54
CA TYR A 49 -14.22 2.31 7.58
C TYR A 49 -14.37 3.73 8.15
N PRO A 50 -15.07 4.63 7.41
CA PRO A 50 -15.29 6.01 7.85
C PRO A 50 -16.04 6.10 9.18
N ARG A 51 -15.75 7.15 9.95
CA ARG A 51 -16.39 7.36 11.24
C ARG A 51 -17.05 8.74 11.29
N SER A 52 -17.86 8.97 12.31
CA SER A 52 -18.57 10.24 12.47
C SER A 52 -17.60 11.41 12.63
N ASN A 53 -16.52 11.20 13.39
CA ASN A 53 -15.52 12.24 13.63
C ASN A 53 -14.28 12.04 12.78
N THR A 54 -14.42 11.36 11.65
CA THR A 54 -13.30 11.09 10.75
C THR A 54 -12.98 12.30 9.88
N LEU A 55 -11.80 12.27 9.26
CA LEU A 55 -11.36 13.34 8.39
C LEU A 55 -11.35 12.88 6.93
N SER A 56 -12.20 11.90 6.61
CA SER A 56 -12.27 11.35 5.26
C SER A 56 -10.93 10.72 4.86
N SER A 57 -10.14 10.35 5.87
CA SER A 57 -8.84 9.73 5.63
C SER A 57 -8.37 9.00 6.88
N LEU A 58 -8.55 7.68 6.88
CA LEU A 58 -8.14 6.85 8.02
C LEU A 58 -7.55 5.53 7.52
N PRO A 59 -6.91 4.72 8.42
CA PRO A 59 -6.31 3.44 8.04
C PRO A 59 -7.21 2.64 7.10
N LEU A 60 -6.64 2.17 5.99
CA LEU A 60 -7.40 1.42 5.00
C LEU A 60 -6.60 0.24 4.44
N CYS A 61 -7.32 -0.79 4.00
CA CYS A 61 -6.69 -1.98 3.43
C CYS A 61 -6.77 -1.92 1.92
N LEU A 62 -5.64 -1.60 1.30
CA LEU A 62 -5.56 -1.50 -0.15
C LEU A 62 -4.89 -2.71 -0.77
N CYS A 63 -5.14 -2.93 -2.06
CA CYS A 63 -4.56 -4.06 -2.78
C CYS A 63 -3.82 -3.58 -4.02
N ASP A 64 -2.53 -3.87 -4.08
CA ASP A 64 -1.70 -3.48 -5.21
C ASP A 64 -1.92 -4.43 -6.39
N ALA A 65 -1.07 -4.33 -7.41
CA ALA A 65 -1.19 -5.18 -8.59
C ALA A 65 -0.84 -6.64 -8.30
N ASN A 66 0.19 -6.87 -7.47
CA ASN A 66 0.62 -8.23 -7.15
C ASN A 66 0.28 -8.64 -5.72
N TYR A 67 0.20 -7.68 -4.80
CA TYR A 67 -0.10 -7.97 -3.41
C TYR A 67 -0.85 -6.84 -2.73
N LYS A 68 -1.35 -7.10 -1.52
CA LYS A 68 -2.07 -6.09 -0.75
C LYS A 68 -1.42 -5.88 0.61
N ILE A 69 -1.37 -4.63 1.05
CA ILE A 69 -0.76 -4.30 2.34
C ILE A 69 -1.58 -3.23 3.07
N LEU A 70 -1.24 -3.00 4.33
CA LEU A 70 -1.93 -1.98 5.13
C LEU A 70 -1.28 -0.62 4.90
N ALA A 71 -2.10 0.43 4.90
CA ALA A 71 -1.60 1.78 4.68
C ALA A 71 -2.36 2.80 5.52
N PHE A 72 -1.66 3.83 5.99
CA PHE A 72 -2.26 4.87 6.80
C PHE A 72 -1.78 6.24 6.33
N ALA A 73 -2.72 7.15 6.10
CA ALA A 73 -2.39 8.50 5.64
C ALA A 73 -2.30 9.46 6.81
N ASN A 74 -1.27 10.31 6.79
CA ASN A 74 -1.06 11.29 7.85
C ASN A 74 -1.99 12.48 7.67
N TYR A 75 -2.34 13.13 8.78
CA TYR A 75 -3.25 14.27 8.76
C TYR A 75 -2.76 15.36 7.81
N LYS A 76 -1.44 15.50 7.68
CA LYS A 76 -0.87 16.51 6.78
C LYS A 76 -1.33 16.23 5.36
N ALA A 77 -1.38 14.95 5.02
CA ALA A 77 -1.82 14.51 3.70
C ALA A 77 -3.32 14.73 3.55
N ILE A 78 -4.06 14.56 4.66
CA ILE A 78 -5.50 14.74 4.66
C ILE A 78 -5.87 16.20 4.40
N ALA A 79 -5.30 17.10 5.20
CA ALA A 79 -5.57 18.53 5.06
C ALA A 79 -5.19 19.05 3.69
N ALA A 80 -4.03 18.61 3.18
CA ALA A 80 -3.56 19.04 1.87
C ALA A 80 -4.50 18.57 0.77
N PHE A 81 -4.91 17.31 0.84
CA PHE A 81 -5.81 16.74 -0.14
C PHE A 81 -7.17 17.44 -0.11
N GLU A 82 -7.60 17.82 1.09
CA GLU A 82 -8.88 18.51 1.27
C GLU A 82 -8.89 19.82 0.48
N ARG A 83 -7.78 20.54 0.52
CA ARG A 83 -7.66 21.81 -0.18
C ARG A 83 -7.52 21.59 -1.69
N LYS A 84 -6.85 20.48 -2.05
CA LYS A 84 -6.63 20.16 -3.46
C LYS A 84 -7.92 19.77 -4.20
N GLU A 85 -8.67 18.83 -3.63
CA GLU A 85 -9.90 18.36 -4.28
C GLU A 85 -11.17 18.92 -3.63
N ARG A 86 -11.08 19.34 -2.36
CA ARG A 86 -12.23 19.89 -1.66
C ARG A 86 -13.39 18.90 -1.60
N ARG A 87 -13.06 17.60 -1.56
CA ARG A 87 -14.06 16.55 -1.51
C ARG A 87 -13.58 15.35 -0.70
N ARG A 88 -14.49 14.43 -0.39
CA ARG A 88 -14.14 13.23 0.36
C ARG A 88 -13.21 12.35 -0.44
N VAL A 89 -11.98 12.19 0.05
CA VAL A 89 -10.97 11.40 -0.64
C VAL A 89 -11.19 9.89 -0.49
N THR A 90 -11.48 9.44 0.73
CA THR A 90 -11.70 8.01 0.99
C THR A 90 -12.98 7.49 0.35
N GLN A 91 -13.89 8.40 0.02
CA GLN A 91 -15.16 8.02 -0.59
C GLN A 91 -14.95 7.27 -1.92
N ASN A 92 -14.75 8.01 -3.01
CA ASN A 92 -14.55 7.39 -4.32
C ASN A 92 -13.21 7.78 -4.96
N LEU A 93 -12.58 8.84 -4.43
CA LEU A 93 -11.32 9.32 -4.98
C LEU A 93 -10.18 8.30 -4.82
N LEU A 94 -9.98 7.83 -3.58
CA LEU A 94 -8.91 6.86 -3.30
C LEU A 94 -9.11 5.57 -4.11
N ASN A 95 -10.35 5.12 -4.22
CA ASN A 95 -10.66 3.89 -4.95
C ASN A 95 -10.21 3.97 -6.42
N SER A 96 -10.36 5.16 -7.01
CA SER A 96 -9.99 5.36 -8.41
C SER A 96 -8.48 5.08 -8.61
N GLU A 97 -7.66 6.12 -8.48
CA GLU A 97 -6.22 5.99 -8.65
C GLU A 97 -5.49 7.04 -7.82
N ILE A 98 -4.40 6.65 -7.16
CA ILE A 98 -3.64 7.57 -6.33
C ILE A 98 -2.14 7.48 -6.59
N MET A 99 -1.47 8.63 -6.49
CA MET A 99 -0.03 8.68 -6.68
C MET A 99 0.62 9.26 -5.42
N ILE A 100 1.21 8.37 -4.62
CA ILE A 100 1.86 8.79 -3.38
C ILE A 100 3.24 9.38 -3.64
N HIS A 101 3.42 10.64 -3.21
CA HIS A 101 4.68 11.33 -3.40
C HIS A 101 5.79 10.72 -2.53
N SER A 102 5.42 10.35 -1.30
CA SER A 102 6.38 9.76 -0.37
C SER A 102 5.71 8.80 0.60
N PHE A 103 6.41 7.73 0.94
CA PHE A 103 5.90 6.73 1.87
C PHE A 103 7.05 5.99 2.56
N THR A 104 6.84 5.61 3.82
CA THR A 104 7.86 4.90 4.58
C THR A 104 7.33 3.57 5.11
N ILE A 105 8.17 2.53 5.06
CA ILE A 105 7.79 1.21 5.52
C ILE A 105 7.72 1.17 7.05
N ARG A 106 6.70 0.49 7.57
CA ARG A 106 6.53 0.36 9.02
C ARG A 106 6.18 -1.08 9.38
N PHE A 107 6.85 -1.60 10.41
CA PHE A 107 6.61 -2.97 10.86
C PHE A 107 5.30 -3.08 11.63
N TYR A 108 4.60 -4.20 11.44
CA TYR A 108 3.33 -4.44 12.12
C TYR A 108 3.22 -5.89 12.58
N ASN A 109 2.60 -6.08 13.75
CA ASN A 109 2.41 -7.42 14.30
C ASN A 109 0.93 -7.82 14.20
N ASP A 110 0.63 -9.05 14.61
CA ASP A 110 -0.74 -9.55 14.55
C ASP A 110 -1.68 -8.67 15.39
N ASP A 111 -1.20 -8.26 16.55
CA ASP A 111 -1.98 -7.42 17.46
C ASP A 111 -2.13 -6.01 16.89
N GLN A 112 -1.06 -5.50 16.28
CA GLN A 112 -1.07 -4.15 15.70
C GLN A 112 -2.15 -4.01 14.63
N VAL A 113 -2.22 -4.99 13.73
CA VAL A 113 -3.21 -4.96 12.65
C VAL A 113 -4.63 -5.09 13.21
N GLN A 114 -4.78 -5.80 14.33
CA GLN A 114 -6.08 -5.97 14.96
C GLN A 114 -6.66 -4.62 15.33
N GLY A 115 -5.83 -3.77 15.93
CA GLY A 115 -6.25 -2.44 16.30
C GLY A 115 -6.32 -1.51 15.10
N PHE A 116 -5.49 -1.81 14.09
CA PHE A 116 -5.45 -1.02 12.86
C PHE A 116 -6.81 -1.04 12.18
N PHE A 117 -7.38 -2.23 12.00
CA PHE A 117 -8.68 -2.38 11.37
C PHE A 117 -9.71 -2.87 12.38
N ASP A 118 -10.93 -3.16 11.92
CA ASP A 118 -12.00 -3.60 12.79
C ASP A 118 -11.71 -5.00 13.37
N GLY A 119 -10.89 -5.79 12.66
CA GLY A 119 -10.58 -7.12 13.15
C GLY A 119 -9.81 -7.94 12.13
N LEU A 120 -8.84 -7.30 11.46
CA LEU A 120 -8.03 -7.99 10.46
C LEU A 120 -7.16 -9.05 11.15
N LYS A 121 -7.33 -10.31 10.74
CA LYS A 121 -6.58 -11.41 11.32
C LYS A 121 -5.50 -11.95 10.40
N PHE A 122 -4.24 -11.71 10.78
CA PHE A 122 -3.10 -12.19 10.00
C PHE A 122 -2.43 -13.36 10.72
N LYS A 123 -1.90 -14.31 9.96
CA LYS A 123 -1.23 -15.48 10.54
C LYS A 123 0.21 -15.58 10.08
N GLN A 124 1.14 -15.47 11.04
CA GLN A 124 2.57 -15.55 10.75
C GLN A 124 3.15 -16.90 11.20
N LYS A 125 2.27 -17.83 11.54
CA LYS A 125 2.69 -19.17 11.99
C LYS A 125 3.51 -19.07 13.28
N ALA A 126 2.89 -18.57 14.34
CA ALA A 126 3.55 -18.44 15.63
C ALA A 126 4.83 -17.60 15.52
N SER A 127 4.70 -16.30 15.73
CA SER A 127 5.84 -15.40 15.65
C SER A 127 5.73 -14.27 16.68
N LEU A 128 6.86 -13.87 17.25
CA LEU A 128 6.89 -12.79 18.24
C LEU A 128 7.35 -11.47 17.62
N PHE A 129 8.03 -11.55 16.48
CA PHE A 129 8.51 -10.37 15.79
C PHE A 129 7.58 -9.99 14.63
N PRO A 130 7.41 -8.68 14.37
CA PRO A 130 6.54 -8.20 13.29
C PRO A 130 7.07 -8.58 11.91
N GLY A 131 6.16 -8.93 11.00
CA GLY A 131 6.56 -9.31 9.65
C GLY A 131 5.57 -8.83 8.61
N TYR A 132 4.93 -7.69 8.87
CA TYR A 132 3.95 -7.13 7.93
C TYR A 132 4.38 -5.76 7.47
N LEU A 133 4.37 -5.55 6.15
CA LEU A 133 4.77 -4.27 5.57
C LEU A 133 3.59 -3.29 5.52
N VAL A 134 3.75 -2.16 6.22
CA VAL A 134 2.70 -1.14 6.26
C VAL A 134 3.26 0.20 5.78
N LEU A 135 2.60 0.79 4.78
CA LEU A 135 3.02 2.08 4.24
C LEU A 135 2.39 3.25 4.98
N GLU A 136 3.06 4.39 4.91
CA GLU A 136 2.57 5.61 5.55
C GLU A 136 2.44 6.72 4.51
N ILE A 137 1.22 7.21 4.31
CA ILE A 137 0.98 8.26 3.32
C ILE A 137 1.10 9.65 3.93
N ASN A 138 2.28 10.26 3.77
CA ASN A 138 2.53 11.60 4.29
C ASN A 138 1.89 12.65 3.37
N ASP A 139 1.98 12.39 2.07
CA ASP A 139 1.43 13.29 1.07
C ASP A 139 1.16 12.54 -0.23
N PHE A 140 -0.08 12.58 -0.70
CA PHE A 140 -0.46 11.89 -1.92
C PHE A 140 -1.36 12.76 -2.80
N SER A 141 -1.45 12.42 -4.08
CA SER A 141 -2.28 13.16 -5.02
C SER A 141 -2.99 12.21 -5.99
N MET A 142 -4.16 12.64 -6.46
CA MET A 142 -4.95 11.84 -7.39
C MET A 142 -4.21 11.64 -8.70
N PHE A 143 -4.11 10.38 -9.14
CA PHE A 143 -3.44 10.05 -10.39
C PHE A 143 -4.45 9.99 -11.53
N ASN A 144 -5.66 9.51 -11.22
CA ASN A 144 -6.72 9.40 -12.22
C ASN A 144 -8.09 9.49 -11.56
N ARG A 145 -9.10 9.83 -12.35
CA ARG A 145 -10.47 9.97 -11.85
C ARG A 145 -11.42 8.98 -12.54
N ASP A 146 -10.88 7.83 -12.92
CA ASP A 146 -11.67 6.81 -13.59
C ASP A 146 -12.75 6.23 -12.67
N GLN A 147 -12.45 6.12 -11.38
CA GLN A 147 -13.38 5.58 -10.39
C GLN A 147 -13.67 4.11 -10.67
N LEU A 148 -12.61 3.30 -10.70
CA LEU A 148 -12.73 1.87 -10.95
C LEU A 148 -12.25 1.06 -9.76
N ILE A 149 -12.96 -0.01 -9.45
CA ILE A 149 -12.62 -0.89 -8.33
C ILE A 149 -11.71 -2.02 -8.80
N LEU A 150 -10.73 -2.40 -7.98
CA LEU A 150 -9.81 -3.47 -8.32
C LEU A 150 -10.46 -4.84 -8.09
N SER A 151 -11.26 -5.28 -9.05
CA SER A 151 -11.95 -6.56 -8.95
C SER A 151 -10.97 -7.73 -8.96
N ASN A 152 -9.76 -7.50 -9.47
CA ASN A 152 -8.75 -8.55 -9.53
C ASN A 152 -8.05 -8.75 -8.17
N ALA A 153 -8.44 -7.96 -7.17
CA ALA A 153 -7.85 -8.07 -5.84
C ALA A 153 -8.06 -9.46 -5.25
N GLY A 154 -9.22 -10.05 -5.53
CA GLY A 154 -9.53 -11.38 -5.03
C GLY A 154 -8.56 -12.42 -5.54
N THR A 155 -8.07 -12.23 -6.77
CA THR A 155 -7.13 -13.16 -7.39
C THR A 155 -5.74 -13.01 -6.78
N ILE A 156 -5.42 -11.79 -6.36
CA ILE A 156 -4.11 -11.49 -5.77
C ILE A 156 -3.76 -12.51 -4.67
N GLU A 157 -2.45 -12.67 -4.44
CA GLU A 157 -1.96 -13.60 -3.44
C GLU A 157 -1.98 -13.00 -2.04
N PHE A 158 -1.52 -13.77 -1.07
CA PHE A 158 -1.48 -13.33 0.32
C PHE A 158 -0.15 -12.64 0.65
N LEU A 159 -0.23 -11.51 1.34
CA LEU A 159 0.97 -10.75 1.71
C LEU A 159 1.64 -11.32 2.97
N TYR A 160 1.01 -12.31 3.60
CA TYR A 160 1.54 -12.91 4.81
C TYR A 160 2.33 -14.19 4.51
N GLY A 161 2.83 -14.31 3.27
CA GLY A 161 3.59 -15.49 2.90
C GLY A 161 4.53 -15.23 1.73
N THR A 162 4.96 -13.98 1.57
CA THR A 162 5.88 -13.63 0.50
C THR A 162 7.33 -13.64 1.02
N PRO A 163 8.15 -14.62 0.59
CA PRO A 163 9.55 -14.71 1.03
C PRO A 163 10.37 -13.49 0.66
N ARG A 164 9.99 -12.84 -0.44
CA ARG A 164 10.69 -11.64 -0.90
C ARG A 164 10.51 -10.48 0.07
N TYR A 165 9.28 -10.30 0.55
CA TYR A 165 8.98 -9.22 1.49
C TYR A 165 9.61 -9.50 2.85
N ILE A 166 9.56 -10.75 3.26
CA ILE A 166 10.10 -11.18 4.54
C ILE A 166 11.63 -11.10 4.54
N ALA A 167 12.24 -11.49 3.43
CA ALA A 167 13.70 -11.49 3.32
C ALA A 167 14.30 -10.08 3.38
N ARG A 168 13.65 -9.13 2.73
CA ARG A 168 14.13 -7.76 2.67
C ARG A 168 14.16 -7.07 4.04
N PHE A 169 13.15 -7.30 4.87
CA PHE A 169 13.08 -6.65 6.18
C PHE A 169 13.38 -7.59 7.34
N ILE A 170 13.08 -8.88 7.19
CA ILE A 170 13.32 -9.84 8.26
C ILE A 170 14.68 -10.52 8.14
N GLU A 171 14.90 -11.19 7.02
CA GLU A 171 16.15 -11.90 6.75
C GLU A 171 17.36 -10.96 6.79
N GLN A 172 17.13 -9.66 6.63
CA GLN A 172 18.21 -8.69 6.65
C GLN A 172 18.98 -8.74 7.97
N GLU A 173 18.24 -8.90 9.08
CA GLU A 173 18.85 -8.97 10.40
C GLU A 173 18.12 -9.95 11.30
N PHE A 174 18.73 -11.11 11.52
CA PHE A 174 18.13 -12.15 12.37
C PHE A 174 18.74 -12.12 13.77
N SER A 175 20.04 -11.81 13.84
CA SER A 175 20.74 -11.74 15.12
C SER A 175 21.53 -10.45 15.23
N ASP A 176 22.05 -10.17 16.42
CA ASP A 176 22.83 -8.95 16.66
C ASP A 176 24.11 -8.96 15.83
N GLU A 177 24.99 -9.93 16.10
CA GLU A 177 26.25 -10.05 15.38
C GLU A 177 27.02 -8.73 15.37
N GLU A 178 27.00 -8.04 16.51
CA GLU A 178 27.70 -6.76 16.64
C GLU A 178 28.27 -6.60 18.05
N GLY A 1 12.38 -39.54 -4.60
CA GLY A 1 13.00 -39.21 -3.28
C GLY A 1 12.86 -37.75 -2.92
N ALA A 2 11.76 -37.13 -3.35
CA ALA A 2 11.51 -35.72 -3.07
C ALA A 2 12.61 -34.83 -3.64
N MET A 3 12.63 -34.70 -4.97
CA MET A 3 13.62 -33.88 -5.65
C MET A 3 13.27 -32.40 -5.52
N GLY A 4 14.25 -31.53 -5.78
CA GLY A 4 14.03 -30.10 -5.69
C GLY A 4 14.52 -29.36 -6.92
N PRO A 5 13.82 -29.51 -8.07
CA PRO A 5 14.22 -28.85 -9.33
C PRO A 5 14.07 -27.33 -9.22
N PRO A 6 14.89 -26.57 -9.98
CA PRO A 6 14.84 -25.10 -9.97
C PRO A 6 13.53 -24.57 -10.52
N SER A 7 12.99 -23.52 -9.89
CA SER A 7 11.73 -22.92 -10.33
C SER A 7 11.89 -22.24 -11.69
N SER A 8 12.95 -21.47 -11.83
CA SER A 8 13.22 -20.75 -13.08
C SER A 8 14.70 -20.78 -13.43
N ARG A 9 15.01 -20.75 -14.72
CA ARG A 9 16.39 -20.76 -15.18
C ARG A 9 16.58 -19.81 -16.38
N ASP A 10 15.83 -20.08 -17.44
CA ASP A 10 15.91 -19.26 -18.65
C ASP A 10 14.54 -18.68 -19.01
N ALA A 11 13.70 -18.45 -18.00
CA ALA A 11 12.38 -17.90 -18.21
C ALA A 11 12.44 -16.46 -18.71
N VAL A 12 11.32 -15.96 -19.21
CA VAL A 12 11.24 -14.60 -19.73
C VAL A 12 10.08 -13.84 -19.10
N ARG A 13 9.92 -12.57 -19.49
CA ARG A 13 8.84 -11.73 -18.96
C ARG A 13 7.84 -11.37 -20.05
N VAL A 14 6.62 -11.03 -19.64
CA VAL A 14 5.56 -10.67 -20.57
C VAL A 14 5.07 -9.24 -20.30
N THR A 15 4.82 -8.49 -21.37
CA THR A 15 4.36 -7.11 -21.24
C THR A 15 3.19 -6.85 -22.19
N ALA A 16 2.25 -6.03 -21.73
CA ALA A 16 1.07 -5.70 -22.53
C ALA A 16 0.31 -4.53 -21.92
N SER A 17 0.01 -4.63 -20.63
CA SER A 17 -0.73 -3.59 -19.92
C SER A 17 0.15 -2.36 -19.72
N ALA A 18 -0.49 -1.18 -19.68
CA ALA A 18 0.24 0.08 -19.48
C ALA A 18 -0.49 1.00 -18.51
N HIS A 19 -1.22 0.41 -17.57
CA HIS A 19 -1.97 1.19 -16.58
C HIS A 19 -1.50 0.86 -15.16
N MET A 20 -1.43 -0.43 -14.85
CA MET A 20 -1.00 -0.88 -13.53
C MET A 20 0.30 -1.66 -13.63
N LYS A 21 1.25 -1.35 -12.75
CA LYS A 21 2.55 -2.03 -12.74
C LYS A 21 2.92 -2.49 -11.33
N HIS A 22 3.42 -3.72 -11.24
CA HIS A 22 3.82 -4.27 -9.95
C HIS A 22 5.11 -3.62 -9.46
N TRP A 23 4.97 -2.54 -8.69
CA TRP A 23 6.11 -1.81 -8.17
C TRP A 23 6.58 -2.36 -6.82
N LEU A 24 5.81 -3.27 -6.22
CA LEU A 24 6.18 -3.86 -4.93
C LEU A 24 7.52 -4.59 -5.00
N GLU A 25 7.70 -5.41 -6.02
CA GLU A 25 8.94 -6.17 -6.19
C GLU A 25 10.13 -5.26 -6.58
N PRO A 26 9.99 -4.49 -7.68
CA PRO A 26 11.06 -3.61 -8.18
C PRO A 26 11.48 -2.53 -7.17
N VAL A 27 10.52 -1.96 -6.46
CA VAL A 27 10.80 -0.91 -5.49
C VAL A 27 11.88 -1.32 -4.48
N LEU A 28 11.87 -2.58 -4.09
CA LEU A 28 12.84 -3.09 -3.12
C LEU A 28 14.02 -3.80 -3.80
N CYS A 29 14.02 -3.86 -5.14
CA CYS A 29 15.10 -4.53 -5.86
C CYS A 29 15.73 -3.63 -6.92
N GLU A 30 14.93 -3.20 -7.90
CA GLU A 30 15.42 -2.35 -8.98
C GLU A 30 15.50 -0.89 -8.56
N ALA A 31 14.49 -0.42 -7.83
CA ALA A 31 14.47 0.98 -7.37
C ALA A 31 15.53 1.23 -6.31
N GLY A 32 15.77 0.22 -5.47
CA GLY A 32 16.77 0.35 -4.42
C GLY A 32 16.30 1.18 -3.25
N LEU A 33 14.98 1.23 -3.02
CA LEU A 33 14.42 1.99 -1.91
C LEU A 33 14.90 1.43 -0.58
N GLY A 34 14.86 2.27 0.46
CA GLY A 34 15.30 1.84 1.77
C GLY A 34 14.46 2.42 2.89
N HIS A 35 15.14 2.91 3.93
CA HIS A 35 14.46 3.48 5.09
C HIS A 35 13.59 4.67 4.70
N ASN A 36 14.16 5.62 3.95
CA ASN A 36 13.44 6.80 3.52
C ASN A 36 13.64 7.08 2.04
N TYR A 37 12.62 6.79 1.24
CA TYR A 37 12.67 7.00 -0.20
C TYR A 37 11.35 7.55 -0.72
N LYS A 38 11.39 8.16 -1.90
CA LYS A 38 10.19 8.73 -2.52
C LYS A 38 10.15 8.43 -4.02
N VAL A 39 9.08 7.76 -4.47
CA VAL A 39 8.93 7.43 -5.88
C VAL A 39 7.49 7.64 -6.34
N ASP A 40 7.28 7.67 -7.66
CA ASP A 40 5.95 7.88 -8.22
C ASP A 40 5.33 6.56 -8.69
N LYS A 41 4.21 6.19 -8.09
CA LYS A 41 3.52 4.95 -8.43
C LYS A 41 2.02 5.08 -8.16
N VAL A 42 1.24 4.15 -8.71
CA VAL A 42 -0.21 4.16 -8.54
C VAL A 42 -0.64 3.03 -7.60
N LEU A 43 -1.45 3.38 -6.59
CA LEU A 43 -1.94 2.42 -5.61
C LEU A 43 -3.46 2.37 -5.64
N LYS A 44 -4.02 1.17 -5.48
CA LYS A 44 -5.48 0.99 -5.48
C LYS A 44 -5.97 0.44 -4.15
N VAL A 45 -6.95 1.14 -3.56
CA VAL A 45 -7.54 0.73 -2.29
C VAL A 45 -8.97 0.22 -2.52
N LEU A 46 -9.35 -0.81 -1.77
CA LEU A 46 -10.68 -1.41 -1.92
C LEU A 46 -11.50 -1.36 -0.63
N ARG A 47 -10.87 -1.09 0.51
CA ARG A 47 -11.59 -1.06 1.78
C ARG A 47 -11.16 0.13 2.65
N ILE A 48 -12.16 0.81 3.24
CA ILE A 48 -11.90 1.95 4.11
C ILE A 48 -12.82 1.91 5.33
N TYR A 49 -12.27 2.21 6.50
CA TYR A 49 -13.04 2.21 7.74
C TYR A 49 -13.03 3.60 8.38
N PRO A 50 -13.99 4.47 8.02
CA PRO A 50 -14.09 5.82 8.57
C PRO A 50 -14.20 5.83 10.09
N ARG A 51 -13.67 6.88 10.71
CA ARG A 51 -13.70 7.01 12.17
C ARG A 51 -14.55 8.19 12.60
N SER A 52 -14.85 8.26 13.90
CA SER A 52 -15.67 9.34 14.45
C SER A 52 -15.04 10.71 14.22
N ASN A 53 -13.71 10.76 14.13
CA ASN A 53 -12.99 12.01 13.91
C ASN A 53 -13.36 12.64 12.57
N THR A 54 -13.91 11.84 11.65
CA THR A 54 -14.33 12.30 10.33
C THR A 54 -13.24 13.16 9.66
N LEU A 55 -12.05 12.59 9.54
CA LEU A 55 -10.93 13.28 8.91
C LEU A 55 -10.88 13.02 7.40
N SER A 56 -11.76 12.12 6.93
CA SER A 56 -11.84 11.77 5.51
C SER A 56 -10.62 10.96 5.06
N SER A 57 -9.93 10.34 6.03
CA SER A 57 -8.76 9.53 5.73
C SER A 57 -8.27 8.80 6.99
N LEU A 58 -8.39 7.48 6.97
CA LEU A 58 -7.99 6.64 8.09
C LEU A 58 -7.44 5.32 7.59
N PRO A 59 -6.85 4.49 8.49
CA PRO A 59 -6.29 3.18 8.11
C PRO A 59 -7.20 2.43 7.15
N LEU A 60 -6.66 2.05 6.00
CA LEU A 60 -7.43 1.34 4.98
C LEU A 60 -6.65 0.17 4.39
N CYS A 61 -7.38 -0.80 3.85
CA CYS A 61 -6.78 -1.98 3.25
C CYS A 61 -6.79 -1.85 1.73
N LEU A 62 -5.61 -1.86 1.13
CA LEU A 62 -5.48 -1.73 -0.32
C LEU A 62 -4.77 -2.92 -0.92
N CYS A 63 -5.04 -3.20 -2.20
CA CYS A 63 -4.41 -4.30 -2.89
C CYS A 63 -3.59 -3.80 -4.07
N ASP A 64 -2.28 -4.08 -4.04
CA ASP A 64 -1.39 -3.64 -5.11
C ASP A 64 -1.47 -4.59 -6.30
N ALA A 65 -0.59 -4.39 -7.27
CA ALA A 65 -0.56 -5.21 -8.47
C ALA A 65 -0.28 -6.69 -8.16
N ASN A 66 0.62 -6.95 -7.23
CA ASN A 66 0.99 -8.33 -6.87
C ASN A 66 0.44 -8.75 -5.51
N TYR A 67 0.47 -7.85 -4.53
CA TYR A 67 0.00 -8.19 -3.19
C TYR A 67 -0.74 -7.02 -2.54
N LYS A 68 -1.38 -7.29 -1.40
CA LYS A 68 -2.13 -6.26 -0.67
C LYS A 68 -1.50 -6.02 0.70
N ILE A 69 -1.34 -4.76 1.06
CA ILE A 69 -0.75 -4.39 2.35
C ILE A 69 -1.58 -3.32 3.06
N LEU A 70 -1.36 -3.16 4.36
CA LEU A 70 -2.06 -2.16 5.14
C LEU A 70 -1.37 -0.81 4.99
N ALA A 71 -2.14 0.27 5.08
CA ALA A 71 -1.56 1.61 4.95
C ALA A 71 -2.34 2.64 5.75
N PHE A 72 -1.64 3.69 6.18
CA PHE A 72 -2.23 4.77 6.97
C PHE A 72 -1.69 6.12 6.50
N ALA A 73 -2.60 7.05 6.24
CA ALA A 73 -2.20 8.39 5.79
C ALA A 73 -2.01 9.33 6.96
N ASN A 74 -0.99 10.19 6.86
CA ASN A 74 -0.68 11.15 7.92
C ASN A 74 -1.69 12.30 7.89
N TYR A 75 -1.84 12.97 9.04
CA TYR A 75 -2.78 14.10 9.14
C TYR A 75 -2.54 15.13 8.06
N LYS A 76 -1.26 15.38 7.73
CA LYS A 76 -0.92 16.34 6.69
C LYS A 76 -1.52 15.89 5.36
N ALA A 77 -1.44 14.58 5.11
CA ALA A 77 -1.99 14.00 3.90
C ALA A 77 -3.52 13.99 3.97
N ILE A 78 -4.04 13.72 5.17
CA ILE A 78 -5.48 13.68 5.41
C ILE A 78 -6.12 15.05 5.17
N ALA A 79 -5.60 16.06 5.84
CA ALA A 79 -6.12 17.43 5.72
C ALA A 79 -6.04 17.95 4.29
N ALA A 80 -5.05 17.47 3.54
CA ALA A 80 -4.87 17.90 2.14
C ALA A 80 -6.12 17.69 1.30
N PHE A 81 -6.97 16.75 1.72
CA PHE A 81 -8.20 16.46 0.98
C PHE A 81 -9.07 17.71 0.78
N GLU A 82 -9.12 18.57 1.80
CA GLU A 82 -9.90 19.79 1.73
C GLU A 82 -9.26 20.79 0.78
N ARG A 83 -7.93 20.88 0.83
CA ARG A 83 -7.18 21.80 -0.02
C ARG A 83 -7.21 21.36 -1.48
N LYS A 84 -7.25 20.06 -1.71
CA LYS A 84 -7.24 19.51 -3.06
C LYS A 84 -8.60 19.62 -3.76
N GLU A 85 -9.58 18.84 -3.29
CA GLU A 85 -10.92 18.85 -3.90
C GLU A 85 -11.98 19.48 -3.00
N ARG A 86 -11.61 19.89 -1.78
CA ARG A 86 -12.57 20.49 -0.86
C ARG A 86 -13.73 19.54 -0.53
N ARG A 87 -13.49 18.24 -0.72
CA ARG A 87 -14.51 17.23 -0.44
C ARG A 87 -13.89 15.96 0.12
N ARG A 88 -14.72 15.10 0.69
CA ARG A 88 -14.23 13.85 1.28
C ARG A 88 -13.54 12.98 0.23
N VAL A 89 -12.26 12.67 0.48
CA VAL A 89 -11.47 11.87 -0.43
C VAL A 89 -11.74 10.37 -0.26
N THR A 90 -12.22 9.97 0.92
CA THR A 90 -12.50 8.56 1.20
C THR A 90 -13.91 8.16 0.80
N GLN A 91 -14.35 8.62 -0.37
CA GLN A 91 -15.67 8.30 -0.87
C GLN A 91 -15.58 7.53 -2.19
N ASN A 92 -15.28 8.23 -3.27
CA ASN A 92 -15.16 7.61 -4.59
C ASN A 92 -13.77 7.81 -5.19
N LEU A 93 -13.03 8.79 -4.67
CA LEU A 93 -11.68 9.09 -5.17
C LEU A 93 -10.71 7.95 -4.91
N LEU A 94 -10.82 7.34 -3.73
CA LEU A 94 -9.92 6.24 -3.35
C LEU A 94 -10.02 5.06 -4.30
N ASN A 95 -11.24 4.62 -4.58
CA ASN A 95 -11.46 3.47 -5.47
C ASN A 95 -11.05 3.79 -6.92
N SER A 96 -10.87 5.07 -7.23
CA SER A 96 -10.49 5.47 -8.58
C SER A 96 -9.00 5.28 -8.82
N GLU A 97 -8.18 6.11 -8.18
CA GLU A 97 -6.72 6.03 -8.33
C GLU A 97 -6.04 7.06 -7.41
N ILE A 98 -4.82 6.76 -6.98
CA ILE A 98 -4.09 7.66 -6.10
C ILE A 98 -2.58 7.59 -6.35
N MET A 99 -1.89 8.68 -5.99
CA MET A 99 -0.44 8.77 -6.14
C MET A 99 0.19 9.14 -4.79
N ILE A 100 1.24 8.42 -4.41
CA ILE A 100 1.92 8.70 -3.15
C ILE A 100 3.29 9.33 -3.39
N HIS A 101 3.40 10.62 -3.07
CA HIS A 101 4.66 11.33 -3.25
C HIS A 101 5.75 10.76 -2.36
N SER A 102 5.38 10.41 -1.12
CA SER A 102 6.34 9.84 -0.18
C SER A 102 5.70 8.76 0.68
N PHE A 103 6.43 7.66 0.86
CA PHE A 103 5.96 6.54 1.66
C PHE A 103 7.12 5.86 2.38
N THR A 104 6.87 5.37 3.58
CA THR A 104 7.91 4.70 4.38
C THR A 104 7.42 3.35 4.90
N ILE A 105 8.32 2.36 4.87
CA ILE A 105 7.99 1.03 5.35
C ILE A 105 7.91 1.00 6.87
N ARG A 106 6.83 0.44 7.40
CA ARG A 106 6.64 0.36 8.84
C ARG A 106 6.34 -1.08 9.27
N PHE A 107 6.76 -1.44 10.47
CA PHE A 107 6.54 -2.78 11.00
C PHE A 107 5.26 -2.83 11.82
N TYR A 108 4.43 -3.84 11.55
CA TYR A 108 3.16 -4.00 12.26
C TYR A 108 2.97 -5.43 12.76
N ASN A 109 2.46 -5.54 13.98
CA ASN A 109 2.20 -6.84 14.60
C ASN A 109 0.71 -7.16 14.55
N ASP A 110 0.33 -8.31 15.10
CA ASP A 110 -1.08 -8.72 15.11
C ASP A 110 -1.94 -7.68 15.83
N ASP A 111 -1.42 -7.13 16.91
CA ASP A 111 -2.15 -6.12 17.68
C ASP A 111 -2.23 -4.80 16.94
N GLN A 112 -1.13 -4.42 16.29
CA GLN A 112 -1.06 -3.16 15.54
C GLN A 112 -2.11 -3.12 14.42
N VAL A 113 -2.15 -4.18 13.61
CA VAL A 113 -3.09 -4.26 12.50
C VAL A 113 -4.54 -4.31 13.01
N GLN A 114 -4.73 -4.90 14.19
CA GLN A 114 -6.06 -5.00 14.77
C GLN A 114 -6.66 -3.62 15.00
N GLY A 115 -5.83 -2.68 15.43
CA GLY A 115 -6.29 -1.32 15.66
C GLY A 115 -6.60 -0.59 14.38
N PHE A 116 -5.86 -0.92 13.31
CA PHE A 116 -6.06 -0.29 12.01
C PHE A 116 -7.48 -0.52 11.49
N PHE A 117 -7.96 -1.76 11.58
CA PHE A 117 -9.30 -2.10 11.12
C PHE A 117 -10.19 -2.51 12.29
N ASP A 118 -11.42 -2.93 11.97
CA ASP A 118 -12.37 -3.35 12.99
C ASP A 118 -11.84 -4.50 13.84
N GLY A 119 -11.06 -5.38 13.22
CA GLY A 119 -10.51 -6.51 13.95
C GLY A 119 -9.90 -7.54 13.03
N LEU A 120 -9.21 -7.08 12.00
CA LEU A 120 -8.56 -7.98 11.04
C LEU A 120 -7.40 -8.71 11.71
N LYS A 121 -7.41 -10.04 11.61
CA LYS A 121 -6.36 -10.86 12.21
C LYS A 121 -5.45 -11.49 11.16
N PHE A 122 -4.15 -11.24 11.30
CA PHE A 122 -3.16 -11.81 10.38
C PHE A 122 -2.38 -12.92 11.08
N LYS A 123 -2.03 -13.96 10.33
CA LYS A 123 -1.31 -15.10 10.91
C LYS A 123 0.19 -15.00 10.63
N GLN A 124 0.99 -14.94 11.70
CA GLN A 124 2.44 -14.86 11.59
C GLN A 124 3.11 -16.17 12.01
N LYS A 125 2.31 -17.13 12.47
CA LYS A 125 2.82 -18.43 12.90
C LYS A 125 3.78 -18.30 14.09
N ALA A 126 3.30 -17.65 15.15
CA ALA A 126 4.10 -17.46 16.36
C ALA A 126 5.41 -16.74 16.07
N SER A 127 5.49 -15.46 16.46
CA SER A 127 6.69 -14.66 16.26
C SER A 127 6.85 -13.64 17.38
N LEU A 128 8.08 -13.15 17.55
CA LEU A 128 8.36 -12.16 18.58
C LEU A 128 8.49 -10.75 17.99
N PHE A 129 8.76 -10.68 16.68
CA PHE A 129 8.88 -9.39 15.99
C PHE A 129 7.78 -9.24 14.95
N PRO A 130 7.49 -8.00 14.53
CA PRO A 130 6.45 -7.74 13.52
C PRO A 130 6.75 -8.45 12.20
N GLY A 131 5.71 -8.90 11.51
CA GLY A 131 5.90 -9.59 10.25
C GLY A 131 4.93 -9.11 9.17
N TYR A 132 4.57 -7.83 9.25
CA TYR A 132 3.65 -7.25 8.27
C TYR A 132 4.15 -5.89 7.79
N LEU A 133 4.19 -5.72 6.47
CA LEU A 133 4.67 -4.48 5.88
C LEU A 133 3.52 -3.48 5.70
N VAL A 134 3.63 -2.33 6.37
CA VAL A 134 2.60 -1.29 6.28
C VAL A 134 3.22 0.03 5.83
N LEU A 135 2.62 0.65 4.83
CA LEU A 135 3.11 1.91 4.30
C LEU A 135 2.50 3.10 5.00
N GLU A 136 3.20 4.22 4.96
CA GLU A 136 2.74 5.46 5.57
C GLU A 136 2.57 6.54 4.51
N ILE A 137 1.34 7.02 4.34
CA ILE A 137 1.06 8.05 3.34
C ILE A 137 1.20 9.46 3.93
N ASN A 138 2.38 10.05 3.77
CA ASN A 138 2.62 11.39 4.27
C ASN A 138 1.90 12.42 3.41
N ASP A 139 1.94 12.20 2.09
CA ASP A 139 1.29 13.09 1.13
C ASP A 139 0.99 12.34 -0.16
N PHE A 140 -0.27 12.34 -0.57
CA PHE A 140 -0.69 11.66 -1.79
C PHE A 140 -1.57 12.57 -2.64
N SER A 141 -1.68 12.26 -3.93
CA SER A 141 -2.50 13.05 -4.85
C SER A 141 -3.19 12.16 -5.87
N MET A 142 -4.30 12.65 -6.42
CA MET A 142 -5.05 11.87 -7.42
C MET A 142 -4.23 11.72 -8.69
N PHE A 143 -4.00 10.46 -9.09
CA PHE A 143 -3.23 10.16 -10.29
C PHE A 143 -3.99 10.56 -11.55
N ASN A 144 -5.16 9.95 -11.75
CA ASN A 144 -5.98 10.22 -12.92
C ASN A 144 -7.47 10.21 -12.58
N ARG A 145 -7.88 9.24 -11.75
CA ARG A 145 -9.28 9.11 -11.35
C ARG A 145 -10.15 8.70 -12.53
N ASP A 146 -10.07 7.43 -12.91
CA ASP A 146 -10.85 6.89 -14.02
C ASP A 146 -12.01 6.02 -13.53
N GLN A 147 -12.25 6.02 -12.21
CA GLN A 147 -13.33 5.22 -11.62
C GLN A 147 -13.13 3.73 -11.92
N LEU A 148 -11.88 3.29 -11.85
CA LEU A 148 -11.55 1.88 -12.11
C LEU A 148 -11.37 1.11 -10.81
N ILE A 149 -11.96 -0.08 -10.75
CA ILE A 149 -11.86 -0.94 -9.58
C ILE A 149 -10.87 -2.07 -9.81
N LEU A 150 -10.16 -2.47 -8.76
CA LEU A 150 -9.18 -3.54 -8.88
C LEU A 150 -9.86 -4.92 -8.83
N SER A 151 -10.34 -5.36 -9.99
CA SER A 151 -11.01 -6.66 -10.09
C SER A 151 -10.00 -7.80 -9.92
N ASN A 152 -8.73 -7.52 -10.20
CA ASN A 152 -7.67 -8.52 -10.07
C ASN A 152 -7.29 -8.77 -8.61
N ALA A 153 -7.87 -7.99 -7.69
CA ALA A 153 -7.57 -8.13 -6.26
C ALA A 153 -7.90 -9.54 -5.77
N GLY A 154 -8.97 -10.12 -6.31
CA GLY A 154 -9.38 -11.46 -5.92
C GLY A 154 -8.34 -12.51 -6.29
N THR A 155 -7.64 -12.29 -7.39
CA THR A 155 -6.61 -13.22 -7.85
C THR A 155 -5.36 -13.13 -6.98
N ILE A 156 -5.10 -11.92 -6.47
CA ILE A 156 -3.94 -11.67 -5.62
C ILE A 156 -3.89 -12.62 -4.43
N GLU A 157 -2.67 -12.86 -3.94
CA GLU A 157 -2.47 -13.76 -2.80
C GLU A 157 -2.12 -12.97 -1.54
N PHE A 158 -2.11 -13.66 -0.40
CA PHE A 158 -1.80 -13.04 0.88
C PHE A 158 -0.38 -12.47 0.89
N LEU A 159 -0.23 -11.29 1.50
CA LEU A 159 1.07 -10.63 1.58
C LEU A 159 1.94 -11.22 2.69
N TYR A 160 1.35 -12.01 3.58
CA TYR A 160 2.10 -12.62 4.68
C TYR A 160 2.82 -13.90 4.23
N GLY A 161 2.50 -14.38 3.02
CA GLY A 161 3.12 -15.59 2.52
C GLY A 161 4.06 -15.31 1.35
N THR A 162 4.59 -14.09 1.29
CA THR A 162 5.53 -13.72 0.23
C THR A 162 6.97 -13.91 0.69
N PRO A 163 7.64 -15.00 0.24
CA PRO A 163 9.03 -15.27 0.63
C PRO A 163 9.98 -14.16 0.21
N ARG A 164 9.66 -13.47 -0.88
CA ARG A 164 10.50 -12.39 -1.37
C ARG A 164 10.36 -11.14 -0.51
N TYR A 165 9.11 -10.69 -0.32
CA TYR A 165 8.84 -9.50 0.49
C TYR A 165 9.29 -9.71 1.94
N ILE A 166 8.99 -10.88 2.48
CA ILE A 166 9.36 -11.23 3.85
C ILE A 166 10.88 -11.31 3.99
N ALA A 167 11.55 -11.87 2.98
CA ALA A 167 13.00 -12.02 3.00
C ALA A 167 13.73 -10.68 2.91
N ARG A 168 13.07 -9.66 2.38
CA ARG A 168 13.69 -8.34 2.23
C ARG A 168 13.91 -7.66 3.58
N PHE A 169 12.94 -7.79 4.49
CA PHE A 169 13.04 -7.16 5.80
C PHE A 169 13.21 -8.18 6.92
N ILE A 170 12.46 -9.28 6.85
CA ILE A 170 12.52 -10.31 7.89
C ILE A 170 13.84 -11.08 7.87
N GLU A 171 14.29 -11.44 6.67
CA GLU A 171 15.53 -12.21 6.52
C GLU A 171 16.77 -11.32 6.41
N GLN A 172 16.65 -10.07 6.84
CA GLN A 172 17.79 -9.14 6.79
C GLN A 172 18.95 -9.68 7.62
N GLU A 173 18.64 -10.26 8.78
CA GLU A 173 19.65 -10.82 9.66
C GLU A 173 19.20 -12.19 10.18
N PHE A 174 19.05 -13.15 9.26
CA PHE A 174 18.62 -14.49 9.62
C PHE A 174 19.67 -15.21 10.46
N SER A 175 20.95 -14.94 10.17
CA SER A 175 22.05 -15.57 10.91
C SER A 175 22.91 -14.52 11.60
N ASP A 176 23.26 -14.79 12.86
CA ASP A 176 24.09 -13.87 13.64
C ASP A 176 25.38 -14.56 14.09
N GLU A 177 25.26 -15.81 14.52
CA GLU A 177 26.42 -16.58 14.98
C GLU A 177 27.43 -16.79 13.85
N GLU A 178 26.90 -17.07 12.65
CA GLU A 178 27.75 -17.29 11.48
C GLU A 178 27.18 -16.59 10.25
N GLY A 1 -3.68 -22.84 -28.06
CA GLY A 1 -2.62 -23.46 -27.22
C GLY A 1 -2.94 -23.41 -25.75
N ALA A 2 -4.23 -23.54 -25.42
CA ALA A 2 -4.67 -23.51 -24.02
C ALA A 2 -4.97 -24.91 -23.50
N MET A 3 -5.38 -25.81 -24.41
CA MET A 3 -5.70 -27.19 -24.03
C MET A 3 -4.49 -27.90 -23.44
N GLY A 4 -3.30 -27.56 -23.95
CA GLY A 4 -2.08 -28.18 -23.47
C GLY A 4 -1.12 -27.16 -22.87
N PRO A 5 -0.07 -27.62 -22.17
CA PRO A 5 0.92 -26.73 -21.55
C PRO A 5 1.80 -26.02 -22.59
N PRO A 6 1.94 -24.68 -22.50
CA PRO A 6 2.75 -23.91 -23.45
C PRO A 6 4.25 -24.18 -23.28
N SER A 7 4.99 -24.08 -24.38
CA SER A 7 6.43 -24.30 -24.36
C SER A 7 7.14 -23.29 -25.25
N SER A 8 6.70 -23.18 -26.50
CA SER A 8 7.30 -22.25 -27.44
C SER A 8 6.34 -21.94 -28.59
N ARG A 9 6.34 -20.68 -29.04
CA ARG A 9 5.47 -20.24 -30.13
C ARG A 9 4.00 -20.24 -29.71
N ASP A 10 3.74 -20.43 -28.42
CA ASP A 10 2.37 -20.44 -27.91
C ASP A 10 2.35 -20.18 -26.41
N ALA A 11 3.29 -19.36 -25.94
CA ALA A 11 3.38 -19.04 -24.52
C ALA A 11 2.36 -17.97 -24.13
N VAL A 12 2.06 -17.89 -22.84
CA VAL A 12 1.11 -16.90 -22.33
C VAL A 12 1.61 -16.27 -21.04
N ARG A 13 0.83 -15.35 -20.49
CA ARG A 13 1.19 -14.67 -19.25
C ARG A 13 0.59 -15.38 -18.05
N VAL A 14 1.31 -15.34 -16.93
CA VAL A 14 0.86 -15.98 -15.69
C VAL A 14 -0.48 -15.43 -15.21
N THR A 15 -0.66 -14.11 -15.33
CA THR A 15 -1.89 -13.47 -14.90
C THR A 15 -2.45 -12.55 -15.98
N ALA A 16 -1.66 -11.55 -16.38
CA ALA A 16 -2.08 -10.60 -17.41
C ALA A 16 -3.35 -9.85 -16.99
N SER A 17 -3.71 -8.82 -17.75
CA SER A 17 -4.90 -8.01 -17.47
C SER A 17 -4.88 -7.49 -16.04
N ALA A 18 -4.24 -6.34 -15.84
CA ALA A 18 -4.14 -5.73 -14.51
C ALA A 18 -4.29 -4.22 -14.58
N HIS A 19 -3.72 -3.61 -15.62
CA HIS A 19 -3.79 -2.16 -15.80
C HIS A 19 -3.07 -1.44 -14.65
N MET A 20 -2.04 -2.08 -14.11
CA MET A 20 -1.26 -1.52 -13.01
C MET A 20 0.23 -1.83 -13.20
N LYS A 21 1.06 -0.78 -13.15
CA LYS A 21 2.49 -0.95 -13.32
C LYS A 21 3.10 -1.62 -12.09
N HIS A 22 4.33 -2.14 -12.25
CA HIS A 22 5.02 -2.80 -11.15
C HIS A 22 5.05 -1.92 -9.91
N TRP A 23 4.89 -2.52 -8.73
CA TRP A 23 4.87 -1.76 -7.48
C TRP A 23 5.83 -2.34 -6.43
N LEU A 24 5.37 -3.34 -5.69
CA LEU A 24 6.16 -3.95 -4.63
C LEU A 24 7.42 -4.62 -5.13
N GLU A 25 7.37 -5.18 -6.33
CA GLU A 25 8.53 -5.86 -6.90
C GLU A 25 9.72 -4.89 -7.10
N PRO A 26 9.55 -3.84 -7.93
CA PRO A 26 10.61 -2.86 -8.22
C PRO A 26 11.01 -1.98 -7.05
N VAL A 27 10.03 -1.57 -6.24
CA VAL A 27 10.30 -0.69 -5.10
C VAL A 27 11.40 -1.21 -4.16
N LEU A 28 11.33 -2.48 -3.79
CA LEU A 28 12.34 -3.06 -2.89
C LEU A 28 13.43 -3.83 -3.64
N CYS A 29 13.34 -3.87 -4.96
CA CYS A 29 14.34 -4.59 -5.77
C CYS A 29 14.97 -3.70 -6.83
N GLU A 30 14.15 -3.18 -7.74
CA GLU A 30 14.63 -2.31 -8.81
C GLU A 30 15.17 -0.99 -8.28
N ALA A 31 14.50 -0.43 -7.28
CA ALA A 31 14.91 0.84 -6.69
C ALA A 31 15.59 0.63 -5.34
N GLY A 32 15.19 -0.42 -4.63
CA GLY A 32 15.77 -0.71 -3.32
C GLY A 32 15.36 0.30 -2.28
N LEU A 33 14.14 0.82 -2.41
CA LEU A 33 13.61 1.82 -1.47
C LEU A 33 13.76 1.36 -0.03
N GLY A 34 13.50 2.27 0.91
CA GLY A 34 13.62 1.96 2.31
C GLY A 34 12.92 2.97 3.19
N HIS A 35 13.70 3.71 3.98
CA HIS A 35 13.13 4.73 4.87
C HIS A 35 13.19 6.12 4.25
N ASN A 36 14.32 6.45 3.65
CA ASN A 36 14.51 7.76 3.03
C ASN A 36 14.45 7.66 1.50
N TYR A 37 13.30 7.26 0.97
CA TYR A 37 13.12 7.12 -0.46
C TYR A 37 11.71 7.53 -0.89
N LYS A 38 11.59 8.02 -2.12
CA LYS A 38 10.30 8.46 -2.65
C LYS A 38 10.18 8.09 -4.14
N VAL A 39 9.09 7.42 -4.50
CA VAL A 39 8.86 7.02 -5.88
C VAL A 39 7.44 7.36 -6.34
N ASP A 40 7.25 7.43 -7.66
CA ASP A 40 5.95 7.75 -8.24
C ASP A 40 5.29 6.48 -8.80
N LYS A 41 4.24 6.01 -8.13
CA LYS A 41 3.54 4.81 -8.56
C LYS A 41 2.03 4.95 -8.33
N VAL A 42 1.27 3.97 -8.83
CA VAL A 42 -0.18 3.98 -8.70
C VAL A 42 -0.63 2.98 -7.65
N LEU A 43 -1.50 3.43 -6.74
CA LEU A 43 -2.01 2.58 -5.67
C LEU A 43 -3.52 2.77 -5.49
N LYS A 44 -4.24 1.65 -5.45
CA LYS A 44 -5.70 1.68 -5.29
C LYS A 44 -6.12 1.13 -3.93
N VAL A 45 -7.23 1.65 -3.41
CA VAL A 45 -7.76 1.22 -2.10
C VAL A 45 -8.98 0.32 -2.29
N LEU A 46 -9.11 -0.68 -1.42
CA LEU A 46 -10.21 -1.64 -1.50
C LEU A 46 -11.25 -1.46 -0.40
N ARG A 47 -10.81 -1.11 0.81
CA ARG A 47 -11.73 -0.95 1.94
C ARG A 47 -11.41 0.30 2.78
N ILE A 48 -12.46 0.94 3.28
CA ILE A 48 -12.31 2.14 4.10
C ILE A 48 -13.01 1.95 5.45
N TYR A 49 -12.36 2.42 6.52
CA TYR A 49 -12.92 2.31 7.87
C TYR A 49 -13.10 3.70 8.50
N PRO A 50 -14.11 4.47 8.07
CA PRO A 50 -14.37 5.80 8.61
C PRO A 50 -14.66 5.80 10.10
N ARG A 51 -14.30 6.89 10.78
CA ARG A 51 -14.52 7.02 12.21
C ARG A 51 -15.21 8.33 12.55
N SER A 52 -15.56 8.50 13.82
CA SER A 52 -16.24 9.71 14.29
C SER A 52 -15.31 10.93 14.26
N ASN A 53 -14.01 10.71 14.04
CA ASN A 53 -13.04 11.80 14.00
C ASN A 53 -13.34 12.77 12.86
N THR A 54 -14.00 12.27 11.81
CA THR A 54 -14.34 13.11 10.65
C THR A 54 -13.10 13.68 9.99
N LEU A 55 -12.06 12.85 9.88
CA LEU A 55 -10.80 13.28 9.26
C LEU A 55 -10.78 12.95 7.77
N SER A 56 -11.72 12.12 7.32
CA SER A 56 -11.79 11.74 5.90
C SER A 56 -10.51 11.03 5.46
N SER A 57 -9.88 10.33 6.39
CA SER A 57 -8.65 9.61 6.11
C SER A 57 -8.19 8.82 7.34
N LEU A 58 -8.28 7.50 7.25
CA LEU A 58 -7.91 6.62 8.36
C LEU A 58 -7.39 5.29 7.81
N PRO A 59 -6.76 4.44 8.67
CA PRO A 59 -6.23 3.14 8.26
C PRO A 59 -7.19 2.42 7.32
N LEU A 60 -6.68 1.95 6.19
CA LEU A 60 -7.51 1.28 5.20
C LEU A 60 -6.82 0.07 4.58
N CYS A 61 -7.63 -0.81 3.97
CA CYS A 61 -7.12 -2.00 3.30
C CYS A 61 -7.02 -1.74 1.81
N LEU A 62 -5.81 -1.82 1.27
CA LEU A 62 -5.59 -1.56 -0.15
C LEU A 62 -4.70 -2.60 -0.80
N CYS A 63 -4.71 -2.62 -2.13
CA CYS A 63 -3.89 -3.55 -2.91
C CYS A 63 -3.18 -2.79 -4.03
N ASP A 64 -2.04 -3.31 -4.46
CA ASP A 64 -1.27 -2.65 -5.53
C ASP A 64 -1.52 -3.33 -6.88
N ALA A 65 -0.70 -4.32 -7.22
CA ALA A 65 -0.85 -5.03 -8.49
C ALA A 65 -0.81 -6.54 -8.30
N ASN A 66 0.19 -7.02 -7.56
CA ASN A 66 0.35 -8.45 -7.32
C ASN A 66 -0.02 -8.85 -5.89
N TYR A 67 0.38 -8.03 -4.92
CA TYR A 67 0.09 -8.33 -3.51
C TYR A 67 -0.67 -7.19 -2.84
N LYS A 68 -1.15 -7.46 -1.62
CA LYS A 68 -1.89 -6.46 -0.86
C LYS A 68 -1.18 -6.13 0.45
N ILE A 69 -1.26 -4.87 0.88
CA ILE A 69 -0.61 -4.44 2.11
C ILE A 69 -1.44 -3.37 2.82
N LEU A 70 -1.11 -3.13 4.09
CA LEU A 70 -1.80 -2.11 4.89
C LEU A 70 -1.11 -0.76 4.71
N ALA A 71 -1.87 0.32 4.81
CA ALA A 71 -1.31 1.66 4.66
C ALA A 71 -2.04 2.68 5.53
N PHE A 72 -1.32 3.74 5.90
CA PHE A 72 -1.88 4.80 6.72
C PHE A 72 -1.39 6.16 6.24
N ALA A 73 -2.32 7.09 6.07
CA ALA A 73 -1.97 8.43 5.59
C ALA A 73 -1.72 9.39 6.75
N ASN A 74 -0.67 10.19 6.63
CA ASN A 74 -0.31 11.17 7.66
C ASN A 74 -1.34 12.29 7.68
N TYR A 75 -1.50 12.93 8.84
CA TYR A 75 -2.48 14.01 8.97
C TYR A 75 -2.31 15.07 7.90
N LYS A 76 -1.06 15.33 7.50
CA LYS A 76 -0.80 16.31 6.45
C LYS A 76 -1.49 15.86 5.18
N ALA A 77 -1.44 14.56 4.94
CA ALA A 77 -2.08 13.96 3.79
C ALA A 77 -3.60 13.94 3.98
N ILE A 78 -4.02 13.73 5.23
CA ILE A 78 -5.44 13.70 5.58
C ILE A 78 -6.11 15.03 5.25
N ALA A 79 -5.54 16.12 5.78
CA ALA A 79 -6.08 17.47 5.55
C ALA A 79 -6.11 17.82 4.08
N ALA A 80 -5.15 17.27 3.32
CA ALA A 80 -5.05 17.53 1.88
C ALA A 80 -6.35 17.22 1.14
N PHE A 81 -7.18 16.35 1.71
CA PHE A 81 -8.44 15.96 1.07
C PHE A 81 -9.31 17.19 0.78
N GLU A 82 -9.30 18.17 1.69
CA GLU A 82 -10.07 19.39 1.51
C GLU A 82 -9.49 20.26 0.40
N ARG A 83 -8.17 20.15 0.19
CA ARG A 83 -7.49 20.93 -0.83
C ARG A 83 -7.89 20.49 -2.24
N LYS A 84 -8.11 19.19 -2.41
CA LYS A 84 -8.49 18.64 -3.71
C LYS A 84 -9.84 19.18 -4.18
N GLU A 85 -10.93 18.51 -3.81
CA GLU A 85 -12.27 18.93 -4.20
C GLU A 85 -13.09 19.44 -3.00
N ARG A 86 -12.41 19.67 -1.88
CA ARG A 86 -13.09 20.15 -0.68
C ARG A 86 -14.19 19.19 -0.25
N ARG A 87 -13.98 17.89 -0.51
CA ARG A 87 -14.96 16.86 -0.16
C ARG A 87 -14.25 15.62 0.38
N ARG A 88 -15.01 14.77 1.06
CA ARG A 88 -14.48 13.54 1.63
C ARG A 88 -13.85 12.67 0.54
N VAL A 89 -12.56 12.39 0.69
CA VAL A 89 -11.81 11.61 -0.28
C VAL A 89 -11.93 10.09 -0.06
N THR A 90 -11.99 9.69 1.20
CA THR A 90 -12.08 8.27 1.54
C THR A 90 -13.30 7.58 0.94
N GLN A 91 -14.31 8.36 0.56
CA GLN A 91 -15.54 7.80 -0.01
C GLN A 91 -15.27 7.08 -1.34
N ASN A 92 -15.23 7.83 -2.44
CA ASN A 92 -15.01 7.24 -3.76
C ASN A 92 -13.77 7.81 -4.46
N LEU A 93 -13.18 8.87 -3.92
CA LEU A 93 -11.99 9.48 -4.53
C LEU A 93 -10.79 8.55 -4.47
N LEU A 94 -10.63 7.87 -3.34
CA LEU A 94 -9.51 6.94 -3.17
C LEU A 94 -9.64 5.72 -4.07
N ASN A 95 -10.86 5.21 -4.20
CA ASN A 95 -11.12 4.04 -5.03
C ASN A 95 -10.76 4.29 -6.50
N SER A 96 -10.83 5.55 -6.92
CA SER A 96 -10.52 5.92 -8.30
C SER A 96 -9.08 5.55 -8.66
N GLU A 97 -8.14 6.32 -8.12
CA GLU A 97 -6.71 6.08 -8.38
C GLU A 97 -5.88 7.09 -7.61
N ILE A 98 -4.83 6.62 -6.94
CA ILE A 98 -3.97 7.51 -6.15
C ILE A 98 -2.49 7.25 -6.41
N MET A 99 -1.71 8.32 -6.41
CA MET A 99 -0.26 8.24 -6.59
C MET A 99 0.44 8.84 -5.38
N ILE A 100 1.16 8.01 -4.65
CA ILE A 100 1.86 8.46 -3.46
C ILE A 100 3.27 8.97 -3.79
N HIS A 101 3.48 10.26 -3.63
CA HIS A 101 4.76 10.88 -3.91
C HIS A 101 5.79 10.48 -2.86
N SER A 102 5.34 10.40 -1.60
CA SER A 102 6.23 10.04 -0.50
C SER A 102 5.61 8.98 0.40
N PHE A 103 6.41 8.00 0.81
CA PHE A 103 5.96 6.92 1.68
C PHE A 103 7.15 6.23 2.35
N THR A 104 6.95 5.79 3.59
CA THR A 104 8.00 5.12 4.34
C THR A 104 7.58 3.72 4.77
N ILE A 105 8.52 2.78 4.74
CA ILE A 105 8.25 1.41 5.12
C ILE A 105 8.26 1.25 6.64
N ARG A 106 7.31 0.48 7.16
CA ARG A 106 7.22 0.25 8.60
C ARG A 106 6.74 -1.17 8.89
N PHE A 107 7.08 -1.67 10.09
CA PHE A 107 6.70 -3.01 10.49
C PHE A 107 5.44 -2.99 11.37
N TYR A 108 4.56 -3.96 11.15
CA TYR A 108 3.32 -4.06 11.92
C TYR A 108 3.11 -5.48 12.44
N ASN A 109 2.79 -5.59 13.72
CA ASN A 109 2.55 -6.89 14.35
C ASN A 109 1.06 -7.23 14.30
N ASP A 110 0.70 -8.38 14.85
CA ASP A 110 -0.70 -8.81 14.86
C ASP A 110 -1.57 -7.81 15.62
N ASP A 111 -1.04 -7.28 16.72
CA ASP A 111 -1.76 -6.31 17.53
C ASP A 111 -1.85 -4.97 16.82
N GLN A 112 -0.76 -4.57 16.15
CA GLN A 112 -0.71 -3.30 15.44
C GLN A 112 -1.75 -3.25 14.32
N VAL A 113 -1.85 -4.34 13.55
CA VAL A 113 -2.81 -4.40 12.46
C VAL A 113 -4.24 -4.48 12.96
N GLN A 114 -4.42 -5.09 14.14
CA GLN A 114 -5.74 -5.23 14.74
C GLN A 114 -6.37 -3.86 15.00
N GLY A 115 -5.54 -2.91 15.46
CA GLY A 115 -6.03 -1.57 15.73
C GLY A 115 -6.37 -0.82 14.46
N PHE A 116 -5.60 -1.06 13.40
CA PHE A 116 -5.82 -0.40 12.12
C PHE A 116 -7.21 -0.69 11.57
N PHE A 117 -7.66 -1.93 11.72
CA PHE A 117 -8.98 -2.34 11.23
C PHE A 117 -9.88 -2.77 12.38
N ASP A 118 -11.10 -3.18 12.05
CA ASP A 118 -12.08 -3.61 13.05
C ASP A 118 -11.55 -4.77 13.88
N GLY A 119 -10.76 -5.63 13.24
CA GLY A 119 -10.19 -6.78 13.94
C GLY A 119 -9.65 -7.82 12.98
N LEU A 120 -8.99 -7.36 11.92
CA LEU A 120 -8.42 -8.27 10.92
C LEU A 120 -7.18 -8.95 11.48
N LYS A 121 -7.23 -10.29 11.57
CA LYS A 121 -6.11 -11.07 12.09
C LYS A 121 -5.35 -11.73 10.96
N PHE A 122 -4.03 -11.56 10.96
CA PHE A 122 -3.17 -12.15 9.95
C PHE A 122 -2.39 -13.32 10.53
N LYS A 123 -2.42 -14.46 9.85
CA LYS A 123 -1.74 -15.66 10.32
C LYS A 123 -0.27 -15.67 9.87
N GLN A 124 0.63 -15.61 10.85
CA GLN A 124 2.07 -15.62 10.58
C GLN A 124 2.71 -16.94 10.99
N LYS A 125 1.87 -17.98 11.12
CA LYS A 125 2.35 -19.31 11.52
C LYS A 125 3.00 -19.26 12.90
N ALA A 126 2.29 -18.66 13.85
CA ALA A 126 2.78 -18.55 15.22
C ALA A 126 4.09 -17.77 15.30
N SER A 127 4.00 -16.46 15.49
CA SER A 127 5.17 -15.61 15.58
C SER A 127 4.93 -14.45 16.52
N LEU A 128 6.02 -13.87 17.04
CA LEU A 128 5.93 -12.73 17.95
C LEU A 128 6.29 -11.44 17.22
N PHE A 129 7.34 -11.51 16.41
CA PHE A 129 7.81 -10.36 15.65
C PHE A 129 6.83 -10.01 14.54
N PRO A 130 6.82 -8.74 14.07
CA PRO A 130 5.93 -8.30 13.01
C PRO A 130 6.30 -8.91 11.66
N GLY A 131 5.31 -9.10 10.80
CA GLY A 131 5.54 -9.68 9.49
C GLY A 131 4.60 -9.14 8.43
N TYR A 132 4.27 -7.86 8.53
CA TYR A 132 3.36 -7.22 7.57
C TYR A 132 3.91 -5.87 7.10
N LEU A 133 4.26 -5.79 5.82
CA LEU A 133 4.78 -4.55 5.26
C LEU A 133 3.68 -3.50 5.18
N VAL A 134 3.89 -2.38 5.85
CA VAL A 134 2.90 -1.30 5.87
C VAL A 134 3.50 0.01 5.37
N LEU A 135 2.82 0.64 4.42
CA LEU A 135 3.27 1.91 3.86
C LEU A 135 2.65 3.09 4.57
N GLU A 136 3.30 4.24 4.45
CA GLU A 136 2.82 5.47 5.06
C GLU A 136 2.58 6.51 3.98
N ILE A 137 1.46 7.23 4.07
CA ILE A 137 1.13 8.23 3.06
C ILE A 137 1.27 9.65 3.62
N ASN A 138 2.45 10.24 3.43
CA ASN A 138 2.71 11.59 3.90
C ASN A 138 2.01 12.59 3.00
N ASP A 139 2.04 12.33 1.70
CA ASP A 139 1.40 13.19 0.72
C ASP A 139 1.04 12.40 -0.53
N PHE A 140 -0.24 12.43 -0.91
CA PHE A 140 -0.70 11.72 -2.09
C PHE A 140 -1.61 12.60 -2.94
N SER A 141 -1.72 12.28 -4.23
CA SER A 141 -2.54 13.04 -5.15
C SER A 141 -3.18 12.15 -6.20
N MET A 142 -4.35 12.57 -6.71
CA MET A 142 -5.06 11.82 -7.74
C MET A 142 -4.28 11.85 -9.05
N PHE A 143 -3.75 10.70 -9.45
CA PHE A 143 -2.96 10.60 -10.68
C PHE A 143 -3.86 10.32 -11.90
N ASN A 144 -4.54 9.18 -11.87
CA ASN A 144 -5.42 8.79 -12.97
C ASN A 144 -6.70 9.61 -12.99
N ARG A 145 -7.22 9.91 -11.81
CA ARG A 145 -8.46 10.69 -11.68
C ARG A 145 -9.63 9.99 -12.36
N ASP A 146 -9.63 8.65 -12.30
CA ASP A 146 -10.69 7.85 -12.91
C ASP A 146 -11.24 6.84 -11.90
N GLN A 147 -12.55 6.59 -11.97
CA GLN A 147 -13.19 5.64 -11.06
C GLN A 147 -12.99 4.21 -11.54
N LEU A 148 -12.01 3.52 -10.94
CA LEU A 148 -11.71 2.14 -11.29
C LEU A 148 -11.45 1.30 -10.04
N ILE A 149 -12.07 0.13 -9.98
CA ILE A 149 -11.89 -0.77 -8.85
C ILE A 149 -10.98 -1.94 -9.22
N LEU A 150 -10.14 -2.36 -8.27
CA LEU A 150 -9.22 -3.46 -8.52
C LEU A 150 -9.92 -4.81 -8.39
N SER A 151 -10.61 -5.21 -9.45
CA SER A 151 -11.33 -6.48 -9.46
C SER A 151 -10.36 -7.66 -9.44
N ASN A 152 -9.15 -7.44 -9.96
CA ASN A 152 -8.12 -8.48 -10.00
C ASN A 152 -7.58 -8.80 -8.60
N ALA A 153 -7.94 -7.97 -7.62
CA ALA A 153 -7.49 -8.17 -6.24
C ALA A 153 -7.79 -9.59 -5.74
N GLY A 154 -8.82 -10.21 -6.31
CA GLY A 154 -9.19 -11.56 -5.90
C GLY A 154 -8.11 -12.58 -6.21
N THR A 155 -7.38 -12.35 -7.31
CA THR A 155 -6.31 -13.24 -7.73
C THR A 155 -5.08 -13.07 -6.85
N ILE A 156 -4.89 -11.87 -6.32
CA ILE A 156 -3.76 -11.54 -5.46
C ILE A 156 -3.58 -12.58 -4.35
N GLU A 157 -2.32 -12.83 -3.99
CA GLU A 157 -2.00 -13.79 -2.94
C GLU A 157 -1.64 -13.09 -1.64
N PHE A 158 -1.64 -13.86 -0.54
CA PHE A 158 -1.32 -13.32 0.77
C PHE A 158 0.13 -12.86 0.85
N LEU A 159 0.34 -11.59 1.19
CA LEU A 159 1.68 -11.02 1.31
C LEU A 159 2.31 -11.34 2.66
N TYR A 160 1.49 -11.45 3.70
CA TYR A 160 1.97 -11.74 5.05
C TYR A 160 2.72 -13.07 5.11
N GLY A 161 2.47 -13.95 4.15
CA GLY A 161 3.13 -15.24 4.12
C GLY A 161 4.15 -15.37 3.00
N THR A 162 4.70 -14.23 2.57
CA THR A 162 5.69 -14.22 1.50
C THR A 162 7.10 -14.10 2.08
N PRO A 163 7.86 -15.20 2.15
CA PRO A 163 9.23 -15.19 2.70
C PRO A 163 10.15 -14.25 1.92
N ARG A 164 9.88 -14.08 0.62
CA ARG A 164 10.69 -13.22 -0.22
C ARG A 164 10.65 -11.77 0.26
N TYR A 165 9.44 -11.23 0.43
CA TYR A 165 9.28 -9.86 0.90
C TYR A 165 9.69 -9.73 2.35
N ILE A 166 9.35 -10.74 3.14
CA ILE A 166 9.69 -10.77 4.56
C ILE A 166 11.21 -10.72 4.76
N ALA A 167 11.93 -11.44 3.91
CA ALA A 167 13.39 -11.49 3.99
C ALA A 167 14.03 -10.14 3.62
N ARG A 168 13.37 -9.39 2.74
CA ARG A 168 13.89 -8.10 2.29
C ARG A 168 14.08 -7.11 3.44
N PHE A 169 13.14 -7.10 4.39
CA PHE A 169 13.21 -6.16 5.51
C PHE A 169 13.46 -6.85 6.86
N ILE A 170 12.71 -7.91 7.12
CA ILE A 170 12.83 -8.63 8.39
C ILE A 170 14.15 -9.40 8.52
N GLU A 171 14.59 -10.03 7.43
CA GLU A 171 15.83 -10.79 7.46
C GLU A 171 17.07 -9.93 7.21
N GLN A 172 16.89 -8.61 7.17
CA GLN A 172 18.01 -7.69 6.95
C GLN A 172 19.07 -7.84 8.03
N GLU A 173 18.62 -7.85 9.29
CA GLU A 173 19.52 -7.99 10.42
C GLU A 173 18.83 -8.72 11.58
N PHE A 174 19.33 -9.90 11.91
CA PHE A 174 18.76 -10.69 12.99
C PHE A 174 19.62 -11.92 13.28
N SER A 175 19.72 -12.80 12.29
CA SER A 175 20.52 -14.02 12.43
C SER A 175 22.01 -13.70 12.47
N ASP A 176 22.77 -14.54 13.18
CA ASP A 176 24.21 -14.35 13.29
C ASP A 176 24.90 -14.50 11.94
N GLU A 177 24.41 -15.44 11.14
CA GLU A 177 24.98 -15.70 9.81
C GLU A 177 26.44 -16.12 9.90
N GLU A 178 26.76 -16.93 10.91
CA GLU A 178 28.12 -17.41 11.11
C GLU A 178 28.12 -18.86 11.58
N GLY A 1 11.53 -26.91 -26.76
CA GLY A 1 10.45 -27.65 -27.49
C GLY A 1 10.63 -29.14 -27.41
N ALA A 2 9.57 -29.88 -27.77
CA ALA A 2 9.61 -31.34 -27.75
C ALA A 2 8.51 -31.93 -28.62
N MET A 3 7.31 -31.38 -28.53
CA MET A 3 6.17 -31.86 -29.31
C MET A 3 5.34 -30.69 -29.85
N GLY A 4 4.66 -30.92 -30.97
CA GLY A 4 3.85 -29.89 -31.56
C GLY A 4 2.52 -29.68 -30.83
N PRO A 5 2.14 -28.42 -30.53
CA PRO A 5 0.88 -28.13 -29.83
C PRO A 5 -0.34 -28.73 -30.54
N PRO A 6 -0.94 -29.80 -29.97
CA PRO A 6 -2.11 -30.46 -30.56
C PRO A 6 -3.33 -29.56 -30.57
N SER A 7 -3.43 -28.68 -29.58
CA SER A 7 -4.56 -27.75 -29.46
C SER A 7 -5.88 -28.51 -29.31
N SER A 8 -6.96 -27.79 -29.06
CA SER A 8 -8.28 -28.39 -28.89
C SER A 8 -9.32 -27.69 -29.75
N ARG A 9 -10.35 -28.42 -30.15
CA ARG A 9 -11.43 -27.88 -30.96
C ARG A 9 -12.23 -26.84 -30.19
N ASP A 10 -12.43 -27.09 -28.90
CA ASP A 10 -13.18 -26.18 -28.04
C ASP A 10 -12.26 -25.20 -27.30
N ALA A 11 -11.07 -24.98 -27.84
CA ALA A 11 -10.10 -24.07 -27.24
C ALA A 11 -10.44 -22.61 -27.58
N VAL A 12 -9.92 -21.69 -26.77
CA VAL A 12 -10.17 -20.27 -26.98
C VAL A 12 -8.88 -19.46 -26.85
N ARG A 13 -8.98 -18.15 -27.05
CA ARG A 13 -7.83 -17.27 -26.95
C ARG A 13 -7.68 -16.74 -25.52
N VAL A 14 -6.44 -16.45 -25.14
CA VAL A 14 -6.15 -15.94 -23.79
C VAL A 14 -5.79 -14.46 -23.86
N THR A 15 -6.44 -13.66 -23.02
CA THR A 15 -6.19 -12.22 -22.97
C THR A 15 -6.41 -11.67 -21.57
N ALA A 16 -5.53 -10.76 -21.14
CA ALA A 16 -5.62 -10.17 -19.82
C ALA A 16 -4.81 -8.88 -19.74
N SER A 17 -5.41 -7.85 -19.13
CA SER A 17 -4.75 -6.56 -18.98
C SER A 17 -5.16 -5.90 -17.68
N ALA A 18 -4.20 -5.29 -17.00
CA ALA A 18 -4.46 -4.61 -15.73
C ALA A 18 -4.01 -3.16 -15.78
N HIS A 19 -4.70 -2.32 -15.01
CA HIS A 19 -4.37 -0.90 -14.95
C HIS A 19 -3.05 -0.67 -14.23
N MET A 20 -2.80 -1.46 -13.20
CA MET A 20 -1.57 -1.34 -12.42
C MET A 20 -0.39 -1.92 -13.19
N LYS A 21 0.82 -1.47 -12.83
CA LYS A 21 2.04 -1.93 -13.47
C LYS A 21 3.08 -2.34 -12.43
N HIS A 22 4.36 -2.38 -12.82
CA HIS A 22 5.45 -2.76 -11.92
C HIS A 22 5.34 -2.04 -10.57
N TRP A 23 5.08 -2.81 -9.50
CA TRP A 23 4.93 -2.22 -8.18
C TRP A 23 5.79 -2.93 -7.11
N LEU A 24 5.20 -3.90 -6.39
CA LEU A 24 5.88 -4.60 -5.30
C LEU A 24 7.04 -5.48 -5.77
N GLU A 25 6.87 -6.18 -6.89
CA GLU A 25 7.91 -7.08 -7.38
C GLU A 25 9.25 -6.35 -7.60
N PRO A 26 9.32 -5.36 -8.52
CA PRO A 26 10.56 -4.63 -8.80
C PRO A 26 11.03 -3.73 -7.65
N VAL A 27 10.10 -2.98 -7.07
CA VAL A 27 10.42 -2.06 -5.98
C VAL A 27 11.26 -2.72 -4.88
N LEU A 28 11.02 -4.00 -4.65
CA LEU A 28 11.74 -4.74 -3.61
C LEU A 28 13.25 -4.75 -3.85
N CYS A 29 13.67 -4.93 -5.10
CA CYS A 29 15.10 -4.98 -5.41
C CYS A 29 15.51 -3.96 -6.47
N GLU A 30 14.75 -3.88 -7.56
CA GLU A 30 15.05 -2.96 -8.65
C GLU A 30 15.06 -1.50 -8.18
N ALA A 31 14.09 -1.14 -7.34
CA ALA A 31 14.01 0.23 -6.82
C ALA A 31 14.77 0.39 -5.52
N GLY A 32 14.77 -0.66 -4.71
CA GLY A 32 15.47 -0.62 -3.43
C GLY A 32 14.76 0.24 -2.40
N LEU A 33 13.43 0.18 -2.39
CA LEU A 33 12.63 0.95 -1.44
C LEU A 33 13.03 0.64 0.00
N GLY A 34 13.50 1.66 0.71
CA GLY A 34 13.91 1.48 2.10
C GLY A 34 13.18 2.42 3.04
N HIS A 35 13.86 2.79 4.13
CA HIS A 35 13.27 3.69 5.12
C HIS A 35 13.05 5.09 4.55
N ASN A 36 14.02 5.55 3.76
CA ASN A 36 13.92 6.88 3.14
C ASN A 36 14.02 6.80 1.62
N TYR A 37 12.89 6.49 0.99
CA TYR A 37 12.82 6.38 -0.47
C TYR A 37 11.50 6.93 -0.99
N LYS A 38 11.49 7.34 -2.25
CA LYS A 38 10.28 7.89 -2.86
C LYS A 38 10.17 7.48 -4.32
N VAL A 39 9.06 6.83 -4.68
CA VAL A 39 8.82 6.39 -6.05
C VAL A 39 7.44 6.84 -6.53
N ASP A 40 7.25 6.86 -7.85
CA ASP A 40 5.98 7.27 -8.44
C ASP A 40 5.21 6.04 -8.95
N LYS A 41 4.11 5.73 -8.29
CA LYS A 41 3.29 4.59 -8.68
C LYS A 41 1.82 4.81 -8.31
N VAL A 42 0.96 3.92 -8.80
CA VAL A 42 -0.47 4.02 -8.53
C VAL A 42 -0.90 3.01 -7.47
N LEU A 43 -1.68 3.48 -6.49
CA LEU A 43 -2.16 2.63 -5.41
C LEU A 43 -3.65 2.85 -5.18
N LYS A 44 -4.42 1.77 -5.13
CA LYS A 44 -5.86 1.84 -4.91
C LYS A 44 -6.28 1.03 -3.69
N VAL A 45 -7.21 1.57 -2.92
CA VAL A 45 -7.69 0.89 -1.71
C VAL A 45 -9.08 0.28 -1.95
N LEU A 46 -9.29 -0.93 -1.42
CA LEU A 46 -10.56 -1.62 -1.60
C LEU A 46 -11.48 -1.49 -0.37
N ARG A 47 -10.92 -1.16 0.78
CA ARG A 47 -11.72 -1.03 2.00
C ARG A 47 -11.31 0.19 2.83
N ILE A 48 -12.31 0.96 3.24
CA ILE A 48 -12.10 2.15 4.07
C ILE A 48 -13.25 2.32 5.05
N TYR A 49 -12.93 2.77 6.26
CA TYR A 49 -13.95 2.98 7.29
C TYR A 49 -13.96 4.44 7.77
N PRO A 50 -14.46 5.38 6.93
CA PRO A 50 -14.51 6.80 7.27
C PRO A 50 -15.68 7.14 8.17
N ARG A 51 -15.57 8.27 8.86
CA ARG A 51 -16.63 8.74 9.76
C ARG A 51 -16.78 10.26 9.66
N SER A 52 -18.00 10.74 9.90
CA SER A 52 -18.27 12.18 9.83
C SER A 52 -17.49 12.95 10.88
N ASN A 53 -17.49 12.44 12.12
CA ASN A 53 -16.78 13.07 13.22
C ASN A 53 -15.26 12.95 13.05
N THR A 54 -14.84 11.86 12.41
CA THR A 54 -13.43 11.61 12.18
C THR A 54 -12.88 12.53 11.07
N LEU A 55 -11.56 12.46 10.85
CA LEU A 55 -10.90 13.29 9.84
C LEU A 55 -11.17 12.82 8.42
N SER A 56 -11.98 11.77 8.26
CA SER A 56 -12.30 11.22 6.96
C SER A 56 -11.09 10.52 6.36
N SER A 57 -10.15 10.13 7.21
CA SER A 57 -8.93 9.44 6.80
C SER A 57 -8.43 8.55 7.93
N LEU A 58 -8.42 7.25 7.68
CA LEU A 58 -7.98 6.28 8.69
C LEU A 58 -7.48 5.01 8.01
N PRO A 59 -6.78 4.11 8.76
CA PRO A 59 -6.25 2.86 8.22
C PRO A 59 -7.15 2.26 7.14
N LEU A 60 -6.58 2.06 5.95
CA LEU A 60 -7.33 1.52 4.82
C LEU A 60 -6.63 0.32 4.20
N CYS A 61 -7.42 -0.69 3.83
CA CYS A 61 -6.87 -1.89 3.22
C CYS A 61 -6.79 -1.71 1.71
N LEU A 62 -5.58 -1.82 1.16
CA LEU A 62 -5.37 -1.63 -0.26
C LEU A 62 -4.59 -2.81 -0.86
N CYS A 63 -4.89 -3.11 -2.13
CA CYS A 63 -4.21 -4.20 -2.83
C CYS A 63 -3.36 -3.66 -3.98
N ASP A 64 -2.07 -3.98 -3.95
CA ASP A 64 -1.15 -3.54 -5.00
C ASP A 64 -1.29 -4.41 -6.23
N ALA A 65 -0.39 -4.20 -7.19
CA ALA A 65 -0.41 -4.96 -8.43
C ALA A 65 -0.02 -6.43 -8.24
N ASN A 66 0.79 -6.70 -7.21
CA ASN A 66 1.25 -8.06 -6.94
C ASN A 66 0.73 -8.62 -5.62
N TYR A 67 0.59 -7.77 -4.61
CA TYR A 67 0.11 -8.22 -3.30
C TYR A 67 -0.70 -7.15 -2.58
N LYS A 68 -1.16 -7.48 -1.37
CA LYS A 68 -1.96 -6.56 -0.56
C LYS A 68 -1.24 -6.20 0.74
N ILE A 69 -1.22 -4.92 1.07
CA ILE A 69 -0.58 -4.45 2.30
C ILE A 69 -1.40 -3.35 2.95
N LEU A 70 -1.17 -3.12 4.25
CA LEU A 70 -1.89 -2.09 4.98
C LEU A 70 -1.17 -0.74 4.86
N ALA A 71 -1.96 0.33 4.80
CA ALA A 71 -1.40 1.68 4.67
C ALA A 71 -2.28 2.70 5.38
N PHE A 72 -1.67 3.78 5.86
CA PHE A 72 -2.40 4.83 6.55
C PHE A 72 -1.83 6.20 6.20
N ALA A 73 -2.70 7.19 6.10
CA ALA A 73 -2.29 8.55 5.76
C ALA A 73 -2.18 9.43 7.01
N ASN A 74 -1.07 10.15 7.12
CA ASN A 74 -0.85 11.05 8.26
C ASN A 74 -1.75 12.28 8.14
N TYR A 75 -1.94 12.99 9.24
CA TYR A 75 -2.80 14.17 9.24
C TYR A 75 -2.43 15.15 8.14
N LYS A 76 -1.12 15.29 7.88
CA LYS A 76 -0.66 16.19 6.82
C LYS A 76 -1.25 15.74 5.49
N ALA A 77 -1.29 14.43 5.29
CA ALA A 77 -1.86 13.86 4.08
C ALA A 77 -3.39 14.03 4.09
N ILE A 78 -3.98 13.93 5.28
CA ILE A 78 -5.43 14.09 5.43
C ILE A 78 -5.86 15.51 5.08
N ALA A 79 -5.22 16.49 5.71
CA ALA A 79 -5.54 17.90 5.47
C ALA A 79 -5.51 18.24 3.98
N ALA A 80 -4.64 17.56 3.23
CA ALA A 80 -4.51 17.77 1.80
C ALA A 80 -5.83 17.50 1.08
N PHE A 81 -6.68 16.68 1.68
CA PHE A 81 -7.98 16.33 1.09
C PHE A 81 -8.83 17.58 0.86
N GLU A 82 -8.73 18.54 1.77
CA GLU A 82 -9.49 19.78 1.67
C GLU A 82 -8.95 20.65 0.53
N ARG A 83 -7.63 20.68 0.39
CA ARG A 83 -6.99 21.48 -0.65
C ARG A 83 -7.32 20.96 -2.04
N LYS A 84 -7.41 19.63 -2.17
CA LYS A 84 -7.70 19.00 -3.46
C LYS A 84 -9.12 19.34 -3.95
N GLU A 85 -10.11 18.54 -3.54
CA GLU A 85 -11.49 18.77 -3.98
C GLU A 85 -12.40 19.25 -2.84
N ARG A 86 -11.79 19.73 -1.75
CA ARG A 86 -12.56 20.23 -0.61
C ARG A 86 -13.63 19.22 -0.15
N ARG A 87 -13.36 17.93 -0.36
CA ARG A 87 -14.30 16.89 0.04
C ARG A 87 -13.58 15.61 0.47
N ARG A 88 -14.30 14.73 1.17
CA ARG A 88 -13.74 13.47 1.65
C ARG A 88 -13.18 12.64 0.50
N VAL A 89 -11.93 12.17 0.67
CA VAL A 89 -11.26 11.37 -0.35
C VAL A 89 -11.51 9.87 -0.15
N THR A 90 -11.58 9.44 1.11
CA THR A 90 -11.80 8.02 1.43
C THR A 90 -13.10 7.49 0.84
N GLN A 91 -14.02 8.39 0.51
CA GLN A 91 -15.31 7.99 -0.03
C GLN A 91 -15.17 7.25 -1.36
N ASN A 92 -15.04 7.98 -2.47
CA ASN A 92 -14.92 7.37 -3.79
C ASN A 92 -13.63 7.75 -4.52
N LEU A 93 -12.90 8.74 -4.01
CA LEU A 93 -11.67 9.20 -4.66
C LEU A 93 -10.57 8.13 -4.61
N LEU A 94 -10.45 7.44 -3.49
CA LEU A 94 -9.42 6.41 -3.33
C LEU A 94 -9.67 5.23 -4.27
N ASN A 95 -10.93 4.84 -4.42
CA ASN A 95 -11.30 3.71 -5.27
C ASN A 95 -10.79 3.89 -6.71
N SER A 96 -10.74 5.14 -7.17
CA SER A 96 -10.28 5.42 -8.53
C SER A 96 -8.80 5.09 -8.69
N GLU A 97 -7.93 6.04 -8.34
CA GLU A 97 -6.48 5.85 -8.44
C GLU A 97 -5.75 6.89 -7.60
N ILE A 98 -4.64 6.48 -6.98
CA ILE A 98 -3.86 7.40 -6.14
C ILE A 98 -2.37 7.25 -6.39
N MET A 99 -1.67 8.37 -6.39
CA MET A 99 -0.22 8.38 -6.59
C MET A 99 0.47 9.00 -5.38
N ILE A 100 1.15 8.18 -4.60
CA ILE A 100 1.84 8.65 -3.40
C ILE A 100 3.22 9.20 -3.75
N HIS A 101 3.42 10.49 -3.49
CA HIS A 101 4.69 11.14 -3.76
C HIS A 101 5.80 10.57 -2.88
N SER A 102 5.47 10.32 -1.61
CA SER A 102 6.43 9.78 -0.67
C SER A 102 5.76 8.85 0.35
N PHE A 103 6.45 7.76 0.69
CA PHE A 103 5.93 6.80 1.65
C PHE A 103 7.07 6.11 2.40
N THR A 104 6.84 5.79 3.67
CA THR A 104 7.84 5.13 4.50
C THR A 104 7.41 3.71 4.86
N ILE A 105 8.35 2.79 4.85
CA ILE A 105 8.07 1.39 5.18
C ILE A 105 7.99 1.19 6.70
N ARG A 106 7.01 0.41 7.13
CA ARG A 106 6.82 0.12 8.55
C ARG A 106 6.27 -1.28 8.76
N PHE A 107 6.48 -1.84 9.94
CA PHE A 107 6.00 -3.19 10.26
C PHE A 107 4.87 -3.14 11.28
N TYR A 108 3.92 -4.07 11.14
CA TYR A 108 2.77 -4.15 12.05
C TYR A 108 2.52 -5.58 12.49
N ASN A 109 2.02 -5.73 13.71
CA ASN A 109 1.72 -7.06 14.28
C ASN A 109 0.24 -7.38 14.15
N ASP A 110 -0.14 -8.59 14.53
CA ASP A 110 -1.53 -9.03 14.47
C ASP A 110 -2.43 -8.11 15.31
N ASP A 111 -1.94 -7.75 16.50
CA ASP A 111 -2.70 -6.87 17.39
C ASP A 111 -2.73 -5.44 16.87
N GLN A 112 -1.60 -4.99 16.33
CA GLN A 112 -1.50 -3.63 15.81
C GLN A 112 -2.49 -3.38 14.68
N VAL A 113 -2.68 -4.37 13.81
CA VAL A 113 -3.62 -4.23 12.70
C VAL A 113 -5.07 -4.19 13.19
N GLN A 114 -5.33 -4.88 14.30
CA GLN A 114 -6.68 -4.91 14.87
C GLN A 114 -7.11 -3.51 15.26
N GLY A 115 -6.18 -2.73 15.81
CA GLY A 115 -6.47 -1.37 16.20
C GLY A 115 -6.76 -0.48 15.00
N PHE A 116 -6.06 -0.75 13.90
CA PHE A 116 -6.24 0.03 12.67
C PHE A 116 -7.59 -0.26 12.03
N PHE A 117 -7.83 -1.53 11.71
CA PHE A 117 -9.09 -1.94 11.09
C PHE A 117 -10.10 -2.38 12.14
N ASP A 118 -11.30 -2.75 11.69
CA ASP A 118 -12.35 -3.19 12.59
C ASP A 118 -12.07 -4.57 13.18
N GLY A 119 -11.18 -5.33 12.54
CA GLY A 119 -10.86 -6.66 13.03
C GLY A 119 -10.11 -7.50 12.00
N LEU A 120 -9.14 -6.89 11.33
CA LEU A 120 -8.35 -7.60 10.32
C LEU A 120 -7.01 -8.03 10.91
N LYS A 121 -6.87 -9.33 11.15
CA LYS A 121 -5.64 -9.87 11.72
C LYS A 121 -5.01 -10.91 10.80
N PHE A 122 -3.70 -10.81 10.62
CA PHE A 122 -2.95 -11.72 9.78
C PHE A 122 -2.14 -12.69 10.63
N LYS A 123 -2.27 -13.99 10.37
CA LYS A 123 -1.55 -15.00 11.14
C LYS A 123 -0.09 -15.10 10.69
N GLN A 124 0.82 -14.82 11.62
CA GLN A 124 2.25 -14.89 11.34
C GLN A 124 2.86 -16.19 11.87
N LYS A 125 2.01 -17.13 12.26
CA LYS A 125 2.45 -18.41 12.80
C LYS A 125 3.30 -18.22 14.06
N ALA A 126 2.77 -17.45 15.00
CA ALA A 126 3.46 -17.18 16.26
C ALA A 126 4.83 -16.54 16.01
N SER A 127 4.84 -15.22 15.89
CA SER A 127 6.07 -14.48 15.65
C SER A 127 6.40 -13.54 16.80
N LEU A 128 7.68 -13.50 17.19
CA LEU A 128 8.13 -12.66 18.28
C LEU A 128 7.91 -11.19 17.95
N PHE A 129 8.17 -10.84 16.69
CA PHE A 129 8.02 -9.47 16.21
C PHE A 129 7.09 -9.41 15.00
N PRO A 130 6.52 -8.23 14.71
CA PRO A 130 5.61 -8.06 13.56
C PRO A 130 6.33 -8.33 12.24
N GLY A 131 5.63 -9.00 11.32
CA GLY A 131 6.23 -9.31 10.02
C GLY A 131 5.29 -9.02 8.86
N TYR A 132 4.77 -7.81 8.81
CA TYR A 132 3.86 -7.41 7.74
C TYR A 132 4.23 -6.03 7.21
N LEU A 133 4.31 -5.91 5.87
CA LEU A 133 4.66 -4.66 5.24
C LEU A 133 3.53 -3.64 5.33
N VAL A 134 3.86 -2.43 5.77
CA VAL A 134 2.88 -1.35 5.89
C VAL A 134 3.47 -0.03 5.40
N LEU A 135 2.72 0.65 4.54
CA LEU A 135 3.17 1.93 3.98
C LEU A 135 2.55 3.11 4.70
N GLU A 136 3.19 4.27 4.55
CA GLU A 136 2.73 5.52 5.15
C GLU A 136 2.51 6.55 4.06
N ILE A 137 1.41 7.31 4.16
CA ILE A 137 1.10 8.33 3.16
C ILE A 137 1.32 9.73 3.71
N ASN A 138 2.51 10.28 3.47
CA ASN A 138 2.83 11.63 3.93
C ASN A 138 2.12 12.65 3.05
N ASP A 139 2.13 12.39 1.74
CA ASP A 139 1.48 13.27 0.77
C ASP A 139 1.15 12.49 -0.50
N PHE A 140 -0.12 12.48 -0.88
CA PHE A 140 -0.54 11.76 -2.08
C PHE A 140 -1.42 12.65 -2.97
N SER A 141 -1.53 12.26 -4.24
CA SER A 141 -2.32 13.01 -5.20
C SER A 141 -3.17 12.08 -6.06
N MET A 142 -4.32 12.56 -6.51
CA MET A 142 -5.23 11.78 -7.34
C MET A 142 -4.60 11.51 -8.71
N PHE A 143 -4.19 10.27 -8.94
CA PHE A 143 -3.60 9.88 -10.21
C PHE A 143 -4.63 9.88 -11.32
N ASN A 144 -5.84 9.40 -11.00
CA ASN A 144 -6.92 9.34 -11.97
C ASN A 144 -8.28 9.32 -11.28
N ARG A 145 -9.26 9.99 -11.87
CA ARG A 145 -10.60 10.04 -11.31
C ARG A 145 -11.63 9.43 -12.25
N ASP A 146 -11.48 8.13 -12.51
CA ASP A 146 -12.39 7.42 -13.40
C ASP A 146 -13.25 6.40 -12.65
N GLN A 147 -13.04 6.29 -11.34
CA GLN A 147 -13.80 5.35 -10.50
C GLN A 147 -13.60 3.91 -10.98
N LEU A 148 -12.34 3.53 -11.15
CA LEU A 148 -12.01 2.18 -11.60
C LEU A 148 -11.64 1.29 -10.43
N ILE A 149 -12.24 0.10 -10.38
CA ILE A 149 -11.99 -0.87 -9.31
C ILE A 149 -10.87 -1.83 -9.68
N LEU A 150 -10.17 -2.33 -8.67
CA LEU A 150 -9.08 -3.27 -8.88
C LEU A 150 -9.60 -4.69 -8.97
N SER A 151 -10.03 -5.09 -10.16
CA SER A 151 -10.56 -6.43 -10.38
C SER A 151 -9.46 -7.49 -10.28
N ASN A 152 -8.22 -7.09 -10.55
CA ASN A 152 -7.09 -8.02 -10.49
C ASN A 152 -6.74 -8.39 -9.04
N ALA A 153 -7.34 -7.69 -8.08
CA ALA A 153 -7.07 -7.96 -6.67
C ALA A 153 -7.46 -9.39 -6.29
N GLY A 154 -8.49 -9.92 -6.95
CA GLY A 154 -8.94 -11.27 -6.67
C GLY A 154 -7.96 -12.32 -7.14
N THR A 155 -7.27 -12.05 -8.25
CA THR A 155 -6.30 -12.98 -8.80
C THR A 155 -4.97 -12.93 -8.03
N ILE A 156 -4.76 -11.84 -7.29
CA ILE A 156 -3.54 -11.66 -6.50
C ILE A 156 -3.22 -12.91 -5.68
N GLU A 157 -1.93 -13.09 -5.40
CA GLU A 157 -1.47 -14.26 -4.64
C GLU A 157 -1.62 -14.05 -3.14
N PHE A 158 -1.12 -15.01 -2.36
CA PHE A 158 -1.21 -14.96 -0.91
C PHE A 158 -0.52 -13.72 -0.35
N LEU A 159 -1.33 -12.78 0.12
CA LEU A 159 -0.83 -11.54 0.71
C LEU A 159 -0.48 -11.71 2.19
N TYR A 160 -0.49 -12.96 2.67
CA TYR A 160 -0.19 -13.26 4.07
C TYR A 160 1.03 -12.48 4.56
N GLY A 161 2.13 -12.63 3.84
CA GLY A 161 3.35 -11.92 4.22
C GLY A 161 4.48 -12.07 3.20
N THR A 162 4.32 -12.95 2.21
CA THR A 162 5.35 -13.15 1.19
C THR A 162 6.73 -13.33 1.83
N PRO A 163 7.15 -14.59 2.09
CA PRO A 163 8.45 -14.90 2.72
C PRO A 163 9.63 -14.15 2.10
N ARG A 164 9.62 -14.01 0.78
CA ARG A 164 10.72 -13.33 0.08
C ARG A 164 10.84 -11.88 0.54
N TYR A 165 9.73 -11.15 0.54
CA TYR A 165 9.72 -9.75 0.96
C TYR A 165 10.14 -9.62 2.42
N ILE A 166 9.69 -10.58 3.24
CA ILE A 166 10.01 -10.59 4.67
C ILE A 166 11.52 -10.67 4.88
N ALA A 167 12.18 -11.56 4.16
CA ALA A 167 13.62 -11.73 4.29
C ALA A 167 14.36 -10.52 3.70
N ARG A 168 13.79 -9.93 2.66
CA ARG A 168 14.40 -8.78 2.01
C ARG A 168 14.35 -7.53 2.90
N PHE A 169 13.32 -7.43 3.74
CA PHE A 169 13.16 -6.27 4.62
C PHE A 169 13.48 -6.58 6.07
N ILE A 170 12.82 -7.60 6.62
CA ILE A 170 13.01 -7.99 8.02
C ILE A 170 14.38 -8.61 8.28
N GLU A 171 14.84 -9.44 7.36
CA GLU A 171 16.15 -10.10 7.53
C GLU A 171 17.29 -9.30 6.90
N GLN A 172 17.08 -7.99 6.73
CA GLN A 172 18.10 -7.12 6.14
C GLN A 172 19.38 -7.13 6.98
N GLU A 173 19.21 -7.13 8.30
CA GLU A 173 20.35 -7.13 9.22
C GLU A 173 20.05 -7.98 10.45
N PHE A 174 20.43 -9.25 10.38
CA PHE A 174 20.20 -10.17 11.49
C PHE A 174 20.98 -11.47 11.29
N SER A 175 21.85 -11.80 12.24
CA SER A 175 22.66 -13.00 12.17
C SER A 175 22.66 -13.73 13.51
N ASP A 176 22.50 -15.05 13.47
CA ASP A 176 22.49 -15.87 14.68
C ASP A 176 23.62 -16.89 14.65
N GLU A 177 23.82 -17.53 13.49
CA GLU A 177 24.87 -18.53 13.33
C GLU A 177 26.25 -17.88 13.39
N GLU A 178 26.38 -16.71 12.78
CA GLU A 178 27.64 -15.98 12.75
C GLU A 178 27.54 -14.70 13.57
N GLY A 1 35.81 -5.52 -42.17
CA GLY A 1 34.36 -5.82 -42.05
C GLY A 1 33.53 -5.03 -43.03
N ALA A 2 32.69 -5.73 -43.79
CA ALA A 2 31.82 -5.09 -44.78
C ALA A 2 30.75 -4.24 -44.10
N MET A 3 30.10 -4.81 -43.09
CA MET A 3 29.05 -4.11 -42.36
C MET A 3 29.13 -4.40 -40.86
N GLY A 4 28.66 -3.44 -40.06
CA GLY A 4 28.68 -3.60 -38.62
C GLY A 4 27.33 -4.03 -38.06
N PRO A 5 27.27 -5.09 -37.24
CA PRO A 5 26.01 -5.58 -36.67
C PRO A 5 25.47 -4.65 -35.57
N PRO A 6 24.35 -3.95 -35.83
CA PRO A 6 23.74 -3.04 -34.85
C PRO A 6 23.13 -3.78 -33.67
N SER A 7 23.13 -3.13 -32.51
CA SER A 7 22.57 -3.74 -31.30
C SER A 7 21.76 -2.71 -30.51
N SER A 8 20.85 -3.21 -29.67
CA SER A 8 20.00 -2.34 -28.85
C SER A 8 20.23 -2.60 -27.36
N ARG A 9 19.86 -1.64 -26.53
CA ARG A 9 20.02 -1.77 -25.08
C ARG A 9 18.67 -1.89 -24.39
N ASP A 10 17.71 -1.08 -24.83
CA ASP A 10 16.36 -1.08 -24.25
C ASP A 10 15.29 -1.20 -25.34
N ALA A 11 15.64 -1.85 -26.44
CA ALA A 11 14.70 -2.01 -27.55
C ALA A 11 13.53 -2.91 -27.16
N VAL A 12 13.84 -4.08 -26.62
CA VAL A 12 12.80 -5.03 -26.20
C VAL A 12 12.22 -4.67 -24.85
N ARG A 13 13.05 -4.15 -23.95
CA ARG A 13 12.62 -3.76 -22.62
C ARG A 13 12.18 -2.30 -22.58
N VAL A 14 11.11 -2.02 -21.84
CA VAL A 14 10.60 -0.66 -21.71
C VAL A 14 10.76 -0.15 -20.28
N THR A 15 11.31 1.05 -20.15
CA THR A 15 11.54 1.67 -18.84
C THR A 15 10.37 2.55 -18.44
N ALA A 16 9.69 3.13 -19.43
CA ALA A 16 8.56 4.02 -19.17
C ALA A 16 7.23 3.26 -19.22
N SER A 17 6.44 3.38 -18.17
CA SER A 17 5.14 2.71 -18.09
C SER A 17 4.13 3.59 -17.36
N ALA A 18 2.85 3.43 -17.73
CA ALA A 18 1.78 4.21 -17.11
C ALA A 18 0.53 3.36 -16.88
N HIS A 19 0.73 2.07 -16.63
CA HIS A 19 -0.38 1.14 -16.40
C HIS A 19 -0.23 0.47 -15.04
N MET A 20 -1.31 -0.18 -14.59
CA MET A 20 -1.31 -0.86 -13.30
C MET A 20 -0.39 -2.08 -13.32
N LYS A 21 0.73 -1.98 -12.61
CA LYS A 21 1.70 -3.08 -12.55
C LYS A 21 2.25 -3.22 -11.13
N HIS A 22 2.62 -4.45 -10.77
CA HIS A 22 3.17 -4.72 -9.44
C HIS A 22 4.52 -4.02 -9.24
N TRP A 23 4.46 -2.80 -8.73
CA TRP A 23 5.68 -2.02 -8.49
C TRP A 23 6.37 -2.44 -7.19
N LEU A 24 5.70 -3.26 -6.38
CA LEU A 24 6.25 -3.74 -5.12
C LEU A 24 7.51 -4.57 -5.34
N GLU A 25 7.56 -5.31 -6.43
CA GLU A 25 8.70 -6.14 -6.76
C GLU A 25 9.93 -5.30 -7.14
N PRO A 26 9.83 -4.47 -8.20
CA PRO A 26 10.94 -3.63 -8.67
C PRO A 26 11.42 -2.59 -7.65
N VAL A 27 10.49 -2.05 -6.87
CA VAL A 27 10.82 -1.04 -5.87
C VAL A 27 11.85 -1.58 -4.87
N LEU A 28 11.74 -2.86 -4.54
CA LEU A 28 12.65 -3.49 -3.59
C LEU A 28 13.77 -4.26 -4.31
N CYS A 29 13.76 -4.26 -5.64
CA CYS A 29 14.77 -4.98 -6.41
C CYS A 29 15.67 -4.03 -7.22
N GLU A 30 15.07 -3.28 -8.13
CA GLU A 30 15.82 -2.36 -8.98
C GLU A 30 15.91 -0.96 -8.37
N ALA A 31 14.81 -0.49 -7.80
CA ALA A 31 14.77 0.83 -7.19
C ALA A 31 15.70 0.91 -5.98
N GLY A 32 15.79 -0.20 -5.24
CA GLY A 32 16.65 -0.24 -4.07
C GLY A 32 16.21 0.72 -2.98
N LEU A 33 14.90 0.89 -2.82
CA LEU A 33 14.36 1.80 -1.81
C LEU A 33 14.80 1.36 -0.42
N GLY A 34 15.13 2.35 0.42
CA GLY A 34 15.56 2.07 1.77
C GLY A 34 14.58 2.56 2.82
N HIS A 35 15.09 2.87 4.01
CA HIS A 35 14.26 3.35 5.10
C HIS A 35 13.60 4.69 4.76
N ASN A 36 14.39 5.63 4.26
CA ASN A 36 13.88 6.96 3.90
C ASN A 36 13.91 7.15 2.38
N TYR A 37 12.87 6.67 1.71
CA TYR A 37 12.75 6.79 0.26
C TYR A 37 11.32 7.10 -0.15
N LYS A 38 11.18 7.73 -1.31
CA LYS A 38 9.85 8.09 -1.84
C LYS A 38 9.84 8.06 -3.37
N VAL A 39 8.89 7.31 -3.93
CA VAL A 39 8.76 7.20 -5.38
C VAL A 39 7.32 7.46 -5.82
N ASP A 40 7.13 7.78 -7.09
CA ASP A 40 5.81 8.06 -7.63
C ASP A 40 5.26 6.84 -8.38
N LYS A 41 4.06 6.41 -8.00
CA LYS A 41 3.41 5.25 -8.62
C LYS A 41 1.91 5.27 -8.37
N VAL A 42 1.20 4.34 -9.00
CA VAL A 42 -0.25 4.25 -8.85
C VAL A 42 -0.63 3.12 -7.89
N LEU A 43 -1.49 3.44 -6.92
CA LEU A 43 -1.94 2.47 -5.94
C LEU A 43 -3.46 2.46 -5.84
N LYS A 44 -4.06 1.28 -5.92
CA LYS A 44 -5.52 1.14 -5.84
C LYS A 44 -5.96 0.61 -4.49
N VAL A 45 -6.98 1.25 -3.92
CA VAL A 45 -7.53 0.85 -2.62
C VAL A 45 -8.95 0.31 -2.78
N LEU A 46 -9.27 -0.74 -2.03
CA LEU A 46 -10.59 -1.37 -2.12
C LEU A 46 -11.39 -1.27 -0.80
N ARG A 47 -10.72 -0.99 0.31
CA ARG A 47 -11.42 -0.91 1.59
C ARG A 47 -10.95 0.27 2.44
N ILE A 48 -11.91 0.92 3.10
CA ILE A 48 -11.63 2.07 3.96
C ILE A 48 -12.45 1.98 5.25
N TYR A 49 -11.83 2.31 6.37
CA TYR A 49 -12.52 2.26 7.66
C TYR A 49 -12.57 3.64 8.31
N PRO A 50 -13.63 4.42 8.02
CA PRO A 50 -13.79 5.78 8.58
C PRO A 50 -13.80 5.77 10.11
N ARG A 51 -13.31 6.87 10.70
CA ARG A 51 -13.26 6.99 12.15
C ARG A 51 -14.11 8.17 12.64
N SER A 52 -14.28 8.28 13.96
CA SER A 52 -15.06 9.36 14.54
C SER A 52 -14.38 10.72 14.38
N ASN A 53 -13.08 10.69 14.09
CA ASN A 53 -12.31 11.93 13.92
C ASN A 53 -12.84 12.77 12.74
N THR A 54 -13.60 12.14 11.85
CA THR A 54 -14.17 12.83 10.69
C THR A 54 -13.12 13.64 9.93
N LEU A 55 -11.96 13.02 9.71
CA LEU A 55 -10.86 13.67 9.00
C LEU A 55 -10.94 13.36 7.50
N SER A 56 -11.92 12.55 7.10
CA SER A 56 -12.07 12.19 5.69
C SER A 56 -10.83 11.47 5.17
N SER A 57 -10.09 10.83 6.08
CA SER A 57 -8.88 10.11 5.71
C SER A 57 -8.36 9.29 6.90
N LEU A 58 -8.36 7.97 6.76
CA LEU A 58 -7.90 7.08 7.82
C LEU A 58 -7.36 5.79 7.22
N PRO A 59 -6.69 4.94 8.04
CA PRO A 59 -6.11 3.67 7.57
C PRO A 59 -7.05 2.91 6.62
N LEU A 60 -6.49 2.44 5.51
CA LEU A 60 -7.28 1.72 4.50
C LEU A 60 -6.51 0.52 3.96
N CYS A 61 -7.24 -0.52 3.59
CA CYS A 61 -6.64 -1.73 3.04
C CYS A 61 -6.66 -1.66 1.52
N LEU A 62 -5.50 -1.46 0.91
CA LEU A 62 -5.40 -1.35 -0.53
C LEU A 62 -4.82 -2.61 -1.16
N CYS A 63 -5.07 -2.79 -2.46
CA CYS A 63 -4.58 -3.95 -3.18
C CYS A 63 -3.82 -3.50 -4.43
N ASP A 64 -2.56 -3.90 -4.52
CA ASP A 64 -1.72 -3.55 -5.65
C ASP A 64 -1.98 -4.47 -6.84
N ALA A 65 -1.15 -4.37 -7.86
CA ALA A 65 -1.29 -5.18 -9.06
C ALA A 65 -1.21 -6.68 -8.75
N ASN A 66 -0.30 -7.06 -7.86
CA ASN A 66 -0.12 -8.47 -7.51
C ASN A 66 -0.28 -8.73 -6.00
N TYR A 67 0.15 -7.79 -5.18
CA TYR A 67 0.06 -7.95 -3.72
C TYR A 67 -0.72 -6.82 -3.07
N LYS A 68 -1.20 -7.05 -1.85
CA LYS A 68 -1.96 -6.06 -1.10
C LYS A 68 -1.40 -5.88 0.30
N ILE A 69 -1.26 -4.62 0.73
CA ILE A 69 -0.72 -4.31 2.05
C ILE A 69 -1.54 -3.24 2.75
N LEU A 70 -1.33 -3.09 4.05
CA LEU A 70 -2.05 -2.09 4.84
C LEU A 70 -1.33 -0.75 4.72
N ALA A 71 -2.10 0.34 4.75
CA ALA A 71 -1.53 1.68 4.64
C ALA A 71 -2.37 2.71 5.37
N PHE A 72 -1.75 3.82 5.76
CA PHE A 72 -2.43 4.89 6.46
C PHE A 72 -1.85 6.24 6.07
N ALA A 73 -2.71 7.24 5.92
CA ALA A 73 -2.28 8.59 5.54
C ALA A 73 -2.15 9.50 6.76
N ASN A 74 -1.05 10.24 6.83
CA ASN A 74 -0.82 11.16 7.95
C ASN A 74 -1.68 12.42 7.77
N TYR A 75 -1.87 13.15 8.87
CA TYR A 75 -2.69 14.37 8.85
C TYR A 75 -2.26 15.36 7.77
N LYS A 76 -0.96 15.42 7.49
CA LYS A 76 -0.45 16.33 6.46
C LYS A 76 -1.08 16.00 5.12
N ALA A 77 -1.20 14.71 4.85
CA ALA A 77 -1.80 14.24 3.61
C ALA A 77 -3.31 14.49 3.61
N ILE A 78 -3.92 14.34 4.79
CA ILE A 78 -5.35 14.56 4.95
C ILE A 78 -5.72 16.00 4.70
N ALA A 79 -5.06 16.91 5.41
CA ALA A 79 -5.33 18.34 5.28
C ALA A 79 -5.02 18.84 3.86
N ALA A 80 -3.93 18.35 3.29
CA ALA A 80 -3.54 18.76 1.94
C ALA A 80 -4.58 18.35 0.90
N PHE A 81 -4.98 17.08 0.94
CA PHE A 81 -5.98 16.56 0.01
C PHE A 81 -7.30 17.29 0.17
N GLU A 82 -7.64 17.63 1.41
CA GLU A 82 -8.90 18.34 1.70
C GLU A 82 -8.96 19.67 0.97
N ARG A 83 -7.84 20.37 0.93
CA ARG A 83 -7.77 21.67 0.26
C ARG A 83 -7.77 21.50 -1.26
N LYS A 84 -7.04 20.49 -1.74
CA LYS A 84 -6.93 20.23 -3.17
C LYS A 84 -8.27 19.80 -3.78
N GLU A 85 -8.94 18.83 -3.14
CA GLU A 85 -10.21 18.32 -3.64
C GLU A 85 -11.42 19.03 -3.01
N ARG A 86 -11.23 19.62 -1.83
CA ARG A 86 -12.31 20.32 -1.14
C ARG A 86 -13.49 19.37 -0.84
N ARG A 87 -13.22 18.07 -0.83
CA ARG A 87 -14.26 17.08 -0.55
C ARG A 87 -13.67 15.82 0.07
N ARG A 88 -14.54 14.94 0.56
CA ARG A 88 -14.10 13.69 1.18
C ARG A 88 -13.51 12.75 0.14
N VAL A 89 -12.26 12.34 0.35
CA VAL A 89 -11.56 11.46 -0.57
C VAL A 89 -11.91 9.98 -0.33
N THR A 90 -12.12 9.63 0.94
CA THR A 90 -12.43 8.25 1.30
C THR A 90 -13.73 7.75 0.70
N GLN A 91 -14.61 8.66 0.29
CA GLN A 91 -15.89 8.28 -0.27
C GLN A 91 -15.72 7.47 -1.56
N ASN A 92 -15.53 8.14 -2.70
CA ASN A 92 -15.38 7.45 -3.98
C ASN A 92 -14.03 7.76 -4.66
N LEU A 93 -13.34 8.79 -4.18
CA LEU A 93 -12.06 9.19 -4.77
C LEU A 93 -10.98 8.12 -4.59
N LEU A 94 -10.90 7.55 -3.38
CA LEU A 94 -9.89 6.54 -3.08
C LEU A 94 -10.02 5.32 -4.00
N ASN A 95 -11.25 4.89 -4.27
CA ASN A 95 -11.47 3.73 -5.14
C ASN A 95 -10.72 3.89 -6.47
N SER A 96 -10.55 5.14 -6.90
CA SER A 96 -9.84 5.43 -8.14
C SER A 96 -8.33 5.25 -7.96
N GLU A 97 -7.56 5.67 -8.95
CA GLU A 97 -6.11 5.55 -8.90
C GLU A 97 -5.50 6.69 -8.08
N ILE A 98 -4.56 6.35 -7.20
CA ILE A 98 -3.90 7.33 -6.35
C ILE A 98 -2.39 7.34 -6.56
N MET A 99 -1.81 8.53 -6.48
CA MET A 99 -0.36 8.69 -6.64
C MET A 99 0.25 9.21 -5.35
N ILE A 100 1.05 8.39 -4.69
CA ILE A 100 1.68 8.78 -3.43
C ILE A 100 3.04 9.44 -3.69
N HIS A 101 3.18 10.69 -3.25
CA HIS A 101 4.42 11.43 -3.43
C HIS A 101 5.53 10.83 -2.60
N SER A 102 5.21 10.41 -1.38
CA SER A 102 6.19 9.82 -0.48
C SER A 102 5.54 8.80 0.46
N PHE A 103 6.32 7.79 0.85
CA PHE A 103 5.82 6.75 1.75
C PHE A 103 6.94 6.18 2.62
N THR A 104 6.59 5.82 3.86
CA THR A 104 7.57 5.27 4.80
C THR A 104 7.14 3.87 5.26
N ILE A 105 8.11 2.98 5.40
CA ILE A 105 7.84 1.61 5.83
C ILE A 105 7.65 1.54 7.35
N ARG A 106 6.65 0.77 7.77
CA ARG A 106 6.36 0.60 9.20
C ARG A 106 5.97 -0.83 9.49
N PHE A 107 6.27 -1.30 10.70
CA PHE A 107 5.95 -2.67 11.10
C PHE A 107 4.62 -2.73 11.86
N TYR A 108 3.87 -3.81 11.64
CA TYR A 108 2.59 -4.02 12.29
C TYR A 108 2.43 -5.46 12.73
N ASN A 109 1.76 -5.66 13.87
CA ASN A 109 1.53 -7.00 14.40
C ASN A 109 0.05 -7.36 14.30
N ASP A 110 -0.30 -8.59 14.67
CA ASP A 110 -1.68 -9.06 14.61
C ASP A 110 -2.58 -8.17 15.47
N ASP A 111 -2.05 -7.73 16.61
CA ASP A 111 -2.81 -6.87 17.51
C ASP A 111 -2.95 -5.46 16.94
N GLN A 112 -1.89 -4.96 16.31
CA GLN A 112 -1.90 -3.63 15.72
C GLN A 112 -2.90 -3.55 14.58
N VAL A 113 -2.80 -4.50 13.65
CA VAL A 113 -3.70 -4.55 12.50
C VAL A 113 -5.15 -4.75 12.94
N GLN A 114 -5.34 -5.46 14.06
CA GLN A 114 -6.67 -5.70 14.60
C GLN A 114 -7.37 -4.39 14.93
N GLY A 115 -6.67 -3.53 15.66
CA GLY A 115 -7.24 -2.24 16.02
C GLY A 115 -7.26 -1.26 14.86
N PHE A 116 -6.25 -1.37 14.00
CA PHE A 116 -6.16 -0.48 12.83
C PHE A 116 -7.39 -0.63 11.93
N PHE A 117 -7.85 -1.86 11.75
CA PHE A 117 -9.02 -2.13 10.92
C PHE A 117 -10.10 -2.86 11.73
N ASP A 118 -11.06 -3.47 11.02
CA ASP A 118 -12.17 -4.19 11.67
C ASP A 118 -11.67 -5.22 12.67
N GLY A 119 -10.63 -5.95 12.29
CA GLY A 119 -10.06 -6.96 13.18
C GLY A 119 -9.70 -8.25 12.47
N LEU A 120 -9.12 -8.14 11.28
CA LEU A 120 -8.73 -9.30 10.50
C LEU A 120 -7.41 -9.88 11.03
N LYS A 121 -7.37 -11.20 11.19
CA LYS A 121 -6.17 -11.88 11.70
C LYS A 121 -5.16 -12.11 10.58
N PHE A 122 -3.89 -11.87 10.90
CA PHE A 122 -2.80 -12.07 9.95
C PHE A 122 -2.01 -13.32 10.29
N LYS A 123 -1.65 -14.09 9.26
CA LYS A 123 -0.89 -15.33 9.47
C LYS A 123 0.59 -15.11 9.18
N GLN A 124 1.40 -15.09 10.24
CA GLN A 124 2.85 -14.91 10.10
C GLN A 124 3.61 -16.20 10.39
N LYS A 125 2.87 -17.31 10.50
CA LYS A 125 3.48 -18.62 10.78
C LYS A 125 4.22 -18.60 12.12
N ALA A 126 3.54 -18.15 13.15
CA ALA A 126 4.13 -18.09 14.49
C ALA A 126 5.43 -17.29 14.48
N SER A 127 5.33 -15.99 14.76
CA SER A 127 6.50 -15.13 14.78
C SER A 127 6.69 -14.47 16.15
N LEU A 128 7.94 -14.36 16.57
CA LEU A 128 8.27 -13.74 17.86
C LEU A 128 7.92 -12.27 17.87
N PHE A 129 8.17 -11.61 16.74
CA PHE A 129 7.91 -10.18 16.59
C PHE A 129 7.06 -9.91 15.35
N PRO A 130 6.48 -8.69 15.25
CA PRO A 130 5.66 -8.29 14.11
C PRO A 130 6.42 -8.36 12.79
N GLY A 131 5.76 -8.83 11.74
CA GLY A 131 6.41 -8.93 10.44
C GLY A 131 5.47 -8.59 9.29
N TYR A 132 4.71 -7.50 9.45
CA TYR A 132 3.77 -7.06 8.42
C TYR A 132 4.19 -5.71 7.86
N LEU A 133 4.26 -5.61 6.53
CA LEU A 133 4.66 -4.37 5.87
C LEU A 133 3.48 -3.42 5.71
N VAL A 134 3.61 -2.23 6.28
CA VAL A 134 2.57 -1.21 6.20
C VAL A 134 3.16 0.12 5.75
N LEU A 135 2.56 0.73 4.73
CA LEU A 135 3.04 2.00 4.20
C LEU A 135 2.34 3.18 4.85
N GLU A 136 2.96 4.35 4.75
CA GLU A 136 2.42 5.58 5.30
C GLU A 136 2.28 6.62 4.18
N ILE A 137 1.11 7.23 4.08
CA ILE A 137 0.88 8.24 3.04
C ILE A 137 1.11 9.65 3.57
N ASN A 138 2.29 10.18 3.31
CA ASN A 138 2.64 11.52 3.75
C ASN A 138 1.93 12.56 2.88
N ASP A 139 1.91 12.30 1.57
CA ASP A 139 1.26 13.17 0.62
C ASP A 139 0.92 12.39 -0.65
N PHE A 140 -0.36 12.40 -1.03
CA PHE A 140 -0.80 11.68 -2.21
C PHE A 140 -1.73 12.54 -3.07
N SER A 141 -1.86 12.17 -4.34
CA SER A 141 -2.71 12.91 -5.27
C SER A 141 -3.43 11.94 -6.20
N MET A 142 -4.66 12.28 -6.57
CA MET A 142 -5.45 11.43 -7.47
C MET A 142 -4.80 11.35 -8.85
N PHE A 143 -4.24 10.18 -9.15
CA PHE A 143 -3.59 9.96 -10.44
C PHE A 143 -4.61 9.92 -11.57
N ASN A 144 -5.75 9.29 -11.31
CA ASN A 144 -6.81 9.19 -12.31
C ASN A 144 -8.18 9.40 -11.66
N ARG A 145 -8.97 10.30 -12.26
CA ARG A 145 -10.30 10.61 -11.75
C ARG A 145 -11.25 9.43 -11.93
N ASP A 146 -11.01 8.61 -12.94
CA ASP A 146 -11.85 7.45 -13.24
C ASP A 146 -11.88 6.48 -12.05
N GLN A 147 -13.09 6.05 -11.69
CA GLN A 147 -13.27 5.12 -10.58
C GLN A 147 -13.15 3.68 -11.07
N LEU A 148 -12.01 3.05 -10.78
CA LEU A 148 -11.78 1.67 -11.18
C LEU A 148 -11.70 0.74 -9.98
N ILE A 149 -12.35 -0.42 -10.08
CA ILE A 149 -12.35 -1.40 -9.00
C ILE A 149 -11.42 -2.56 -9.33
N LEU A 150 -10.64 -3.01 -8.35
CA LEU A 150 -9.72 -4.12 -8.57
C LEU A 150 -10.43 -5.46 -8.34
N SER A 151 -11.01 -5.99 -9.40
CA SER A 151 -11.73 -7.27 -9.33
C SER A 151 -10.77 -8.44 -9.12
N ASN A 152 -9.49 -8.23 -9.38
CA ASN A 152 -8.48 -9.27 -9.23
C ASN A 152 -7.89 -9.28 -7.81
N ALA A 153 -8.50 -8.54 -6.89
CA ALA A 153 -8.03 -8.48 -5.52
C ALA A 153 -8.08 -9.86 -4.85
N GLY A 154 -9.11 -10.63 -5.17
CA GLY A 154 -9.25 -11.96 -4.60
C GLY A 154 -8.13 -12.89 -5.00
N THR A 155 -7.62 -12.71 -6.21
CA THR A 155 -6.53 -13.54 -6.73
C THR A 155 -5.20 -13.16 -6.06
N ILE A 156 -5.07 -11.87 -5.73
CA ILE A 156 -3.86 -11.35 -5.10
C ILE A 156 -3.48 -12.17 -3.86
N GLU A 157 -2.19 -12.40 -3.70
CA GLU A 157 -1.68 -13.17 -2.57
C GLU A 157 -1.43 -12.25 -1.37
N PHE A 158 -1.71 -12.77 -0.18
CA PHE A 158 -1.53 -12.01 1.06
C PHE A 158 -0.07 -11.59 1.24
N LEU A 159 0.12 -10.36 1.70
CA LEU A 159 1.47 -9.83 1.92
C LEU A 159 2.08 -10.36 3.22
N TYR A 160 1.29 -11.05 4.04
CA TYR A 160 1.77 -11.59 5.30
C TYR A 160 2.18 -13.06 5.16
N GLY A 161 2.43 -13.49 3.93
CA GLY A 161 2.84 -14.86 3.68
C GLY A 161 3.77 -15.00 2.49
N THR A 162 4.49 -13.93 2.18
CA THR A 162 5.42 -13.92 1.05
C THR A 162 6.87 -13.81 1.55
N PRO A 163 7.65 -14.90 1.44
CA PRO A 163 9.05 -14.90 1.89
C PRO A 163 9.89 -13.78 1.27
N ARG A 164 9.50 -13.36 0.06
CA ARG A 164 10.21 -12.29 -0.65
C ARG A 164 10.22 -11.00 0.15
N TYR A 165 9.04 -10.55 0.58
CA TYR A 165 8.93 -9.32 1.36
C TYR A 165 9.51 -9.51 2.75
N ILE A 166 9.27 -10.68 3.33
CA ILE A 166 9.75 -11.01 4.67
C ILE A 166 11.28 -11.04 4.70
N ALA A 167 11.89 -11.59 3.66
CA ALA A 167 13.35 -11.68 3.60
C ALA A 167 14.02 -10.33 3.45
N ARG A 168 13.37 -9.41 2.75
CA ARG A 168 13.93 -8.08 2.52
C ARG A 168 13.95 -7.22 3.80
N PHE A 169 12.99 -7.45 4.69
CA PHE A 169 12.92 -6.66 5.92
C PHE A 169 13.25 -7.50 7.17
N ILE A 170 12.68 -8.70 7.25
CA ILE A 170 12.89 -9.57 8.40
C ILE A 170 14.29 -10.20 8.40
N GLU A 171 14.72 -10.68 7.24
CA GLU A 171 16.03 -11.32 7.12
C GLU A 171 17.15 -10.33 6.81
N GLN A 172 16.92 -9.05 7.10
CA GLN A 172 17.93 -8.01 6.86
C GLN A 172 19.21 -8.31 7.66
N GLU A 173 19.04 -8.69 8.92
CA GLU A 173 20.17 -9.01 9.78
C GLU A 173 20.84 -10.30 9.35
N PHE A 174 20.07 -11.20 8.73
CA PHE A 174 20.59 -12.49 8.28
C PHE A 174 21.72 -12.31 7.27
N SER A 175 21.55 -11.36 6.35
CA SER A 175 22.56 -11.09 5.33
C SER A 175 23.06 -9.65 5.44
N ASP A 176 24.38 -9.49 5.41
CA ASP A 176 25.00 -8.17 5.50
C ASP A 176 26.39 -8.17 4.87
N GLU A 177 26.61 -9.05 3.91
CA GLU A 177 27.91 -9.16 3.23
C GLU A 177 28.27 -7.85 2.53
N GLU A 178 27.27 -7.22 1.92
CA GLU A 178 27.48 -5.95 1.21
C GLU A 178 26.38 -4.95 1.55
N GLY A 1 -23.53 -0.22 -34.18
CA GLY A 1 -22.22 0.49 -34.28
C GLY A 1 -21.53 0.25 -35.60
N ALA A 2 -21.69 -0.95 -36.15
CA ALA A 2 -21.07 -1.31 -37.43
C ALA A 2 -19.54 -1.21 -37.37
N MET A 3 -18.99 -1.28 -36.16
CA MET A 3 -17.55 -1.19 -35.97
C MET A 3 -16.98 0.12 -36.53
N GLY A 4 -17.69 1.21 -36.30
CA GLY A 4 -17.25 2.51 -36.78
C GLY A 4 -17.20 3.56 -35.69
N PRO A 5 -16.52 3.29 -34.56
CA PRO A 5 -16.40 4.24 -33.45
C PRO A 5 -15.29 5.26 -33.68
N PRO A 6 -15.53 6.55 -33.35
CA PRO A 6 -14.53 7.61 -33.53
C PRO A 6 -13.35 7.43 -32.58
N SER A 7 -12.14 7.67 -33.08
CA SER A 7 -10.93 7.54 -32.27
C SER A 7 -10.29 8.91 -32.02
N SER A 8 -9.68 9.48 -33.07
CA SER A 8 -9.04 10.78 -32.96
C SER A 8 -8.91 11.44 -34.32
N ARG A 9 -8.50 12.71 -34.32
CA ARG A 9 -8.33 13.46 -35.56
C ARG A 9 -7.00 13.11 -36.24
N ASP A 10 -5.89 13.49 -35.60
CA ASP A 10 -4.56 13.22 -36.13
C ASP A 10 -3.68 12.55 -35.07
N ALA A 11 -4.31 11.82 -34.15
CA ALA A 11 -3.59 11.11 -33.09
C ALA A 11 -3.12 9.75 -33.57
N VAL A 12 -2.34 9.07 -32.72
CA VAL A 12 -1.83 7.75 -33.05
C VAL A 12 -2.50 6.66 -32.20
N ARG A 13 -2.09 5.41 -32.42
CA ARG A 13 -2.66 4.29 -31.68
C ARG A 13 -2.25 4.31 -30.21
N VAL A 14 -1.00 4.67 -29.94
CA VAL A 14 -0.50 4.70 -28.56
C VAL A 14 -0.31 6.14 -28.08
N THR A 15 -0.85 6.44 -26.90
CA THR A 15 -0.74 7.77 -26.33
C THR A 15 -0.95 7.73 -24.81
N ALA A 16 -2.01 7.04 -24.39
CA ALA A 16 -2.33 6.93 -22.98
C ALA A 16 -1.38 5.96 -22.27
N SER A 17 -1.03 6.29 -21.03
CA SER A 17 -0.12 5.44 -20.25
C SER A 17 -0.89 4.38 -19.47
N ALA A 18 -0.15 3.43 -18.89
CA ALA A 18 -0.77 2.36 -18.12
C ALA A 18 -1.06 2.80 -16.69
N HIS A 19 -2.30 2.59 -16.25
CA HIS A 19 -2.71 2.98 -14.90
C HIS A 19 -1.95 2.20 -13.83
N MET A 20 -1.47 1.00 -14.17
CA MET A 20 -0.74 0.17 -13.23
C MET A 20 0.07 -0.89 -13.97
N LYS A 21 1.22 -1.27 -13.40
CA LYS A 21 2.08 -2.28 -14.01
C LYS A 21 2.93 -2.98 -12.96
N HIS A 22 2.33 -3.29 -11.80
CA HIS A 22 3.03 -3.97 -10.72
C HIS A 22 4.25 -3.17 -10.26
N TRP A 23 4.12 -2.47 -9.15
CA TRP A 23 5.23 -1.66 -8.63
C TRP A 23 5.90 -2.31 -7.42
N LEU A 24 5.18 -3.19 -6.71
CA LEU A 24 5.75 -3.88 -5.55
C LEU A 24 6.97 -4.71 -5.92
N GLU A 25 6.90 -5.38 -7.07
CA GLU A 25 8.02 -6.22 -7.52
C GLU A 25 9.23 -5.39 -7.95
N PRO A 26 9.07 -4.46 -8.92
CA PRO A 26 10.18 -3.62 -9.41
C PRO A 26 10.77 -2.71 -8.33
N VAL A 27 9.91 -2.11 -7.51
CA VAL A 27 10.37 -1.20 -6.46
C VAL A 27 11.46 -1.84 -5.59
N LEU A 28 11.36 -3.15 -5.38
CA LEU A 28 12.35 -3.88 -4.58
C LEU A 28 13.52 -4.38 -5.43
N CYS A 29 13.49 -4.10 -6.73
CA CYS A 29 14.56 -4.55 -7.62
C CYS A 29 15.23 -3.37 -8.34
N GLU A 30 14.46 -2.62 -9.12
CA GLU A 30 15.01 -1.49 -9.87
C GLU A 30 15.05 -0.21 -9.02
N ALA A 31 13.99 0.03 -8.26
CA ALA A 31 13.92 1.23 -7.42
C ALA A 31 14.85 1.11 -6.23
N GLY A 32 15.01 -0.11 -5.71
CA GLY A 32 15.88 -0.34 -4.57
C GLY A 32 15.60 0.60 -3.40
N LEU A 33 14.35 0.62 -2.95
CA LEU A 33 13.97 1.48 -1.83
C LEU A 33 14.58 0.96 -0.52
N GLY A 34 14.76 1.87 0.43
CA GLY A 34 15.33 1.49 1.71
C GLY A 34 14.98 2.45 2.83
N HIS A 35 15.94 2.74 3.68
CA HIS A 35 15.74 3.65 4.80
C HIS A 35 15.42 5.07 4.30
N ASN A 36 14.13 5.40 4.33
CA ASN A 36 13.67 6.73 3.90
C ASN A 36 13.86 6.91 2.39
N TYR A 37 12.81 6.59 1.62
CA TYR A 37 12.85 6.72 0.18
C TYR A 37 11.53 7.31 -0.34
N LYS A 38 11.56 7.85 -1.55
CA LYS A 38 10.36 8.45 -2.14
C LYS A 38 10.32 8.28 -3.66
N VAL A 39 9.32 7.55 -4.15
CA VAL A 39 9.14 7.32 -5.57
C VAL A 39 7.70 7.62 -6.00
N ASP A 40 7.50 7.85 -7.30
CA ASP A 40 6.16 8.15 -7.82
C ASP A 40 5.54 6.90 -8.45
N LYS A 41 4.31 6.58 -8.01
CA LYS A 41 3.61 5.42 -8.52
C LYS A 41 2.13 5.45 -8.13
N VAL A 42 1.35 4.55 -8.71
CA VAL A 42 -0.09 4.48 -8.45
C VAL A 42 -0.42 3.44 -7.37
N LEU A 43 -1.49 3.70 -6.62
CA LEU A 43 -1.93 2.79 -5.57
C LEU A 43 -3.47 2.73 -5.54
N LYS A 44 -4.01 1.52 -5.37
CA LYS A 44 -5.46 1.32 -5.33
C LYS A 44 -5.92 0.80 -3.98
N VAL A 45 -7.04 1.35 -3.49
CA VAL A 45 -7.63 0.97 -2.21
C VAL A 45 -8.86 0.10 -2.42
N LEU A 46 -9.06 -0.88 -1.54
CA LEU A 46 -10.22 -1.78 -1.64
C LEU A 46 -11.14 -1.66 -0.44
N ARG A 47 -10.58 -1.37 0.74
CA ARG A 47 -11.39 -1.26 1.95
C ARG A 47 -10.97 -0.06 2.80
N ILE A 48 -11.95 0.67 3.31
CA ILE A 48 -11.71 1.84 4.15
C ILE A 48 -12.66 1.85 5.34
N TYR A 49 -12.11 2.07 6.54
CA TYR A 49 -12.91 2.11 7.75
C TYR A 49 -12.92 3.51 8.37
N PRO A 50 -13.91 4.35 8.00
CA PRO A 50 -14.01 5.72 8.51
C PRO A 50 -14.05 5.76 10.05
N ARG A 51 -13.54 6.85 10.62
CA ARG A 51 -13.52 7.02 12.07
C ARG A 51 -14.45 8.15 12.51
N SER A 52 -14.75 8.20 13.80
CA SER A 52 -15.63 9.22 14.36
C SER A 52 -15.08 10.63 14.13
N ASN A 53 -13.78 10.75 13.91
CA ASN A 53 -13.14 12.05 13.69
C ASN A 53 -13.71 12.73 12.44
N THR A 54 -14.08 11.91 11.44
CA THR A 54 -14.64 12.43 10.20
C THR A 54 -13.65 13.32 9.44
N LEU A 55 -12.46 12.79 9.18
CA LEU A 55 -11.43 13.53 8.46
C LEU A 55 -11.33 13.06 7.01
N SER A 56 -12.15 12.08 6.64
CA SER A 56 -12.15 11.53 5.28
C SER A 56 -10.80 10.91 4.96
N SER A 57 -10.17 10.30 5.97
CA SER A 57 -8.87 9.66 5.79
C SER A 57 -8.45 8.96 7.09
N LEU A 58 -8.42 7.63 7.04
CA LEU A 58 -8.05 6.82 8.20
C LEU A 58 -7.46 5.48 7.76
N PRO A 59 -6.88 4.70 8.68
CA PRO A 59 -6.29 3.39 8.35
C PRO A 59 -7.21 2.58 7.45
N LEU A 60 -6.68 2.09 6.33
CA LEU A 60 -7.48 1.34 5.38
C LEU A 60 -6.66 0.30 4.62
N CYS A 61 -7.34 -0.71 4.09
CA CYS A 61 -6.67 -1.77 3.32
C CYS A 61 -6.63 -1.41 1.84
N LEU A 62 -5.49 -1.67 1.21
CA LEU A 62 -5.32 -1.36 -0.21
C LEU A 62 -4.57 -2.47 -0.93
N CYS A 63 -4.88 -2.64 -2.22
CA CYS A 63 -4.23 -3.66 -3.04
C CYS A 63 -3.83 -3.05 -4.37
N ASP A 64 -2.55 -3.15 -4.70
CA ASP A 64 -2.05 -2.58 -5.96
C ASP A 64 -2.23 -3.54 -7.12
N ALA A 65 -1.27 -4.44 -7.35
CA ALA A 65 -1.36 -5.39 -8.45
C ALA A 65 -1.07 -6.82 -8.00
N ASN A 66 0.18 -7.06 -7.60
CA ASN A 66 0.60 -8.40 -7.18
C ASN A 66 0.14 -8.74 -5.76
N TYR A 67 0.33 -7.81 -4.82
CA TYR A 67 -0.06 -8.06 -3.43
C TYR A 67 -0.74 -6.85 -2.81
N LYS A 68 -1.29 -7.05 -1.62
CA LYS A 68 -1.97 -5.99 -0.88
C LYS A 68 -1.32 -5.79 0.48
N ILE A 69 -1.25 -4.53 0.92
CA ILE A 69 -0.63 -4.21 2.21
C ILE A 69 -1.43 -3.13 2.95
N LEU A 70 -1.22 -3.05 4.26
CA LEU A 70 -1.91 -2.06 5.08
C LEU A 70 -1.23 -0.71 4.93
N ALA A 71 -1.98 0.38 5.06
CA ALA A 71 -1.42 1.71 4.93
C ALA A 71 -2.19 2.73 5.77
N PHE A 72 -1.50 3.79 6.16
CA PHE A 72 -2.09 4.85 6.97
C PHE A 72 -1.63 6.21 6.45
N ALA A 73 -2.59 7.11 6.23
CA ALA A 73 -2.28 8.44 5.72
C ALA A 73 -2.14 9.46 6.86
N ASN A 74 -1.11 10.29 6.78
CA ASN A 74 -0.85 11.31 7.78
C ASN A 74 -1.81 12.48 7.59
N TYR A 75 -2.16 13.15 8.69
CA TYR A 75 -3.08 14.29 8.64
C TYR A 75 -2.64 15.33 7.62
N LYS A 76 -1.33 15.50 7.44
CA LYS A 76 -0.81 16.45 6.48
C LYS A 76 -1.31 16.07 5.09
N ALA A 77 -1.32 14.77 4.83
CA ALA A 77 -1.79 14.23 3.57
C ALA A 77 -3.31 14.38 3.47
N ILE A 78 -3.99 14.25 4.61
CA ILE A 78 -5.44 14.36 4.67
C ILE A 78 -5.91 15.76 4.31
N ALA A 79 -5.34 16.76 4.96
CA ALA A 79 -5.69 18.16 4.71
C ALA A 79 -5.43 18.57 3.26
N ALA A 80 -4.43 17.95 2.65
CA ALA A 80 -4.07 18.27 1.26
C ALA A 80 -5.25 18.08 0.30
N PHE A 81 -5.84 16.88 0.30
CA PHE A 81 -6.95 16.60 -0.59
C PHE A 81 -8.16 17.48 -0.25
N GLU A 82 -8.31 17.80 1.04
CA GLU A 82 -9.42 18.64 1.48
C GLU A 82 -9.36 20.01 0.81
N ARG A 83 -8.16 20.58 0.73
CA ARG A 83 -7.98 21.87 0.09
C ARG A 83 -8.09 21.76 -1.43
N LYS A 84 -7.57 20.67 -1.98
CA LYS A 84 -7.59 20.44 -3.42
C LYS A 84 -8.99 20.15 -3.96
N GLU A 85 -9.62 19.09 -3.46
CA GLU A 85 -10.94 18.69 -3.94
C GLU A 85 -12.08 19.26 -3.09
N ARG A 86 -11.80 19.63 -1.84
CA ARG A 86 -12.82 20.18 -0.95
C ARG A 86 -13.97 19.18 -0.76
N ARG A 87 -13.63 17.89 -0.79
CA ARG A 87 -14.61 16.84 -0.61
C ARG A 87 -13.99 15.62 0.05
N ARG A 88 -14.82 14.65 0.44
CA ARG A 88 -14.34 13.43 1.09
C ARG A 88 -13.66 12.52 0.06
N VAL A 89 -12.35 12.35 0.21
CA VAL A 89 -11.56 11.53 -0.71
C VAL A 89 -11.86 10.03 -0.55
N THR A 90 -12.05 9.59 0.70
CA THR A 90 -12.30 8.17 0.98
C THR A 90 -13.55 7.64 0.27
N GLN A 91 -14.42 8.54 -0.17
CA GLN A 91 -15.65 8.14 -0.85
C GLN A 91 -15.36 7.41 -2.17
N ASN A 92 -15.09 8.16 -3.23
CA ASN A 92 -14.79 7.56 -4.54
C ASN A 92 -13.42 7.95 -5.08
N LEU A 93 -12.80 8.97 -4.50
CA LEU A 93 -11.49 9.44 -4.98
C LEU A 93 -10.40 8.39 -4.77
N LEU A 94 -10.41 7.72 -3.63
CA LEU A 94 -9.39 6.73 -3.32
C LEU A 94 -9.54 5.47 -4.20
N ASN A 95 -10.79 5.03 -4.39
CA ASN A 95 -11.06 3.84 -5.21
C ASN A 95 -10.52 4.00 -6.63
N SER A 96 -10.58 5.22 -7.16
CA SER A 96 -10.10 5.49 -8.52
C SER A 96 -8.61 5.18 -8.65
N GLU A 97 -7.76 6.17 -8.36
CA GLU A 97 -6.32 6.00 -8.44
C GLU A 97 -5.62 7.07 -7.60
N ILE A 98 -4.53 6.68 -6.93
CA ILE A 98 -3.79 7.61 -6.08
C ILE A 98 -2.30 7.52 -6.31
N MET A 99 -1.63 8.68 -6.24
CA MET A 99 -0.18 8.75 -6.41
C MET A 99 0.46 9.26 -5.12
N ILE A 100 1.26 8.41 -4.49
CA ILE A 100 1.92 8.78 -3.24
C ILE A 100 3.28 9.44 -3.49
N HIS A 101 3.42 10.68 -3.05
CA HIS A 101 4.67 11.42 -3.22
C HIS A 101 5.77 10.83 -2.34
N SER A 102 5.40 10.46 -1.12
CA SER A 102 6.37 9.89 -0.18
C SER A 102 5.72 8.82 0.68
N PHE A 103 6.47 7.74 0.94
CA PHE A 103 5.98 6.64 1.76
C PHE A 103 7.13 5.94 2.47
N THR A 104 6.87 5.46 3.68
CA THR A 104 7.89 4.78 4.48
C THR A 104 7.43 3.39 4.90
N ILE A 105 8.35 2.42 4.85
CA ILE A 105 8.04 1.05 5.23
C ILE A 105 8.08 0.88 6.74
N ARG A 106 7.13 0.10 7.27
CA ARG A 106 7.06 -0.14 8.71
C ARG A 106 6.47 -1.52 9.01
N PHE A 107 6.85 -2.10 10.13
CA PHE A 107 6.36 -3.41 10.53
C PHE A 107 5.11 -3.30 11.40
N TYR A 108 4.23 -4.29 11.33
CA TYR A 108 3.00 -4.30 12.11
C TYR A 108 2.72 -5.70 12.67
N ASN A 109 2.32 -5.75 13.94
CA ASN A 109 2.02 -7.02 14.59
C ASN A 109 0.52 -7.28 14.55
N ASP A 110 0.10 -8.43 15.10
CA ASP A 110 -1.32 -8.80 15.12
C ASP A 110 -2.14 -7.76 15.87
N ASP A 111 -1.60 -7.28 16.98
CA ASP A 111 -2.28 -6.28 17.81
C ASP A 111 -2.32 -4.93 17.10
N GLN A 112 -1.21 -4.59 16.44
CA GLN A 112 -1.11 -3.32 15.73
C GLN A 112 -2.14 -3.22 14.60
N VAL A 113 -2.31 -4.31 13.86
CA VAL A 113 -3.26 -4.35 12.76
C VAL A 113 -4.70 -4.36 13.28
N GLN A 114 -4.91 -4.95 14.46
CA GLN A 114 -6.24 -5.03 15.05
C GLN A 114 -6.83 -3.64 15.25
N GLY A 115 -5.97 -2.70 15.68
CA GLY A 115 -6.42 -1.33 15.89
C GLY A 115 -6.67 -0.60 14.59
N PHE A 116 -5.89 -0.95 13.56
CA PHE A 116 -6.03 -0.33 12.24
C PHE A 116 -7.40 -0.61 11.62
N PHE A 117 -7.86 -1.85 11.78
CA PHE A 117 -9.15 -2.26 11.22
C PHE A 117 -10.13 -2.66 12.33
N ASP A 118 -11.31 -3.13 11.93
CA ASP A 118 -12.34 -3.54 12.89
C ASP A 118 -11.83 -4.64 13.81
N GLY A 119 -11.05 -5.56 13.26
CA GLY A 119 -10.51 -6.66 14.04
C GLY A 119 -9.95 -7.76 13.18
N LEU A 120 -9.26 -7.38 12.11
CA LEU A 120 -8.66 -8.34 11.19
C LEU A 120 -7.44 -9.01 11.84
N LYS A 121 -7.50 -10.33 11.97
CA LYS A 121 -6.42 -11.11 12.58
C LYS A 121 -5.53 -11.74 11.51
N PHE A 122 -4.24 -11.43 11.57
CA PHE A 122 -3.27 -11.98 10.62
C PHE A 122 -2.40 -13.04 11.30
N LYS A 123 -1.98 -14.04 10.54
CA LYS A 123 -1.15 -15.12 11.07
C LYS A 123 0.18 -15.19 10.31
N GLN A 124 1.28 -15.22 11.06
CA GLN A 124 2.61 -15.29 10.47
C GLN A 124 3.16 -16.72 10.49
N LYS A 125 2.29 -17.69 10.75
CA LYS A 125 2.68 -19.11 10.79
C LYS A 125 3.74 -19.35 11.88
N ALA A 126 3.33 -19.19 13.14
CA ALA A 126 4.23 -19.38 14.27
C ALA A 126 5.32 -18.32 14.31
N SER A 127 4.95 -17.12 14.77
CA SER A 127 5.89 -16.01 14.87
C SER A 127 5.61 -15.18 16.11
N LEU A 128 6.66 -14.56 16.66
CA LEU A 128 6.54 -13.73 17.85
C LEU A 128 6.71 -12.25 17.53
N PHE A 129 7.57 -11.96 16.54
CA PHE A 129 7.83 -10.59 16.14
C PHE A 129 6.94 -10.19 14.96
N PRO A 130 6.62 -8.88 14.84
CA PRO A 130 5.79 -8.37 13.74
C PRO A 130 6.44 -8.60 12.38
N GLY A 131 5.63 -8.97 11.38
CA GLY A 131 6.15 -9.20 10.04
C GLY A 131 5.17 -8.79 8.96
N TYR A 132 4.54 -7.63 9.12
CA TYR A 132 3.59 -7.13 8.15
C TYR A 132 4.05 -5.79 7.59
N LEU A 133 4.25 -5.73 6.28
CA LEU A 133 4.69 -4.51 5.62
C LEU A 133 3.55 -3.50 5.55
N VAL A 134 3.75 -2.33 6.17
CA VAL A 134 2.74 -1.29 6.18
C VAL A 134 3.34 0.05 5.74
N LEU A 135 2.66 0.70 4.79
CA LEU A 135 3.12 1.97 4.25
C LEU A 135 2.48 3.15 4.98
N GLU A 136 3.17 4.28 4.93
CA GLU A 136 2.68 5.52 5.55
C GLU A 136 2.54 6.60 4.49
N ILE A 137 1.32 7.09 4.30
CA ILE A 137 1.05 8.12 3.30
C ILE A 137 1.19 9.53 3.89
N ASN A 138 2.38 10.11 3.76
CA ASN A 138 2.63 11.45 4.27
C ASN A 138 1.97 12.49 3.36
N ASP A 139 2.02 12.24 2.05
CA ASP A 139 1.43 13.14 1.07
C ASP A 139 1.13 12.38 -0.22
N PHE A 140 -0.13 12.42 -0.64
CA PHE A 140 -0.54 11.74 -1.87
C PHE A 140 -1.41 12.65 -2.73
N SER A 141 -1.51 12.32 -4.02
CA SER A 141 -2.31 13.11 -4.95
C SER A 141 -3.06 12.20 -5.93
N MET A 142 -4.19 12.70 -6.42
CA MET A 142 -5.02 11.94 -7.36
C MET A 142 -4.28 11.73 -8.69
N PHE A 143 -4.15 10.46 -9.08
CA PHE A 143 -3.46 10.12 -10.33
C PHE A 143 -4.46 10.03 -11.48
N ASN A 144 -5.60 9.38 -11.23
CA ASN A 144 -6.63 9.23 -12.25
C ASN A 144 -8.01 9.61 -11.70
N ARG A 145 -8.79 10.31 -12.52
CA ARG A 145 -10.12 10.75 -12.11
C ARG A 145 -11.16 9.65 -12.31
N ASP A 146 -10.94 8.80 -13.31
CA ASP A 146 -11.86 7.70 -13.60
C ASP A 146 -12.01 6.76 -12.41
N GLN A 147 -13.24 6.31 -12.18
CA GLN A 147 -13.53 5.40 -11.07
C GLN A 147 -13.38 3.94 -11.52
N LEU A 148 -12.50 3.22 -10.85
CA LEU A 148 -12.25 1.81 -11.17
C LEU A 148 -12.14 0.96 -9.91
N ILE A 149 -12.54 -0.30 -10.02
CA ILE A 149 -12.47 -1.23 -8.88
C ILE A 149 -11.53 -2.39 -9.21
N LEU A 150 -10.64 -2.70 -8.26
CA LEU A 150 -9.68 -3.78 -8.46
C LEU A 150 -10.36 -5.15 -8.32
N SER A 151 -10.99 -5.60 -9.41
CA SER A 151 -11.67 -6.89 -9.42
C SER A 151 -10.66 -8.04 -9.37
N ASN A 152 -9.49 -7.81 -9.98
CA ASN A 152 -8.43 -8.81 -10.01
C ASN A 152 -7.90 -9.11 -8.60
N ALA A 153 -8.16 -8.20 -7.66
CA ALA A 153 -7.70 -8.36 -6.28
C ALA A 153 -8.06 -9.73 -5.71
N GLY A 154 -9.11 -10.35 -6.24
CA GLY A 154 -9.52 -11.66 -5.78
C GLY A 154 -8.46 -12.73 -5.96
N THR A 155 -7.74 -12.65 -7.07
CA THR A 155 -6.69 -13.62 -7.37
C THR A 155 -5.40 -13.30 -6.61
N ILE A 156 -5.21 -12.03 -6.26
CA ILE A 156 -4.03 -11.59 -5.53
C ILE A 156 -3.86 -12.38 -4.24
N GLU A 157 -2.60 -12.66 -3.90
CA GLU A 157 -2.27 -13.40 -2.68
C GLU A 157 -1.90 -12.46 -1.55
N PHE A 158 -2.07 -12.93 -0.32
CA PHE A 158 -1.75 -12.12 0.85
C PHE A 158 -0.25 -11.93 1.00
N LEU A 159 0.16 -10.77 1.50
CA LEU A 159 1.56 -10.45 1.69
C LEU A 159 2.12 -11.03 2.99
N TYR A 160 1.27 -11.72 3.75
CA TYR A 160 1.69 -12.30 5.03
C TYR A 160 2.40 -13.66 4.85
N GLY A 161 2.68 -14.04 3.61
CA GLY A 161 3.36 -15.30 3.37
C GLY A 161 4.33 -15.23 2.21
N THR A 162 5.09 -14.14 2.12
CA THR A 162 6.07 -13.96 1.06
C THR A 162 7.49 -14.03 1.62
N PRO A 163 8.29 -15.06 1.26
CA PRO A 163 9.66 -15.21 1.75
C PRO A 163 10.58 -14.07 1.31
N ARG A 164 10.30 -13.50 0.14
CA ARG A 164 11.12 -12.42 -0.39
C ARG A 164 10.95 -11.14 0.42
N TYR A 165 9.71 -10.70 0.60
CA TYR A 165 9.42 -9.47 1.34
C TYR A 165 9.85 -9.60 2.80
N ILE A 166 9.61 -10.77 3.39
CA ILE A 166 9.98 -11.03 4.78
C ILE A 166 11.48 -11.07 4.94
N ALA A 167 12.16 -11.71 3.99
CA ALA A 167 13.62 -11.84 4.03
C ALA A 167 14.32 -10.54 3.63
N ARG A 168 13.58 -9.60 3.05
CA ARG A 168 14.16 -8.33 2.60
C ARG A 168 14.16 -7.29 3.72
N PHE A 169 13.19 -7.36 4.63
CA PHE A 169 13.09 -6.38 5.72
C PHE A 169 13.29 -7.01 7.10
N ILE A 170 12.78 -8.22 7.30
CA ILE A 170 12.89 -8.88 8.60
C ILE A 170 14.20 -9.66 8.78
N GLU A 171 14.50 -10.53 7.82
CA GLU A 171 15.72 -11.35 7.90
C GLU A 171 16.99 -10.53 7.65
N GLN A 172 16.84 -9.28 7.22
CA GLN A 172 18.00 -8.43 6.95
C GLN A 172 18.58 -7.84 8.23
N GLU A 173 17.85 -6.91 8.84
CA GLU A 173 18.31 -6.26 10.06
C GLU A 173 17.95 -7.08 11.31
N PHE A 174 16.66 -7.40 11.44
CA PHE A 174 16.19 -8.17 12.58
C PHE A 174 16.46 -7.45 13.90
N SER A 175 15.52 -6.58 14.29
CA SER A 175 15.66 -5.81 15.53
C SER A 175 14.29 -5.47 16.11
N ASP A 176 14.23 -5.33 17.43
CA ASP A 176 12.99 -5.01 18.12
C ASP A 176 13.06 -3.64 18.80
N GLU A 177 14.26 -3.27 19.26
CA GLU A 177 14.46 -1.98 19.93
C GLU A 177 15.07 -0.95 18.98
N GLU A 178 14.73 -1.06 17.69
CA GLU A 178 15.24 -0.13 16.69
C GLU A 178 14.77 1.30 16.96
N GLY A 1 3.46 -41.96 17.42
CA GLY A 1 3.42 -40.96 18.51
C GLY A 1 2.21 -40.05 18.42
N ALA A 2 2.41 -38.76 18.74
CA ALA A 2 1.33 -37.79 18.69
C ALA A 2 1.63 -36.67 17.70
N MET A 3 0.66 -36.32 16.88
CA MET A 3 0.82 -35.26 15.88
C MET A 3 1.94 -35.59 14.91
N GLY A 4 1.59 -36.27 13.81
CA GLY A 4 2.58 -36.64 12.82
C GLY A 4 3.12 -35.44 12.06
N PRO A 5 4.36 -35.50 11.56
CA PRO A 5 4.98 -34.38 10.82
C PRO A 5 4.37 -34.22 9.42
N PRO A 6 3.92 -33.00 9.06
CA PRO A 6 3.33 -32.74 7.75
C PRO A 6 4.37 -32.79 6.63
N SER A 7 3.92 -33.18 5.43
CA SER A 7 4.81 -33.27 4.28
C SER A 7 4.28 -32.45 3.11
N SER A 8 5.19 -31.94 2.29
CA SER A 8 4.80 -31.13 1.13
C SER A 8 4.89 -31.95 -0.16
N ARG A 9 3.80 -31.92 -0.93
CA ARG A 9 3.74 -32.66 -2.19
C ARG A 9 3.26 -31.76 -3.31
N ASP A 10 2.16 -31.06 -3.06
CA ASP A 10 1.58 -30.14 -4.04
C ASP A 10 1.93 -28.70 -3.70
N ALA A 11 1.90 -28.37 -2.41
CA ALA A 11 2.21 -27.02 -1.94
C ALA A 11 1.45 -25.95 -2.73
N VAL A 12 1.82 -24.69 -2.51
CA VAL A 12 1.17 -23.58 -3.19
C VAL A 12 1.92 -23.19 -4.47
N ARG A 13 1.39 -22.19 -5.18
CA ARG A 13 2.01 -21.72 -6.42
C ARG A 13 1.90 -20.20 -6.54
N VAL A 14 2.72 -19.62 -7.40
CA VAL A 14 2.70 -18.17 -7.62
C VAL A 14 2.25 -17.83 -9.03
N THR A 15 1.28 -16.92 -9.14
CA THR A 15 0.77 -16.52 -10.44
C THR A 15 1.63 -15.42 -11.06
N ALA A 16 1.82 -14.33 -10.31
CA ALA A 16 2.63 -13.21 -10.78
C ALA A 16 2.13 -12.67 -12.11
N SER A 17 1.36 -11.59 -12.06
CA SER A 17 0.81 -10.96 -13.26
C SER A 17 1.48 -9.62 -13.55
N ALA A 18 1.40 -9.18 -14.79
CA ALA A 18 2.00 -7.90 -15.19
C ALA A 18 0.98 -6.77 -15.11
N HIS A 19 1.09 -5.96 -14.06
CA HIS A 19 0.19 -4.84 -13.86
C HIS A 19 0.93 -3.66 -13.22
N MET A 20 0.32 -2.48 -13.29
CA MET A 20 0.93 -1.27 -12.71
C MET A 20 2.28 -0.98 -13.38
N LYS A 21 3.11 -0.14 -12.73
CA LYS A 21 4.41 0.20 -13.27
C LYS A 21 5.51 0.00 -12.23
N HIS A 22 5.93 -1.25 -12.04
CA HIS A 22 6.99 -1.58 -11.08
C HIS A 22 6.62 -1.12 -9.67
N TRP A 23 6.20 -2.07 -8.83
CA TRP A 23 5.81 -1.75 -7.46
C TRP A 23 6.50 -2.68 -6.43
N LEU A 24 5.71 -3.43 -5.65
CA LEU A 24 6.24 -4.32 -4.61
C LEU A 24 7.41 -5.19 -5.07
N GLU A 25 7.31 -5.74 -6.27
CA GLU A 25 8.36 -6.62 -6.79
C GLU A 25 9.71 -5.89 -6.93
N PRO A 26 9.80 -4.87 -7.82
CA PRO A 26 11.04 -4.12 -8.04
C PRO A 26 11.48 -3.27 -6.86
N VAL A 27 10.53 -2.60 -6.21
CA VAL A 27 10.82 -1.73 -5.08
C VAL A 27 11.69 -2.44 -4.03
N LEU A 28 11.46 -3.73 -3.86
CA LEU A 28 12.20 -4.53 -2.88
C LEU A 28 13.72 -4.52 -3.13
N CYS A 29 14.14 -4.92 -4.34
CA CYS A 29 15.56 -4.97 -4.67
C CYS A 29 15.92 -4.15 -5.91
N GLU A 30 15.01 -4.12 -6.89
CA GLU A 30 15.25 -3.38 -8.13
C GLU A 30 15.49 -1.90 -7.86
N ALA A 31 14.73 -1.33 -6.93
CA ALA A 31 14.85 0.08 -6.58
C ALA A 31 15.46 0.25 -5.18
N GLY A 32 15.12 -0.68 -4.28
CA GLY A 32 15.64 -0.63 -2.93
C GLY A 32 15.13 0.55 -2.12
N LEU A 33 13.85 0.87 -2.26
CA LEU A 33 13.26 1.99 -1.52
C LEU A 33 13.14 1.64 -0.04
N GLY A 34 12.79 2.64 0.75
CA GLY A 34 12.64 2.44 2.18
C GLY A 34 11.98 3.63 2.87
N HIS A 35 12.74 4.31 3.72
CA HIS A 35 12.23 5.48 4.44
C HIS A 35 12.79 6.78 3.87
N ASN A 36 13.90 6.68 3.13
CA ASN A 36 14.53 7.87 2.54
C ASN A 36 14.43 7.84 1.01
N TYR A 37 13.39 7.20 0.49
CA TYR A 37 13.18 7.12 -0.96
C TYR A 37 11.77 7.54 -1.33
N LYS A 38 11.62 8.06 -2.54
CA LYS A 38 10.31 8.51 -3.02
C LYS A 38 10.16 8.23 -4.52
N VAL A 39 9.12 7.46 -4.86
CA VAL A 39 8.85 7.12 -6.26
C VAL A 39 7.41 7.39 -6.65
N ASP A 40 7.16 7.50 -7.96
CA ASP A 40 5.82 7.75 -8.46
C ASP A 40 5.18 6.45 -8.94
N LYS A 41 4.15 5.99 -8.25
CA LYS A 41 3.47 4.75 -8.59
C LYS A 41 1.97 4.85 -8.32
N VAL A 42 1.21 3.86 -8.80
CA VAL A 42 -0.23 3.85 -8.61
C VAL A 42 -0.64 2.79 -7.59
N LEU A 43 -1.32 3.23 -6.53
CA LEU A 43 -1.78 2.34 -5.47
C LEU A 43 -3.30 2.41 -5.35
N LYS A 44 -3.95 1.25 -5.43
CA LYS A 44 -5.40 1.18 -5.34
C LYS A 44 -5.86 0.71 -3.96
N VAL A 45 -6.91 1.35 -3.46
CA VAL A 45 -7.48 1.03 -2.15
C VAL A 45 -8.80 0.28 -2.31
N LEU A 46 -9.06 -0.68 -1.42
CA LEU A 46 -10.28 -1.47 -1.49
C LEU A 46 -11.21 -1.26 -0.29
N ARG A 47 -10.64 -0.92 0.87
CA ARG A 47 -11.45 -0.73 2.07
C ARG A 47 -10.99 0.47 2.91
N ILE A 48 -11.97 1.21 3.43
CA ILE A 48 -11.71 2.36 4.29
C ILE A 48 -12.69 2.36 5.46
N TYR A 49 -12.18 2.65 6.66
CA TYR A 49 -13.03 2.67 7.86
C TYR A 49 -13.00 4.05 8.53
N PRO A 50 -13.81 5.01 8.01
CA PRO A 50 -13.87 6.37 8.57
C PRO A 50 -14.31 6.38 10.03
N ARG A 51 -13.84 7.36 10.78
CA ARG A 51 -14.19 7.48 12.20
C ARG A 51 -15.00 8.75 12.46
N SER A 52 -15.48 8.88 13.70
CA SER A 52 -16.29 10.05 14.09
C SER A 52 -15.48 11.34 14.02
N ASN A 53 -14.16 11.23 13.98
CA ASN A 53 -13.29 12.40 13.92
C ASN A 53 -13.54 13.22 12.65
N THR A 54 -14.11 12.58 11.63
CA THR A 54 -14.41 13.26 10.37
C THR A 54 -13.14 13.76 9.69
N LEU A 55 -12.09 12.94 9.74
CA LEU A 55 -10.81 13.29 9.14
C LEU A 55 -10.83 13.02 7.63
N SER A 56 -11.71 12.12 7.19
CA SER A 56 -11.83 11.77 5.78
C SER A 56 -10.55 11.12 5.25
N SER A 57 -9.79 10.49 6.14
CA SER A 57 -8.55 9.81 5.77
C SER A 57 -7.97 9.09 6.97
N LEU A 58 -8.18 7.78 7.03
CA LEU A 58 -7.69 6.95 8.12
C LEU A 58 -7.20 5.60 7.59
N PRO A 59 -6.50 4.79 8.43
CA PRO A 59 -5.99 3.48 8.03
C PRO A 59 -6.94 2.74 7.08
N LEU A 60 -6.44 2.35 5.92
CA LEU A 60 -7.24 1.67 4.92
C LEU A 60 -6.52 0.47 4.33
N CYS A 61 -7.27 -0.60 4.04
CA CYS A 61 -6.70 -1.79 3.46
C CYS A 61 -6.67 -1.66 1.94
N LEU A 62 -5.47 -1.48 1.40
CA LEU A 62 -5.30 -1.30 -0.03
C LEU A 62 -4.62 -2.51 -0.67
N CYS A 63 -4.77 -2.64 -1.98
CA CYS A 63 -4.16 -3.74 -2.73
C CYS A 63 -3.60 -3.23 -4.05
N ASP A 64 -2.29 -3.38 -4.24
CA ASP A 64 -1.64 -2.93 -5.47
C ASP A 64 -1.96 -3.88 -6.62
N ALA A 65 -1.00 -4.72 -7.04
CA ALA A 65 -1.22 -5.65 -8.13
C ALA A 65 -0.78 -7.06 -7.76
N ASN A 66 0.45 -7.18 -7.25
CA ASN A 66 1.01 -8.47 -6.87
C ASN A 66 0.54 -8.89 -5.48
N TYR A 67 0.48 -7.94 -4.55
CA TYR A 67 0.05 -8.22 -3.18
C TYR A 67 -0.63 -7.02 -2.55
N LYS A 68 -0.99 -7.14 -1.27
CA LYS A 68 -1.64 -6.05 -0.55
C LYS A 68 -0.97 -5.82 0.80
N ILE A 69 -0.98 -4.57 1.25
CA ILE A 69 -0.38 -4.21 2.53
C ILE A 69 -1.21 -3.15 3.25
N LEU A 70 -0.88 -2.89 4.51
CA LEU A 70 -1.59 -1.89 5.29
C LEU A 70 -0.87 -0.56 5.21
N ALA A 71 -1.63 0.53 5.14
CA ALA A 71 -1.05 1.87 5.05
C ALA A 71 -1.96 2.91 5.69
N PHE A 72 -1.34 4.00 6.16
CA PHE A 72 -2.09 5.08 6.80
C PHE A 72 -1.53 6.43 6.36
N ALA A 73 -2.42 7.39 6.12
CA ALA A 73 -2.01 8.71 5.68
C ALA A 73 -1.81 9.66 6.86
N ASN A 74 -0.77 10.48 6.79
CA ASN A 74 -0.46 11.44 7.83
C ASN A 74 -1.50 12.55 7.86
N TYR A 75 -1.59 13.27 8.97
CA TYR A 75 -2.55 14.35 9.12
C TYR A 75 -2.41 15.38 8.00
N LYS A 76 -1.17 15.63 7.58
CA LYS A 76 -0.91 16.58 6.50
C LYS A 76 -1.61 16.10 5.23
N ALA A 77 -1.54 14.81 5.00
CA ALA A 77 -2.18 14.19 3.85
C ALA A 77 -3.70 14.17 4.03
N ILE A 78 -4.12 13.88 5.28
CA ILE A 78 -5.53 13.83 5.61
C ILE A 78 -6.20 15.18 5.41
N ALA A 79 -5.65 16.22 6.04
CA ALA A 79 -6.19 17.57 5.92
C ALA A 79 -6.15 18.09 4.49
N ALA A 80 -5.14 17.66 3.74
CA ALA A 80 -4.97 18.09 2.36
C ALA A 80 -6.22 17.81 1.50
N PHE A 81 -7.02 16.83 1.93
CA PHE A 81 -8.23 16.46 1.18
C PHE A 81 -9.16 17.66 1.00
N GLU A 82 -9.28 18.49 2.03
CA GLU A 82 -10.13 19.67 1.97
C GLU A 82 -9.54 20.74 1.04
N ARG A 83 -8.23 20.88 1.07
CA ARG A 83 -7.53 21.86 0.25
C ARG A 83 -7.56 21.48 -1.23
N LYS A 84 -7.56 20.18 -1.51
CA LYS A 84 -7.56 19.69 -2.88
C LYS A 84 -8.94 19.81 -3.55
N GLU A 85 -9.88 18.98 -3.14
CA GLU A 85 -11.23 18.98 -3.72
C GLU A 85 -12.29 19.51 -2.76
N ARG A 86 -11.91 19.83 -1.52
CA ARG A 86 -12.86 20.33 -0.53
C ARG A 86 -13.97 19.31 -0.27
N ARG A 87 -13.69 18.04 -0.52
CA ARG A 87 -14.66 16.97 -0.30
C ARG A 87 -13.96 15.71 0.18
N ARG A 88 -14.72 14.81 0.80
CA ARG A 88 -14.17 13.57 1.32
C ARG A 88 -13.56 12.72 0.21
N VAL A 89 -12.31 12.30 0.40
CA VAL A 89 -11.59 11.50 -0.58
C VAL A 89 -11.80 10.00 -0.37
N THR A 90 -11.89 9.58 0.89
CA THR A 90 -12.07 8.17 1.23
C THR A 90 -13.34 7.59 0.63
N GLN A 91 -14.29 8.44 0.26
CA GLN A 91 -15.55 7.98 -0.31
C GLN A 91 -15.32 7.17 -1.59
N ASN A 92 -15.22 7.84 -2.73
CA ASN A 92 -15.02 7.15 -4.01
C ASN A 92 -13.73 7.60 -4.72
N LEU A 93 -13.10 8.66 -4.23
CA LEU A 93 -11.89 9.18 -4.86
C LEU A 93 -10.70 8.24 -4.69
N LEU A 94 -10.57 7.63 -3.52
CA LEU A 94 -9.45 6.72 -3.25
C LEU A 94 -9.56 5.44 -4.07
N ASN A 95 -10.77 4.92 -4.21
CA ASN A 95 -10.98 3.67 -4.97
C ASN A 95 -10.53 3.81 -6.41
N SER A 96 -10.67 5.01 -6.97
CA SER A 96 -10.27 5.26 -8.36
C SER A 96 -8.78 5.00 -8.57
N GLU A 97 -7.95 6.00 -8.31
CA GLU A 97 -6.50 5.87 -8.47
C GLU A 97 -5.77 6.94 -7.66
N ILE A 98 -4.70 6.54 -6.98
CA ILE A 98 -3.93 7.48 -6.17
C ILE A 98 -2.43 7.33 -6.42
N MET A 99 -1.73 8.46 -6.47
CA MET A 99 -0.29 8.47 -6.66
C MET A 99 0.39 9.12 -5.46
N ILE A 100 1.03 8.30 -4.64
CA ILE A 100 1.71 8.79 -3.44
C ILE A 100 3.06 9.41 -3.79
N HIS A 101 3.24 10.67 -3.37
CA HIS A 101 4.48 11.38 -3.63
C HIS A 101 5.62 10.81 -2.80
N SER A 102 5.32 10.45 -1.56
CA SER A 102 6.33 9.88 -0.66
C SER A 102 5.71 8.87 0.31
N PHE A 103 6.48 7.84 0.64
CA PHE A 103 6.02 6.81 1.56
C PHE A 103 7.17 6.24 2.38
N THR A 104 6.88 5.87 3.63
CA THR A 104 7.88 5.31 4.53
C THR A 104 7.50 3.90 4.98
N ILE A 105 8.49 3.04 5.13
CA ILE A 105 8.26 1.66 5.56
C ILE A 105 8.12 1.57 7.08
N ARG A 106 7.19 0.73 7.53
CA ARG A 106 6.96 0.55 8.96
C ARG A 106 6.60 -0.91 9.26
N PHE A 107 6.78 -1.31 10.52
CA PHE A 107 6.47 -2.68 10.95
C PHE A 107 5.23 -2.72 11.83
N TYR A 108 4.35 -3.67 11.56
CA TYR A 108 3.11 -3.82 12.33
C TYR A 108 2.97 -5.24 12.85
N ASN A 109 2.27 -5.40 13.98
CA ASN A 109 2.06 -6.71 14.58
C ASN A 109 0.59 -7.11 14.48
N ASP A 110 0.27 -8.29 15.02
CA ASP A 110 -1.11 -8.80 14.98
C ASP A 110 -2.08 -7.85 15.68
N ASP A 111 -1.65 -7.30 16.81
CA ASP A 111 -2.49 -6.37 17.57
C ASP A 111 -2.67 -5.05 16.82
N GLN A 112 -1.61 -4.56 16.20
CA GLN A 112 -1.65 -3.31 15.46
C GLN A 112 -2.65 -3.37 14.31
N VAL A 113 -2.56 -4.43 13.51
CA VAL A 113 -3.46 -4.60 12.38
C VAL A 113 -4.89 -4.82 12.83
N GLN A 114 -5.06 -5.52 13.96
CA GLN A 114 -6.39 -5.78 14.51
C GLN A 114 -7.10 -4.48 14.85
N GLY A 115 -6.36 -3.52 15.40
CA GLY A 115 -6.91 -2.24 15.75
C GLY A 115 -7.09 -1.34 14.54
N PHE A 116 -6.19 -1.49 13.57
CA PHE A 116 -6.23 -0.68 12.35
C PHE A 116 -7.55 -0.90 11.60
N PHE A 117 -8.09 -2.11 11.68
CA PHE A 117 -9.33 -2.44 10.99
C PHE A 117 -10.35 -3.05 11.95
N ASP A 118 -11.57 -3.28 11.45
CA ASP A 118 -12.65 -3.85 12.25
C ASP A 118 -12.21 -5.11 12.99
N GLY A 119 -11.27 -5.86 12.40
CA GLY A 119 -10.80 -7.08 13.01
C GLY A 119 -10.11 -8.00 12.03
N LEU A 120 -9.31 -7.43 11.14
CA LEU A 120 -8.57 -8.21 10.15
C LEU A 120 -7.44 -8.98 10.81
N LYS A 121 -7.37 -10.28 10.55
CA LYS A 121 -6.34 -11.13 11.13
C LYS A 121 -5.28 -11.53 10.11
N PHE A 122 -4.02 -11.24 10.41
CA PHE A 122 -2.90 -11.58 9.54
C PHE A 122 -2.12 -12.75 10.11
N LYS A 123 -1.88 -13.77 9.28
CA LYS A 123 -1.14 -14.95 9.71
C LYS A 123 0.35 -14.81 9.38
N GLN A 124 1.18 -14.87 10.42
CA GLN A 124 2.62 -14.75 10.26
C GLN A 124 3.32 -16.10 10.46
N LYS A 125 2.54 -17.19 10.38
CA LYS A 125 3.08 -18.53 10.55
C LYS A 125 3.73 -18.71 11.92
N ALA A 126 3.00 -18.32 12.97
CA ALA A 126 3.47 -18.43 14.34
C ALA A 126 4.80 -17.69 14.53
N SER A 127 4.71 -16.37 14.65
CA SER A 127 5.91 -15.55 14.85
C SER A 127 5.73 -14.58 16.03
N LEU A 128 6.68 -14.61 16.96
CA LEU A 128 6.61 -13.75 18.13
C LEU A 128 6.85 -12.29 17.75
N PHE A 129 7.76 -12.06 16.81
CA PHE A 129 8.09 -10.71 16.37
C PHE A 129 7.21 -10.31 15.18
N PRO A 130 6.95 -9.01 15.01
CA PRO A 130 6.13 -8.50 13.90
C PRO A 130 6.82 -8.69 12.55
N GLY A 131 6.03 -8.98 11.52
CA GLY A 131 6.57 -9.17 10.19
C GLY A 131 5.65 -8.66 9.10
N TYR A 132 5.05 -7.49 9.34
CA TYR A 132 4.15 -6.89 8.37
C TYR A 132 4.66 -5.52 7.94
N LEU A 133 4.72 -5.30 6.62
CA LEU A 133 5.20 -4.04 6.07
C LEU A 133 4.05 -3.06 5.86
N VAL A 134 4.13 -1.91 6.51
CA VAL A 134 3.10 -0.88 6.39
C VAL A 134 3.70 0.43 5.85
N LEU A 135 3.07 0.99 4.83
CA LEU A 135 3.54 2.23 4.23
C LEU A 135 2.86 3.44 4.86
N GLU A 136 3.49 4.61 4.68
CA GLU A 136 2.96 5.86 5.21
C GLU A 136 2.63 6.82 4.07
N ILE A 137 1.54 7.56 4.21
CA ILE A 137 1.14 8.51 3.18
C ILE A 137 1.23 9.94 3.71
N ASN A 138 2.39 10.57 3.53
CA ASN A 138 2.59 11.94 3.99
C ASN A 138 1.85 12.92 3.07
N ASP A 139 1.89 12.64 1.77
CA ASP A 139 1.22 13.47 0.80
C ASP A 139 0.91 12.67 -0.46
N PHE A 140 -0.36 12.62 -0.84
CA PHE A 140 -0.78 11.89 -2.02
C PHE A 140 -1.73 12.73 -2.86
N SER A 141 -1.81 12.42 -4.16
CA SER A 141 -2.68 13.16 -5.07
C SER A 141 -3.37 12.24 -6.07
N MET A 142 -4.54 12.65 -6.55
CA MET A 142 -5.30 11.87 -7.52
C MET A 142 -4.55 11.79 -8.84
N PHE A 143 -4.19 10.57 -9.24
CA PHE A 143 -3.47 10.36 -10.49
C PHE A 143 -4.42 10.22 -11.66
N ASN A 144 -5.44 9.38 -11.51
CA ASN A 144 -6.43 9.16 -12.55
C ASN A 144 -7.85 9.41 -12.04
N ARG A 145 -8.58 10.28 -12.72
CA ARG A 145 -9.95 10.61 -12.34
C ARG A 145 -10.90 9.45 -12.59
N ASP A 146 -10.64 8.68 -13.65
CA ASP A 146 -11.48 7.54 -13.99
C ASP A 146 -11.52 6.52 -12.85
N GLN A 147 -12.74 6.12 -12.48
CA GLN A 147 -12.92 5.16 -11.39
C GLN A 147 -12.76 3.73 -11.89
N LEU A 148 -11.87 2.97 -11.25
CA LEU A 148 -11.62 1.58 -11.63
C LEU A 148 -11.50 0.70 -10.39
N ILE A 149 -12.28 -0.38 -10.35
CA ILE A 149 -12.26 -1.31 -9.24
C ILE A 149 -11.27 -2.44 -9.50
N LEU A 150 -10.54 -2.83 -8.45
CA LEU A 150 -9.56 -3.91 -8.58
C LEU A 150 -10.20 -5.27 -8.29
N SER A 151 -10.83 -5.84 -9.32
CA SER A 151 -11.49 -7.14 -9.19
C SER A 151 -10.48 -8.26 -9.02
N ASN A 152 -9.26 -8.06 -9.54
CA ASN A 152 -8.21 -9.06 -9.44
C ASN A 152 -7.67 -9.17 -8.01
N ALA A 153 -8.07 -8.24 -7.14
CA ALA A 153 -7.62 -8.25 -5.75
C ALA A 153 -7.94 -9.57 -5.06
N GLY A 154 -9.12 -10.11 -5.35
CA GLY A 154 -9.53 -11.36 -4.76
C GLY A 154 -8.60 -12.51 -5.10
N THR A 155 -8.07 -12.49 -6.32
CA THR A 155 -7.16 -13.52 -6.78
C THR A 155 -5.77 -13.34 -6.17
N ILE A 156 -5.41 -12.08 -5.92
CA ILE A 156 -4.11 -11.75 -5.34
C ILE A 156 -3.87 -12.50 -4.03
N GLU A 157 -2.63 -12.92 -3.83
CA GLU A 157 -2.24 -13.64 -2.63
C GLU A 157 -1.86 -12.67 -1.52
N PHE A 158 -1.83 -13.18 -0.28
CA PHE A 158 -1.49 -12.36 0.88
C PHE A 158 -0.01 -11.99 0.86
N LEU A 159 0.32 -10.84 1.42
CA LEU A 159 1.70 -10.36 1.47
C LEU A 159 2.50 -11.03 2.59
N TYR A 160 1.84 -11.82 3.44
CA TYR A 160 2.53 -12.49 4.54
C TYR A 160 2.92 -13.92 4.15
N GLY A 161 2.92 -14.21 2.85
CA GLY A 161 3.29 -15.53 2.38
C GLY A 161 4.34 -15.50 1.30
N THR A 162 5.07 -14.38 1.21
CA THR A 162 6.13 -14.22 0.21
C THR A 162 7.50 -14.43 0.85
N PRO A 163 8.17 -15.57 0.56
CA PRO A 163 9.49 -15.87 1.13
C PRO A 163 10.51 -14.77 0.89
N ARG A 164 10.49 -14.19 -0.31
CA ARG A 164 11.43 -13.13 -0.65
C ARG A 164 11.13 -11.84 0.11
N TYR A 165 9.84 -11.49 0.19
CA TYR A 165 9.42 -10.26 0.88
C TYR A 165 9.79 -10.32 2.37
N ILE A 166 9.54 -11.47 2.99
CA ILE A 166 9.83 -11.67 4.40
C ILE A 166 11.34 -11.60 4.65
N ALA A 167 12.10 -12.35 3.87
CA ALA A 167 13.56 -12.39 4.01
C ALA A 167 14.19 -11.04 3.66
N ARG A 168 13.47 -10.22 2.89
CA ARG A 168 13.99 -8.91 2.49
C ARG A 168 14.05 -7.94 3.65
N PHE A 169 13.04 -7.96 4.53
CA PHE A 169 12.99 -7.04 5.67
C PHE A 169 13.10 -7.77 7.01
N ILE A 170 12.46 -8.94 7.11
CA ILE A 170 12.48 -9.71 8.36
C ILE A 170 13.87 -10.27 8.67
N GLU A 171 14.53 -10.80 7.65
CA GLU A 171 15.86 -11.39 7.83
C GLU A 171 16.98 -10.34 7.82
N GLN A 172 16.61 -9.06 7.89
CA GLN A 172 17.61 -7.99 7.90
C GLN A 172 18.55 -8.12 9.09
N GLU A 173 17.98 -8.49 10.25
CA GLU A 173 18.76 -8.66 11.46
C GLU A 173 18.64 -10.09 11.99
N PHE A 174 18.44 -11.04 11.09
CA PHE A 174 18.31 -12.45 11.45
C PHE A 174 19.54 -13.24 11.04
N SER A 175 20.40 -13.53 12.01
CA SER A 175 21.63 -14.28 11.76
C SER A 175 21.34 -15.78 11.69
N ASP A 176 21.94 -16.46 10.72
CA ASP A 176 21.75 -17.90 10.56
C ASP A 176 22.39 -18.67 11.71
N GLU A 177 23.58 -18.22 12.11
CA GLU A 177 24.30 -18.87 13.21
C GLU A 177 23.60 -18.63 14.53
N GLU A 178 23.06 -17.42 14.71
CA GLU A 178 22.36 -17.06 15.94
C GLU A 178 23.29 -17.07 17.15
N GLY A 1 -22.12 -30.73 -7.62
CA GLY A 1 -22.62 -30.71 -9.02
C GLY A 1 -23.71 -29.66 -9.22
N ALA A 2 -23.62 -28.56 -8.49
CA ALA A 2 -24.60 -27.48 -8.59
C ALA A 2 -24.19 -26.47 -9.66
N MET A 3 -23.26 -25.57 -9.31
CA MET A 3 -22.80 -24.55 -10.24
C MET A 3 -21.58 -25.05 -11.02
N GLY A 4 -20.76 -25.86 -10.38
CA GLY A 4 -19.57 -26.40 -11.03
C GLY A 4 -18.57 -25.32 -11.40
N PRO A 5 -18.07 -24.55 -10.40
CA PRO A 5 -17.09 -23.49 -10.65
C PRO A 5 -15.72 -24.04 -11.03
N PRO A 6 -14.88 -23.23 -11.71
CA PRO A 6 -13.54 -23.66 -12.13
C PRO A 6 -12.59 -23.80 -10.95
N SER A 7 -11.76 -24.85 -10.99
CA SER A 7 -10.79 -25.10 -9.92
C SER A 7 -9.40 -24.63 -10.32
N SER A 8 -9.11 -24.64 -11.62
CA SER A 8 -7.80 -24.22 -12.12
C SER A 8 -6.69 -25.14 -11.63
N ARG A 9 -6.54 -26.27 -12.31
CA ARG A 9 -5.51 -27.25 -11.95
C ARG A 9 -4.39 -27.28 -12.99
N ASP A 10 -4.73 -26.95 -14.24
CA ASP A 10 -3.75 -26.94 -15.32
C ASP A 10 -3.24 -25.52 -15.57
N ALA A 11 -4.17 -24.58 -15.72
CA ALA A 11 -3.83 -23.18 -15.97
C ALA A 11 -2.79 -23.04 -17.09
N VAL A 12 -2.26 -21.83 -17.24
CA VAL A 12 -1.26 -21.56 -18.27
C VAL A 12 -0.03 -20.86 -17.67
N ARG A 13 1.00 -20.71 -18.49
CA ARG A 13 2.24 -20.06 -18.04
C ARG A 13 2.12 -18.55 -18.10
N VAL A 14 1.36 -18.03 -19.06
CA VAL A 14 1.18 -16.59 -19.21
C VAL A 14 -0.15 -16.14 -18.63
N THR A 15 -0.07 -15.21 -17.68
CA THR A 15 -1.26 -14.67 -17.02
C THR A 15 -0.95 -13.35 -16.34
N ALA A 16 -1.43 -12.24 -16.92
CA ALA A 16 -1.19 -10.92 -16.36
C ALA A 16 -2.20 -9.91 -16.89
N SER A 17 -2.10 -8.68 -16.40
CA SER A 17 -3.00 -7.60 -16.82
C SER A 17 -2.25 -6.28 -16.94
N ALA A 18 -2.77 -5.38 -17.76
CA ALA A 18 -2.15 -4.07 -17.98
C ALA A 18 -2.74 -3.03 -17.04
N HIS A 19 -2.02 -2.75 -15.95
CA HIS A 19 -2.46 -1.76 -14.97
C HIS A 19 -1.27 -1.21 -14.18
N MET A 20 -0.52 -2.12 -13.55
CA MET A 20 0.65 -1.73 -12.77
C MET A 20 1.94 -1.98 -13.55
N LYS A 21 2.68 -0.90 -13.84
CA LYS A 21 3.93 -1.01 -14.57
C LYS A 21 5.07 -1.42 -13.64
N HIS A 22 5.17 -0.75 -12.50
CA HIS A 22 6.21 -1.04 -11.52
C HIS A 22 5.77 -0.64 -10.11
N TRP A 23 5.56 -1.62 -9.24
CA TRP A 23 5.12 -1.36 -7.89
C TRP A 23 6.01 -2.08 -6.85
N LEU A 24 5.38 -2.87 -5.95
CA LEU A 24 6.08 -3.57 -4.87
C LEU A 24 7.35 -4.31 -5.33
N GLU A 25 7.29 -4.94 -6.50
CA GLU A 25 8.45 -5.71 -6.99
C GLU A 25 9.64 -4.80 -7.35
N PRO A 26 9.50 -3.92 -8.36
CA PRO A 26 10.60 -3.03 -8.79
C PRO A 26 10.96 -1.97 -7.75
N VAL A 27 9.97 -1.43 -7.05
CA VAL A 27 10.20 -0.39 -6.07
C VAL A 27 11.27 -0.77 -5.04
N LEU A 28 11.25 -2.03 -4.60
CA LEU A 28 12.21 -2.51 -3.61
C LEU A 28 13.62 -2.64 -4.18
N CYS A 29 13.73 -3.07 -5.44
CA CYS A 29 15.04 -3.26 -6.07
C CYS A 29 15.37 -2.15 -7.06
N GLU A 30 14.55 -2.01 -8.10
CA GLU A 30 14.78 -1.00 -9.13
C GLU A 30 14.79 0.42 -8.58
N ALA A 31 13.87 0.71 -7.66
CA ALA A 31 13.79 2.04 -7.05
C ALA A 31 14.73 2.16 -5.86
N GLY A 32 14.90 1.07 -5.13
CA GLY A 32 15.78 1.08 -3.98
C GLY A 32 15.16 1.66 -2.73
N LEU A 33 13.91 1.30 -2.44
CA LEU A 33 13.22 1.80 -1.26
C LEU A 33 13.92 1.34 0.02
N GLY A 34 14.43 2.29 0.79
CA GLY A 34 15.13 1.97 2.02
C GLY A 34 14.35 2.40 3.25
N HIS A 35 15.04 3.06 4.18
CA HIS A 35 14.41 3.52 5.41
C HIS A 35 13.35 4.58 5.11
N ASN A 36 13.68 5.50 4.20
CA ASN A 36 12.75 6.56 3.81
C ASN A 36 13.01 7.00 2.37
N TYR A 37 12.30 6.37 1.43
CA TYR A 37 12.45 6.70 0.02
C TYR A 37 11.10 7.09 -0.60
N LYS A 38 11.14 7.97 -1.60
CA LYS A 38 9.93 8.42 -2.27
C LYS A 38 9.92 8.00 -3.73
N VAL A 39 8.84 7.33 -4.14
CA VAL A 39 8.69 6.87 -5.52
C VAL A 39 7.30 7.15 -6.06
N ASP A 40 7.14 7.02 -7.38
CA ASP A 40 5.87 7.27 -8.03
C ASP A 40 5.25 5.95 -8.52
N LYS A 41 4.06 5.63 -8.01
CA LYS A 41 3.37 4.41 -8.38
C LYS A 41 1.87 4.54 -8.15
N VAL A 42 1.12 3.52 -8.57
CA VAL A 42 -0.33 3.53 -8.42
C VAL A 42 -0.81 2.41 -7.50
N LEU A 43 -1.61 2.77 -6.51
CA LEU A 43 -2.17 1.80 -5.56
C LEU A 43 -3.65 2.09 -5.32
N LYS A 44 -4.48 1.08 -5.53
CA LYS A 44 -5.93 1.24 -5.37
C LYS A 44 -6.41 0.70 -4.03
N VAL A 45 -7.37 1.41 -3.43
CA VAL A 45 -7.94 1.02 -2.14
C VAL A 45 -9.33 0.42 -2.33
N LEU A 46 -9.64 -0.63 -1.57
CA LEU A 46 -10.92 -1.30 -1.68
C LEU A 46 -11.77 -1.15 -0.41
N ARG A 47 -11.17 -0.75 0.71
CA ARG A 47 -11.92 -0.60 1.96
C ARG A 47 -11.49 0.63 2.75
N ILE A 48 -12.48 1.33 3.29
CA ILE A 48 -12.25 2.54 4.09
C ILE A 48 -12.87 2.37 5.48
N TYR A 49 -12.20 2.92 6.50
CA TYR A 49 -12.70 2.82 7.87
C TYR A 49 -12.95 4.20 8.49
N PRO A 50 -14.04 4.89 8.08
CA PRO A 50 -14.38 6.22 8.60
C PRO A 50 -14.61 6.20 10.11
N ARG A 51 -14.32 7.32 10.77
CA ARG A 51 -14.50 7.43 12.22
C ARG A 51 -15.17 8.75 12.59
N SER A 52 -15.48 8.91 13.87
CA SER A 52 -16.13 10.12 14.38
C SER A 52 -15.21 11.34 14.26
N ASN A 53 -13.92 11.10 14.06
CA ASN A 53 -12.96 12.19 13.93
C ASN A 53 -13.25 13.08 12.72
N THR A 54 -14.04 12.56 11.78
CA THR A 54 -14.41 13.30 10.57
C THR A 54 -13.19 13.94 9.89
N LEU A 55 -12.11 13.17 9.79
CA LEU A 55 -10.88 13.63 9.17
C LEU A 55 -10.90 13.43 7.66
N SER A 56 -11.88 12.65 7.18
CA SER A 56 -12.01 12.36 5.74
C SER A 56 -10.77 11.64 5.20
N SER A 57 -10.05 10.96 6.08
CA SER A 57 -8.85 10.21 5.69
C SER A 57 -8.28 9.46 6.89
N LEU A 58 -8.42 8.14 6.86
CA LEU A 58 -7.94 7.29 7.94
C LEU A 58 -7.48 5.94 7.38
N PRO A 59 -6.80 5.11 8.21
CA PRO A 59 -6.30 3.79 7.79
C PRO A 59 -7.29 3.06 6.88
N LEU A 60 -6.78 2.57 5.75
CA LEU A 60 -7.62 1.87 4.77
C LEU A 60 -6.89 0.66 4.20
N CYS A 61 -7.65 -0.37 3.84
CA CYS A 61 -7.07 -1.59 3.27
C CYS A 61 -7.02 -1.47 1.75
N LEU A 62 -5.81 -1.33 1.22
CA LEU A 62 -5.61 -1.21 -0.21
C LEU A 62 -4.72 -2.33 -0.73
N CYS A 63 -4.99 -2.80 -1.95
CA CYS A 63 -4.23 -3.90 -2.53
C CYS A 63 -3.37 -3.43 -3.70
N ASP A 64 -2.31 -4.19 -3.98
CA ASP A 64 -1.39 -3.89 -5.07
C ASP A 64 -1.71 -4.76 -6.29
N ALA A 65 -0.81 -4.74 -7.27
CA ALA A 65 -0.98 -5.52 -8.48
C ALA A 65 -0.84 -7.02 -8.22
N ASN A 66 0.07 -7.38 -7.31
CA ASN A 66 0.32 -8.79 -7.00
C ASN A 66 -0.07 -9.12 -5.55
N TYR A 67 0.31 -8.25 -4.62
CA TYR A 67 0.01 -8.48 -3.21
C TYR A 67 -0.78 -7.32 -2.61
N LYS A 68 -1.16 -7.46 -1.35
CA LYS A 68 -1.92 -6.42 -0.64
C LYS A 68 -1.30 -6.11 0.71
N ILE A 69 -1.36 -4.84 1.12
CA ILE A 69 -0.81 -4.42 2.40
C ILE A 69 -1.71 -3.39 3.09
N LEU A 70 -1.40 -3.10 4.35
CA LEU A 70 -2.16 -2.12 5.12
C LEU A 70 -1.48 -0.75 5.02
N ALA A 71 -2.27 0.31 4.93
CA ALA A 71 -1.71 1.65 4.82
C ALA A 71 -2.62 2.70 5.45
N PHE A 72 -2.01 3.81 5.87
CA PHE A 72 -2.75 4.91 6.47
C PHE A 72 -2.12 6.25 6.08
N ALA A 73 -2.95 7.26 5.89
CA ALA A 73 -2.45 8.58 5.50
C ALA A 73 -2.21 9.48 6.71
N ASN A 74 -1.10 10.22 6.66
CA ASN A 74 -0.74 11.13 7.75
C ASN A 74 -1.67 12.34 7.75
N TYR A 75 -1.73 13.04 8.88
CA TYR A 75 -2.59 14.21 9.00
C TYR A 75 -2.34 15.22 7.88
N LYS A 76 -1.08 15.37 7.49
CA LYS A 76 -0.72 16.30 6.42
C LYS A 76 -1.45 15.89 5.14
N ALA A 77 -1.47 14.59 4.90
CA ALA A 77 -2.15 14.03 3.74
C ALA A 77 -3.66 14.12 3.93
N ILE A 78 -4.11 13.84 5.16
CA ILE A 78 -5.52 13.89 5.50
C ILE A 78 -6.08 15.30 5.28
N ALA A 79 -5.42 16.30 5.84
CA ALA A 79 -5.85 17.70 5.71
C ALA A 79 -5.65 18.21 4.28
N ALA A 80 -4.64 17.68 3.61
CA ALA A 80 -4.32 18.08 2.24
C ALA A 80 -5.51 17.90 1.28
N PHE A 81 -6.42 17.00 1.63
CA PHE A 81 -7.58 16.74 0.78
C PHE A 81 -8.44 18.00 0.59
N GLU A 82 -8.49 18.85 1.62
CA GLU A 82 -9.26 20.09 1.54
C GLU A 82 -8.59 21.07 0.59
N ARG A 83 -7.27 21.15 0.66
CA ARG A 83 -6.49 22.06 -0.18
C ARG A 83 -6.40 21.57 -1.63
N LYS A 84 -6.35 20.26 -1.81
CA LYS A 84 -6.23 19.68 -3.16
C LYS A 84 -7.55 19.72 -3.94
N GLU A 85 -8.45 18.79 -3.62
CA GLU A 85 -9.74 18.71 -4.33
C GLU A 85 -10.88 19.42 -3.58
N ARG A 86 -10.63 19.80 -2.32
CA ARG A 86 -11.65 20.49 -1.52
C ARG A 86 -12.90 19.61 -1.36
N ARG A 87 -12.71 18.29 -1.39
CA ARG A 87 -13.81 17.35 -1.25
C ARG A 87 -13.35 16.05 -0.61
N ARG A 88 -14.30 15.25 -0.12
CA ARG A 88 -13.99 13.97 0.51
C ARG A 88 -13.40 13.00 -0.50
N VAL A 89 -12.17 12.55 -0.24
CA VAL A 89 -11.48 11.63 -1.13
C VAL A 89 -11.73 10.17 -0.78
N THR A 90 -11.82 9.87 0.52
CA THR A 90 -12.04 8.50 0.98
C THR A 90 -13.34 7.89 0.44
N GLN A 91 -14.30 8.73 0.10
CA GLN A 91 -15.58 8.25 -0.40
C GLN A 91 -15.42 7.35 -1.62
N ASN A 92 -15.32 7.93 -2.81
CA ASN A 92 -15.17 7.14 -4.04
C ASN A 92 -13.89 7.50 -4.81
N LEU A 93 -13.22 8.58 -4.42
CA LEU A 93 -12.01 9.01 -5.11
C LEU A 93 -10.85 8.06 -4.86
N LEU A 94 -10.64 7.68 -3.60
CA LEU A 94 -9.54 6.77 -3.24
C LEU A 94 -9.71 5.41 -3.91
N ASN A 95 -10.95 4.94 -4.02
CA ASN A 95 -11.24 3.64 -4.64
C ASN A 95 -10.53 3.50 -5.99
N SER A 96 -10.33 4.62 -6.66
CA SER A 96 -9.66 4.64 -7.96
C SER A 96 -8.14 4.60 -7.79
N GLU A 97 -7.42 4.90 -8.86
CA GLU A 97 -5.96 4.92 -8.83
C GLU A 97 -5.44 6.16 -8.09
N ILE A 98 -4.43 5.97 -7.26
CA ILE A 98 -3.86 7.08 -6.49
C ILE A 98 -2.34 7.13 -6.62
N MET A 99 -1.78 8.31 -6.39
CA MET A 99 -0.34 8.52 -6.46
C MET A 99 0.20 8.97 -5.10
N ILE A 100 1.18 8.25 -4.57
CA ILE A 100 1.77 8.61 -3.29
C ILE A 100 3.14 9.25 -3.50
N HIS A 101 3.22 10.55 -3.23
CA HIS A 101 4.46 11.30 -3.40
C HIS A 101 5.53 10.80 -2.43
N SER A 102 5.13 10.51 -1.20
CA SER A 102 6.05 10.04 -0.17
C SER A 102 5.37 9.06 0.78
N PHE A 103 6.14 8.10 1.28
CA PHE A 103 5.61 7.10 2.21
C PHE A 103 6.73 6.48 3.04
N THR A 104 6.43 6.16 4.29
CA THR A 104 7.41 5.56 5.20
C THR A 104 7.02 4.13 5.56
N ILE A 105 8.01 3.24 5.62
CA ILE A 105 7.79 1.84 5.96
C ILE A 105 7.66 1.66 7.47
N ARG A 106 6.73 0.81 7.88
CA ARG A 106 6.50 0.54 9.31
C ARG A 106 6.15 -0.93 9.53
N PHE A 107 6.64 -1.49 10.63
CA PHE A 107 6.38 -2.89 10.98
C PHE A 107 5.07 -3.04 11.73
N TYR A 108 4.40 -4.17 11.51
CA TYR A 108 3.13 -4.44 12.18
C TYR A 108 3.04 -5.91 12.60
N ASN A 109 2.24 -6.18 13.63
CA ASN A 109 2.07 -7.54 14.14
C ASN A 109 0.58 -7.91 14.16
N ASP A 110 0.29 -9.12 14.61
CA ASP A 110 -1.09 -9.62 14.66
C ASP A 110 -2.01 -8.69 15.47
N ASP A 111 -1.52 -8.22 16.62
CA ASP A 111 -2.31 -7.34 17.47
C ASP A 111 -2.45 -5.94 16.87
N GLN A 112 -1.35 -5.41 16.33
CA GLN A 112 -1.35 -4.07 15.74
C GLN A 112 -2.33 -3.98 14.57
N VAL A 113 -2.26 -4.93 13.65
CA VAL A 113 -3.14 -4.93 12.49
C VAL A 113 -4.61 -5.05 12.91
N GLN A 114 -4.85 -5.75 14.03
CA GLN A 114 -6.21 -5.93 14.53
C GLN A 114 -6.84 -4.56 14.84
N GLY A 115 -6.11 -3.74 15.58
CA GLY A 115 -6.59 -2.41 15.91
C GLY A 115 -6.61 -1.50 14.70
N PHE A 116 -5.77 -1.81 13.71
CA PHE A 116 -5.68 -1.03 12.49
C PHE A 116 -7.03 -1.00 11.76
N PHE A 117 -7.72 -2.15 11.75
CA PHE A 117 -9.02 -2.27 11.10
C PHE A 117 -10.07 -2.85 12.04
N ASP A 118 -11.25 -3.17 11.50
CA ASP A 118 -12.34 -3.72 12.30
C ASP A 118 -11.93 -5.00 13.03
N GLY A 119 -11.05 -5.77 12.40
CA GLY A 119 -10.59 -7.01 13.01
C GLY A 119 -9.87 -7.92 12.04
N LEU A 120 -9.05 -7.33 11.18
CA LEU A 120 -8.29 -8.08 10.19
C LEU A 120 -7.20 -8.89 10.89
N LYS A 121 -7.17 -10.21 10.62
CA LYS A 121 -6.19 -11.10 11.23
C LYS A 121 -5.23 -11.69 10.20
N PHE A 122 -3.93 -11.51 10.44
CA PHE A 122 -2.90 -12.04 9.56
C PHE A 122 -2.21 -13.24 10.21
N LYS A 123 -2.09 -14.34 9.47
CA LYS A 123 -1.45 -15.55 10.00
C LYS A 123 0.06 -15.50 9.80
N GLN A 124 0.79 -15.45 10.92
CA GLN A 124 2.25 -15.41 10.89
C GLN A 124 2.85 -16.74 11.36
N LYS A 125 1.98 -17.66 11.81
CA LYS A 125 2.41 -18.97 12.28
C LYS A 125 3.29 -18.86 13.53
N ALA A 126 2.78 -18.16 14.54
CA ALA A 126 3.50 -17.97 15.80
C ALA A 126 4.87 -17.33 15.58
N SER A 127 4.97 -16.05 15.93
CA SER A 127 6.22 -15.31 15.78
C SER A 127 6.35 -14.24 16.86
N LEU A 128 7.58 -13.79 17.10
CA LEU A 128 7.83 -12.77 18.11
C LEU A 128 8.13 -11.42 17.46
N PHE A 129 8.57 -11.44 16.21
CA PHE A 129 8.88 -10.21 15.47
C PHE A 129 7.81 -9.94 14.41
N PRO A 130 7.55 -8.67 14.08
CA PRO A 130 6.55 -8.30 13.07
C PRO A 130 6.95 -8.77 11.68
N GLY A 131 5.95 -9.15 10.88
CA GLY A 131 6.21 -9.62 9.53
C GLY A 131 5.23 -9.07 8.51
N TYR A 132 4.81 -7.82 8.73
CA TYR A 132 3.86 -7.17 7.82
C TYR A 132 4.32 -5.75 7.49
N LEU A 133 4.39 -5.45 6.20
CA LEU A 133 4.81 -4.12 5.74
C LEU A 133 3.62 -3.19 5.57
N VAL A 134 3.62 -2.09 6.32
CA VAL A 134 2.55 -1.10 6.26
C VAL A 134 3.10 0.24 5.79
N LEU A 135 2.44 0.83 4.79
CA LEU A 135 2.87 2.11 4.25
C LEU A 135 2.13 3.28 4.90
N GLU A 136 2.75 4.44 4.84
CA GLU A 136 2.17 5.66 5.40
C GLU A 136 2.03 6.70 4.30
N ILE A 137 0.82 7.24 4.13
CA ILE A 137 0.58 8.23 3.08
C ILE A 137 0.71 9.65 3.62
N ASN A 138 1.89 10.24 3.47
CA ASN A 138 2.13 11.60 3.93
C ASN A 138 1.50 12.60 2.97
N ASP A 139 1.61 12.31 1.67
CA ASP A 139 1.05 13.17 0.63
C ASP A 139 0.76 12.35 -0.62
N PHE A 140 -0.48 12.38 -1.09
CA PHE A 140 -0.87 11.63 -2.27
C PHE A 140 -1.75 12.46 -3.20
N SER A 141 -1.90 12.00 -4.44
CA SER A 141 -2.72 12.70 -5.43
C SER A 141 -3.33 11.70 -6.43
N MET A 142 -4.49 12.05 -6.98
CA MET A 142 -5.16 11.19 -7.94
C MET A 142 -4.33 11.02 -9.21
N PHE A 143 -4.27 9.78 -9.71
CA PHE A 143 -3.50 9.48 -10.93
C PHE A 143 -4.41 9.36 -12.15
N ASN A 144 -5.32 8.39 -12.10
CA ASN A 144 -6.25 8.16 -13.21
C ASN A 144 -7.31 9.25 -13.31
N ARG A 145 -7.61 9.89 -12.18
CA ARG A 145 -8.62 10.96 -12.14
C ARG A 145 -9.99 10.43 -12.57
N ASP A 146 -10.29 9.21 -12.15
CA ASP A 146 -11.56 8.57 -12.48
C ASP A 146 -11.97 7.61 -11.36
N GLN A 147 -12.93 6.72 -11.65
CA GLN A 147 -13.39 5.76 -10.65
C GLN A 147 -13.20 4.34 -11.15
N LEU A 148 -12.35 3.57 -10.47
CA LEU A 148 -12.09 2.19 -10.85
C LEU A 148 -12.03 1.28 -9.62
N ILE A 149 -12.35 0.00 -9.83
CA ILE A 149 -12.34 -0.98 -8.75
C ILE A 149 -11.34 -2.10 -9.06
N LEU A 150 -10.54 -2.48 -8.07
CA LEU A 150 -9.55 -3.53 -8.24
C LEU A 150 -10.19 -4.90 -8.13
N SER A 151 -10.73 -5.41 -9.25
CA SER A 151 -11.37 -6.71 -9.29
C SER A 151 -10.35 -7.83 -9.11
N ASN A 152 -9.15 -7.62 -9.62
CA ASN A 152 -8.07 -8.61 -9.53
C ASN A 152 -7.71 -8.90 -8.06
N ALA A 153 -8.08 -7.99 -7.16
CA ALA A 153 -7.78 -8.15 -5.74
C ALA A 153 -8.23 -9.51 -5.21
N GLY A 154 -9.23 -10.10 -5.85
CA GLY A 154 -9.72 -11.40 -5.42
C GLY A 154 -8.69 -12.51 -5.57
N THR A 155 -7.88 -12.43 -6.61
CA THR A 155 -6.85 -13.45 -6.86
C THR A 155 -5.58 -13.18 -6.04
N ILE A 156 -5.36 -11.92 -5.68
CA ILE A 156 -4.19 -11.53 -4.90
C ILE A 156 -4.07 -12.36 -3.61
N GLU A 157 -2.82 -12.64 -3.23
CA GLU A 157 -2.54 -13.40 -2.02
C GLU A 157 -1.99 -12.50 -0.93
N PHE A 158 -2.10 -12.95 0.31
CA PHE A 158 -1.61 -12.18 1.45
C PHE A 158 -0.10 -12.00 1.39
N LEU A 159 0.35 -10.80 1.75
CA LEU A 159 1.77 -10.48 1.75
C LEU A 159 2.43 -10.98 3.02
N TYR A 160 2.63 -12.29 3.06
CA TYR A 160 3.26 -12.92 4.22
C TYR A 160 4.03 -14.18 3.79
N GLY A 161 3.59 -14.80 2.69
CA GLY A 161 4.25 -16.00 2.20
C GLY A 161 5.19 -15.69 1.05
N THR A 162 5.80 -14.51 1.07
CA THR A 162 6.74 -14.10 0.03
C THR A 162 8.17 -14.08 0.57
N PRO A 163 8.93 -15.18 0.39
CA PRO A 163 10.32 -15.27 0.87
C PRO A 163 11.18 -14.07 0.46
N ARG A 164 10.99 -13.59 -0.77
CA ARG A 164 11.75 -12.46 -1.26
C ARG A 164 11.39 -11.17 -0.52
N TYR A 165 10.08 -10.90 -0.41
CA TYR A 165 9.60 -9.71 0.27
C TYR A 165 9.96 -9.73 1.76
N ILE A 166 9.84 -10.91 2.36
CA ILE A 166 10.14 -11.09 3.78
C ILE A 166 11.61 -10.77 4.06
N ALA A 167 12.50 -11.27 3.21
CA ALA A 167 13.94 -11.04 3.38
C ALA A 167 14.30 -9.56 3.27
N ARG A 168 13.46 -8.77 2.60
CA ARG A 168 13.72 -7.35 2.40
C ARG A 168 13.84 -6.59 3.72
N PHE A 169 12.88 -6.79 4.63
CA PHE A 169 12.88 -6.08 5.91
C PHE A 169 13.01 -7.03 7.10
N ILE A 170 12.47 -8.24 6.99
CA ILE A 170 12.53 -9.20 8.09
C ILE A 170 13.96 -9.66 8.36
N GLU A 171 14.63 -10.16 7.33
CA GLU A 171 16.01 -10.64 7.48
C GLU A 171 16.91 -9.54 7.99
N GLN A 172 16.67 -8.31 7.51
CA GLN A 172 17.45 -7.14 7.91
C GLN A 172 18.93 -7.26 7.55
N GLU A 173 19.30 -8.33 6.83
CA GLU A 173 20.70 -8.53 6.44
C GLU A 173 20.81 -9.47 5.24
N PHE A 174 19.71 -9.64 4.49
CA PHE A 174 19.71 -10.52 3.33
C PHE A 174 20.53 -9.92 2.19
N SER A 175 20.41 -8.62 2.00
CA SER A 175 21.14 -7.92 0.94
C SER A 175 22.12 -6.92 1.51
N ASP A 176 23.32 -6.85 0.92
CA ASP A 176 24.37 -5.94 1.36
C ASP A 176 24.94 -6.34 2.73
N GLU A 177 24.40 -7.41 3.32
CA GLU A 177 24.86 -7.88 4.62
C GLU A 177 24.93 -6.75 5.64
N GLU A 178 23.93 -5.87 5.60
CA GLU A 178 23.87 -4.74 6.51
C GLU A 178 22.49 -4.08 6.46
N GLY A 1 -11.07 24.15 -34.69
CA GLY A 1 -10.25 24.61 -33.53
C GLY A 1 -10.62 26.01 -33.08
N ALA A 2 -11.38 26.10 -31.98
CA ALA A 2 -11.80 27.39 -31.45
C ALA A 2 -10.60 28.22 -31.00
N MET A 3 -9.75 27.62 -30.17
CA MET A 3 -8.57 28.30 -29.66
C MET A 3 -7.34 27.39 -29.74
N GLY A 4 -7.50 26.15 -29.31
CA GLY A 4 -6.40 25.20 -29.34
C GLY A 4 -5.71 25.04 -27.99
N PRO A 5 -6.12 24.04 -27.19
CA PRO A 5 -5.52 23.80 -25.87
C PRO A 5 -4.08 23.29 -25.97
N PRO A 6 -3.27 23.50 -24.91
CA PRO A 6 -1.86 23.05 -24.90
C PRO A 6 -1.74 21.54 -25.08
N SER A 7 -0.85 21.11 -25.97
CA SER A 7 -0.63 19.70 -26.23
C SER A 7 0.55 19.50 -27.19
N SER A 8 1.72 19.19 -26.61
CA SER A 8 2.93 18.97 -27.41
C SER A 8 4.05 18.40 -26.55
N ARG A 9 4.64 19.26 -25.72
CA ARG A 9 5.73 18.85 -24.84
C ARG A 9 5.24 17.92 -23.73
N ASP A 10 4.04 18.21 -23.23
CA ASP A 10 3.44 17.39 -22.17
C ASP A 10 2.44 16.39 -22.73
N ALA A 11 2.64 15.99 -23.99
CA ALA A 11 1.76 15.03 -24.64
C ALA A 11 1.86 13.65 -23.99
N VAL A 12 3.08 13.27 -23.63
CA VAL A 12 3.34 11.97 -23.00
C VAL A 12 4.16 12.13 -21.73
N ARG A 13 4.44 11.01 -21.07
CA ARG A 13 5.22 11.02 -19.83
C ARG A 13 6.65 10.57 -20.08
N VAL A 14 7.53 10.86 -19.13
CA VAL A 14 8.94 10.50 -19.25
C VAL A 14 9.20 9.11 -18.67
N THR A 15 9.34 9.03 -17.35
CA THR A 15 9.59 7.76 -16.68
C THR A 15 8.30 7.15 -16.14
N ALA A 16 7.41 8.00 -15.66
CA ALA A 16 6.13 7.55 -15.10
C ALA A 16 5.21 7.03 -16.21
N SER A 17 4.38 6.05 -15.88
CA SER A 17 3.45 5.46 -16.84
C SER A 17 2.01 5.63 -16.37
N ALA A 18 1.12 5.93 -17.31
CA ALA A 18 -0.29 6.12 -17.01
C ALA A 18 -0.94 4.82 -16.52
N HIS A 19 -0.53 3.71 -17.13
CA HIS A 19 -1.08 2.40 -16.77
C HIS A 19 -0.49 1.89 -15.45
N MET A 20 -1.25 1.05 -14.76
CA MET A 20 -0.81 0.48 -13.49
C MET A 20 0.23 -0.61 -13.72
N LYS A 21 1.32 -0.56 -12.95
CA LYS A 21 2.40 -1.54 -13.07
C LYS A 21 2.85 -2.03 -11.70
N HIS A 22 3.51 -3.20 -11.69
CA HIS A 22 4.00 -3.78 -10.46
C HIS A 22 5.23 -3.03 -9.97
N TRP A 23 5.08 -2.28 -8.88
CA TRP A 23 6.17 -1.50 -8.32
C TRP A 23 6.70 -2.09 -7.01
N LEU A 24 5.84 -2.84 -6.30
CA LEU A 24 6.23 -3.45 -5.03
C LEU A 24 7.41 -4.41 -5.18
N GLU A 25 7.42 -5.19 -6.26
CA GLU A 25 8.51 -6.13 -6.49
C GLU A 25 9.82 -5.42 -6.86
N PRO A 26 9.82 -4.60 -7.93
CA PRO A 26 11.01 -3.89 -8.40
C PRO A 26 11.54 -2.82 -7.43
N VAL A 27 10.63 -2.21 -6.67
CA VAL A 27 11.02 -1.16 -5.72
C VAL A 27 12.08 -1.66 -4.73
N LEU A 28 11.93 -2.90 -4.27
CA LEU A 28 12.88 -3.48 -3.31
C LEU A 28 13.90 -4.37 -4.02
N CYS A 29 13.54 -4.90 -5.19
CA CYS A 29 14.42 -5.78 -5.93
C CYS A 29 15.49 -5.01 -6.72
N GLU A 30 15.04 -4.15 -7.64
CA GLU A 30 15.98 -3.39 -8.46
C GLU A 30 16.26 -2.00 -7.88
N ALA A 31 15.21 -1.34 -7.39
CA ALA A 31 15.34 0.01 -6.83
C ALA A 31 16.05 -0.03 -5.49
N GLY A 32 15.80 -1.08 -4.71
CA GLY A 32 16.41 -1.21 -3.40
C GLY A 32 15.95 -0.13 -2.43
N LEU A 33 14.70 0.29 -2.58
CA LEU A 33 14.13 1.32 -1.73
C LEU A 33 14.16 0.91 -0.25
N GLY A 34 14.47 1.86 0.62
CA GLY A 34 14.53 1.58 2.05
C GLY A 34 13.39 2.24 2.81
N HIS A 35 13.73 2.86 3.94
CA HIS A 35 12.72 3.53 4.77
C HIS A 35 12.88 5.05 4.72
N ASN A 36 13.55 5.55 3.69
CA ASN A 36 13.76 6.98 3.53
C ASN A 36 13.89 7.35 2.05
N TYR A 37 13.01 6.80 1.23
CA TYR A 37 13.02 7.05 -0.21
C TYR A 37 11.71 7.66 -0.67
N LYS A 38 11.70 8.15 -1.92
CA LYS A 38 10.50 8.78 -2.48
C LYS A 38 10.36 8.44 -3.97
N VAL A 39 9.24 7.84 -4.33
CA VAL A 39 8.97 7.47 -5.73
C VAL A 39 7.51 7.74 -6.09
N ASP A 40 7.20 7.67 -7.39
CA ASP A 40 5.84 7.90 -7.88
C ASP A 40 5.22 6.63 -8.47
N LYS A 41 4.02 6.31 -8.02
CA LYS A 41 3.31 5.12 -8.51
C LYS A 41 1.83 5.19 -8.13
N VAL A 42 1.06 4.22 -8.62
CA VAL A 42 -0.38 4.17 -8.35
C VAL A 42 -0.72 3.00 -7.43
N LEU A 43 -1.54 3.28 -6.41
CA LEU A 43 -1.96 2.25 -5.46
C LEU A 43 -3.49 2.12 -5.47
N LYS A 44 -3.97 0.90 -5.26
CA LYS A 44 -5.41 0.63 -5.26
C LYS A 44 -5.91 0.27 -3.86
N VAL A 45 -7.02 0.89 -3.46
CA VAL A 45 -7.62 0.66 -2.15
C VAL A 45 -8.96 -0.09 -2.29
N LEU A 46 -9.25 -0.98 -1.35
CA LEU A 46 -10.48 -1.76 -1.39
C LEU A 46 -11.39 -1.51 -0.18
N ARG A 47 -10.82 -1.12 0.95
CA ARG A 47 -11.62 -0.89 2.15
C ARG A 47 -11.17 0.34 2.94
N ILE A 48 -12.15 1.11 3.42
CA ILE A 48 -11.91 2.30 4.23
C ILE A 48 -12.93 2.38 5.36
N TYR A 49 -12.47 2.69 6.57
CA TYR A 49 -13.35 2.79 7.73
C TYR A 49 -13.38 4.22 8.30
N PRO A 50 -14.22 5.10 7.75
CA PRO A 50 -14.34 6.49 8.21
C PRO A 50 -14.77 6.58 9.67
N ARG A 51 -14.32 7.64 10.35
CA ARG A 51 -14.66 7.85 11.76
C ARG A 51 -15.67 8.99 11.92
N SER A 52 -16.25 9.09 13.11
CA SER A 52 -17.23 10.13 13.42
C SER A 52 -16.58 11.51 13.52
N ASN A 53 -15.26 11.57 13.53
CA ASN A 53 -14.54 12.83 13.63
C ASN A 53 -14.49 13.59 12.30
N THR A 54 -15.18 13.07 11.27
CA THR A 54 -15.21 13.69 9.95
C THR A 54 -13.81 14.05 9.45
N LEU A 55 -12.86 13.16 9.72
CA LEU A 55 -11.48 13.36 9.30
C LEU A 55 -11.34 13.13 7.80
N SER A 56 -12.19 12.25 7.26
CA SER A 56 -12.17 11.92 5.83
C SER A 56 -10.81 11.34 5.41
N SER A 57 -10.18 10.62 6.34
CA SER A 57 -8.88 10.00 6.08
C SER A 57 -8.41 9.21 7.30
N LEU A 58 -8.44 7.89 7.18
CA LEU A 58 -8.03 7.01 8.28
C LEU A 58 -7.46 5.70 7.74
N PRO A 59 -6.86 4.86 8.61
CA PRO A 59 -6.28 3.58 8.20
C PRO A 59 -7.20 2.80 7.25
N LEU A 60 -6.64 2.33 6.13
CA LEU A 60 -7.43 1.61 5.14
C LEU A 60 -6.66 0.42 4.57
N CYS A 61 -7.40 -0.57 4.09
CA CYS A 61 -6.79 -1.77 3.50
C CYS A 61 -6.69 -1.60 1.99
N LEU A 62 -5.46 -1.48 1.49
CA LEU A 62 -5.24 -1.31 0.06
C LEU A 62 -4.47 -2.48 -0.54
N CYS A 63 -4.86 -2.89 -1.74
CA CYS A 63 -4.21 -4.00 -2.43
C CYS A 63 -3.65 -3.55 -3.78
N ASP A 64 -2.34 -3.72 -3.94
CA ASP A 64 -1.66 -3.33 -5.18
C ASP A 64 -2.05 -4.27 -6.31
N ALA A 65 -1.34 -4.17 -7.43
CA ALA A 65 -1.62 -4.99 -8.60
C ALA A 65 -1.28 -6.46 -8.37
N ASN A 66 -0.22 -6.72 -7.60
CA ASN A 66 0.20 -8.09 -7.32
C ASN A 66 0.10 -8.46 -5.85
N TYR A 67 0.43 -7.51 -4.97
CA TYR A 67 0.37 -7.77 -3.53
C TYR A 67 -0.40 -6.67 -2.80
N LYS A 68 -0.87 -6.98 -1.59
CA LYS A 68 -1.62 -6.03 -0.78
C LYS A 68 -0.97 -5.81 0.58
N ILE A 69 -1.00 -4.56 1.05
CA ILE A 69 -0.41 -4.21 2.34
C ILE A 69 -1.28 -3.19 3.09
N LEU A 70 -0.99 -3.03 4.38
CA LEU A 70 -1.72 -2.07 5.20
C LEU A 70 -1.03 -0.71 5.15
N ALA A 71 -1.80 0.37 5.29
CA ALA A 71 -1.22 1.70 5.24
C ALA A 71 -2.14 2.75 5.88
N PHE A 72 -1.55 3.88 6.26
CA PHE A 72 -2.31 4.98 6.86
C PHE A 72 -1.75 6.32 6.38
N ALA A 73 -2.63 7.30 6.22
CA ALA A 73 -2.22 8.61 5.74
C ALA A 73 -2.04 9.59 6.89
N ASN A 74 -0.96 10.36 6.85
CA ASN A 74 -0.66 11.35 7.87
C ASN A 74 -1.61 12.54 7.73
N TYR A 75 -1.85 13.24 8.84
CA TYR A 75 -2.76 14.38 8.84
C TYR A 75 -2.37 15.42 7.80
N LYS A 76 -1.08 15.56 7.52
CA LYS A 76 -0.62 16.53 6.52
C LYS A 76 -1.24 16.19 5.17
N ALA A 77 -1.31 14.89 4.89
CA ALA A 77 -1.89 14.40 3.65
C ALA A 77 -3.41 14.58 3.68
N ILE A 78 -3.99 14.42 4.86
CA ILE A 78 -5.44 14.56 5.05
C ILE A 78 -5.89 15.98 4.71
N ALA A 79 -5.21 16.97 5.27
CA ALA A 79 -5.55 18.37 5.05
C ALA A 79 -5.27 18.79 3.60
N ALA A 80 -4.19 18.25 3.03
CA ALA A 80 -3.79 18.59 1.66
C ALA A 80 -4.87 18.22 0.64
N PHE A 81 -5.32 16.97 0.66
CA PHE A 81 -6.34 16.52 -0.30
C PHE A 81 -7.63 17.32 -0.15
N GLU A 82 -7.96 17.71 1.08
CA GLU A 82 -9.18 18.47 1.34
C GLU A 82 -9.14 19.83 0.64
N ARG A 83 -8.01 20.52 0.74
CA ARG A 83 -7.85 21.82 0.11
C ARG A 83 -7.69 21.71 -1.40
N LYS A 84 -6.93 20.72 -1.84
CA LYS A 84 -6.67 20.50 -3.26
C LYS A 84 -7.91 19.99 -4.00
N GLU A 85 -8.41 18.83 -3.57
CA GLU A 85 -9.58 18.22 -4.20
C GLU A 85 -10.88 18.94 -3.83
N ARG A 86 -10.88 19.63 -2.70
CA ARG A 86 -12.06 20.36 -2.24
C ARG A 86 -13.27 19.43 -2.11
N ARG A 87 -13.01 18.14 -1.94
CA ARG A 87 -14.08 17.15 -1.80
C ARG A 87 -13.65 15.97 -0.95
N ARG A 88 -14.61 15.11 -0.61
CA ARG A 88 -14.34 13.93 0.20
C ARG A 88 -13.62 12.88 -0.64
N VAL A 89 -12.44 12.47 -0.19
CA VAL A 89 -11.63 11.49 -0.90
C VAL A 89 -11.92 10.04 -0.50
N THR A 90 -12.04 9.80 0.80
CA THR A 90 -12.27 8.45 1.31
C THR A 90 -13.57 7.83 0.81
N GLN A 91 -14.50 8.66 0.34
CA GLN A 91 -15.78 8.15 -0.15
C GLN A 91 -15.60 7.21 -1.36
N ASN A 92 -15.54 7.77 -2.56
CA ASN A 92 -15.39 6.97 -3.78
C ASN A 92 -14.14 7.32 -4.58
N LEU A 93 -13.44 8.38 -4.18
CA LEU A 93 -12.23 8.80 -4.89
C LEU A 93 -11.08 7.81 -4.73
N LEU A 94 -10.92 7.28 -3.52
CA LEU A 94 -9.83 6.33 -3.25
C LEU A 94 -9.94 5.06 -4.10
N ASN A 95 -11.17 4.56 -4.28
CA ASN A 95 -11.40 3.35 -5.05
C ASN A 95 -10.81 3.45 -6.47
N SER A 96 -10.79 4.66 -7.02
CA SER A 96 -10.27 4.88 -8.36
C SER A 96 -8.74 4.63 -8.39
N GLU A 97 -7.96 5.69 -8.21
CA GLU A 97 -6.50 5.57 -8.23
C GLU A 97 -5.88 6.75 -7.49
N ILE A 98 -4.80 6.50 -6.74
CA ILE A 98 -4.15 7.56 -5.99
C ILE A 98 -2.63 7.56 -6.19
N MET A 99 -2.03 8.72 -5.94
CA MET A 99 -0.58 8.89 -6.07
C MET A 99 0.01 9.28 -4.72
N ILE A 100 1.06 8.58 -4.32
CA ILE A 100 1.71 8.87 -3.04
C ILE A 100 3.02 9.61 -3.26
N HIS A 101 3.04 10.89 -2.90
CA HIS A 101 4.23 11.71 -3.05
C HIS A 101 5.36 11.22 -2.16
N SER A 102 5.01 10.81 -0.95
CA SER A 102 6.00 10.31 0.01
C SER A 102 5.43 9.16 0.84
N PHE A 103 6.30 8.20 1.18
CA PHE A 103 5.88 7.05 1.98
C PHE A 103 7.07 6.46 2.76
N THR A 104 6.79 5.95 3.96
CA THR A 104 7.82 5.36 4.80
C THR A 104 7.43 3.95 5.23
N ILE A 105 8.42 3.08 5.38
CA ILE A 105 8.19 1.69 5.78
C ILE A 105 8.00 1.58 7.30
N ARG A 106 7.10 0.70 7.71
CA ARG A 106 6.83 0.47 9.12
C ARG A 106 6.51 -1.00 9.39
N PHE A 107 6.85 -1.48 10.59
CA PHE A 107 6.59 -2.86 10.96
C PHE A 107 5.34 -2.97 11.83
N TYR A 108 4.52 -3.98 11.55
CA TYR A 108 3.29 -4.20 12.31
C TYR A 108 3.14 -5.66 12.71
N ASN A 109 2.37 -5.89 13.78
CA ASN A 109 2.12 -7.23 14.29
C ASN A 109 0.62 -7.53 14.30
N ASP A 110 0.27 -8.73 14.77
CA ASP A 110 -1.14 -9.14 14.83
C ASP A 110 -1.95 -8.20 15.71
N ASP A 111 -1.38 -7.77 16.83
CA ASP A 111 -2.06 -6.85 17.74
C ASP A 111 -2.15 -5.45 17.14
N GLN A 112 -1.06 -5.03 16.49
CA GLN A 112 -1.01 -3.71 15.87
C GLN A 112 -2.06 -3.56 14.76
N VAL A 113 -2.11 -4.54 13.87
CA VAL A 113 -3.06 -4.52 12.76
C VAL A 113 -4.51 -4.59 13.28
N GLN A 114 -4.70 -5.27 14.41
CA GLN A 114 -6.02 -5.41 15.01
C GLN A 114 -6.64 -4.04 15.26
N GLY A 115 -5.89 -3.18 15.94
CA GLY A 115 -6.35 -1.83 16.22
C GLY A 115 -6.38 -0.99 14.96
N PHE A 116 -5.52 -1.34 14.00
CA PHE A 116 -5.43 -0.63 12.73
C PHE A 116 -6.76 -0.67 11.99
N PHE A 117 -7.42 -1.83 12.04
CA PHE A 117 -8.71 -2.03 11.39
C PHE A 117 -9.80 -2.36 12.40
N ASP A 118 -11.01 -2.61 11.92
CA ASP A 118 -12.13 -2.95 12.79
C ASP A 118 -11.85 -4.23 13.59
N GLY A 119 -11.02 -5.10 13.05
CA GLY A 119 -10.69 -6.34 13.74
C GLY A 119 -10.18 -7.41 12.80
N LEU A 120 -9.34 -7.01 11.85
CA LEU A 120 -8.77 -7.95 10.89
C LEU A 120 -7.64 -8.76 11.51
N LYS A 121 -7.72 -10.08 11.38
CA LYS A 121 -6.71 -10.97 11.94
C LYS A 121 -5.75 -11.47 10.86
N PHE A 122 -4.45 -11.22 11.07
CA PHE A 122 -3.41 -11.66 10.13
C PHE A 122 -2.64 -12.85 10.69
N LYS A 123 -2.45 -13.87 9.86
CA LYS A 123 -1.74 -15.07 10.27
C LYS A 123 -0.30 -15.04 9.77
N GLN A 124 0.66 -15.03 10.70
CA GLN A 124 2.08 -15.01 10.35
C GLN A 124 2.73 -16.37 10.53
N LYS A 125 1.90 -17.42 10.61
CA LYS A 125 2.39 -18.79 10.77
C LYS A 125 3.19 -18.94 12.06
N ALA A 126 2.60 -18.47 13.17
CA ALA A 126 3.24 -18.55 14.48
C ALA A 126 4.60 -17.86 14.48
N SER A 127 4.60 -16.54 14.40
CA SER A 127 5.82 -15.75 14.40
C SER A 127 5.79 -14.67 15.49
N LEU A 128 6.75 -14.73 16.41
CA LEU A 128 6.82 -13.77 17.50
C LEU A 128 7.23 -12.39 16.98
N PHE A 129 8.08 -12.37 15.97
CA PHE A 129 8.55 -11.11 15.39
C PHE A 129 7.58 -10.61 14.31
N PRO A 130 7.44 -9.27 14.17
CA PRO A 130 6.54 -8.69 13.17
C PRO A 130 6.92 -9.09 11.75
N GLY A 131 5.92 -9.19 10.88
CA GLY A 131 6.17 -9.57 9.49
C GLY A 131 5.16 -8.97 8.54
N TYR A 132 4.64 -7.79 8.88
CA TYR A 132 3.65 -7.10 8.05
C TYR A 132 4.19 -5.75 7.59
N LEU A 133 4.27 -5.58 6.27
CA LEU A 133 4.75 -4.33 5.70
C LEU A 133 3.66 -3.28 5.69
N VAL A 134 3.92 -2.14 6.32
CA VAL A 134 2.94 -1.06 6.39
C VAL A 134 3.57 0.27 5.97
N LEU A 135 2.90 0.97 5.05
CA LEU A 135 3.38 2.24 4.55
C LEU A 135 2.63 3.40 5.19
N GLU A 136 3.24 4.59 5.13
CA GLU A 136 2.64 5.79 5.70
C GLU A 136 2.46 6.85 4.60
N ILE A 137 1.22 7.26 4.37
CA ILE A 137 0.93 8.26 3.34
C ILE A 137 1.06 9.67 3.89
N ASN A 138 2.25 10.26 3.75
CA ASN A 138 2.49 11.62 4.22
C ASN A 138 1.82 12.63 3.31
N ASP A 139 1.89 12.38 2.00
CA ASP A 139 1.28 13.26 1.02
C ASP A 139 0.89 12.46 -0.23
N PHE A 140 -0.38 12.53 -0.60
CA PHE A 140 -0.86 11.82 -1.78
C PHE A 140 -1.80 12.69 -2.61
N SER A 141 -1.99 12.33 -3.88
CA SER A 141 -2.86 13.09 -4.77
C SER A 141 -3.63 12.16 -5.71
N MET A 142 -4.73 12.66 -6.26
CA MET A 142 -5.56 11.88 -7.18
C MET A 142 -4.83 11.60 -8.49
N PHE A 143 -4.98 10.38 -8.99
CA PHE A 143 -4.33 9.98 -10.24
C PHE A 143 -5.37 9.70 -11.33
N ASN A 144 -6.50 9.12 -10.94
CA ASN A 144 -7.56 8.81 -11.89
C ASN A 144 -8.94 9.14 -11.31
N ARG A 145 -9.64 10.07 -11.95
CA ARG A 145 -10.97 10.49 -11.50
C ARG A 145 -12.00 9.39 -11.73
N ASP A 146 -11.87 8.67 -12.85
CA ASP A 146 -12.78 7.59 -13.21
C ASP A 146 -12.80 6.50 -12.14
N GLN A 147 -13.99 5.97 -11.86
CA GLN A 147 -14.14 4.91 -10.87
C GLN A 147 -13.87 3.55 -11.48
N LEU A 148 -12.90 2.83 -10.92
CA LEU A 148 -12.53 1.51 -11.41
C LEU A 148 -12.31 0.54 -10.25
N ILE A 149 -12.84 -0.66 -10.37
CA ILE A 149 -12.70 -1.68 -9.33
C ILE A 149 -11.54 -2.62 -9.67
N LEU A 150 -10.87 -3.12 -8.63
CA LEU A 150 -9.74 -4.03 -8.81
C LEU A 150 -10.21 -5.49 -8.80
N SER A 151 -10.68 -5.96 -9.95
CA SER A 151 -11.14 -7.34 -10.07
C SER A 151 -9.97 -8.32 -9.99
N ASN A 152 -8.77 -7.84 -10.33
CA ASN A 152 -7.57 -8.66 -10.28
C ASN A 152 -7.17 -8.99 -8.83
N ALA A 153 -7.75 -8.28 -7.88
CA ALA A 153 -7.45 -8.50 -6.45
C ALA A 153 -7.50 -9.97 -6.08
N GLY A 154 -8.32 -10.75 -6.79
CA GLY A 154 -8.43 -12.17 -6.51
C GLY A 154 -7.15 -12.92 -6.80
N THR A 155 -6.40 -12.47 -7.80
CA THR A 155 -5.14 -13.10 -8.17
C THR A 155 -4.04 -12.76 -7.18
N ILE A 156 -4.15 -11.58 -6.56
CA ILE A 156 -3.17 -11.12 -5.58
C ILE A 156 -2.88 -12.18 -4.53
N GLU A 157 -1.64 -12.19 -4.04
CA GLU A 157 -1.20 -13.15 -3.03
C GLU A 157 -1.08 -12.47 -1.66
N PHE A 158 -1.09 -13.27 -0.62
CA PHE A 158 -0.98 -12.76 0.75
C PHE A 158 0.42 -12.20 1.00
N LEU A 159 0.47 -11.00 1.56
CA LEU A 159 1.74 -10.35 1.85
C LEU A 159 2.41 -10.92 3.11
N TYR A 160 1.68 -11.77 3.84
CA TYR A 160 2.22 -12.38 5.06
C TYR A 160 2.70 -13.81 4.80
N GLY A 161 2.88 -14.15 3.52
CA GLY A 161 3.33 -15.48 3.15
C GLY A 161 4.29 -15.46 1.97
N THR A 162 4.88 -14.30 1.70
CA THR A 162 5.82 -14.14 0.59
C THR A 162 7.27 -14.16 1.11
N PRO A 163 8.03 -15.21 0.77
CA PRO A 163 9.43 -15.34 1.22
C PRO A 163 10.28 -14.13 0.83
N ARG A 164 9.97 -13.53 -0.32
CA ARG A 164 10.70 -12.38 -0.81
C ARG A 164 10.53 -11.17 0.11
N TYR A 165 9.28 -10.82 0.38
CA TYR A 165 8.97 -9.68 1.26
C TYR A 165 9.57 -9.88 2.65
N ILE A 166 9.48 -11.10 3.14
CA ILE A 166 9.99 -11.43 4.46
C ILE A 166 11.52 -11.30 4.51
N ALA A 167 12.19 -11.72 3.45
CA ALA A 167 13.65 -11.64 3.39
C ALA A 167 14.16 -10.21 3.26
N ARG A 168 13.44 -9.38 2.51
CA ARG A 168 13.83 -8.00 2.30
C ARG A 168 13.94 -7.21 3.59
N PHE A 169 13.10 -7.54 4.57
CA PHE A 169 13.10 -6.81 5.85
C PHE A 169 13.49 -7.68 7.05
N ILE A 170 12.85 -8.84 7.17
CA ILE A 170 13.11 -9.73 8.30
C ILE A 170 14.48 -10.40 8.24
N GLU A 171 14.88 -10.88 7.07
CA GLU A 171 16.18 -11.53 6.92
C GLU A 171 17.34 -10.54 7.00
N GLN A 172 17.03 -9.24 6.99
CA GLN A 172 18.06 -8.21 7.06
C GLN A 172 18.87 -8.35 8.36
N GLU A 173 18.19 -8.65 9.45
CA GLU A 173 18.85 -8.83 10.75
C GLU A 173 17.92 -9.54 11.73
N PHE A 174 17.92 -10.87 11.68
CA PHE A 174 17.08 -11.67 12.56
C PHE A 174 17.68 -11.76 13.97
N SER A 175 19.00 -11.92 14.04
CA SER A 175 19.68 -12.01 15.33
C SER A 175 21.15 -11.61 15.19
N ASP A 176 21.76 -11.25 16.33
CA ASP A 176 23.16 -10.84 16.35
C ASP A 176 24.05 -11.98 16.82
N GLU A 177 23.94 -12.34 18.10
CA GLU A 177 24.75 -13.42 18.68
C GLU A 177 24.48 -14.75 17.97
N GLU A 178 23.21 -14.99 17.64
CA GLU A 178 22.82 -16.23 16.96
C GLU A 178 23.37 -16.26 15.53
N GLY A 1 21.49 34.13 1.32
CA GLY A 1 22.93 33.73 1.21
C GLY A 1 23.23 32.46 2.00
N ALA A 2 22.79 31.32 1.46
CA ALA A 2 23.01 30.03 2.11
C ALA A 2 23.78 29.08 1.19
N MET A 3 24.85 28.47 1.72
CA MET A 3 25.65 27.54 0.95
C MET A 3 25.29 26.10 1.28
N GLY A 4 25.26 25.25 0.26
CA GLY A 4 24.93 23.86 0.45
C GLY A 4 25.23 23.01 -0.78
N PRO A 5 24.44 21.96 -1.06
CA PRO A 5 24.66 21.10 -2.22
C PRO A 5 24.65 21.87 -3.54
N PRO A 6 25.26 21.31 -4.61
CA PRO A 6 25.32 21.97 -5.92
C PRO A 6 23.95 22.06 -6.59
N SER A 7 23.85 22.92 -7.60
CA SER A 7 22.60 23.11 -8.33
C SER A 7 22.22 21.86 -9.13
N SER A 8 23.17 20.93 -9.30
CA SER A 8 22.92 19.69 -10.04
C SER A 8 21.80 18.89 -9.39
N ARG A 9 21.82 18.82 -8.07
CA ARG A 9 20.81 18.09 -7.31
C ARG A 9 19.55 18.93 -7.14
N ASP A 10 19.72 20.24 -7.01
CA ASP A 10 18.60 21.16 -6.84
C ASP A 10 17.69 21.13 -8.06
N ALA A 11 18.29 21.01 -9.25
CA ALA A 11 17.53 20.97 -10.50
C ALA A 11 16.40 19.95 -10.44
N VAL A 12 15.53 19.98 -11.45
CA VAL A 12 14.39 19.06 -11.50
C VAL A 12 14.77 17.76 -12.23
N ARG A 13 13.80 16.86 -12.33
CA ARG A 13 14.02 15.58 -12.98
C ARG A 13 13.44 15.57 -14.40
N VAL A 14 14.14 14.92 -15.32
CA VAL A 14 13.70 14.83 -16.70
C VAL A 14 13.67 13.39 -17.18
N THR A 15 12.88 13.11 -18.22
CA THR A 15 12.75 11.77 -18.79
C THR A 15 12.39 10.77 -17.69
N ALA A 16 11.13 10.80 -17.28
CA ALA A 16 10.63 9.91 -16.23
C ALA A 16 9.25 9.39 -16.57
N SER A 17 9.03 8.09 -16.34
CA SER A 17 7.75 7.45 -16.62
C SER A 17 7.37 6.49 -15.50
N ALA A 18 6.06 6.36 -15.27
CA ALA A 18 5.56 5.47 -14.22
C ALA A 18 4.20 4.88 -14.59
N HIS A 19 4.11 3.55 -14.57
CA HIS A 19 2.87 2.87 -14.91
C HIS A 19 2.58 1.75 -13.91
N MET A 20 1.32 1.33 -13.86
CA MET A 20 0.91 0.28 -12.93
C MET A 20 1.19 -1.12 -13.52
N LYS A 21 2.08 -1.85 -12.86
CA LYS A 21 2.44 -3.19 -13.29
C LYS A 21 2.99 -4.00 -12.12
N HIS A 22 4.12 -3.57 -11.59
CA HIS A 22 4.75 -4.24 -10.46
C HIS A 22 5.92 -3.41 -9.92
N TRP A 23 5.58 -2.42 -9.08
CA TRP A 23 6.59 -1.54 -8.51
C TRP A 23 7.04 -2.02 -7.12
N LEU A 24 6.22 -2.84 -6.47
CA LEU A 24 6.53 -3.35 -5.13
C LEU A 24 7.83 -4.16 -5.10
N GLU A 25 8.06 -4.96 -6.13
CA GLU A 25 9.26 -5.80 -6.18
C GLU A 25 10.54 -4.97 -6.34
N PRO A 26 10.66 -4.16 -7.41
CA PRO A 26 11.85 -3.35 -7.66
C PRO A 26 12.08 -2.23 -6.65
N VAL A 27 10.98 -1.64 -6.17
CA VAL A 27 11.06 -0.53 -5.22
C VAL A 27 11.77 -0.91 -3.92
N LEU A 28 11.44 -2.07 -3.37
CA LEU A 28 12.04 -2.51 -2.11
C LEU A 28 13.23 -3.45 -2.32
N CYS A 29 13.56 -3.74 -3.58
CA CYS A 29 14.67 -4.64 -3.88
C CYS A 29 15.79 -3.90 -4.64
N GLU A 30 15.45 -3.39 -5.82
CA GLU A 30 16.41 -2.68 -6.65
C GLU A 30 16.59 -1.24 -6.21
N ALA A 31 15.48 -0.59 -5.84
CA ALA A 31 15.51 0.80 -5.41
C ALA A 31 15.70 0.92 -3.90
N GLY A 32 15.15 -0.03 -3.15
CA GLY A 32 15.26 0.00 -1.70
C GLY A 32 14.61 1.23 -1.08
N LEU A 33 13.35 1.48 -1.46
CA LEU A 33 12.61 2.63 -0.95
C LEU A 33 12.67 2.73 0.57
N GLY A 34 12.19 3.85 1.10
CA GLY A 34 12.19 4.07 2.53
C GLY A 34 12.51 5.52 2.87
N HIS A 35 13.58 5.73 3.63
CA HIS A 35 13.99 7.08 4.01
C HIS A 35 15.04 7.64 3.04
N ASN A 36 15.38 6.86 2.02
CA ASN A 36 16.36 7.28 1.03
C ASN A 36 15.79 8.34 0.09
N TYR A 37 14.65 8.03 -0.52
CA TYR A 37 14.01 8.97 -1.44
C TYR A 37 12.55 8.59 -1.68
N LYS A 38 11.80 9.50 -2.30
CA LYS A 38 10.39 9.29 -2.58
C LYS A 38 10.17 9.06 -4.08
N VAL A 39 9.20 8.21 -4.42
CA VAL A 39 8.89 7.90 -5.81
C VAL A 39 7.41 8.04 -6.11
N ASP A 40 7.07 8.19 -7.39
CA ASP A 40 5.68 8.33 -7.82
C ASP A 40 5.15 7.00 -8.38
N LYS A 41 4.14 6.45 -7.72
CA LYS A 41 3.55 5.19 -8.14
C LYS A 41 2.03 5.23 -8.02
N VAL A 42 1.35 4.30 -8.69
CA VAL A 42 -0.10 4.23 -8.66
C VAL A 42 -0.58 3.12 -7.73
N LEU A 43 -1.35 3.49 -6.72
CA LEU A 43 -1.88 2.53 -5.76
C LEU A 43 -3.39 2.71 -5.60
N LYS A 44 -4.12 1.61 -5.50
CA LYS A 44 -5.56 1.67 -5.35
C LYS A 44 -6.01 1.00 -4.05
N VAL A 45 -7.02 1.62 -3.42
CA VAL A 45 -7.57 1.12 -2.17
C VAL A 45 -8.92 0.44 -2.39
N LEU A 46 -9.17 -0.66 -1.69
CA LEU A 46 -10.42 -1.39 -1.84
C LEU A 46 -11.25 -1.37 -0.56
N ARG A 47 -10.64 -1.05 0.58
CA ARG A 47 -11.37 -1.02 1.86
C ARG A 47 -10.98 0.18 2.71
N ILE A 48 -11.99 0.86 3.23
CA ILE A 48 -11.80 2.02 4.12
C ILE A 48 -12.91 2.07 5.16
N TYR A 49 -12.56 2.51 6.37
CA TYR A 49 -13.54 2.60 7.45
C TYR A 49 -13.64 4.04 7.98
N PRO A 50 -14.33 4.93 7.25
CA PRO A 50 -14.49 6.34 7.64
C PRO A 50 -15.53 6.53 8.75
N ARG A 51 -15.47 7.66 9.43
CA ARG A 51 -16.41 7.98 10.51
C ARG A 51 -16.90 9.41 10.38
N SER A 52 -18.02 9.72 11.03
CA SER A 52 -18.61 11.06 10.98
C SER A 52 -17.77 12.09 11.74
N ASN A 53 -17.00 11.63 12.73
CA ASN A 53 -16.18 12.53 13.54
C ASN A 53 -14.69 12.36 13.27
N THR A 54 -14.34 11.88 12.07
CA THR A 54 -12.94 11.69 11.71
C THR A 54 -12.46 12.77 10.75
N LEU A 55 -11.24 12.58 10.23
CA LEU A 55 -10.65 13.52 9.28
C LEU A 55 -10.87 13.05 7.85
N SER A 56 -11.77 12.09 7.67
CA SER A 56 -12.05 11.54 6.35
C SER A 56 -10.82 10.83 5.78
N SER A 57 -10.03 10.25 6.69
CA SER A 57 -8.82 9.53 6.31
C SER A 57 -8.27 8.75 7.50
N LEU A 58 -8.17 7.44 7.34
CA LEU A 58 -7.66 6.57 8.40
C LEU A 58 -7.06 5.29 7.81
N PRO A 59 -6.53 4.38 8.65
CA PRO A 59 -5.93 3.13 8.17
C PRO A 59 -6.86 2.40 7.20
N LEU A 60 -6.31 2.00 6.06
CA LEU A 60 -7.11 1.31 5.03
C LEU A 60 -6.33 0.16 4.41
N CYS A 61 -7.05 -0.76 3.78
CA CYS A 61 -6.45 -1.90 3.12
C CYS A 61 -6.46 -1.70 1.62
N LEU A 62 -5.29 -1.47 1.04
CA LEU A 62 -5.18 -1.25 -0.40
C LEU A 62 -4.54 -2.43 -1.11
N CYS A 63 -4.99 -2.69 -2.34
CA CYS A 63 -4.47 -3.80 -3.13
C CYS A 63 -3.69 -3.28 -4.33
N ASP A 64 -2.45 -3.76 -4.48
CA ASP A 64 -1.59 -3.35 -5.57
C ASP A 64 -1.79 -4.25 -6.79
N ALA A 65 -0.92 -4.08 -7.79
CA ALA A 65 -1.00 -4.85 -9.02
C ALA A 65 -0.87 -6.36 -8.77
N ASN A 66 0.04 -6.75 -7.87
CA ASN A 66 0.25 -8.18 -7.59
C ASN A 66 0.26 -8.52 -6.09
N TYR A 67 0.18 -7.51 -5.22
CA TYR A 67 0.19 -7.77 -3.78
C TYR A 67 -0.70 -6.80 -3.02
N LYS A 68 -1.02 -7.15 -1.78
CA LYS A 68 -1.86 -6.32 -0.91
C LYS A 68 -1.17 -6.05 0.42
N ILE A 69 -0.99 -4.77 0.75
CA ILE A 69 -0.34 -4.37 2.01
C ILE A 69 -1.15 -3.31 2.75
N LEU A 70 -0.90 -3.17 4.04
CA LEU A 70 -1.59 -2.18 4.86
C LEU A 70 -0.94 -0.80 4.66
N ALA A 71 -1.68 0.26 4.99
CA ALA A 71 -1.15 1.61 4.84
C ALA A 71 -1.95 2.63 5.66
N PHE A 72 -1.29 3.71 6.03
CA PHE A 72 -1.92 4.77 6.82
C PHE A 72 -1.45 6.14 6.31
N ALA A 73 -2.40 7.06 6.14
CA ALA A 73 -2.08 8.40 5.67
C ALA A 73 -2.00 9.39 6.83
N ASN A 74 -0.93 10.19 6.86
CA ASN A 74 -0.74 11.18 7.91
C ASN A 74 -1.64 12.40 7.66
N TYR A 75 -1.83 13.21 8.69
CA TYR A 75 -2.68 14.40 8.58
C TYR A 75 -2.29 15.30 7.41
N LYS A 76 -1.00 15.39 7.12
CA LYS A 76 -0.54 16.22 6.00
C LYS A 76 -1.16 15.73 4.71
N ALA A 77 -1.25 14.41 4.57
CA ALA A 77 -1.84 13.79 3.40
C ALA A 77 -3.36 13.97 3.42
N ILE A 78 -3.94 13.96 4.61
CA ILE A 78 -5.38 14.13 4.78
C ILE A 78 -5.82 15.54 4.36
N ALA A 79 -5.18 16.54 4.95
CA ALA A 79 -5.50 17.94 4.65
C ALA A 79 -5.30 18.26 3.17
N ALA A 80 -4.32 17.61 2.55
CA ALA A 80 -4.03 17.85 1.13
C ALA A 80 -5.25 17.62 0.25
N PHE A 81 -5.84 16.44 0.34
CA PHE A 81 -7.01 16.11 -0.47
C PHE A 81 -8.20 16.99 -0.10
N GLU A 82 -8.29 17.35 1.19
CA GLU A 82 -9.38 18.19 1.67
C GLU A 82 -9.37 19.55 0.97
N ARG A 83 -8.18 20.12 0.81
CA ARG A 83 -8.04 21.41 0.15
C ARG A 83 -8.22 21.29 -1.37
N LYS A 84 -7.67 20.22 -1.94
CA LYS A 84 -7.75 20.00 -3.38
C LYS A 84 -9.13 19.48 -3.81
N GLU A 85 -9.52 18.32 -3.29
CA GLU A 85 -10.79 17.70 -3.64
C GLU A 85 -11.98 18.41 -3.00
N ARG A 86 -11.74 19.11 -1.89
CA ARG A 86 -12.81 19.83 -1.19
C ARG A 86 -13.99 18.91 -0.89
N ARG A 87 -13.70 17.64 -0.62
CA ARG A 87 -14.75 16.66 -0.32
C ARG A 87 -14.14 15.38 0.26
N ARG A 88 -14.99 14.54 0.84
CA ARG A 88 -14.53 13.28 1.43
C ARG A 88 -13.87 12.40 0.37
N VAL A 89 -12.63 12.01 0.63
CA VAL A 89 -11.86 11.19 -0.31
C VAL A 89 -12.06 9.69 -0.08
N THR A 90 -12.09 9.28 1.19
CA THR A 90 -12.24 7.86 1.54
C THR A 90 -13.53 7.26 1.02
N GLN A 91 -14.51 8.10 0.70
CA GLN A 91 -15.80 7.61 0.22
C GLN A 91 -15.65 6.87 -1.13
N ASN A 92 -15.56 7.61 -2.22
CA ASN A 92 -15.43 7.01 -3.55
C ASN A 92 -14.17 7.45 -4.29
N LEU A 93 -13.54 8.54 -3.82
CA LEU A 93 -12.34 9.05 -4.49
C LEU A 93 -11.13 8.13 -4.32
N LEU A 94 -10.90 7.65 -3.10
CA LEU A 94 -9.77 6.77 -2.84
C LEU A 94 -9.85 5.49 -3.65
N ASN A 95 -11.07 4.99 -3.89
CA ASN A 95 -11.25 3.76 -4.68
C ASN A 95 -10.51 3.87 -6.02
N SER A 96 -10.36 5.09 -6.52
CA SER A 96 -9.66 5.31 -7.79
C SER A 96 -8.16 5.19 -7.58
N GLU A 97 -7.40 5.38 -8.66
CA GLU A 97 -5.94 5.30 -8.60
C GLU A 97 -5.38 6.47 -7.81
N ILE A 98 -4.42 6.18 -6.92
CA ILE A 98 -3.79 7.21 -6.10
C ILE A 98 -2.29 7.30 -6.34
N MET A 99 -1.76 8.51 -6.16
CA MET A 99 -0.33 8.77 -6.34
C MET A 99 0.29 9.17 -5.02
N ILE A 100 1.14 8.31 -4.47
CA ILE A 100 1.81 8.61 -3.22
C ILE A 100 3.15 9.28 -3.47
N HIS A 101 3.18 10.61 -3.31
CA HIS A 101 4.39 11.39 -3.53
C HIS A 101 5.50 10.93 -2.58
N SER A 102 5.12 10.65 -1.34
CA SER A 102 6.09 10.23 -0.33
C SER A 102 5.54 9.05 0.49
N PHE A 103 6.37 8.03 0.69
CA PHE A 103 5.96 6.87 1.46
C PHE A 103 7.18 6.15 2.05
N THR A 104 7.02 5.58 3.23
CA THR A 104 8.11 4.87 3.89
C THR A 104 7.63 3.51 4.41
N ILE A 105 8.55 2.56 4.53
CA ILE A 105 8.22 1.22 5.00
C ILE A 105 8.10 1.19 6.52
N ARG A 106 7.06 0.51 7.00
CA ARG A 106 6.81 0.37 8.44
C ARG A 106 6.33 -1.04 8.74
N PHE A 107 6.54 -1.47 9.99
CA PHE A 107 6.12 -2.81 10.40
C PHE A 107 4.95 -2.76 11.37
N TYR A 108 4.05 -3.73 11.25
CA TYR A 108 2.87 -3.80 12.12
C TYR A 108 2.73 -5.20 12.71
N ASN A 109 2.27 -5.25 13.96
CA ASN A 109 2.07 -6.52 14.66
C ASN A 109 0.60 -6.92 14.63
N ASP A 110 0.30 -8.09 15.20
CA ASP A 110 -1.08 -8.58 15.24
C ASP A 110 -1.98 -7.62 15.99
N ASP A 111 -1.47 -7.06 17.08
CA ASP A 111 -2.23 -6.11 17.89
C ASP A 111 -2.38 -4.77 17.17
N GLN A 112 -1.31 -4.34 16.50
CA GLN A 112 -1.32 -3.07 15.77
C GLN A 112 -2.34 -3.08 14.65
N VAL A 113 -2.44 -4.20 13.94
CA VAL A 113 -3.39 -4.32 12.84
C VAL A 113 -4.83 -4.36 13.35
N GLN A 114 -5.03 -4.88 14.56
CA GLN A 114 -6.36 -4.96 15.17
C GLN A 114 -6.95 -3.56 15.29
N GLY A 115 -6.17 -2.65 15.87
CA GLY A 115 -6.62 -1.28 16.02
C GLY A 115 -6.66 -0.55 14.69
N PHE A 116 -5.83 -1.01 13.75
CA PHE A 116 -5.74 -0.43 12.41
C PHE A 116 -7.10 -0.50 11.71
N PHE A 117 -7.67 -1.71 11.71
CA PHE A 117 -8.97 -1.94 11.06
C PHE A 117 -10.04 -2.23 12.11
N ASP A 118 -11.26 -2.51 11.65
CA ASP A 118 -12.37 -2.80 12.55
C ASP A 118 -12.13 -4.09 13.36
N GLY A 119 -11.22 -4.94 12.87
CA GLY A 119 -10.93 -6.18 13.57
C GLY A 119 -10.19 -7.17 12.69
N LEU A 120 -9.24 -6.68 11.90
CA LEU A 120 -8.46 -7.54 11.01
C LEU A 120 -7.48 -8.40 11.80
N LYS A 121 -7.53 -9.71 11.59
CA LYS A 121 -6.65 -10.64 12.29
C LYS A 121 -5.70 -11.35 11.34
N PHE A 122 -4.41 -11.20 11.58
CA PHE A 122 -3.38 -11.85 10.74
C PHE A 122 -2.75 -13.01 11.49
N LYS A 123 -2.38 -14.06 10.75
CA LYS A 123 -1.76 -15.24 11.36
C LYS A 123 -0.25 -15.26 11.14
N GLN A 124 0.49 -15.21 12.24
CA GLN A 124 1.95 -15.24 12.20
C GLN A 124 2.49 -16.58 12.70
N LYS A 125 1.72 -17.24 13.57
CA LYS A 125 2.10 -18.53 14.14
C LYS A 125 3.41 -18.42 14.90
N ALA A 126 3.58 -17.27 15.58
CA ALA A 126 4.77 -16.97 16.38
C ALA A 126 4.94 -15.47 16.50
N SER A 127 4.20 -14.86 17.41
CA SER A 127 4.26 -13.41 17.60
C SER A 127 5.26 -13.00 18.66
N LEU A 128 5.97 -11.91 18.37
CA LEU A 128 6.97 -11.35 19.27
C LEU A 128 7.54 -10.09 18.63
N PHE A 129 7.68 -10.12 17.31
CA PHE A 129 8.20 -8.99 16.55
C PHE A 129 7.31 -8.71 15.33
N PRO A 130 7.09 -7.43 14.98
CA PRO A 130 6.26 -7.07 13.82
C PRO A 130 6.78 -7.74 12.54
N GLY A 131 5.87 -8.39 11.80
CA GLY A 131 6.27 -9.05 10.56
C GLY A 131 5.34 -8.77 9.40
N TYR A 132 4.87 -7.53 9.30
CA TYR A 132 3.96 -7.13 8.21
C TYR A 132 4.40 -5.80 7.60
N LEU A 133 4.51 -5.77 6.27
CA LEU A 133 4.92 -4.56 5.57
C LEU A 133 3.78 -3.57 5.46
N VAL A 134 3.96 -2.39 6.06
CA VAL A 134 2.95 -1.34 6.03
C VAL A 134 3.55 -0.01 5.59
N LEU A 135 2.92 0.64 4.62
CA LEU A 135 3.41 1.92 4.11
C LEU A 135 2.74 3.09 4.81
N GLU A 136 3.39 4.25 4.72
CA GLU A 136 2.88 5.48 5.31
C GLU A 136 2.64 6.51 4.23
N ILE A 137 1.43 7.05 4.15
CA ILE A 137 1.10 8.04 3.14
C ILE A 137 1.27 9.46 3.67
N ASN A 138 2.43 10.05 3.39
CA ASN A 138 2.71 11.41 3.83
C ASN A 138 1.92 12.42 3.00
N ASP A 139 1.88 12.16 1.69
CA ASP A 139 1.16 13.02 0.76
C ASP A 139 0.82 12.24 -0.50
N PHE A 140 -0.47 12.18 -0.84
CA PHE A 140 -0.91 11.46 -2.03
C PHE A 140 -1.86 12.31 -2.88
N SER A 141 -1.93 11.99 -4.17
CA SER A 141 -2.80 12.71 -5.10
C SER A 141 -3.51 11.74 -6.05
N MET A 142 -4.70 12.12 -6.48
CA MET A 142 -5.48 11.27 -7.38
C MET A 142 -4.83 11.18 -8.76
N PHE A 143 -4.26 10.01 -9.07
CA PHE A 143 -3.61 9.79 -10.36
C PHE A 143 -4.64 9.77 -11.48
N ASN A 144 -5.64 8.91 -11.34
CA ASN A 144 -6.70 8.78 -12.33
C ASN A 144 -8.02 9.31 -11.79
N ARG A 145 -8.53 10.36 -12.42
CA ARG A 145 -9.78 10.99 -11.98
C ARG A 145 -10.96 10.00 -12.05
N ASP A 146 -10.97 9.18 -13.10
CA ASP A 146 -12.03 8.19 -13.28
C ASP A 146 -11.97 7.13 -12.19
N GLN A 147 -13.14 6.74 -11.67
CA GLN A 147 -13.23 5.73 -10.62
C GLN A 147 -13.19 4.32 -11.22
N LEU A 148 -12.32 3.48 -10.69
CA LEU A 148 -12.18 2.10 -11.17
C LEU A 148 -12.03 1.13 -10.01
N ILE A 149 -12.49 -0.10 -10.22
CA ILE A 149 -12.41 -1.15 -9.19
C ILE A 149 -11.40 -2.22 -9.61
N LEU A 150 -10.65 -2.74 -8.63
CA LEU A 150 -9.65 -3.76 -8.90
C LEU A 150 -10.27 -5.15 -8.89
N SER A 151 -10.76 -5.58 -10.06
CA SER A 151 -11.39 -6.88 -10.20
C SER A 151 -10.37 -8.02 -10.06
N ASN A 152 -9.10 -7.69 -10.22
CA ASN A 152 -8.03 -8.69 -10.11
C ASN A 152 -7.50 -8.81 -8.68
N ALA A 153 -8.25 -8.28 -7.71
CA ALA A 153 -7.84 -8.33 -6.31
C ALA A 153 -7.79 -9.77 -5.81
N GLY A 154 -8.71 -10.60 -6.27
CA GLY A 154 -8.76 -11.99 -5.86
C GLY A 154 -7.54 -12.77 -6.30
N THR A 155 -6.98 -12.39 -7.45
CA THR A 155 -5.79 -13.07 -7.99
C THR A 155 -4.54 -12.66 -7.22
N ILE A 156 -4.54 -11.43 -6.70
CA ILE A 156 -3.42 -10.91 -5.94
C ILE A 156 -2.99 -11.86 -4.82
N GLU A 157 -1.68 -11.91 -4.57
CA GLU A 157 -1.13 -12.77 -3.53
C GLU A 157 -1.01 -12.01 -2.21
N PHE A 158 -1.12 -12.75 -1.11
CA PHE A 158 -1.03 -12.15 0.22
C PHE A 158 0.40 -11.74 0.54
N LEU A 159 0.54 -10.66 1.32
CA LEU A 159 1.85 -10.15 1.71
C LEU A 159 2.56 -11.08 2.68
N TYR A 160 1.79 -11.76 3.52
CA TYR A 160 2.35 -12.68 4.51
C TYR A 160 2.82 -13.99 3.89
N GLY A 161 2.55 -14.18 2.59
CA GLY A 161 2.96 -15.40 1.92
C GLY A 161 4.01 -15.16 0.86
N THR A 162 4.88 -14.18 1.10
CA THR A 162 5.95 -13.84 0.17
C THR A 162 7.32 -14.15 0.77
N PRO A 163 7.84 -15.38 0.55
CA PRO A 163 9.14 -15.79 1.08
C PRO A 163 10.26 -14.79 0.82
N ARG A 164 10.28 -14.22 -0.37
CA ARG A 164 11.32 -13.25 -0.75
C ARG A 164 11.15 -11.94 0.01
N TYR A 165 9.90 -11.50 0.16
CA TYR A 165 9.61 -10.25 0.88
C TYR A 165 9.86 -10.41 2.37
N ILE A 166 9.45 -11.55 2.92
CA ILE A 166 9.62 -11.84 4.33
C ILE A 166 11.10 -11.86 4.71
N ALA A 167 11.90 -12.60 3.95
CA ALA A 167 13.33 -12.71 4.22
C ALA A 167 14.05 -11.37 4.01
N ARG A 168 13.51 -10.54 3.13
CA ARG A 168 14.11 -9.23 2.83
C ARG A 168 13.98 -8.26 4.00
N PHE A 169 12.82 -8.27 4.66
CA PHE A 169 12.57 -7.36 5.78
C PHE A 169 12.64 -8.06 7.14
N ILE A 170 12.03 -9.24 7.23
CA ILE A 170 12.01 -9.99 8.48
C ILE A 170 13.41 -10.49 8.86
N GLU A 171 13.95 -11.39 8.05
CA GLU A 171 15.28 -11.95 8.30
C GLU A 171 16.34 -10.86 8.30
N GLN A 172 16.08 -9.79 7.54
CA GLN A 172 17.01 -8.66 7.45
C GLN A 172 18.37 -9.09 6.89
N GLU A 173 18.40 -10.23 6.20
CA GLU A 173 19.64 -10.75 5.62
C GLU A 173 20.69 -11.01 6.70
N PHE A 174 20.30 -11.79 7.72
CA PHE A 174 21.20 -12.12 8.82
C PHE A 174 22.39 -12.93 8.33
N SER A 175 22.16 -13.78 7.32
CA SER A 175 23.22 -14.63 6.77
C SER A 175 23.31 -14.46 5.26
N ASP A 176 24.53 -14.42 4.74
CA ASP A 176 24.75 -14.28 3.30
C ASP A 176 26.07 -14.93 2.87
N GLU A 177 26.52 -15.91 3.65
CA GLU A 177 27.77 -16.62 3.35
C GLU A 177 28.96 -15.65 3.33
N GLU A 178 28.95 -14.70 4.28
CA GLU A 178 30.03 -13.72 4.38
C GLU A 178 30.74 -13.82 5.72
N GLY A 1 35.81 -5.52 -42.17
CA GLY A 1 34.36 -5.82 -42.05
C GLY A 1 33.53 -5.03 -43.03
N ALA A 2 32.69 -5.73 -43.79
CA ALA A 2 31.82 -5.09 -44.78
C ALA A 2 30.75 -4.24 -44.10
N MET A 3 30.10 -4.81 -43.09
CA MET A 3 29.05 -4.11 -42.36
C MET A 3 29.13 -4.40 -40.86
N GLY A 4 28.66 -3.44 -40.06
CA GLY A 4 28.68 -3.60 -38.62
C GLY A 4 27.33 -4.03 -38.06
N PRO A 5 27.27 -5.09 -37.24
CA PRO A 5 26.01 -5.58 -36.67
C PRO A 5 25.47 -4.65 -35.57
N PRO A 6 24.35 -3.95 -35.83
CA PRO A 6 23.74 -3.04 -34.85
C PRO A 6 23.13 -3.78 -33.67
N SER A 7 23.13 -3.13 -32.51
CA SER A 7 22.57 -3.74 -31.30
C SER A 7 21.76 -2.71 -30.51
N SER A 8 20.85 -3.21 -29.67
CA SER A 8 20.00 -2.34 -28.85
C SER A 8 20.23 -2.60 -27.36
N ARG A 9 19.86 -1.64 -26.53
CA ARG A 9 20.02 -1.77 -25.08
C ARG A 9 18.67 -1.89 -24.39
N ASP A 10 17.71 -1.08 -24.83
CA ASP A 10 16.36 -1.08 -24.25
C ASP A 10 15.29 -1.20 -25.34
N ALA A 11 15.64 -1.85 -26.44
CA ALA A 11 14.70 -2.01 -27.55
C ALA A 11 13.53 -2.91 -27.16
N VAL A 12 13.84 -4.08 -26.62
CA VAL A 12 12.80 -5.03 -26.20
C VAL A 12 12.22 -4.67 -24.85
N ARG A 13 13.05 -4.15 -23.95
CA ARG A 13 12.62 -3.76 -22.62
C ARG A 13 12.18 -2.30 -22.58
N VAL A 14 11.11 -2.02 -21.84
CA VAL A 14 10.60 -0.66 -21.71
C VAL A 14 10.76 -0.15 -20.28
N THR A 15 11.31 1.05 -20.15
CA THR A 15 11.54 1.67 -18.84
C THR A 15 10.37 2.55 -18.44
N ALA A 16 9.69 3.13 -19.43
CA ALA A 16 8.56 4.02 -19.17
C ALA A 16 7.23 3.26 -19.22
N SER A 17 6.44 3.38 -18.17
CA SER A 17 5.14 2.71 -18.09
C SER A 17 4.13 3.59 -17.36
N ALA A 18 2.85 3.43 -17.73
CA ALA A 18 1.78 4.21 -17.11
C ALA A 18 0.53 3.36 -16.88
N HIS A 19 0.73 2.07 -16.63
CA HIS A 19 -0.38 1.14 -16.40
C HIS A 19 -0.23 0.47 -15.04
N MET A 20 -1.31 -0.18 -14.59
CA MET A 20 -1.31 -0.86 -13.30
C MET A 20 -0.39 -2.08 -13.32
N LYS A 21 0.73 -1.98 -12.61
CA LYS A 21 1.70 -3.08 -12.55
C LYS A 21 2.25 -3.22 -11.13
N HIS A 22 2.62 -4.45 -10.77
CA HIS A 22 3.17 -4.72 -9.44
C HIS A 22 4.52 -4.02 -9.24
N TRP A 23 4.46 -2.80 -8.73
CA TRP A 23 5.68 -2.02 -8.49
C TRP A 23 6.37 -2.44 -7.19
N LEU A 24 5.70 -3.26 -6.38
CA LEU A 24 6.25 -3.74 -5.12
C LEU A 24 7.51 -4.57 -5.34
N GLU A 25 7.56 -5.31 -6.43
CA GLU A 25 8.70 -6.14 -6.76
C GLU A 25 9.93 -5.30 -7.14
N PRO A 26 9.83 -4.47 -8.20
CA PRO A 26 10.94 -3.63 -8.67
C PRO A 26 11.42 -2.59 -7.65
N VAL A 27 10.49 -2.05 -6.87
CA VAL A 27 10.82 -1.04 -5.87
C VAL A 27 11.85 -1.58 -4.87
N LEU A 28 11.74 -2.86 -4.54
CA LEU A 28 12.65 -3.49 -3.59
C LEU A 28 13.77 -4.26 -4.31
N CYS A 29 13.76 -4.26 -5.64
CA CYS A 29 14.77 -4.98 -6.41
C CYS A 29 15.67 -4.03 -7.22
N GLU A 30 15.07 -3.28 -8.13
CA GLU A 30 15.82 -2.36 -8.98
C GLU A 30 15.91 -0.96 -8.37
N ALA A 31 14.81 -0.49 -7.80
CA ALA A 31 14.77 0.83 -7.19
C ALA A 31 15.70 0.91 -5.98
N GLY A 32 15.79 -0.20 -5.24
CA GLY A 32 16.65 -0.24 -4.07
C GLY A 32 16.21 0.72 -2.98
N LEU A 33 14.90 0.89 -2.82
CA LEU A 33 14.36 1.80 -1.81
C LEU A 33 14.80 1.36 -0.42
N GLY A 34 15.13 2.35 0.42
CA GLY A 34 15.56 2.07 1.77
C GLY A 34 14.58 2.56 2.82
N HIS A 35 15.09 2.87 4.01
CA HIS A 35 14.26 3.35 5.10
C HIS A 35 13.60 4.69 4.76
N ASN A 36 14.39 5.63 4.26
CA ASN A 36 13.88 6.96 3.90
C ASN A 36 13.91 7.15 2.38
N TYR A 37 12.87 6.67 1.71
CA TYR A 37 12.75 6.79 0.26
C TYR A 37 11.32 7.10 -0.15
N LYS A 38 11.18 7.73 -1.31
CA LYS A 38 9.85 8.09 -1.84
C LYS A 38 9.84 8.06 -3.37
N VAL A 39 8.89 7.31 -3.93
CA VAL A 39 8.76 7.20 -5.38
C VAL A 39 7.32 7.46 -5.82
N ASP A 40 7.13 7.78 -7.09
CA ASP A 40 5.81 8.06 -7.63
C ASP A 40 5.26 6.84 -8.38
N LYS A 41 4.06 6.41 -8.00
CA LYS A 41 3.41 5.25 -8.62
C LYS A 41 1.91 5.27 -8.37
N VAL A 42 1.20 4.34 -9.00
CA VAL A 42 -0.25 4.25 -8.85
C VAL A 42 -0.63 3.12 -7.89
N LEU A 43 -1.49 3.44 -6.92
CA LEU A 43 -1.94 2.47 -5.94
C LEU A 43 -3.46 2.46 -5.84
N LYS A 44 -4.06 1.28 -5.92
CA LYS A 44 -5.52 1.14 -5.84
C LYS A 44 -5.96 0.61 -4.49
N VAL A 45 -6.98 1.25 -3.92
CA VAL A 45 -7.53 0.85 -2.62
C VAL A 45 -8.95 0.31 -2.78
N LEU A 46 -9.27 -0.74 -2.03
CA LEU A 46 -10.59 -1.37 -2.12
C LEU A 46 -11.39 -1.27 -0.80
N ARG A 47 -10.72 -0.99 0.31
CA ARG A 47 -11.42 -0.91 1.59
C ARG A 47 -10.95 0.27 2.44
N ILE A 48 -11.91 0.92 3.10
CA ILE A 48 -11.63 2.07 3.96
C ILE A 48 -12.45 1.98 5.25
N TYR A 49 -11.83 2.31 6.37
CA TYR A 49 -12.52 2.26 7.66
C TYR A 49 -12.57 3.64 8.31
N PRO A 50 -13.63 4.42 8.02
CA PRO A 50 -13.79 5.78 8.58
C PRO A 50 -13.80 5.77 10.11
N ARG A 51 -13.31 6.87 10.70
CA ARG A 51 -13.26 6.99 12.15
C ARG A 51 -14.11 8.17 12.64
N SER A 52 -14.28 8.28 13.96
CA SER A 52 -15.06 9.36 14.54
C SER A 52 -14.38 10.72 14.38
N ASN A 53 -13.08 10.69 14.09
CA ASN A 53 -12.31 11.93 13.92
C ASN A 53 -12.84 12.77 12.74
N THR A 54 -13.60 12.14 11.85
CA THR A 54 -14.17 12.83 10.69
C THR A 54 -13.12 13.64 9.93
N LEU A 55 -11.96 13.02 9.71
CA LEU A 55 -10.86 13.67 9.00
C LEU A 55 -10.94 13.36 7.50
N SER A 56 -11.92 12.55 7.10
CA SER A 56 -12.07 12.19 5.69
C SER A 56 -10.83 11.47 5.17
N SER A 57 -10.09 10.83 6.08
CA SER A 57 -8.88 10.11 5.71
C SER A 57 -8.36 9.29 6.90
N LEU A 58 -8.36 7.97 6.76
CA LEU A 58 -7.90 7.08 7.82
C LEU A 58 -7.36 5.79 7.22
N PRO A 59 -6.69 4.94 8.04
CA PRO A 59 -6.11 3.67 7.57
C PRO A 59 -7.05 2.91 6.62
N LEU A 60 -6.49 2.44 5.51
CA LEU A 60 -7.28 1.72 4.50
C LEU A 60 -6.51 0.52 3.96
N CYS A 61 -7.24 -0.52 3.59
CA CYS A 61 -6.64 -1.73 3.04
C CYS A 61 -6.66 -1.66 1.52
N LEU A 62 -5.50 -1.46 0.91
CA LEU A 62 -5.40 -1.35 -0.53
C LEU A 62 -4.82 -2.61 -1.16
N CYS A 63 -5.07 -2.79 -2.46
CA CYS A 63 -4.58 -3.95 -3.18
C CYS A 63 -3.82 -3.50 -4.43
N ASP A 64 -2.56 -3.90 -4.52
CA ASP A 64 -1.72 -3.55 -5.65
C ASP A 64 -1.98 -4.47 -6.84
N ALA A 65 -1.15 -4.37 -7.86
CA ALA A 65 -1.29 -5.18 -9.06
C ALA A 65 -1.21 -6.68 -8.75
N ASN A 66 -0.30 -7.06 -7.86
CA ASN A 66 -0.12 -8.47 -7.51
C ASN A 66 -0.28 -8.73 -6.00
N TYR A 67 0.15 -7.79 -5.18
CA TYR A 67 0.06 -7.95 -3.72
C TYR A 67 -0.72 -6.82 -3.07
N LYS A 68 -1.20 -7.05 -1.85
CA LYS A 68 -1.96 -6.06 -1.10
C LYS A 68 -1.40 -5.88 0.30
N ILE A 69 -1.26 -4.62 0.73
CA ILE A 69 -0.72 -4.31 2.05
C ILE A 69 -1.54 -3.24 2.75
N LEU A 70 -1.33 -3.09 4.05
CA LEU A 70 -2.05 -2.09 4.84
C LEU A 70 -1.33 -0.75 4.72
N ALA A 71 -2.10 0.34 4.75
CA ALA A 71 -1.53 1.68 4.64
C ALA A 71 -2.37 2.71 5.37
N PHE A 72 -1.75 3.82 5.76
CA PHE A 72 -2.43 4.89 6.46
C PHE A 72 -1.85 6.24 6.07
N ALA A 73 -2.71 7.24 5.92
CA ALA A 73 -2.28 8.59 5.54
C ALA A 73 -2.15 9.50 6.76
N ASN A 74 -1.05 10.24 6.83
CA ASN A 74 -0.82 11.16 7.95
C ASN A 74 -1.68 12.42 7.77
N TYR A 75 -1.87 13.15 8.87
CA TYR A 75 -2.69 14.37 8.85
C TYR A 75 -2.26 15.36 7.77
N LYS A 76 -0.96 15.42 7.49
CA LYS A 76 -0.45 16.33 6.46
C LYS A 76 -1.08 16.00 5.12
N ALA A 77 -1.20 14.71 4.85
CA ALA A 77 -1.80 14.24 3.61
C ALA A 77 -3.31 14.49 3.61
N ILE A 78 -3.92 14.34 4.79
CA ILE A 78 -5.35 14.56 4.95
C ILE A 78 -5.72 16.00 4.70
N ALA A 79 -5.06 16.91 5.41
CA ALA A 79 -5.33 18.34 5.28
C ALA A 79 -5.02 18.84 3.86
N ALA A 80 -3.93 18.35 3.29
CA ALA A 80 -3.54 18.76 1.94
C ALA A 80 -4.58 18.35 0.90
N PHE A 81 -4.98 17.08 0.94
CA PHE A 81 -5.98 16.56 0.01
C PHE A 81 -7.30 17.29 0.17
N GLU A 82 -7.64 17.63 1.41
CA GLU A 82 -8.90 18.34 1.70
C GLU A 82 -8.96 19.67 0.97
N ARG A 83 -7.84 20.37 0.93
CA ARG A 83 -7.77 21.67 0.26
C ARG A 83 -7.77 21.50 -1.26
N LYS A 84 -7.04 20.49 -1.74
CA LYS A 84 -6.93 20.23 -3.17
C LYS A 84 -8.27 19.80 -3.78
N GLU A 85 -8.94 18.83 -3.14
CA GLU A 85 -10.21 18.32 -3.64
C GLU A 85 -11.42 19.03 -3.01
N ARG A 86 -11.23 19.62 -1.83
CA ARG A 86 -12.31 20.32 -1.14
C ARG A 86 -13.49 19.37 -0.84
N ARG A 87 -13.22 18.07 -0.83
CA ARG A 87 -14.26 17.08 -0.55
C ARG A 87 -13.67 15.82 0.07
N ARG A 88 -14.54 14.94 0.56
CA ARG A 88 -14.10 13.69 1.18
C ARG A 88 -13.51 12.75 0.14
N VAL A 89 -12.26 12.34 0.35
CA VAL A 89 -11.56 11.46 -0.57
C VAL A 89 -11.91 9.98 -0.33
N THR A 90 -12.12 9.63 0.94
CA THR A 90 -12.43 8.25 1.30
C THR A 90 -13.73 7.75 0.70
N GLN A 91 -14.61 8.66 0.29
CA GLN A 91 -15.89 8.28 -0.27
C GLN A 91 -15.72 7.47 -1.56
N ASN A 92 -15.53 8.14 -2.70
CA ASN A 92 -15.38 7.45 -3.98
C ASN A 92 -14.03 7.76 -4.66
N LEU A 93 -13.34 8.79 -4.18
CA LEU A 93 -12.06 9.19 -4.77
C LEU A 93 -10.98 8.12 -4.59
N LEU A 94 -10.90 7.55 -3.38
CA LEU A 94 -9.89 6.54 -3.08
C LEU A 94 -10.02 5.32 -4.00
N ASN A 95 -11.25 4.89 -4.27
CA ASN A 95 -11.47 3.73 -5.14
C ASN A 95 -10.72 3.89 -6.47
N SER A 96 -10.55 5.14 -6.90
CA SER A 96 -9.84 5.43 -8.14
C SER A 96 -8.33 5.25 -7.96
N GLU A 97 -7.56 5.67 -8.95
CA GLU A 97 -6.11 5.55 -8.90
C GLU A 97 -5.50 6.69 -8.08
N ILE A 98 -4.56 6.35 -7.20
CA ILE A 98 -3.90 7.33 -6.35
C ILE A 98 -2.39 7.34 -6.56
N MET A 99 -1.81 8.53 -6.48
CA MET A 99 -0.36 8.69 -6.64
C MET A 99 0.25 9.21 -5.35
N ILE A 100 1.05 8.39 -4.69
CA ILE A 100 1.68 8.78 -3.43
C ILE A 100 3.04 9.44 -3.69
N HIS A 101 3.18 10.69 -3.25
CA HIS A 101 4.42 11.43 -3.43
C HIS A 101 5.53 10.83 -2.60
N SER A 102 5.21 10.41 -1.38
CA SER A 102 6.19 9.82 -0.48
C SER A 102 5.54 8.80 0.46
N PHE A 103 6.32 7.79 0.85
CA PHE A 103 5.82 6.75 1.75
C PHE A 103 6.94 6.18 2.62
N THR A 104 6.59 5.82 3.86
CA THR A 104 7.57 5.27 4.80
C THR A 104 7.14 3.87 5.26
N ILE A 105 8.11 2.98 5.40
CA ILE A 105 7.84 1.61 5.83
C ILE A 105 7.65 1.54 7.35
N ARG A 106 6.65 0.77 7.77
CA ARG A 106 6.36 0.60 9.20
C ARG A 106 5.97 -0.83 9.49
N PHE A 107 6.27 -1.30 10.70
CA PHE A 107 5.95 -2.67 11.10
C PHE A 107 4.62 -2.73 11.86
N TYR A 108 3.87 -3.81 11.64
CA TYR A 108 2.59 -4.02 12.29
C TYR A 108 2.43 -5.46 12.73
N ASN A 109 1.76 -5.66 13.87
CA ASN A 109 1.53 -7.00 14.40
C ASN A 109 0.05 -7.36 14.30
N ASP A 110 -0.30 -8.59 14.67
CA ASP A 110 -1.68 -9.06 14.61
C ASP A 110 -2.58 -8.17 15.47
N ASP A 111 -2.05 -7.73 16.61
CA ASP A 111 -2.81 -6.87 17.51
C ASP A 111 -2.95 -5.46 16.94
N GLN A 112 -1.89 -4.96 16.31
CA GLN A 112 -1.90 -3.63 15.72
C GLN A 112 -2.90 -3.55 14.58
N VAL A 113 -2.80 -4.50 13.65
CA VAL A 113 -3.70 -4.55 12.50
C VAL A 113 -5.15 -4.75 12.94
N GLN A 114 -5.34 -5.46 14.06
CA GLN A 114 -6.67 -5.70 14.60
C GLN A 114 -7.37 -4.39 14.93
N GLY A 115 -6.67 -3.53 15.66
CA GLY A 115 -7.24 -2.24 16.02
C GLY A 115 -7.26 -1.26 14.86
N PHE A 116 -6.25 -1.37 14.00
CA PHE A 116 -6.16 -0.48 12.83
C PHE A 116 -7.39 -0.63 11.93
N PHE A 117 -7.85 -1.86 11.75
CA PHE A 117 -9.02 -2.13 10.92
C PHE A 117 -10.10 -2.86 11.73
N ASP A 118 -11.06 -3.47 11.02
CA ASP A 118 -12.17 -4.19 11.67
C ASP A 118 -11.67 -5.22 12.67
N GLY A 119 -10.63 -5.95 12.29
CA GLY A 119 -10.06 -6.96 13.18
C GLY A 119 -9.70 -8.25 12.47
N LEU A 120 -9.12 -8.14 11.28
CA LEU A 120 -8.73 -9.30 10.50
C LEU A 120 -7.41 -9.88 11.03
N LYS A 121 -7.37 -11.20 11.19
CA LYS A 121 -6.17 -11.88 11.70
C LYS A 121 -5.16 -12.11 10.58
N PHE A 122 -3.89 -11.87 10.90
CA PHE A 122 -2.80 -12.07 9.95
C PHE A 122 -2.01 -13.32 10.29
N LYS A 123 -1.65 -14.09 9.26
CA LYS A 123 -0.89 -15.33 9.47
C LYS A 123 0.59 -15.11 9.18
N GLN A 124 1.40 -15.09 10.24
CA GLN A 124 2.85 -14.91 10.10
C GLN A 124 3.61 -16.20 10.39
N LYS A 125 2.87 -17.31 10.50
CA LYS A 125 3.48 -18.62 10.78
C LYS A 125 4.22 -18.60 12.12
N ALA A 126 3.54 -18.15 13.15
CA ALA A 126 4.13 -18.09 14.49
C ALA A 126 5.43 -17.29 14.48
N SER A 127 5.33 -15.99 14.76
CA SER A 127 6.50 -15.13 14.78
C SER A 127 6.69 -14.47 16.15
N LEU A 128 7.94 -14.36 16.57
CA LEU A 128 8.27 -13.74 17.86
C LEU A 128 7.92 -12.27 17.87
N PHE A 129 8.17 -11.61 16.74
CA PHE A 129 7.91 -10.18 16.59
C PHE A 129 7.06 -9.91 15.35
N PRO A 130 6.48 -8.69 15.25
CA PRO A 130 5.66 -8.29 14.11
C PRO A 130 6.42 -8.36 12.79
N GLY A 131 5.76 -8.83 11.74
CA GLY A 131 6.41 -8.93 10.44
C GLY A 131 5.47 -8.59 9.29
N TYR A 132 4.71 -7.50 9.45
CA TYR A 132 3.77 -7.06 8.42
C TYR A 132 4.19 -5.71 7.86
N LEU A 133 4.26 -5.61 6.53
CA LEU A 133 4.66 -4.37 5.87
C LEU A 133 3.48 -3.42 5.71
N VAL A 134 3.61 -2.23 6.28
CA VAL A 134 2.57 -1.21 6.20
C VAL A 134 3.16 0.12 5.75
N LEU A 135 2.56 0.73 4.73
CA LEU A 135 3.04 2.00 4.20
C LEU A 135 2.34 3.18 4.85
N GLU A 136 2.96 4.35 4.75
CA GLU A 136 2.42 5.58 5.30
C GLU A 136 2.28 6.62 4.18
N ILE A 137 1.11 7.23 4.08
CA ILE A 137 0.88 8.24 3.04
C ILE A 137 1.11 9.65 3.57
N ASN A 138 2.29 10.18 3.31
CA ASN A 138 2.64 11.52 3.75
C ASN A 138 1.93 12.56 2.88
N ASP A 139 1.91 12.30 1.57
CA ASP A 139 1.26 13.17 0.62
C ASP A 139 0.92 12.39 -0.65
N PHE A 140 -0.36 12.40 -1.03
CA PHE A 140 -0.80 11.68 -2.21
C PHE A 140 -1.73 12.54 -3.07
N SER A 141 -1.86 12.17 -4.34
CA SER A 141 -2.71 12.91 -5.27
C SER A 141 -3.43 11.94 -6.20
N MET A 142 -4.66 12.28 -6.57
CA MET A 142 -5.45 11.43 -7.47
C MET A 142 -4.80 11.35 -8.85
N PHE A 143 -4.24 10.18 -9.15
CA PHE A 143 -3.59 9.96 -10.44
C PHE A 143 -4.61 9.92 -11.57
N ASN A 144 -5.75 9.29 -11.31
CA ASN A 144 -6.81 9.19 -12.31
C ASN A 144 -8.18 9.40 -11.66
N ARG A 145 -8.97 10.30 -12.26
CA ARG A 145 -10.30 10.61 -11.75
C ARG A 145 -11.25 9.43 -11.93
N ASP A 146 -11.01 8.61 -12.94
CA ASP A 146 -11.85 7.45 -13.24
C ASP A 146 -11.88 6.48 -12.05
N GLN A 147 -13.09 6.05 -11.69
CA GLN A 147 -13.27 5.12 -10.58
C GLN A 147 -13.15 3.68 -11.07
N LEU A 148 -12.01 3.05 -10.78
CA LEU A 148 -11.78 1.67 -11.18
C LEU A 148 -11.70 0.74 -9.98
N ILE A 149 -12.35 -0.42 -10.08
CA ILE A 149 -12.35 -1.40 -9.00
C ILE A 149 -11.42 -2.56 -9.33
N LEU A 150 -10.64 -3.01 -8.35
CA LEU A 150 -9.72 -4.12 -8.57
C LEU A 150 -10.43 -5.46 -8.34
N SER A 151 -11.01 -5.99 -9.40
CA SER A 151 -11.73 -7.27 -9.33
C SER A 151 -10.77 -8.44 -9.12
N ASN A 152 -9.49 -8.23 -9.38
CA ASN A 152 -8.48 -9.27 -9.23
C ASN A 152 -7.89 -9.28 -7.81
N ALA A 153 -8.50 -8.54 -6.89
CA ALA A 153 -8.03 -8.48 -5.52
C ALA A 153 -8.08 -9.86 -4.85
N GLY A 154 -9.11 -10.63 -5.17
CA GLY A 154 -9.25 -11.96 -4.60
C GLY A 154 -8.13 -12.89 -5.00
N THR A 155 -7.62 -12.71 -6.21
CA THR A 155 -6.53 -13.54 -6.73
C THR A 155 -5.20 -13.16 -6.06
N ILE A 156 -5.07 -11.87 -5.73
CA ILE A 156 -3.86 -11.35 -5.10
C ILE A 156 -3.48 -12.17 -3.86
N GLU A 157 -2.19 -12.40 -3.70
CA GLU A 157 -1.68 -13.17 -2.57
C GLU A 157 -1.43 -12.25 -1.37
N PHE A 158 -1.71 -12.77 -0.18
CA PHE A 158 -1.53 -12.01 1.06
C PHE A 158 -0.07 -11.59 1.24
N LEU A 159 0.12 -10.36 1.70
CA LEU A 159 1.47 -9.83 1.92
C LEU A 159 2.08 -10.36 3.22
N TYR A 160 1.29 -11.05 4.04
CA TYR A 160 1.77 -11.59 5.30
C TYR A 160 2.18 -13.06 5.16
N GLY A 161 2.43 -13.49 3.93
CA GLY A 161 2.84 -14.86 3.68
C GLY A 161 3.77 -15.00 2.49
N THR A 162 4.49 -13.93 2.18
CA THR A 162 5.42 -13.92 1.05
C THR A 162 6.87 -13.81 1.55
N PRO A 163 7.65 -14.90 1.44
CA PRO A 163 9.05 -14.90 1.89
C PRO A 163 9.89 -13.78 1.27
N ARG A 164 9.50 -13.36 0.06
CA ARG A 164 10.21 -12.29 -0.65
C ARG A 164 10.22 -11.00 0.15
N TYR A 165 9.04 -10.55 0.58
CA TYR A 165 8.93 -9.32 1.36
C TYR A 165 9.51 -9.51 2.75
N ILE A 166 9.27 -10.68 3.33
CA ILE A 166 9.75 -11.01 4.67
C ILE A 166 11.28 -11.04 4.70
N ALA A 167 11.89 -11.59 3.66
CA ALA A 167 13.35 -11.68 3.60
C ALA A 167 14.02 -10.33 3.45
N ARG A 168 13.37 -9.41 2.75
CA ARG A 168 13.93 -8.08 2.52
C ARG A 168 13.95 -7.22 3.80
N PHE A 169 12.99 -7.45 4.69
CA PHE A 169 12.92 -6.66 5.92
C PHE A 169 13.25 -7.50 7.17
N ILE A 170 12.68 -8.70 7.25
CA ILE A 170 12.89 -9.57 8.40
C ILE A 170 14.29 -10.20 8.40
N GLU A 171 14.72 -10.68 7.24
CA GLU A 171 16.03 -11.32 7.12
C GLU A 171 17.15 -10.33 6.81
N GLN A 172 16.92 -9.05 7.10
CA GLN A 172 17.93 -8.01 6.86
C GLN A 172 19.21 -8.31 7.66
N GLU A 173 19.04 -8.69 8.92
CA GLU A 173 20.17 -9.01 9.78
C GLU A 173 20.84 -10.30 9.35
N PHE A 174 20.07 -11.20 8.73
CA PHE A 174 20.59 -12.49 8.28
C PHE A 174 21.72 -12.31 7.27
N SER A 175 21.55 -11.36 6.35
CA SER A 175 22.56 -11.09 5.33
C SER A 175 23.06 -9.65 5.44
N ASP A 176 24.38 -9.49 5.41
CA ASP A 176 25.00 -8.17 5.50
C ASP A 176 26.39 -8.17 4.87
N GLU A 177 26.61 -9.05 3.91
CA GLU A 177 27.91 -9.16 3.23
C GLU A 177 28.27 -7.85 2.53
N GLU A 178 27.27 -7.22 1.92
CA GLU A 178 27.48 -5.95 1.21
C GLU A 178 26.38 -4.95 1.55
N GLY A 1 -11.59 -35.73 6.40
CA GLY A 1 -11.79 -34.56 5.51
C GLY A 1 -12.93 -34.78 4.53
N ALA A 2 -13.72 -33.74 4.29
CA ALA A 2 -14.84 -33.81 3.37
C ALA A 2 -14.68 -32.82 2.22
N MET A 3 -14.85 -33.31 0.98
CA MET A 3 -14.72 -32.48 -0.20
C MET A 3 -16.10 -32.19 -0.81
N GLY A 4 -16.36 -30.92 -1.09
CA GLY A 4 -17.63 -30.53 -1.68
C GLY A 4 -17.54 -30.31 -3.19
N PRO A 5 -17.66 -29.05 -3.66
CA PRO A 5 -17.59 -28.74 -5.09
C PRO A 5 -16.17 -28.86 -5.64
N PRO A 6 -16.02 -29.11 -6.96
CA PRO A 6 -14.71 -29.25 -7.60
C PRO A 6 -13.87 -27.98 -7.48
N SER A 7 -12.55 -28.15 -7.44
CA SER A 7 -11.62 -27.03 -7.32
C SER A 7 -10.62 -27.03 -8.47
N SER A 8 -10.28 -25.83 -8.97
CA SER A 8 -9.34 -25.70 -10.07
C SER A 8 -8.37 -24.56 -9.82
N ARG A 9 -7.20 -24.64 -10.45
CA ARG A 9 -6.16 -23.62 -10.29
C ARG A 9 -6.60 -22.31 -10.94
N ASP A 10 -7.24 -22.41 -12.09
CA ASP A 10 -7.71 -21.24 -12.82
C ASP A 10 -8.73 -21.63 -13.89
N ALA A 11 -9.66 -22.52 -13.52
CA ALA A 11 -10.68 -22.98 -14.45
C ALA A 11 -11.62 -21.85 -14.84
N VAL A 12 -11.97 -21.01 -13.87
CA VAL A 12 -12.86 -19.88 -14.11
C VAL A 12 -12.18 -18.80 -14.94
N ARG A 13 -12.92 -17.73 -15.24
CA ARG A 13 -12.40 -16.62 -16.03
C ARG A 13 -11.92 -15.48 -15.13
N VAL A 14 -10.84 -14.82 -15.54
CA VAL A 14 -10.28 -13.72 -14.77
C VAL A 14 -10.04 -12.50 -15.66
N THR A 15 -9.69 -11.37 -15.05
CA THR A 15 -9.43 -10.14 -15.78
C THR A 15 -8.01 -9.65 -15.55
N ALA A 16 -7.33 -9.30 -16.63
CA ALA A 16 -5.96 -8.81 -16.54
C ALA A 16 -5.47 -8.24 -17.87
N SER A 17 -5.70 -6.94 -18.07
CA SER A 17 -5.29 -6.27 -19.31
C SER A 17 -5.31 -4.76 -19.13
N ALA A 18 -4.63 -4.28 -18.09
CA ALA A 18 -4.56 -2.85 -17.82
C ALA A 18 -3.24 -2.48 -17.13
N HIS A 19 -3.08 -1.19 -16.84
CA HIS A 19 -1.87 -0.70 -16.18
C HIS A 19 -1.75 -1.28 -14.78
N MET A 20 -0.72 -0.85 -14.04
CA MET A 20 -0.49 -1.34 -12.69
C MET A 20 -0.06 -2.81 -12.71
N LYS A 21 1.23 -3.04 -12.87
CA LYS A 21 1.77 -4.41 -12.91
C LYS A 21 3.06 -4.53 -12.13
N HIS A 22 2.97 -5.15 -10.95
CA HIS A 22 4.13 -5.37 -10.09
C HIS A 22 4.90 -4.09 -9.81
N TRP A 23 4.53 -3.37 -8.75
CA TRP A 23 5.21 -2.14 -8.38
C TRP A 23 5.98 -2.31 -7.06
N LEU A 24 5.50 -3.22 -6.21
CA LEU A 24 6.14 -3.50 -4.93
C LEU A 24 7.48 -4.21 -5.11
N GLU A 25 7.57 -5.07 -6.12
CA GLU A 25 8.79 -5.82 -6.39
C GLU A 25 9.93 -4.91 -6.87
N PRO A 26 9.74 -4.16 -7.97
CA PRO A 26 10.79 -3.28 -8.52
C PRO A 26 11.25 -2.21 -7.52
N VAL A 27 10.30 -1.62 -6.80
CA VAL A 27 10.63 -0.58 -5.84
C VAL A 27 11.61 -1.09 -4.77
N LEU A 28 11.44 -2.34 -4.37
CA LEU A 28 12.28 -2.95 -3.36
C LEU A 28 13.71 -3.20 -3.85
N CYS A 29 13.84 -3.64 -5.10
CA CYS A 29 15.16 -3.95 -5.67
C CYS A 29 15.60 -2.94 -6.73
N GLU A 30 14.80 -2.79 -7.79
CA GLU A 30 15.14 -1.88 -8.88
C GLU A 30 15.27 -0.43 -8.39
N ALA A 31 14.37 -0.01 -7.51
CA ALA A 31 14.40 1.34 -6.98
C ALA A 31 15.32 1.44 -5.77
N GLY A 32 15.35 0.37 -4.97
CA GLY A 32 16.19 0.34 -3.78
C GLY A 32 15.87 1.46 -2.80
N LEU A 33 14.59 1.59 -2.45
CA LEU A 33 14.16 2.63 -1.52
C LEU A 33 14.79 2.41 -0.14
N GLY A 34 15.02 3.50 0.58
CA GLY A 34 15.62 3.41 1.90
C GLY A 34 15.22 4.55 2.81
N HIS A 35 16.20 5.12 3.51
CA HIS A 35 15.96 6.22 4.42
C HIS A 35 15.48 7.46 3.67
N ASN A 36 14.16 7.69 3.71
CA ASN A 36 13.55 8.84 3.04
C ASN A 36 13.70 8.74 1.53
N TYR A 37 12.73 8.09 0.89
CA TYR A 37 12.74 7.92 -0.56
C TYR A 37 11.35 8.19 -1.15
N LYS A 38 11.30 8.54 -2.42
CA LYS A 38 10.03 8.84 -3.08
C LYS A 38 10.06 8.45 -4.55
N VAL A 39 9.11 7.62 -4.96
CA VAL A 39 9.01 7.17 -6.35
C VAL A 39 7.60 7.38 -6.88
N ASP A 40 7.42 7.24 -8.20
CA ASP A 40 6.11 7.41 -8.82
C ASP A 40 5.45 6.08 -9.13
N LYS A 41 4.32 5.83 -8.49
CA LYS A 41 3.57 4.58 -8.70
C LYS A 41 2.08 4.79 -8.42
N VAL A 42 1.28 3.79 -8.78
CA VAL A 42 -0.17 3.86 -8.57
C VAL A 42 -0.63 2.84 -7.54
N LEU A 43 -1.41 3.31 -6.57
CA LEU A 43 -1.93 2.45 -5.51
C LEU A 43 -3.45 2.52 -5.44
N LYS A 44 -4.10 1.35 -5.39
CA LYS A 44 -5.56 1.29 -5.33
C LYS A 44 -6.03 0.76 -3.98
N VAL A 45 -7.07 1.39 -3.44
CA VAL A 45 -7.63 0.99 -2.15
C VAL A 45 -8.94 0.23 -2.34
N LEU A 46 -9.15 -0.82 -1.54
CA LEU A 46 -10.34 -1.64 -1.65
C LEU A 46 -11.27 -1.49 -0.45
N ARG A 47 -10.73 -1.14 0.72
CA ARG A 47 -11.55 -1.00 1.92
C ARG A 47 -11.17 0.24 2.75
N ILE A 48 -12.21 0.98 3.15
CA ILE A 48 -12.03 2.19 3.96
C ILE A 48 -13.15 2.28 5.00
N TYR A 49 -12.78 2.35 6.28
CA TYR A 49 -13.75 2.44 7.36
C TYR A 49 -13.60 3.75 8.13
N PRO A 50 -14.34 4.80 7.74
CA PRO A 50 -14.28 6.11 8.40
C PRO A 50 -14.62 6.03 9.89
N ARG A 51 -14.03 6.92 10.68
CA ARG A 51 -14.27 6.94 12.12
C ARG A 51 -14.95 8.25 12.54
N SER A 52 -15.22 8.38 13.84
CA SER A 52 -15.87 9.56 14.38
C SER A 52 -14.99 10.81 14.24
N ASN A 53 -13.70 10.60 13.98
CA ASN A 53 -12.76 11.71 13.83
C ASN A 53 -13.14 12.62 12.65
N THR A 54 -13.94 12.10 11.73
CA THR A 54 -14.39 12.85 10.55
C THR A 54 -13.22 13.53 9.84
N LEU A 55 -12.10 12.82 9.74
CA LEU A 55 -10.91 13.35 9.07
C LEU A 55 -10.92 13.01 7.58
N SER A 56 -11.88 12.19 7.14
CA SER A 56 -11.99 11.79 5.74
C SER A 56 -10.73 11.04 5.29
N SER A 57 -10.09 10.34 6.23
CA SER A 57 -8.87 9.58 5.93
C SER A 57 -8.42 8.80 7.16
N LEU A 58 -8.56 7.48 7.09
CA LEU A 58 -8.17 6.60 8.19
C LEU A 58 -7.60 5.29 7.65
N PRO A 59 -6.99 4.45 8.51
CA PRO A 59 -6.40 3.16 8.09
C PRO A 59 -7.27 2.44 7.06
N LEU A 60 -6.69 2.13 5.92
CA LEU A 60 -7.41 1.46 4.85
C LEU A 60 -6.62 0.29 4.25
N CYS A 61 -7.33 -0.77 3.90
CA CYS A 61 -6.72 -1.95 3.31
C CYS A 61 -6.68 -1.82 1.80
N LEU A 62 -5.48 -1.64 1.25
CA LEU A 62 -5.31 -1.47 -0.18
C LEU A 62 -4.62 -2.68 -0.81
N CYS A 63 -4.92 -2.93 -2.08
CA CYS A 63 -4.33 -4.05 -2.81
C CYS A 63 -3.53 -3.54 -4.00
N ASP A 64 -2.25 -3.88 -4.04
CA ASP A 64 -1.38 -3.44 -5.14
C ASP A 64 -1.59 -4.30 -6.37
N ALA A 65 -0.77 -4.08 -7.39
CA ALA A 65 -0.86 -4.83 -8.64
C ALA A 65 -0.64 -6.32 -8.44
N ASN A 66 0.28 -6.69 -7.54
CA ASN A 66 0.59 -8.09 -7.28
C ASN A 66 0.25 -8.51 -5.85
N TYR A 67 0.65 -7.69 -4.87
CA TYR A 67 0.39 -8.01 -3.47
C TYR A 67 -0.42 -6.91 -2.79
N LYS A 68 -0.88 -7.19 -1.57
CA LYS A 68 -1.67 -6.22 -0.81
C LYS A 68 -1.07 -5.99 0.57
N ILE A 69 -1.15 -4.76 1.06
CA ILE A 69 -0.61 -4.41 2.37
C ILE A 69 -1.46 -3.34 3.07
N LEU A 70 -1.17 -3.11 4.34
CA LEU A 70 -1.89 -2.09 5.10
C LEU A 70 -1.22 -0.73 4.91
N ALA A 71 -2.01 0.33 4.92
CA ALA A 71 -1.48 1.68 4.74
C ALA A 71 -2.21 2.69 5.60
N PHE A 72 -1.52 3.77 5.95
CA PHE A 72 -2.09 4.81 6.79
C PHE A 72 -1.58 6.19 6.35
N ALA A 73 -2.50 7.15 6.24
CA ALA A 73 -2.15 8.50 5.84
C ALA A 73 -2.07 9.41 7.07
N ASN A 74 -0.93 10.09 7.22
CA ASN A 74 -0.73 10.99 8.36
C ASN A 74 -1.60 12.23 8.22
N TYR A 75 -1.80 12.94 9.32
CA TYR A 75 -2.65 14.13 9.34
C TYR A 75 -2.29 15.13 8.26
N LYS A 76 -1.00 15.29 7.97
CA LYS A 76 -0.56 16.22 6.94
C LYS A 76 -1.17 15.82 5.60
N ALA A 77 -1.13 14.53 5.31
CA ALA A 77 -1.70 13.99 4.08
C ALA A 77 -3.22 14.03 4.15
N ILE A 78 -3.75 13.70 5.32
CA ILE A 78 -5.19 13.68 5.55
C ILE A 78 -5.80 15.07 5.34
N ALA A 79 -5.22 16.08 5.99
CA ALA A 79 -5.71 17.44 5.88
C ALA A 79 -5.52 18.01 4.47
N ALA A 80 -4.48 17.56 3.79
CA ALA A 80 -4.18 18.03 2.43
C ALA A 80 -5.37 17.83 1.47
N PHE A 81 -6.23 16.86 1.79
CA PHE A 81 -7.40 16.58 0.95
C PHE A 81 -8.35 17.77 0.88
N GLU A 82 -8.45 18.52 1.98
CA GLU A 82 -9.33 19.68 2.05
C GLU A 82 -8.81 20.83 1.19
N ARG A 83 -7.51 21.04 1.20
CA ARG A 83 -6.88 22.11 0.44
C ARG A 83 -6.87 21.82 -1.07
N LYS A 84 -6.74 20.54 -1.42
CA LYS A 84 -6.68 20.14 -2.82
C LYS A 84 -8.05 20.13 -3.49
N GLU A 85 -8.90 19.18 -3.10
CA GLU A 85 -10.24 19.06 -3.69
C GLU A 85 -11.35 19.56 -2.76
N ARG A 86 -11.01 19.84 -1.50
CA ARG A 86 -11.98 20.31 -0.51
C ARG A 86 -13.23 19.44 -0.49
N ARG A 87 -13.04 18.14 -0.72
CA ARG A 87 -14.15 17.18 -0.73
C ARG A 87 -13.73 15.88 -0.05
N ARG A 88 -14.68 14.97 0.10
CA ARG A 88 -14.42 13.67 0.73
C ARG A 88 -13.71 12.74 -0.25
N VAL A 89 -12.51 12.31 0.13
CA VAL A 89 -11.70 11.45 -0.73
C VAL A 89 -11.96 9.95 -0.48
N THR A 90 -12.08 9.57 0.79
CA THR A 90 -12.29 8.17 1.15
C THR A 90 -13.57 7.58 0.56
N GLN A 91 -14.50 8.44 0.18
CA GLN A 91 -15.77 7.97 -0.38
C GLN A 91 -15.56 7.19 -1.68
N ASN A 92 -15.37 7.91 -2.79
CA ASN A 92 -15.17 7.25 -4.09
C ASN A 92 -13.85 7.63 -4.74
N LEU A 93 -13.23 8.72 -4.28
CA LEU A 93 -11.96 9.18 -4.85
C LEU A 93 -10.84 8.18 -4.63
N LEU A 94 -10.67 7.72 -3.40
CA LEU A 94 -9.60 6.77 -3.08
C LEU A 94 -9.75 5.47 -3.88
N ASN A 95 -10.99 5.00 -4.03
CA ASN A 95 -11.26 3.78 -4.78
C ASN A 95 -10.59 3.81 -6.15
N SER A 96 -10.43 5.02 -6.70
CA SER A 96 -9.80 5.20 -8.01
C SER A 96 -8.29 5.06 -7.89
N GLU A 97 -7.56 5.48 -8.91
CA GLU A 97 -6.11 5.40 -8.92
C GLU A 97 -5.48 6.52 -8.10
N ILE A 98 -4.56 6.15 -7.20
CA ILE A 98 -3.90 7.14 -6.35
C ILE A 98 -2.39 7.05 -6.51
N MET A 99 -1.73 8.21 -6.52
CA MET A 99 -0.28 8.27 -6.62
C MET A 99 0.31 8.92 -5.37
N ILE A 100 1.15 8.17 -4.67
CA ILE A 100 1.76 8.65 -3.44
C ILE A 100 3.08 9.36 -3.73
N HIS A 101 3.15 10.65 -3.38
CA HIS A 101 4.35 11.44 -3.61
C HIS A 101 5.50 10.96 -2.72
N SER A 102 5.16 10.62 -1.48
CA SER A 102 6.16 10.15 -0.52
C SER A 102 5.60 9.06 0.38
N PHE A 103 6.38 8.02 0.62
CA PHE A 103 5.95 6.92 1.48
C PHE A 103 7.15 6.25 2.15
N THR A 104 6.93 5.77 3.38
CA THR A 104 7.99 5.11 4.15
C THR A 104 7.52 3.74 4.65
N ILE A 105 8.46 2.79 4.72
CA ILE A 105 8.14 1.45 5.18
C ILE A 105 8.06 1.38 6.70
N ARG A 106 7.07 0.66 7.20
CA ARG A 106 6.88 0.51 8.65
C ARG A 106 6.47 -0.92 8.98
N PHE A 107 6.95 -1.42 10.11
CA PHE A 107 6.64 -2.78 10.55
C PHE A 107 5.43 -2.79 11.49
N TYR A 108 4.51 -3.73 11.27
CA TYR A 108 3.32 -3.85 12.09
C TYR A 108 3.17 -5.27 12.63
N ASN A 109 2.51 -5.39 13.78
CA ASN A 109 2.30 -6.69 14.41
C ASN A 109 0.82 -7.09 14.34
N ASP A 110 0.50 -8.25 14.89
CA ASP A 110 -0.87 -8.75 14.88
C ASP A 110 -1.80 -7.80 15.63
N ASP A 111 -1.33 -7.28 16.76
CA ASP A 111 -2.11 -6.36 17.57
C ASP A 111 -2.29 -5.01 16.89
N GLN A 112 -1.24 -4.53 16.23
CA GLN A 112 -1.28 -3.24 15.54
C GLN A 112 -2.29 -3.25 14.39
N VAL A 113 -2.34 -4.36 13.66
CA VAL A 113 -3.27 -4.48 12.54
C VAL A 113 -4.71 -4.59 13.05
N GLN A 114 -4.88 -5.22 14.21
CA GLN A 114 -6.21 -5.38 14.81
C GLN A 114 -6.80 -4.02 15.15
N GLY A 115 -5.97 -3.13 15.69
CA GLY A 115 -6.43 -1.80 16.04
C GLY A 115 -6.56 -0.90 14.83
N PHE A 116 -5.73 -1.14 13.81
CA PHE A 116 -5.76 -0.35 12.59
C PHE A 116 -7.12 -0.44 11.91
N PHE A 117 -7.71 -1.62 11.91
CA PHE A 117 -9.02 -1.84 11.31
C PHE A 117 -10.04 -2.27 12.35
N ASP A 118 -11.24 -2.63 11.88
CA ASP A 118 -12.32 -3.06 12.77
C ASP A 118 -11.93 -4.30 13.57
N GLY A 119 -11.13 -5.17 12.96
CA GLY A 119 -10.70 -6.38 13.64
C GLY A 119 -10.12 -7.41 12.68
N LEU A 120 -9.31 -6.96 11.73
CA LEU A 120 -8.70 -7.85 10.76
C LEU A 120 -7.71 -8.80 11.45
N LYS A 121 -7.90 -10.09 11.22
CA LYS A 121 -7.03 -11.10 11.81
C LYS A 121 -5.94 -11.51 10.83
N PHE A 122 -4.70 -11.12 11.15
CA PHE A 122 -3.56 -11.44 10.30
C PHE A 122 -2.79 -12.64 10.86
N LYS A 123 -2.47 -13.60 10.00
CA LYS A 123 -1.76 -14.80 10.42
C LYS A 123 -0.27 -14.70 10.08
N GLN A 124 0.58 -14.78 11.11
CA GLN A 124 2.03 -14.71 10.92
C GLN A 124 2.66 -16.11 10.98
N LYS A 125 1.85 -17.12 11.27
CA LYS A 125 2.32 -18.50 11.35
C LYS A 125 3.38 -18.66 12.43
N ALA A 126 2.98 -18.49 13.70
CA ALA A 126 3.88 -18.62 14.83
C ALA A 126 5.04 -17.62 14.75
N SER A 127 4.76 -16.37 15.13
CA SER A 127 5.77 -15.32 15.12
C SER A 127 5.52 -14.31 16.23
N LEU A 128 6.59 -13.85 16.87
CA LEU A 128 6.49 -12.87 17.94
C LEU A 128 6.92 -11.48 17.47
N PHE A 129 7.62 -11.43 16.34
CA PHE A 129 8.09 -10.17 15.78
C PHE A 129 7.15 -9.70 14.66
N PRO A 130 7.12 -8.39 14.36
CA PRO A 130 6.26 -7.85 13.31
C PRO A 130 6.64 -8.38 11.94
N GLY A 131 5.64 -8.70 11.11
CA GLY A 131 5.89 -9.22 9.79
C GLY A 131 4.89 -8.71 8.77
N TYR A 132 4.44 -7.48 8.94
CA TYR A 132 3.47 -6.89 8.03
C TYR A 132 3.95 -5.51 7.57
N LEU A 133 4.41 -5.44 6.31
CA LEU A 133 4.89 -4.19 5.75
C LEU A 133 3.75 -3.21 5.57
N VAL A 134 3.83 -2.07 6.27
CA VAL A 134 2.79 -1.04 6.19
C VAL A 134 3.38 0.27 5.69
N LEU A 135 2.75 0.83 4.66
CA LEU A 135 3.21 2.09 4.08
C LEU A 135 2.61 3.28 4.81
N GLU A 136 3.28 4.43 4.69
CA GLU A 136 2.83 5.67 5.31
C GLU A 136 2.63 6.72 4.23
N ILE A 137 1.39 7.22 4.12
CA ILE A 137 1.09 8.22 3.10
C ILE A 137 1.33 9.64 3.61
N ASN A 138 2.46 10.22 3.23
CA ASN A 138 2.79 11.59 3.63
C ASN A 138 2.03 12.58 2.76
N ASP A 139 1.97 12.28 1.46
CA ASP A 139 1.27 13.12 0.50
C ASP A 139 0.89 12.31 -0.72
N PHE A 140 -0.40 12.27 -1.05
CA PHE A 140 -0.87 11.52 -2.20
C PHE A 140 -1.84 12.38 -3.04
N SER A 141 -1.91 12.08 -4.34
CA SER A 141 -2.78 12.82 -5.23
C SER A 141 -3.47 11.90 -6.23
N MET A 142 -4.68 12.27 -6.63
CA MET A 142 -5.46 11.48 -7.59
C MET A 142 -4.80 11.52 -8.97
N PHE A 143 -4.00 10.50 -9.26
CA PHE A 143 -3.31 10.41 -10.55
C PHE A 143 -4.30 10.19 -11.68
N ASN A 144 -5.19 9.22 -11.52
CA ASN A 144 -6.20 8.90 -12.53
C ASN A 144 -7.57 8.71 -11.89
N ARG A 145 -8.57 9.41 -12.42
CA ARG A 145 -9.93 9.33 -11.89
C ARG A 145 -10.78 8.36 -12.73
N ASP A 146 -10.73 7.08 -12.38
CA ASP A 146 -11.50 6.06 -13.09
C ASP A 146 -12.69 5.59 -12.25
N GLN A 147 -12.50 5.57 -10.92
CA GLN A 147 -13.55 5.14 -10.00
C GLN A 147 -13.96 3.69 -10.28
N LEU A 148 -12.97 2.82 -10.38
CA LEU A 148 -13.22 1.40 -10.65
C LEU A 148 -12.63 0.52 -9.54
N ILE A 149 -13.19 -0.67 -9.39
CA ILE A 149 -12.73 -1.61 -8.37
C ILE A 149 -11.58 -2.45 -8.91
N LEU A 150 -10.67 -2.84 -8.01
CA LEU A 150 -9.51 -3.65 -8.39
C LEU A 150 -9.91 -5.12 -8.54
N SER A 151 -10.46 -5.47 -9.69
CA SER A 151 -10.88 -6.84 -9.97
C SER A 151 -9.67 -7.78 -10.00
N ASN A 152 -8.54 -7.25 -10.44
CA ASN A 152 -7.30 -8.04 -10.53
C ASN A 152 -6.87 -8.54 -9.15
N ALA A 153 -7.36 -7.90 -8.09
CA ALA A 153 -7.02 -8.28 -6.73
C ALA A 153 -7.29 -9.76 -6.46
N GLY A 154 -8.18 -10.37 -7.24
CA GLY A 154 -8.50 -11.77 -7.07
C GLY A 154 -7.30 -12.68 -7.24
N THR A 155 -6.38 -12.29 -8.13
CA THR A 155 -5.18 -13.08 -8.37
C THR A 155 -4.13 -12.85 -7.27
N ILE A 156 -4.20 -11.69 -6.63
CA ILE A 156 -3.27 -11.35 -5.57
C ILE A 156 -3.26 -12.38 -4.46
N GLU A 157 -2.08 -12.63 -3.89
CA GLU A 157 -1.93 -13.58 -2.80
C GLU A 157 -1.55 -12.87 -1.51
N PHE A 158 -1.66 -13.58 -0.39
CA PHE A 158 -1.32 -13.01 0.91
C PHE A 158 0.17 -12.68 1.00
N LEU A 159 0.46 -11.40 1.25
CA LEU A 159 1.84 -10.93 1.36
C LEU A 159 2.50 -11.47 2.62
N TYR A 160 1.75 -11.50 3.72
CA TYR A 160 2.27 -11.97 5.00
C TYR A 160 2.73 -13.43 4.91
N GLY A 161 2.20 -14.17 3.94
CA GLY A 161 2.57 -15.57 3.79
C GLY A 161 3.68 -15.79 2.78
N THR A 162 4.08 -14.73 2.07
CA THR A 162 5.14 -14.84 1.07
C THR A 162 6.51 -14.81 1.74
N PRO A 163 7.22 -15.97 1.79
CA PRO A 163 8.55 -16.04 2.42
C PRO A 163 9.57 -15.12 1.75
N ARG A 164 9.40 -14.88 0.46
CA ARG A 164 10.31 -14.02 -0.28
C ARG A 164 10.20 -12.57 0.19
N TYR A 165 8.97 -12.09 0.33
CA TYR A 165 8.73 -10.72 0.78
C TYR A 165 9.17 -10.56 2.24
N ILE A 166 8.90 -11.58 3.04
CA ILE A 166 9.28 -11.58 4.45
C ILE A 166 10.80 -11.54 4.59
N ALA A 167 11.48 -12.28 3.72
CA ALA A 167 12.94 -12.33 3.75
C ALA A 167 13.57 -11.00 3.31
N ARG A 168 12.84 -10.25 2.49
CA ARG A 168 13.33 -8.97 1.98
C ARG A 168 13.63 -7.98 3.11
N PHE A 169 12.83 -8.01 4.18
CA PHE A 169 13.01 -7.09 5.29
C PHE A 169 13.35 -7.81 6.59
N ILE A 170 12.58 -8.84 6.91
CA ILE A 170 12.77 -9.59 8.15
C ILE A 170 14.07 -10.40 8.16
N GLU A 171 14.42 -11.00 7.02
CA GLU A 171 15.65 -11.81 6.94
C GLU A 171 16.87 -10.95 6.60
N GLN A 172 16.71 -9.63 6.58
CA GLN A 172 17.82 -8.73 6.27
C GLN A 172 18.97 -8.90 7.25
N GLU A 173 18.66 -8.89 8.55
CA GLU A 173 19.67 -9.03 9.58
C GLU A 173 20.24 -10.44 9.61
N PHE A 174 19.36 -11.44 9.44
CA PHE A 174 19.78 -12.84 9.45
C PHE A 174 20.74 -13.16 8.31
N SER A 175 20.37 -12.77 7.09
CA SER A 175 21.20 -13.01 5.92
C SER A 175 21.96 -11.76 5.50
N ASP A 176 23.26 -11.92 5.25
CA ASP A 176 24.10 -10.81 4.84
C ASP A 176 25.23 -11.26 3.91
N GLU A 177 25.08 -12.46 3.32
CA GLU A 177 26.09 -13.01 2.41
C GLU A 177 27.45 -13.10 3.09
N GLU A 178 27.51 -13.84 4.20
CA GLU A 178 28.75 -14.01 4.94
C GLU A 178 29.81 -14.70 4.09
N GLY A 1 -23.36 0.73 -34.42
CA GLY A 1 -21.92 0.49 -34.69
C GLY A 1 -21.29 -0.46 -33.68
N ALA A 2 -20.10 -0.11 -33.19
CA ALA A 2 -19.39 -0.93 -32.22
C ALA A 2 -19.15 -0.16 -30.93
N MET A 3 -19.32 -0.85 -29.80
CA MET A 3 -19.11 -0.22 -28.49
C MET A 3 -18.68 -1.25 -27.45
N GLY A 4 -18.07 -0.78 -26.37
CA GLY A 4 -17.62 -1.68 -25.32
C GLY A 4 -16.41 -2.51 -25.73
N PRO A 5 -15.19 -1.96 -25.58
CA PRO A 5 -13.96 -2.68 -25.95
C PRO A 5 -13.65 -3.83 -24.99
N PRO A 6 -13.66 -5.08 -25.49
CA PRO A 6 -13.38 -6.26 -24.65
C PRO A 6 -11.98 -6.21 -24.04
N SER A 7 -11.84 -6.82 -22.86
CA SER A 7 -10.56 -6.84 -22.15
C SER A 7 -10.20 -8.27 -21.73
N SER A 8 -10.63 -9.25 -22.51
CA SER A 8 -10.35 -10.66 -22.23
C SER A 8 -10.97 -11.08 -20.89
N ARG A 9 -10.87 -12.37 -20.59
CA ARG A 9 -11.40 -12.91 -19.34
C ARG A 9 -10.36 -13.75 -18.61
N ASP A 10 -10.01 -14.89 -19.20
CA ASP A 10 -9.03 -15.79 -18.61
C ASP A 10 -7.81 -15.94 -19.53
N ALA A 11 -7.52 -14.89 -20.31
CA ALA A 11 -6.39 -14.91 -21.23
C ALA A 11 -5.44 -13.76 -20.96
N VAL A 12 -4.17 -13.94 -21.33
CA VAL A 12 -3.15 -12.92 -21.12
C VAL A 12 -2.08 -12.99 -22.21
N ARG A 13 -1.11 -12.08 -22.12
CA ARG A 13 -0.01 -12.03 -23.09
C ARG A 13 1.30 -11.66 -22.41
N VAL A 14 1.26 -10.59 -21.61
CA VAL A 14 2.45 -10.13 -20.90
C VAL A 14 2.11 -9.81 -19.45
N THR A 15 3.11 -9.87 -18.58
CA THR A 15 2.92 -9.59 -17.16
C THR A 15 2.58 -8.13 -16.95
N ALA A 16 3.26 -7.25 -17.69
CA ALA A 16 3.04 -5.82 -17.60
C ALA A 16 1.64 -5.45 -18.08
N SER A 17 1.01 -4.51 -17.39
CA SER A 17 -0.34 -4.06 -17.74
C SER A 17 -0.42 -2.54 -17.72
N ALA A 18 -1.44 -2.01 -18.41
CA ALA A 18 -1.64 -0.56 -18.48
C ALA A 18 -1.87 0.04 -17.10
N HIS A 19 -2.63 -0.68 -16.26
CA HIS A 19 -2.92 -0.22 -14.92
C HIS A 19 -1.93 -0.80 -13.91
N MET A 20 -1.44 0.05 -13.00
CA MET A 20 -0.49 -0.37 -11.97
C MET A 20 0.81 -0.88 -12.60
N LYS A 21 1.61 0.04 -13.13
CA LYS A 21 2.89 -0.32 -13.75
C LYS A 21 4.05 -0.08 -12.80
N HIS A 22 4.83 -1.14 -12.56
CA HIS A 22 5.98 -1.07 -11.67
C HIS A 22 5.60 -0.56 -10.28
N TRP A 23 5.40 -1.48 -9.34
CA TRP A 23 5.00 -1.13 -7.98
C TRP A 23 5.91 -1.81 -6.93
N LEU A 24 5.35 -2.75 -6.15
CA LEU A 24 6.12 -3.43 -5.10
C LEU A 24 7.33 -4.19 -5.64
N GLU A 25 7.17 -4.81 -6.81
CA GLU A 25 8.26 -5.59 -7.40
C GLU A 25 9.52 -4.75 -7.66
N PRO A 26 9.46 -3.73 -8.55
CA PRO A 26 10.62 -2.88 -8.88
C PRO A 26 11.06 -2.00 -7.71
N VAL A 27 10.10 -1.36 -7.06
CA VAL A 27 10.39 -0.45 -5.96
C VAL A 27 11.34 -1.06 -4.92
N LEU A 28 11.23 -2.36 -4.71
CA LEU A 28 12.08 -3.06 -3.74
C LEU A 28 13.52 -3.22 -4.23
N CYS A 29 13.73 -3.22 -5.55
CA CYS A 29 15.07 -3.38 -6.10
C CYS A 29 15.48 -2.22 -7.02
N GLU A 30 14.69 -1.98 -8.06
CA GLU A 30 14.99 -0.92 -9.02
C GLU A 30 15.03 0.46 -8.36
N ALA A 31 14.11 0.71 -7.44
CA ALA A 31 14.06 2.00 -6.75
C ALA A 31 15.14 2.10 -5.68
N GLY A 32 15.44 0.97 -5.04
CA GLY A 32 16.47 0.95 -4.01
C GLY A 32 16.15 1.89 -2.86
N LEU A 33 14.94 1.77 -2.32
CA LEU A 33 14.49 2.61 -1.22
C LEU A 33 15.28 2.31 0.06
N GLY A 34 15.33 3.29 0.95
CA GLY A 34 16.04 3.11 2.21
C GLY A 34 15.37 3.84 3.36
N HIS A 35 16.18 4.45 4.22
CA HIS A 35 15.66 5.19 5.37
C HIS A 35 14.93 6.46 4.92
N ASN A 36 15.47 7.12 3.91
CA ASN A 36 14.87 8.34 3.36
C ASN A 36 14.78 8.24 1.85
N TYR A 37 13.55 8.18 1.33
CA TYR A 37 13.33 8.07 -0.11
C TYR A 37 11.95 8.58 -0.50
N LYS A 38 11.80 8.96 -1.76
CA LYS A 38 10.53 9.44 -2.28
C LYS A 38 10.34 9.02 -3.73
N VAL A 39 9.36 8.16 -3.98
CA VAL A 39 9.08 7.69 -5.34
C VAL A 39 7.62 7.88 -5.71
N ASP A 40 7.34 7.88 -7.02
CA ASP A 40 5.97 8.06 -7.51
C ASP A 40 5.39 6.74 -8.00
N LYS A 41 4.28 6.31 -7.38
CA LYS A 41 3.64 5.07 -7.76
C LYS A 41 2.12 5.16 -7.61
N VAL A 42 1.40 4.27 -8.29
CA VAL A 42 -0.05 4.25 -8.21
C VAL A 42 -0.52 3.31 -7.10
N LEU A 43 -1.50 3.75 -6.32
CA LEU A 43 -2.03 2.96 -5.22
C LEU A 43 -3.56 2.97 -5.21
N LYS A 44 -4.15 1.86 -4.78
CA LYS A 44 -5.60 1.74 -4.72
C LYS A 44 -6.04 0.97 -3.47
N VAL A 45 -6.98 1.54 -2.72
CA VAL A 45 -7.48 0.91 -1.50
C VAL A 45 -8.88 0.33 -1.71
N LEU A 46 -9.14 -0.81 -1.08
CA LEU A 46 -10.43 -1.48 -1.22
C LEU A 46 -11.31 -1.34 0.04
N ARG A 47 -10.70 -1.00 1.18
CA ARG A 47 -11.46 -0.87 2.42
C ARG A 47 -11.06 0.37 3.23
N ILE A 48 -12.07 1.09 3.72
CA ILE A 48 -11.85 2.28 4.53
C ILE A 48 -12.96 2.42 5.58
N TYR A 49 -12.57 2.79 6.80
CA TYR A 49 -13.55 2.97 7.88
C TYR A 49 -13.49 4.40 8.44
N PRO A 50 -13.98 5.39 7.66
CA PRO A 50 -13.97 6.80 8.08
C PRO A 50 -15.02 7.10 9.15
N ARG A 51 -14.93 8.28 9.76
CA ARG A 51 -15.87 8.69 10.79
C ARG A 51 -16.40 10.09 10.50
N SER A 52 -17.54 10.43 11.10
CA SER A 52 -18.16 11.74 10.90
C SER A 52 -17.35 12.85 11.58
N ASN A 53 -16.60 12.50 12.62
CA ASN A 53 -15.79 13.48 13.36
C ASN A 53 -14.34 13.50 12.86
N THR A 54 -14.12 13.07 11.63
CA THR A 54 -12.77 13.04 11.06
C THR A 54 -12.75 13.73 9.69
N LEU A 55 -11.60 13.67 9.01
CA LEU A 55 -11.46 14.29 7.70
C LEU A 55 -11.73 13.29 6.58
N SER A 56 -12.25 12.12 6.95
CA SER A 56 -12.53 11.06 5.97
C SER A 56 -11.23 10.46 5.45
N SER A 57 -10.25 10.35 6.35
CA SER A 57 -8.94 9.79 5.99
C SER A 57 -8.30 9.11 7.20
N LEU A 58 -8.17 7.79 7.14
CA LEU A 58 -7.58 7.02 8.23
C LEU A 58 -6.98 5.71 7.69
N PRO A 59 -6.44 4.83 8.56
CA PRO A 59 -5.85 3.55 8.13
C PRO A 59 -6.78 2.81 7.19
N LEU A 60 -6.24 2.34 6.06
CA LEU A 60 -7.02 1.64 5.06
C LEU A 60 -6.32 0.37 4.58
N CYS A 61 -7.12 -0.64 4.24
CA CYS A 61 -6.60 -1.91 3.74
C CYS A 61 -6.62 -1.89 2.22
N LEU A 62 -5.44 -1.78 1.61
CA LEU A 62 -5.33 -1.73 0.17
C LEU A 62 -4.68 -2.99 -0.40
N CYS A 63 -4.80 -3.14 -1.72
CA CYS A 63 -4.21 -4.28 -2.41
C CYS A 63 -3.59 -3.83 -3.72
N ASP A 64 -2.28 -4.05 -3.86
CA ASP A 64 -1.58 -3.63 -5.06
C ASP A 64 -1.85 -4.61 -6.21
N ALA A 65 -1.19 -4.38 -7.34
CA ALA A 65 -1.38 -5.21 -8.52
C ALA A 65 -1.01 -6.68 -8.30
N ASN A 66 0.07 -6.93 -7.57
CA ASN A 66 0.52 -8.30 -7.33
C ASN A 66 0.16 -8.82 -5.94
N TYR A 67 0.43 -8.02 -4.91
CA TYR A 67 0.17 -8.43 -3.53
C TYR A 67 -0.77 -7.45 -2.81
N LYS A 68 -0.88 -7.60 -1.49
CA LYS A 68 -1.74 -6.73 -0.69
C LYS A 68 -1.03 -6.30 0.59
N ILE A 69 -1.15 -5.01 0.92
CA ILE A 69 -0.51 -4.47 2.12
C ILE A 69 -1.41 -3.44 2.81
N LEU A 70 -1.04 -3.03 4.01
CA LEU A 70 -1.79 -2.03 4.76
C LEU A 70 -1.11 -0.67 4.65
N ALA A 71 -1.88 0.40 4.82
CA ALA A 71 -1.32 1.75 4.73
C ALA A 71 -2.14 2.75 5.52
N PHE A 72 -1.51 3.87 5.87
CA PHE A 72 -2.17 4.93 6.62
C PHE A 72 -1.68 6.29 6.15
N ALA A 73 -2.60 7.24 5.99
CA ALA A 73 -2.24 8.57 5.54
C ALA A 73 -2.10 9.54 6.71
N ASN A 74 -1.06 10.38 6.64
CA ASN A 74 -0.80 11.37 7.68
C ASN A 74 -1.79 12.52 7.57
N TYR A 75 -2.19 13.08 8.71
CA TYR A 75 -3.14 14.18 8.74
C TYR A 75 -2.70 15.33 7.84
N LYS A 76 -1.39 15.52 7.69
CA LYS A 76 -0.86 16.58 6.84
C LYS A 76 -1.29 16.35 5.41
N ALA A 77 -1.26 15.08 5.00
CA ALA A 77 -1.67 14.69 3.66
C ALA A 77 -3.17 14.83 3.48
N ILE A 78 -3.91 14.58 4.57
CA ILE A 78 -5.37 14.66 4.57
C ILE A 78 -5.85 16.10 4.37
N ALA A 79 -5.36 17.00 5.23
CA ALA A 79 -5.74 18.41 5.17
C ALA A 79 -5.53 19.00 3.77
N ALA A 80 -4.39 18.70 3.17
CA ALA A 80 -4.08 19.20 1.83
C ALA A 80 -5.10 18.70 0.81
N PHE A 81 -5.41 17.42 0.87
CA PHE A 81 -6.37 16.82 -0.06
C PHE A 81 -7.74 17.47 0.09
N GLU A 82 -8.13 17.78 1.33
CA GLU A 82 -9.42 18.41 1.59
C GLU A 82 -9.52 19.77 0.90
N ARG A 83 -8.43 20.53 0.93
CA ARG A 83 -8.41 21.85 0.31
C ARG A 83 -8.42 21.73 -1.21
N LYS A 84 -7.82 20.66 -1.73
CA LYS A 84 -7.73 20.43 -3.16
C LYS A 84 -9.08 20.08 -3.79
N GLU A 85 -9.78 19.08 -3.23
CA GLU A 85 -11.07 18.65 -3.78
C GLU A 85 -12.26 19.02 -2.89
N ARG A 86 -12.01 19.24 -1.60
CA ARG A 86 -13.09 19.59 -0.67
C ARG A 86 -14.17 18.51 -0.62
N ARG A 87 -13.75 17.26 -0.80
CA ARG A 87 -14.67 16.14 -0.78
C ARG A 87 -14.06 14.94 -0.05
N ARG A 88 -14.91 14.03 0.40
CA ARG A 88 -14.44 12.84 1.12
C ARG A 88 -13.61 11.95 0.19
N VAL A 89 -12.35 11.74 0.56
CA VAL A 89 -11.44 10.93 -0.24
C VAL A 89 -11.68 9.44 -0.04
N THR A 90 -11.93 9.01 1.20
CA THR A 90 -12.15 7.60 1.52
C THR A 90 -13.55 7.13 1.16
N GLN A 91 -14.02 7.52 -0.01
CA GLN A 91 -15.35 7.12 -0.46
C GLN A 91 -15.26 6.47 -1.85
N ASN A 92 -15.09 7.29 -2.89
CA ASN A 92 -14.98 6.79 -4.25
C ASN A 92 -13.65 7.20 -4.92
N LEU A 93 -12.99 8.21 -4.34
CA LEU A 93 -11.73 8.70 -4.89
C LEU A 93 -10.61 7.67 -4.81
N LEU A 94 -10.45 7.06 -3.63
CA LEU A 94 -9.40 6.06 -3.43
C LEU A 94 -9.56 4.87 -4.38
N ASN A 95 -10.80 4.45 -4.59
CA ASN A 95 -11.08 3.32 -5.48
C ASN A 95 -10.70 3.64 -6.93
N SER A 96 -10.56 4.93 -7.24
CA SER A 96 -10.21 5.34 -8.60
C SER A 96 -8.71 5.16 -8.85
N GLU A 97 -7.90 6.03 -8.27
CA GLU A 97 -6.45 5.98 -8.43
C GLU A 97 -5.78 7.06 -7.59
N ILE A 98 -4.59 6.77 -7.06
CA ILE A 98 -3.87 7.73 -6.23
C ILE A 98 -2.38 7.74 -6.50
N MET A 99 -1.73 8.85 -6.17
CA MET A 99 -0.29 9.01 -6.34
C MET A 99 0.35 9.40 -5.02
N ILE A 100 1.38 8.67 -4.61
CA ILE A 100 2.06 8.98 -3.35
C ILE A 100 3.44 9.56 -3.61
N HIS A 101 3.59 10.85 -3.31
CA HIS A 101 4.85 11.55 -3.51
C HIS A 101 5.92 11.03 -2.55
N SER A 102 5.52 10.78 -1.31
CA SER A 102 6.45 10.29 -0.30
C SER A 102 5.81 9.25 0.61
N PHE A 103 6.50 8.13 0.80
CA PHE A 103 6.00 7.05 1.65
C PHE A 103 7.16 6.26 2.25
N THR A 104 6.97 5.77 3.47
CA THR A 104 8.01 5.00 4.16
C THR A 104 7.49 3.64 4.60
N ILE A 105 8.37 2.64 4.62
CA ILE A 105 8.00 1.29 5.03
C ILE A 105 7.81 1.22 6.54
N ARG A 106 6.79 0.48 6.96
CA ARG A 106 6.48 0.32 8.38
C ARG A 106 6.19 -1.14 8.70
N PHE A 107 6.68 -1.61 9.85
CA PHE A 107 6.47 -2.98 10.27
C PHE A 107 5.29 -3.08 11.23
N TYR A 108 4.38 -4.00 10.95
CA TYR A 108 3.19 -4.20 11.78
C TYR A 108 3.05 -5.66 12.19
N ASN A 109 2.45 -5.88 13.36
CA ASN A 109 2.24 -7.23 13.87
C ASN A 109 0.74 -7.55 13.90
N ASP A 110 0.40 -8.75 14.38
CA ASP A 110 -0.99 -9.18 14.44
C ASP A 110 -1.82 -8.24 15.32
N ASP A 111 -1.25 -7.79 16.42
CA ASP A 111 -1.94 -6.88 17.34
C ASP A 111 -2.11 -5.49 16.72
N GLN A 112 -1.07 -5.03 16.02
CA GLN A 112 -1.10 -3.71 15.38
C GLN A 112 -2.21 -3.60 14.35
N VAL A 113 -2.30 -4.58 13.45
CA VAL A 113 -3.32 -4.58 12.42
C VAL A 113 -4.72 -4.66 13.02
N GLN A 114 -4.84 -5.34 14.17
CA GLN A 114 -6.12 -5.47 14.85
C GLN A 114 -6.65 -4.10 15.26
N GLY A 115 -5.79 -3.32 15.92
CA GLY A 115 -6.18 -1.98 16.35
C GLY A 115 -6.27 -1.01 15.18
N PHE A 116 -5.47 -1.26 14.14
CA PHE A 116 -5.46 -0.41 12.96
C PHE A 116 -6.83 -0.38 12.30
N PHE A 117 -7.49 -1.54 12.26
CA PHE A 117 -8.81 -1.66 11.67
C PHE A 117 -9.85 -2.11 12.69
N ASP A 118 -11.08 -2.31 12.24
CA ASP A 118 -12.16 -2.74 13.12
C ASP A 118 -11.87 -4.10 13.75
N GLY A 119 -11.11 -4.94 13.05
CA GLY A 119 -10.77 -6.25 13.56
C GLY A 119 -10.14 -7.15 12.50
N LEU A 120 -9.26 -6.57 11.69
CA LEU A 120 -8.57 -7.33 10.64
C LEU A 120 -7.64 -8.36 11.26
N LYS A 121 -7.89 -9.63 10.95
CA LYS A 121 -7.10 -10.73 11.48
C LYS A 121 -6.16 -11.32 10.43
N PHE A 122 -4.85 -11.19 10.68
CA PHE A 122 -3.84 -11.74 9.78
C PHE A 122 -3.19 -12.96 10.40
N LYS A 123 -2.85 -13.95 9.57
CA LYS A 123 -2.23 -15.17 10.05
C LYS A 123 -0.73 -15.20 9.75
N GLN A 124 0.08 -14.98 10.79
CA GLN A 124 1.54 -15.00 10.64
C GLN A 124 2.14 -16.33 11.11
N LYS A 125 1.27 -17.31 11.36
CA LYS A 125 1.72 -18.64 11.81
C LYS A 125 2.44 -18.55 13.15
N ALA A 126 1.79 -17.93 14.14
CA ALA A 126 2.36 -17.78 15.48
C ALA A 126 3.73 -17.11 15.45
N SER A 127 3.75 -15.82 15.76
CA SER A 127 5.00 -15.05 15.77
C SER A 127 4.95 -13.97 16.84
N LEU A 128 6.14 -13.53 17.28
CA LEU A 128 6.23 -12.49 18.30
C LEU A 128 6.80 -11.19 17.73
N PHE A 129 7.31 -11.25 16.49
CA PHE A 129 7.88 -10.08 15.84
C PHE A 129 7.02 -9.67 14.64
N PRO A 130 6.92 -8.36 14.34
CA PRO A 130 6.13 -7.86 13.22
C PRO A 130 6.59 -8.45 11.89
N GLY A 131 5.64 -8.96 11.10
CA GLY A 131 5.97 -9.54 9.82
C GLY A 131 5.05 -9.07 8.71
N TYR A 132 4.57 -7.83 8.82
CA TYR A 132 3.68 -7.26 7.82
C TYR A 132 4.18 -5.89 7.36
N LEU A 133 4.26 -5.72 6.05
CA LEU A 133 4.74 -4.46 5.47
C LEU A 133 3.59 -3.47 5.31
N VAL A 134 3.76 -2.28 5.87
CA VAL A 134 2.75 -1.23 5.79
C VAL A 134 3.35 0.09 5.32
N LEU A 135 2.70 0.74 4.37
CA LEU A 135 3.17 2.01 3.84
C LEU A 135 2.56 3.20 4.57
N GLU A 136 3.24 4.34 4.47
CA GLU A 136 2.78 5.57 5.11
C GLU A 136 2.59 6.65 4.05
N ILE A 137 1.47 7.37 4.12
CA ILE A 137 1.19 8.42 3.13
C ILE A 137 1.36 9.81 3.74
N ASN A 138 2.52 10.40 3.53
CA ASN A 138 2.79 11.74 4.04
C ASN A 138 2.15 12.79 3.14
N ASP A 139 2.16 12.52 1.84
CA ASP A 139 1.57 13.42 0.85
C ASP A 139 1.23 12.64 -0.42
N PHE A 140 -0.05 12.71 -0.83
CA PHE A 140 -0.49 12.00 -2.02
C PHE A 140 -1.41 12.88 -2.86
N SER A 141 -1.54 12.53 -4.15
CA SER A 141 -2.38 13.27 -5.06
C SER A 141 -3.12 12.32 -6.00
N MET A 142 -4.30 12.74 -6.47
CA MET A 142 -5.09 11.91 -7.37
C MET A 142 -4.42 11.79 -8.73
N PHE A 143 -4.11 10.56 -9.13
CA PHE A 143 -3.47 10.30 -10.42
C PHE A 143 -4.47 10.42 -11.55
N ASN A 144 -5.49 9.56 -11.52
CA ASN A 144 -6.51 9.54 -12.56
C ASN A 144 -7.91 9.52 -11.94
N ARG A 145 -8.91 9.94 -12.72
CA ARG A 145 -10.29 9.96 -12.26
C ARG A 145 -11.01 8.70 -12.69
N ASP A 146 -12.34 8.69 -12.52
CA ASP A 146 -13.17 7.54 -12.88
C ASP A 146 -12.96 6.39 -11.89
N GLN A 147 -13.95 6.18 -11.03
CA GLN A 147 -13.89 5.12 -10.02
C GLN A 147 -13.74 3.75 -10.68
N LEU A 148 -12.83 2.94 -10.14
CA LEU A 148 -12.58 1.61 -10.67
C LEU A 148 -12.41 0.59 -9.55
N ILE A 149 -12.54 -0.69 -9.88
CA ILE A 149 -12.40 -1.77 -8.91
C ILE A 149 -11.31 -2.76 -9.35
N LEU A 150 -10.52 -3.22 -8.38
CA LEU A 150 -9.45 -4.17 -8.68
C LEU A 150 -10.01 -5.59 -8.82
N SER A 151 -10.50 -5.91 -10.01
CA SER A 151 -11.06 -7.22 -10.28
C SER A 151 -9.98 -8.30 -10.28
N ASN A 152 -8.72 -7.88 -10.39
CA ASN A 152 -7.59 -8.81 -10.40
C ASN A 152 -7.10 -9.11 -8.98
N ALA A 153 -7.82 -8.65 -7.98
CA ALA A 153 -7.45 -8.88 -6.58
C ALA A 153 -7.60 -10.36 -6.20
N GLY A 154 -8.52 -11.05 -6.88
CA GLY A 154 -8.75 -12.45 -6.60
C GLY A 154 -7.54 -13.32 -6.86
N THR A 155 -6.79 -13.00 -7.90
CA THR A 155 -5.58 -13.76 -8.25
C THR A 155 -4.43 -13.45 -7.30
N ILE A 156 -4.45 -12.25 -6.71
CA ILE A 156 -3.41 -11.84 -5.79
C ILE A 156 -3.24 -12.83 -4.63
N GLU A 157 -2.00 -12.96 -4.16
CA GLU A 157 -1.69 -13.85 -3.06
C GLU A 157 -1.39 -13.07 -1.79
N PHE A 158 -1.50 -13.75 -0.64
CA PHE A 158 -1.24 -13.12 0.66
C PHE A 158 0.21 -12.66 0.76
N LEU A 159 0.41 -11.50 1.38
CA LEU A 159 1.76 -10.93 1.55
C LEU A 159 2.48 -11.53 2.76
N TYR A 160 1.76 -12.25 3.61
CA TYR A 160 2.36 -12.86 4.79
C TYR A 160 3.03 -14.20 4.47
N GLY A 161 2.69 -14.76 3.30
CA GLY A 161 3.27 -16.03 2.89
C GLY A 161 4.24 -15.88 1.73
N THR A 162 4.95 -14.76 1.70
CA THR A 162 5.91 -14.48 0.64
C THR A 162 7.35 -14.51 1.19
N PRO A 163 8.03 -15.66 1.10
CA PRO A 163 9.41 -15.82 1.60
C PRO A 163 10.34 -14.71 1.11
N ARG A 164 10.17 -14.31 -0.14
CA ARG A 164 11.00 -13.27 -0.74
C ARG A 164 10.84 -11.94 0.01
N TYR A 165 9.59 -11.49 0.16
CA TYR A 165 9.30 -10.24 0.84
C TYR A 165 9.67 -10.33 2.32
N ILE A 166 9.34 -11.46 2.93
CA ILE A 166 9.65 -11.69 4.35
C ILE A 166 11.15 -11.72 4.57
N ALA A 167 11.86 -12.45 3.71
CA ALA A 167 13.31 -12.56 3.80
C ALA A 167 14.01 -11.25 3.44
N ARG A 168 13.34 -10.43 2.64
CA ARG A 168 13.91 -9.15 2.21
C ARG A 168 14.07 -8.18 3.38
N PHE A 169 13.17 -8.26 4.36
CA PHE A 169 13.20 -7.37 5.52
C PHE A 169 13.43 -8.12 6.84
N ILE A 170 12.65 -9.17 7.06
CA ILE A 170 12.74 -9.94 8.30
C ILE A 170 14.03 -10.75 8.41
N GLU A 171 14.48 -11.34 7.31
CA GLU A 171 15.70 -12.15 7.33
C GLU A 171 16.96 -11.31 7.18
N GLN A 172 16.81 -9.98 7.13
CA GLN A 172 17.96 -9.09 6.99
C GLN A 172 18.87 -9.17 8.22
N GLU A 173 18.25 -9.19 9.40
CA GLU A 173 19.01 -9.26 10.66
C GLU A 173 18.42 -10.30 11.59
N PHE A 174 17.09 -10.34 11.69
CA PHE A 174 16.40 -11.30 12.55
C PHE A 174 16.74 -11.05 14.02
N SER A 175 15.76 -10.57 14.78
CA SER A 175 15.95 -10.29 16.19
C SER A 175 15.12 -11.24 17.06
N ASP A 176 15.73 -11.75 18.12
CA ASP A 176 15.05 -12.66 19.04
C ASP A 176 14.76 -11.99 20.38
N GLU A 177 15.60 -11.02 20.76
CA GLU A 177 15.42 -10.30 22.02
C GLU A 177 14.08 -9.58 22.06
N GLU A 178 13.68 -9.00 20.92
CA GLU A 178 12.41 -8.29 20.83
C GLU A 178 11.57 -8.82 19.67
N GLY A 1 6.16 15.49 7.50
CA GLY A 1 7.51 15.17 8.04
C GLY A 1 8.45 16.36 7.99
N ALA A 2 9.63 16.16 7.41
CA ALA A 2 10.62 17.23 7.30
C ALA A 2 10.95 17.53 5.84
N MET A 3 10.88 18.81 5.46
CA MET A 3 11.17 19.23 4.10
C MET A 3 11.92 20.55 4.08
N GLY A 4 12.82 20.70 3.10
CA GLY A 4 13.59 21.92 2.99
C GLY A 4 12.86 23.00 2.20
N PRO A 5 13.55 23.73 1.30
CA PRO A 5 12.95 24.79 0.49
C PRO A 5 11.74 24.30 -0.31
N PRO A 6 10.92 25.22 -0.84
CA PRO A 6 9.73 24.87 -1.62
C PRO A 6 10.07 24.04 -2.86
N SER A 7 9.15 23.19 -3.28
CA SER A 7 9.36 22.34 -4.45
C SER A 7 9.24 23.14 -5.73
N SER A 8 10.24 23.00 -6.61
CA SER A 8 10.25 23.72 -7.88
C SER A 8 10.43 22.75 -9.04
N ARG A 9 11.40 21.84 -8.90
CA ARG A 9 11.67 20.85 -9.93
C ARG A 9 10.53 19.84 -10.04
N ASP A 10 9.93 19.52 -8.91
CA ASP A 10 8.82 18.56 -8.87
C ASP A 10 7.48 19.30 -8.78
N ALA A 11 7.32 20.33 -9.60
CA ALA A 11 6.09 21.12 -9.62
C ALA A 11 4.85 20.25 -9.77
N VAL A 12 3.68 20.89 -9.75
CA VAL A 12 2.41 20.19 -9.88
C VAL A 12 2.31 19.41 -11.20
N ARG A 13 2.94 19.95 -12.24
CA ARG A 13 2.92 19.32 -13.56
C ARG A 13 3.31 17.84 -13.49
N VAL A 14 2.62 17.01 -14.27
CA VAL A 14 2.90 15.57 -14.29
C VAL A 14 4.07 15.26 -15.21
N THR A 15 4.91 14.32 -14.78
CA THR A 15 6.08 13.93 -15.57
C THR A 15 5.97 12.49 -16.06
N ALA A 16 5.20 11.66 -15.37
CA ALA A 16 5.03 10.26 -15.75
C ALA A 16 3.58 9.80 -15.57
N SER A 17 3.17 8.84 -16.41
CA SER A 17 1.82 8.30 -16.35
C SER A 17 1.75 6.93 -17.03
N ALA A 18 0.95 6.03 -16.47
CA ALA A 18 0.80 4.69 -17.03
C ALA A 18 -0.30 3.90 -16.31
N HIS A 19 -0.54 2.68 -16.75
CA HIS A 19 -1.55 1.83 -16.16
C HIS A 19 -1.05 1.19 -14.87
N MET A 20 -1.90 0.40 -14.22
CA MET A 20 -1.54 -0.26 -12.97
C MET A 20 -0.36 -1.21 -13.18
N LYS A 21 0.64 -1.11 -12.31
CA LYS A 21 1.83 -1.97 -12.41
C LYS A 21 2.28 -2.43 -11.02
N HIS A 22 2.93 -3.59 -10.98
CA HIS A 22 3.41 -4.15 -9.72
C HIS A 22 4.73 -3.50 -9.31
N TRP A 23 4.63 -2.33 -8.69
CA TRP A 23 5.81 -1.59 -8.26
C TRP A 23 6.41 -2.17 -6.96
N LEU A 24 5.61 -2.98 -6.25
CA LEU A 24 6.05 -3.59 -5.00
C LEU A 24 7.28 -4.47 -5.20
N GLU A 25 7.32 -5.20 -6.31
CA GLU A 25 8.44 -6.10 -6.61
C GLU A 25 9.76 -5.33 -6.75
N PRO A 26 9.86 -4.38 -7.70
CA PRO A 26 11.09 -3.61 -7.92
C PRO A 26 11.46 -2.69 -6.76
N VAL A 27 10.47 -1.97 -6.21
CA VAL A 27 10.71 -1.07 -5.10
C VAL A 27 11.39 -1.76 -3.92
N LEU A 28 11.05 -3.04 -3.73
CA LEU A 28 11.60 -3.83 -2.64
C LEU A 28 13.12 -3.94 -2.70
N CYS A 29 13.67 -4.14 -3.90
CA CYS A 29 15.12 -4.29 -4.06
C CYS A 29 15.69 -3.38 -5.15
N GLU A 30 15.00 -3.32 -6.29
CA GLU A 30 15.45 -2.50 -7.41
C GLU A 30 15.56 -1.03 -7.03
N ALA A 31 14.59 -0.54 -6.25
CA ALA A 31 14.59 0.85 -5.82
C ALA A 31 15.16 1.00 -4.41
N GLY A 32 14.92 0.00 -3.56
CA GLY A 32 15.42 0.05 -2.20
C GLY A 32 14.76 1.13 -1.37
N LEU A 33 13.43 1.20 -1.43
CA LEU A 33 12.67 2.20 -0.69
C LEU A 33 12.87 2.04 0.81
N GLY A 34 12.60 3.11 1.55
CA GLY A 34 12.76 3.08 2.99
C GLY A 34 12.35 4.38 3.65
N HIS A 35 13.28 5.03 4.34
CA HIS A 35 13.01 6.30 5.00
C HIS A 35 13.59 7.48 4.22
N ASN A 36 14.65 7.22 3.45
CA ASN A 36 15.31 8.26 2.67
C ASN A 36 15.06 8.07 1.16
N TYR A 37 13.94 7.43 0.82
CA TYR A 37 13.60 7.20 -0.59
C TYR A 37 12.19 7.71 -0.90
N LYS A 38 12.02 8.24 -2.11
CA LYS A 38 10.72 8.77 -2.53
C LYS A 38 10.46 8.45 -4.00
N VAL A 39 9.41 7.69 -4.26
CA VAL A 39 9.04 7.31 -5.63
C VAL A 39 7.56 7.58 -5.90
N ASP A 40 7.21 7.68 -7.18
CA ASP A 40 5.83 7.94 -7.58
C ASP A 40 5.21 6.70 -8.22
N LYS A 41 4.10 6.23 -7.65
CA LYS A 41 3.41 5.06 -8.16
C LYS A 41 1.91 5.13 -7.89
N VAL A 42 1.16 4.22 -8.50
CA VAL A 42 -0.29 4.17 -8.34
C VAL A 42 -0.69 3.14 -7.29
N LEU A 43 -1.62 3.52 -6.42
CA LEU A 43 -2.10 2.63 -5.36
C LEU A 43 -3.61 2.75 -5.18
N LYS A 44 -4.31 1.62 -5.12
CA LYS A 44 -5.76 1.60 -4.95
C LYS A 44 -6.15 0.90 -3.66
N VAL A 45 -7.10 1.47 -2.93
CA VAL A 45 -7.57 0.87 -1.67
C VAL A 45 -8.97 0.28 -1.84
N LEU A 46 -9.20 -0.88 -1.25
CA LEU A 46 -10.48 -1.57 -1.37
C LEU A 46 -11.35 -1.42 -0.11
N ARG A 47 -10.75 -1.03 1.02
CA ARG A 47 -11.50 -0.88 2.27
C ARG A 47 -11.12 0.38 3.03
N ILE A 48 -12.13 1.11 3.50
CA ILE A 48 -11.92 2.32 4.27
C ILE A 48 -12.91 2.38 5.43
N TYR A 49 -12.42 2.64 6.63
CA TYR A 49 -13.27 2.72 7.83
C TYR A 49 -13.22 4.11 8.45
N PRO A 50 -14.12 5.01 8.01
CA PRO A 50 -14.18 6.39 8.53
C PRO A 50 -14.47 6.42 10.03
N ARG A 51 -13.96 7.44 10.71
CA ARG A 51 -14.16 7.59 12.15
C ARG A 51 -14.99 8.84 12.47
N SER A 52 -15.48 8.92 13.69
CA SER A 52 -16.29 10.05 14.13
C SER A 52 -15.52 11.37 14.06
N ASN A 53 -14.18 11.28 14.01
CA ASN A 53 -13.34 12.47 13.95
C ASN A 53 -13.62 13.28 12.68
N THR A 54 -14.16 12.62 11.65
CA THR A 54 -14.47 13.28 10.39
C THR A 54 -13.22 13.88 9.75
N LEU A 55 -12.24 13.01 9.46
CA LEU A 55 -10.99 13.44 8.85
C LEU A 55 -10.94 13.11 7.36
N SER A 56 -11.87 12.26 6.90
CA SER A 56 -11.93 11.87 5.49
C SER A 56 -10.65 11.15 5.06
N SER A 57 -10.00 10.49 6.01
CA SER A 57 -8.76 9.76 5.75
C SER A 57 -8.28 9.08 7.03
N LEU A 58 -8.46 7.76 7.09
CA LEU A 58 -8.07 6.98 8.25
C LEU A 58 -7.60 5.59 7.84
N PRO A 59 -7.00 4.81 8.79
CA PRO A 59 -6.51 3.46 8.51
C PRO A 59 -7.37 2.71 7.49
N LEU A 60 -6.75 2.27 6.40
CA LEU A 60 -7.46 1.57 5.35
C LEU A 60 -6.66 0.40 4.81
N CYS A 61 -7.35 -0.55 4.18
CA CYS A 61 -6.71 -1.72 3.59
C CYS A 61 -6.70 -1.59 2.08
N LEU A 62 -5.51 -1.70 1.48
CA LEU A 62 -5.37 -1.56 0.03
C LEU A 62 -4.71 -2.78 -0.59
N CYS A 63 -4.95 -2.98 -1.89
CA CYS A 63 -4.39 -4.10 -2.63
C CYS A 63 -3.69 -3.61 -3.89
N ASP A 64 -2.40 -3.92 -3.99
CA ASP A 64 -1.61 -3.51 -5.15
C ASP A 64 -1.89 -4.42 -6.34
N ALA A 65 -1.03 -4.34 -7.37
CA ALA A 65 -1.20 -5.14 -8.58
C ALA A 65 -0.94 -6.62 -8.33
N ASN A 66 0.09 -6.94 -7.53
CA ASN A 66 0.46 -8.33 -7.26
C ASN A 66 0.31 -8.71 -5.78
N TYR A 67 0.29 -7.71 -4.89
CA TYR A 67 0.17 -7.98 -3.46
C TYR A 67 -0.57 -6.85 -2.74
N LYS A 68 -1.09 -7.16 -1.54
CA LYS A 68 -1.82 -6.17 -0.76
C LYS A 68 -1.17 -5.96 0.62
N ILE A 69 -1.16 -4.72 1.07
CA ILE A 69 -0.58 -4.39 2.38
C ILE A 69 -1.38 -3.31 3.08
N LEU A 70 -1.07 -3.07 4.35
CA LEU A 70 -1.76 -2.05 5.14
C LEU A 70 -1.06 -0.71 4.95
N ALA A 71 -1.82 0.38 4.96
CA ALA A 71 -1.26 1.72 4.80
C ALA A 71 -2.07 2.77 5.53
N PHE A 72 -1.39 3.79 6.04
CA PHE A 72 -2.04 4.87 6.76
C PHE A 72 -1.53 6.22 6.27
N ALA A 73 -2.43 7.18 6.15
CA ALA A 73 -2.07 8.52 5.69
C ALA A 73 -1.86 9.48 6.85
N ASN A 74 -0.79 10.26 6.79
CA ASN A 74 -0.48 11.22 7.85
C ASN A 74 -1.49 12.36 7.83
N TYR A 75 -1.65 13.04 8.96
CA TYR A 75 -2.59 14.14 9.07
C TYR A 75 -2.38 15.17 7.97
N LYS A 76 -1.12 15.40 7.61
CA LYS A 76 -0.80 16.36 6.56
C LYS A 76 -1.47 15.93 5.26
N ALA A 77 -1.42 14.62 5.00
CA ALA A 77 -2.03 14.04 3.82
C ALA A 77 -3.55 14.05 3.98
N ILE A 78 -4.02 13.76 5.20
CA ILE A 78 -5.44 13.73 5.51
C ILE A 78 -6.08 15.10 5.27
N ALA A 79 -5.51 16.14 5.89
CA ALA A 79 -6.02 17.49 5.76
C ALA A 79 -5.94 17.99 4.32
N ALA A 80 -4.95 17.51 3.58
CA ALA A 80 -4.74 17.91 2.19
C ALA A 80 -5.98 17.67 1.33
N PHE A 81 -6.84 16.74 1.74
CA PHE A 81 -8.05 16.43 0.98
C PHE A 81 -8.96 17.64 0.82
N GLU A 82 -9.10 18.42 1.90
CA GLU A 82 -9.94 19.61 1.87
C GLU A 82 -9.32 20.72 1.02
N ARG A 83 -8.00 20.82 1.08
CA ARG A 83 -7.28 21.84 0.34
C ARG A 83 -7.31 21.57 -1.17
N LYS A 84 -7.34 20.30 -1.54
CA LYS A 84 -7.35 19.91 -2.95
C LYS A 84 -8.64 20.37 -3.65
N GLU A 85 -9.69 19.54 -3.61
CA GLU A 85 -10.96 19.88 -4.27
C GLU A 85 -12.07 20.15 -3.26
N ARG A 86 -11.73 20.26 -1.97
CA ARG A 86 -12.73 20.53 -0.93
C ARG A 86 -13.80 19.44 -0.88
N ARG A 87 -13.42 18.22 -1.22
CA ARG A 87 -14.35 17.09 -1.21
C ARG A 87 -13.73 15.87 -0.54
N ARG A 88 -14.58 14.94 -0.10
CA ARG A 88 -14.11 13.73 0.56
C ARG A 88 -13.41 12.81 -0.44
N VAL A 89 -12.18 12.43 -0.11
CA VAL A 89 -11.37 11.57 -0.96
C VAL A 89 -11.58 10.09 -0.67
N THR A 90 -11.93 9.77 0.57
CA THR A 90 -12.12 8.37 0.98
C THR A 90 -13.44 7.77 0.48
N GLN A 91 -14.23 8.54 -0.24
CA GLN A 91 -15.51 8.05 -0.75
C GLN A 91 -15.34 7.22 -2.02
N ASN A 92 -15.16 7.89 -3.16
CA ASN A 92 -15.01 7.18 -4.44
C ASN A 92 -13.68 7.50 -5.13
N LEU A 93 -12.99 8.53 -4.67
CA LEU A 93 -11.71 8.93 -5.27
C LEU A 93 -10.64 7.85 -5.12
N LEU A 94 -10.60 7.21 -3.96
CA LEU A 94 -9.62 6.16 -3.70
C LEU A 94 -9.79 5.00 -4.67
N ASN A 95 -11.04 4.65 -4.96
CA ASN A 95 -11.34 3.54 -5.87
C ASN A 95 -10.90 3.85 -7.29
N SER A 96 -10.72 5.14 -7.60
CA SER A 96 -10.31 5.55 -8.95
C SER A 96 -8.82 5.32 -9.16
N GLU A 97 -7.99 6.11 -8.49
CA GLU A 97 -6.54 6.00 -8.61
C GLU A 97 -5.85 7.04 -7.73
N ILE A 98 -4.74 6.64 -7.10
CA ILE A 98 -4.02 7.54 -6.22
C ILE A 98 -2.51 7.45 -6.43
N MET A 99 -1.83 8.59 -6.35
CA MET A 99 -0.38 8.65 -6.50
C MET A 99 0.23 9.25 -5.25
N ILE A 100 1.04 8.46 -4.55
CA ILE A 100 1.68 8.92 -3.32
C ILE A 100 3.01 9.62 -3.62
N HIS A 101 3.10 10.89 -3.23
CA HIS A 101 4.31 11.68 -3.46
C HIS A 101 5.48 11.11 -2.66
N SER A 102 5.19 10.71 -1.42
CA SER A 102 6.22 10.16 -0.53
C SER A 102 5.62 9.15 0.44
N PHE A 103 6.39 8.11 0.77
CA PHE A 103 5.94 7.08 1.69
C PHE A 103 7.12 6.43 2.41
N THR A 104 6.91 6.04 3.66
CA THR A 104 7.95 5.41 4.46
C THR A 104 7.53 4.00 4.90
N ILE A 105 8.52 3.12 5.05
CA ILE A 105 8.25 1.75 5.45
C ILE A 105 8.10 1.64 6.96
N ARG A 106 7.14 0.83 7.41
CA ARG A 106 6.88 0.63 8.83
C ARG A 106 6.39 -0.78 9.11
N PHE A 107 7.04 -1.46 10.05
CA PHE A 107 6.67 -2.83 10.41
C PHE A 107 5.43 -2.85 11.30
N TYR A 108 4.67 -3.94 11.21
CA TYR A 108 3.45 -4.09 12.01
C TYR A 108 3.31 -5.52 12.54
N ASN A 109 2.54 -5.66 13.62
CA ASN A 109 2.31 -6.96 14.23
C ASN A 109 0.81 -7.23 14.34
N ASP A 110 0.45 -8.45 14.71
CA ASP A 110 -0.96 -8.83 14.84
C ASP A 110 -1.72 -7.87 15.77
N ASP A 111 -1.05 -7.46 16.85
CA ASP A 111 -1.66 -6.54 17.81
C ASP A 111 -1.81 -5.15 17.22
N GLN A 112 -0.80 -4.70 16.47
CA GLN A 112 -0.82 -3.38 15.86
C GLN A 112 -1.86 -3.30 14.73
N VAL A 113 -1.96 -4.36 13.93
CA VAL A 113 -2.92 -4.39 12.83
C VAL A 113 -4.35 -4.46 13.35
N GLN A 114 -4.53 -5.09 14.51
CA GLN A 114 -5.86 -5.21 15.12
C GLN A 114 -6.43 -3.83 15.40
N GLY A 115 -5.64 -2.99 16.06
CA GLY A 115 -6.07 -1.64 16.36
C GLY A 115 -6.15 -0.79 15.11
N PHE A 116 -5.33 -1.12 14.11
CA PHE A 116 -5.31 -0.40 12.84
C PHE A 116 -6.68 -0.44 12.17
N PHE A 117 -7.32 -1.61 12.20
CA PHE A 117 -8.64 -1.79 11.59
C PHE A 117 -9.68 -2.10 12.67
N ASP A 118 -10.93 -2.30 12.25
CA ASP A 118 -12.01 -2.61 13.17
C ASP A 118 -11.72 -3.89 13.96
N GLY A 119 -10.93 -4.78 13.37
CA GLY A 119 -10.59 -6.03 14.05
C GLY A 119 -10.12 -7.09 13.07
N LEU A 120 -9.31 -6.69 12.10
CA LEU A 120 -8.79 -7.63 11.12
C LEU A 120 -7.66 -8.46 11.72
N LYS A 121 -7.76 -9.78 11.58
CA LYS A 121 -6.76 -10.69 12.14
C LYS A 121 -5.87 -11.30 11.06
N PHE A 122 -4.57 -11.10 11.21
CA PHE A 122 -3.59 -11.66 10.28
C PHE A 122 -2.86 -12.83 10.93
N LYS A 123 -2.44 -13.79 10.12
CA LYS A 123 -1.74 -14.97 10.65
C LYS A 123 -0.30 -15.04 10.17
N GLN A 124 0.63 -15.08 11.12
CA GLN A 124 2.06 -15.16 10.80
C GLN A 124 2.61 -16.58 11.02
N LYS A 125 1.71 -17.53 11.27
CA LYS A 125 2.10 -18.92 11.52
C LYS A 125 3.02 -19.02 12.73
N ALA A 126 2.57 -18.44 13.85
CA ALA A 126 3.34 -18.47 15.10
C ALA A 126 4.70 -17.79 14.92
N SER A 127 4.70 -16.46 14.95
CA SER A 127 5.93 -15.69 14.80
C SER A 127 6.06 -14.64 15.89
N LEU A 128 7.29 -14.34 16.28
CA LEU A 128 7.56 -13.35 17.31
C LEU A 128 7.83 -11.99 16.68
N PHE A 129 8.70 -11.98 15.69
CA PHE A 129 9.06 -10.76 14.98
C PHE A 129 7.93 -10.30 14.06
N PRO A 130 7.86 -8.99 13.76
CA PRO A 130 6.82 -8.44 12.89
C PRO A 130 6.94 -8.95 11.46
N GLY A 131 5.81 -9.24 10.83
CA GLY A 131 5.83 -9.75 9.47
C GLY A 131 4.80 -9.07 8.58
N TYR A 132 4.56 -7.79 8.82
CA TYR A 132 3.59 -7.02 8.05
C TYR A 132 4.16 -5.66 7.64
N LEU A 133 4.40 -5.49 6.35
CA LEU A 133 4.94 -4.24 5.84
C LEU A 133 3.82 -3.21 5.64
N VAL A 134 3.89 -2.11 6.38
CA VAL A 134 2.88 -1.06 6.28
C VAL A 134 3.49 0.25 5.79
N LEU A 135 2.89 0.82 4.76
CA LEU A 135 3.37 2.07 4.18
C LEU A 135 2.70 3.27 4.84
N GLU A 136 3.31 4.43 4.68
CA GLU A 136 2.78 5.67 5.24
C GLU A 136 2.51 6.68 4.13
N ILE A 137 1.36 7.35 4.19
CA ILE A 137 1.00 8.33 3.17
C ILE A 137 1.09 9.75 3.74
N ASN A 138 2.25 10.38 3.59
CA ASN A 138 2.45 11.74 4.07
C ASN A 138 1.73 12.74 3.17
N ASP A 139 1.79 12.49 1.86
CA ASP A 139 1.14 13.34 0.89
C ASP A 139 0.85 12.56 -0.39
N PHE A 140 -0.42 12.54 -0.79
CA PHE A 140 -0.82 11.82 -1.99
C PHE A 140 -1.77 12.67 -2.83
N SER A 141 -1.90 12.33 -4.12
CA SER A 141 -2.77 13.07 -5.02
C SER A 141 -3.51 12.14 -5.97
N MET A 142 -4.68 12.56 -6.43
CA MET A 142 -5.49 11.77 -7.35
C MET A 142 -4.75 11.54 -8.67
N PHE A 143 -4.24 10.33 -8.84
CA PHE A 143 -3.51 9.99 -10.05
C PHE A 143 -4.42 9.97 -11.28
N ASN A 144 -5.62 9.41 -11.11
CA ASN A 144 -6.57 9.34 -12.22
C ASN A 144 -8.00 9.28 -11.69
N ARG A 145 -8.96 9.61 -12.56
CA ARG A 145 -10.38 9.59 -12.19
C ARG A 145 -11.16 8.61 -13.06
N ASP A 146 -10.81 7.32 -12.96
CA ASP A 146 -11.47 6.28 -13.74
C ASP A 146 -12.59 5.62 -12.93
N GLN A 147 -12.43 5.57 -11.61
CA GLN A 147 -13.43 4.97 -10.73
C GLN A 147 -13.65 3.49 -11.06
N LEU A 148 -12.54 2.74 -11.16
CA LEU A 148 -12.61 1.32 -11.48
C LEU A 148 -12.20 0.47 -10.28
N ILE A 149 -12.77 -0.73 -10.18
CA ILE A 149 -12.47 -1.65 -9.08
C ILE A 149 -11.39 -2.64 -9.49
N LEU A 150 -10.61 -3.11 -8.51
CA LEU A 150 -9.54 -4.06 -8.76
C LEU A 150 -10.10 -5.47 -8.89
N SER A 151 -10.61 -5.79 -10.08
CA SER A 151 -11.18 -7.11 -10.34
C SER A 151 -10.11 -8.20 -10.35
N ASN A 152 -8.85 -7.79 -10.42
CA ASN A 152 -7.73 -8.73 -10.44
C ASN A 152 -7.25 -9.05 -9.02
N ALA A 153 -8.00 -8.60 -8.02
CA ALA A 153 -7.66 -8.85 -6.61
C ALA A 153 -7.61 -10.34 -6.31
N GLY A 154 -8.42 -11.12 -7.01
CA GLY A 154 -8.47 -12.56 -6.79
C GLY A 154 -7.17 -13.26 -7.20
N THR A 155 -6.50 -12.73 -8.22
CA THR A 155 -5.25 -13.30 -8.71
C THR A 155 -4.09 -12.96 -7.76
N ILE A 156 -4.21 -11.83 -7.10
CA ILE A 156 -3.18 -11.36 -6.18
C ILE A 156 -3.10 -12.25 -4.94
N GLU A 157 -1.86 -12.51 -4.51
CA GLU A 157 -1.62 -13.35 -3.34
C GLU A 157 -1.51 -12.50 -2.07
N PHE A 158 -1.86 -13.10 -0.94
CA PHE A 158 -1.82 -12.42 0.35
C PHE A 158 -0.38 -12.13 0.75
N LEU A 159 -0.12 -10.89 1.14
CA LEU A 159 1.21 -10.48 1.56
C LEU A 159 1.47 -10.82 3.02
N TYR A 160 1.78 -12.09 3.26
CA TYR A 160 2.07 -12.58 4.60
C TYR A 160 2.87 -13.87 4.53
N GLY A 161 2.52 -14.72 3.57
CA GLY A 161 3.20 -15.98 3.39
C GLY A 161 4.17 -15.95 2.22
N THR A 162 4.71 -14.77 1.93
CA THR A 162 5.65 -14.59 0.83
C THR A 162 7.09 -14.70 1.33
N PRO A 163 7.81 -15.79 0.98
CA PRO A 163 9.19 -15.99 1.41
C PRO A 163 10.14 -14.90 0.92
N ARG A 164 9.94 -14.46 -0.32
CA ARG A 164 10.78 -13.42 -0.92
C ARG A 164 10.65 -12.10 -0.16
N TYR A 165 9.42 -11.62 0.00
CA TYR A 165 9.17 -10.36 0.69
C TYR A 165 9.60 -10.45 2.16
N ILE A 166 9.32 -11.60 2.78
CA ILE A 166 9.68 -11.82 4.17
C ILE A 166 11.19 -11.83 4.37
N ALA A 167 11.88 -12.58 3.51
CA ALA A 167 13.34 -12.68 3.60
C ALA A 167 14.06 -11.43 3.11
N ARG A 168 13.30 -10.47 2.56
CA ARG A 168 13.89 -9.23 2.06
C ARG A 168 13.97 -8.17 3.16
N PHE A 169 12.97 -8.15 4.05
CA PHE A 169 12.93 -7.15 5.12
C PHE A 169 12.99 -7.77 6.51
N ILE A 170 12.33 -8.91 6.69
CA ILE A 170 12.30 -9.57 8.00
C ILE A 170 13.57 -10.36 8.30
N GLU A 171 14.17 -10.93 7.25
CA GLU A 171 15.40 -11.73 7.42
C GLU A 171 16.48 -10.96 8.18
N GLN A 172 16.39 -9.63 8.18
CA GLN A 172 17.38 -8.80 8.86
C GLN A 172 17.53 -9.22 10.33
N GLU A 173 16.42 -9.63 10.93
CA GLU A 173 16.42 -10.08 12.32
C GLU A 173 16.13 -11.58 12.42
N PHE A 174 17.18 -12.37 12.63
CA PHE A 174 17.05 -13.81 12.73
C PHE A 174 18.09 -14.38 13.69
N SER A 175 17.63 -14.96 14.78
CA SER A 175 18.52 -15.56 15.78
C SER A 175 18.00 -16.91 16.25
N ASP A 176 18.90 -17.88 16.35
CA ASP A 176 18.53 -19.22 16.79
C ASP A 176 18.34 -19.26 18.30
N GLU A 177 19.32 -18.72 19.03
CA GLU A 177 19.27 -18.70 20.49
C GLU A 177 20.18 -17.62 21.05
N GLU A 178 20.34 -16.53 20.30
CA GLU A 178 21.19 -15.41 20.73
C GLU A 178 20.35 -14.21 21.14
N GLY A 1 20.18 23.91 -7.04
CA GLY A 1 21.03 23.19 -6.05
C GLY A 1 22.27 22.57 -6.68
N ALA A 2 22.62 21.37 -6.23
CA ALA A 2 23.79 20.67 -6.75
C ALA A 2 25.07 21.47 -6.53
N MET A 3 25.15 22.16 -5.39
CA MET A 3 26.32 22.97 -5.07
C MET A 3 27.55 22.08 -4.84
N GLY A 4 27.33 20.95 -4.17
CA GLY A 4 28.42 20.03 -3.90
C GLY A 4 28.82 19.24 -5.13
N PRO A 5 29.10 17.92 -4.99
CA PRO A 5 29.50 17.07 -6.11
C PRO A 5 28.32 16.81 -7.07
N PRO A 6 28.52 17.03 -8.38
CA PRO A 6 27.47 16.82 -9.38
C PRO A 6 27.14 15.34 -9.58
N SER A 7 25.92 15.06 -10.04
CA SER A 7 25.47 13.69 -10.29
C SER A 7 25.62 12.82 -9.04
N SER A 8 25.32 13.39 -7.88
CA SER A 8 25.42 12.66 -6.62
C SER A 8 24.04 12.42 -6.02
N ARG A 9 23.38 13.50 -5.60
CA ARG A 9 22.05 13.41 -5.00
C ARG A 9 20.98 13.25 -6.07
N ASP A 10 20.90 14.25 -6.96
CA ASP A 10 19.92 14.23 -8.04
C ASP A 10 20.27 13.16 -9.06
N ALA A 11 21.56 13.03 -9.36
CA ALA A 11 22.04 12.04 -10.31
C ALA A 11 21.34 12.18 -11.67
N VAL A 12 21.68 11.29 -12.59
CA VAL A 12 21.10 11.31 -13.93
C VAL A 12 19.60 10.98 -13.89
N ARG A 13 18.97 10.96 -15.06
CA ARG A 13 17.55 10.66 -15.16
C ARG A 13 17.33 9.22 -15.60
N VAL A 14 16.28 8.59 -15.08
CA VAL A 14 15.95 7.21 -15.42
C VAL A 14 14.65 7.14 -16.24
N THR A 15 14.31 5.94 -16.70
CA THR A 15 13.10 5.74 -17.50
C THR A 15 11.97 5.19 -16.63
N ALA A 16 12.00 3.88 -16.36
CA ALA A 16 10.98 3.24 -15.54
C ALA A 16 9.59 3.39 -16.16
N SER A 17 8.56 2.94 -15.44
CA SER A 17 7.19 3.03 -15.91
C SER A 17 6.27 3.62 -14.84
N ALA A 18 5.18 4.25 -15.27
CA ALA A 18 4.24 4.86 -14.35
C ALA A 18 2.86 4.21 -14.45
N HIS A 19 2.83 2.92 -14.80
CA HIS A 19 1.58 2.19 -14.94
C HIS A 19 1.45 1.14 -13.83
N MET A 20 0.21 0.70 -13.59
CA MET A 20 -0.05 -0.29 -12.56
C MET A 20 0.09 -1.71 -13.12
N LYS A 21 1.01 -2.47 -12.52
CA LYS A 21 1.25 -3.85 -12.94
C LYS A 21 1.91 -4.64 -11.81
N HIS A 22 3.00 -4.11 -11.27
CA HIS A 22 3.73 -4.74 -10.18
C HIS A 22 4.87 -3.85 -9.71
N TRP A 23 4.56 -2.90 -8.84
CA TRP A 23 5.56 -1.97 -8.32
C TRP A 23 6.12 -2.41 -6.96
N LEU A 24 5.44 -3.34 -6.29
CA LEU A 24 5.89 -3.82 -4.98
C LEU A 24 7.19 -4.62 -5.07
N GLU A 25 7.31 -5.44 -6.10
CA GLU A 25 8.51 -6.26 -6.28
C GLU A 25 9.75 -5.41 -6.63
N PRO A 26 9.68 -4.59 -7.70
CA PRO A 26 10.81 -3.76 -8.14
C PRO A 26 11.20 -2.66 -7.15
N VAL A 27 10.23 -2.14 -6.40
CA VAL A 27 10.48 -1.07 -5.44
C VAL A 27 11.51 -1.47 -4.38
N LEU A 28 11.49 -2.74 -3.98
CA LEU A 28 12.40 -3.23 -2.96
C LEU A 28 13.67 -3.84 -3.55
N CYS A 29 13.59 -4.30 -4.80
CA CYS A 29 14.75 -4.91 -5.45
C CYS A 29 15.38 -3.98 -6.49
N GLU A 30 14.60 -3.59 -7.49
CA GLU A 30 15.10 -2.72 -8.55
C GLU A 30 15.39 -1.32 -8.03
N ALA A 31 14.53 -0.81 -7.16
CA ALA A 31 14.70 0.52 -6.59
C ALA A 31 15.26 0.45 -5.17
N GLY A 32 14.86 -0.57 -4.42
CA GLY A 32 15.32 -0.74 -3.06
C GLY A 32 15.00 0.45 -2.18
N LEU A 33 13.74 0.89 -2.20
CA LEU A 33 13.31 2.02 -1.40
C LEU A 33 13.40 1.71 0.09
N GLY A 34 13.60 2.74 0.90
CA GLY A 34 13.70 2.57 2.33
C GLY A 34 12.97 3.65 3.10
N HIS A 35 13.57 4.10 4.21
CA HIS A 35 12.97 5.14 5.04
C HIS A 35 12.97 6.49 4.34
N ASN A 36 14.05 6.80 3.64
CA ASN A 36 14.17 8.08 2.93
C ASN A 36 14.16 7.87 1.40
N TYR A 37 12.97 7.58 0.86
CA TYR A 37 12.82 7.36 -0.57
C TYR A 37 11.44 7.84 -1.05
N LYS A 38 11.39 8.29 -2.29
CA LYS A 38 10.13 8.78 -2.87
C LYS A 38 10.06 8.46 -4.37
N VAL A 39 9.00 7.75 -4.77
CA VAL A 39 8.82 7.38 -6.17
C VAL A 39 7.38 7.62 -6.62
N ASP A 40 7.17 7.67 -7.93
CA ASP A 40 5.84 7.89 -8.49
C ASP A 40 5.16 6.56 -8.83
N LYS A 41 4.14 6.20 -8.06
CA LYS A 41 3.42 4.95 -8.27
C LYS A 41 1.92 5.15 -8.05
N VAL A 42 1.14 4.11 -8.36
CA VAL A 42 -0.30 4.16 -8.20
C VAL A 42 -0.79 3.12 -7.20
N LEU A 43 -1.60 3.56 -6.25
CA LEU A 43 -2.16 2.68 -5.22
C LEU A 43 -3.66 2.89 -5.07
N LYS A 44 -4.40 1.79 -5.01
CA LYS A 44 -5.85 1.85 -4.87
C LYS A 44 -6.29 1.09 -3.62
N VAL A 45 -7.18 1.69 -2.84
CA VAL A 45 -7.67 1.06 -1.62
C VAL A 45 -9.10 0.54 -1.81
N LEU A 46 -9.39 -0.60 -1.21
CA LEU A 46 -10.69 -1.23 -1.33
C LEU A 46 -11.52 -1.15 -0.04
N ARG A 47 -10.88 -0.76 1.07
CA ARG A 47 -11.59 -0.67 2.35
C ARG A 47 -11.18 0.56 3.16
N ILE A 48 -12.18 1.25 3.71
CA ILE A 48 -11.95 2.43 4.53
C ILE A 48 -12.97 2.51 5.66
N TYR A 49 -12.49 2.81 6.87
CA TYR A 49 -13.36 2.92 8.04
C TYR A 49 -13.29 4.32 8.64
N PRO A 50 -14.09 5.27 8.10
CA PRO A 50 -14.10 6.66 8.59
C PRO A 50 -14.46 6.76 10.07
N ARG A 51 -13.84 7.70 10.76
CA ARG A 51 -14.09 7.90 12.19
C ARG A 51 -15.12 9.01 12.41
N SER A 52 -15.71 9.02 13.60
CA SER A 52 -16.72 10.03 13.95
C SER A 52 -16.12 11.44 13.92
N ASN A 53 -14.81 11.54 14.17
CA ASN A 53 -14.12 12.83 14.17
C ASN A 53 -14.18 13.50 12.80
N THR A 54 -14.47 12.73 11.76
CA THR A 54 -14.56 13.27 10.40
C THR A 54 -13.20 13.76 9.92
N LEU A 55 -12.32 12.82 9.56
CA LEU A 55 -10.98 13.14 9.09
C LEU A 55 -10.84 12.86 7.59
N SER A 56 -11.70 11.99 7.06
CA SER A 56 -11.66 11.65 5.64
C SER A 56 -10.35 10.94 5.26
N SER A 57 -9.70 10.33 6.26
CA SER A 57 -8.45 9.62 6.03
C SER A 57 -8.02 8.88 7.30
N LEU A 58 -8.14 7.56 7.26
CA LEU A 58 -7.78 6.72 8.40
C LEU A 58 -7.28 5.35 7.91
N PRO A 59 -6.74 4.50 8.82
CA PRO A 59 -6.24 3.18 8.45
C PRO A 59 -7.14 2.47 7.44
N LEU A 60 -6.57 2.13 6.29
CA LEU A 60 -7.33 1.48 5.22
C LEU A 60 -6.58 0.30 4.63
N CYS A 61 -7.31 -0.60 3.99
CA CYS A 61 -6.73 -1.78 3.37
C CYS A 61 -6.70 -1.60 1.85
N LEU A 62 -5.50 -1.63 1.28
CA LEU A 62 -5.35 -1.46 -0.18
C LEU A 62 -4.72 -2.68 -0.81
N CYS A 63 -5.13 -2.97 -2.05
CA CYS A 63 -4.61 -4.11 -2.79
C CYS A 63 -3.89 -3.65 -4.05
N ASP A 64 -2.61 -3.98 -4.15
CA ASP A 64 -1.81 -3.60 -5.30
C ASP A 64 -2.09 -4.52 -6.48
N ALA A 65 -1.37 -4.33 -7.59
CA ALA A 65 -1.56 -5.15 -8.78
C ALA A 65 -1.29 -6.63 -8.52
N ASN A 66 -0.36 -6.92 -7.60
CA ASN A 66 -0.01 -8.30 -7.29
C ASN A 66 -0.26 -8.65 -5.83
N TYR A 67 0.20 -7.79 -4.91
CA TYR A 67 0.03 -8.04 -3.48
C TYR A 67 -0.72 -6.91 -2.80
N LYS A 68 -1.17 -7.16 -1.56
CA LYS A 68 -1.90 -6.17 -0.79
C LYS A 68 -1.28 -5.96 0.59
N ILE A 69 -1.29 -4.72 1.06
CA ILE A 69 -0.73 -4.39 2.37
C ILE A 69 -1.54 -3.30 3.06
N LEU A 70 -1.25 -3.05 4.34
CA LEU A 70 -1.94 -2.02 5.09
C LEU A 70 -1.20 -0.70 4.95
N ALA A 71 -1.95 0.42 4.99
CA ALA A 71 -1.34 1.73 4.85
C ALA A 71 -2.07 2.78 5.68
N PHE A 72 -1.36 3.84 6.03
CA PHE A 72 -1.92 4.93 6.82
C PHE A 72 -1.40 6.27 6.31
N ALA A 73 -2.31 7.21 6.06
CA ALA A 73 -1.93 8.52 5.56
C ALA A 73 -1.79 9.52 6.70
N ASN A 74 -0.74 10.34 6.63
CA ASN A 74 -0.47 11.35 7.65
C ASN A 74 -1.44 12.51 7.54
N TYR A 75 -1.67 13.19 8.66
CA TYR A 75 -2.59 14.33 8.71
C TYR A 75 -2.23 15.39 7.68
N LYS A 76 -0.93 15.58 7.43
CA LYS A 76 -0.49 16.57 6.44
C LYS A 76 -1.08 16.23 5.07
N ALA A 77 -1.12 14.94 4.78
CA ALA A 77 -1.66 14.44 3.53
C ALA A 77 -3.18 14.61 3.50
N ILE A 78 -3.80 14.46 4.67
CA ILE A 78 -5.25 14.58 4.81
C ILE A 78 -5.69 16.04 4.63
N ALA A 79 -5.09 16.93 5.40
CA ALA A 79 -5.43 18.35 5.35
C ALA A 79 -5.17 18.94 3.96
N ALA A 80 -4.05 18.54 3.35
CA ALA A 80 -3.68 19.03 2.03
C ALA A 80 -4.71 18.62 0.98
N PHE A 81 -5.05 17.34 0.96
CA PHE A 81 -6.01 16.81 0.00
C PHE A 81 -7.39 17.45 0.21
N GLU A 82 -7.74 17.71 1.46
CA GLU A 82 -9.02 18.32 1.79
C GLU A 82 -9.16 19.69 1.12
N ARG A 83 -8.08 20.46 1.11
CA ARG A 83 -8.08 21.77 0.50
C ARG A 83 -8.07 21.67 -1.02
N LYS A 84 -7.29 20.72 -1.54
CA LYS A 84 -7.19 20.53 -2.99
C LYS A 84 -8.52 20.18 -3.63
N GLU A 85 -9.22 19.20 -3.07
CA GLU A 85 -10.51 18.76 -3.62
C GLU A 85 -11.70 19.38 -2.89
N ARG A 86 -11.48 19.90 -1.68
CA ARG A 86 -12.56 20.50 -0.91
C ARG A 86 -13.72 19.52 -0.71
N ARG A 87 -13.39 18.23 -0.63
CA ARG A 87 -14.39 17.19 -0.43
C ARG A 87 -13.77 15.97 0.23
N ARG A 88 -14.61 15.06 0.71
CA ARG A 88 -14.14 13.84 1.38
C ARG A 88 -13.35 12.97 0.40
N VAL A 89 -12.08 12.75 0.71
CA VAL A 89 -11.20 11.96 -0.14
C VAL A 89 -11.39 10.45 0.05
N THR A 90 -12.05 10.05 1.15
CA THR A 90 -12.26 8.63 1.42
C THR A 90 -13.69 8.18 1.15
N GLN A 91 -14.23 8.63 0.04
CA GLN A 91 -15.59 8.26 -0.33
C GLN A 91 -15.59 7.18 -1.43
N ASN A 92 -15.68 7.60 -2.70
CA ASN A 92 -15.69 6.65 -3.82
C ASN A 92 -14.54 6.91 -4.80
N LEU A 93 -13.75 7.95 -4.55
CA LEU A 93 -12.64 8.29 -5.43
C LEU A 93 -11.39 7.44 -5.17
N LEU A 94 -11.26 6.92 -3.96
CA LEU A 94 -10.11 6.09 -3.60
C LEU A 94 -10.00 4.85 -4.49
N ASN A 95 -11.15 4.23 -4.79
CA ASN A 95 -11.16 3.04 -5.63
C ASN A 95 -10.63 3.35 -7.04
N SER A 96 -10.62 4.62 -7.42
CA SER A 96 -10.14 5.02 -8.74
C SER A 96 -8.62 4.82 -8.84
N GLU A 97 -7.85 5.79 -8.36
CA GLU A 97 -6.39 5.73 -8.41
C GLU A 97 -5.78 6.80 -7.52
N ILE A 98 -4.63 6.50 -6.92
CA ILE A 98 -3.96 7.45 -6.05
C ILE A 98 -2.44 7.36 -6.19
N MET A 99 -1.79 8.52 -6.24
CA MET A 99 -0.34 8.58 -6.37
C MET A 99 0.27 9.15 -5.09
N ILE A 100 1.16 8.38 -4.46
CA ILE A 100 1.80 8.81 -3.23
C ILE A 100 3.14 9.48 -3.52
N HIS A 101 3.24 10.76 -3.15
CA HIS A 101 4.48 11.51 -3.37
C HIS A 101 5.61 10.95 -2.52
N SER A 102 5.28 10.59 -1.28
CA SER A 102 6.27 10.03 -0.37
C SER A 102 5.65 8.96 0.52
N PHE A 103 6.31 7.80 0.61
CA PHE A 103 5.82 6.70 1.43
C PHE A 103 6.97 6.00 2.16
N THR A 104 6.70 5.53 3.37
CA THR A 104 7.71 4.86 4.18
C THR A 104 7.23 3.47 4.62
N ILE A 105 8.18 2.57 4.85
CA ILE A 105 7.86 1.21 5.27
C ILE A 105 7.83 1.09 6.79
N ARG A 106 6.86 0.33 7.30
CA ARG A 106 6.71 0.14 8.74
C ARG A 106 6.34 -1.31 9.07
N PHE A 107 6.56 -1.70 10.32
CA PHE A 107 6.24 -3.05 10.78
C PHE A 107 5.03 -3.06 11.70
N TYR A 108 4.14 -4.02 11.52
CA TYR A 108 2.93 -4.13 12.34
C TYR A 108 2.69 -5.57 12.79
N ASN A 109 2.18 -5.71 14.01
CA ASN A 109 1.90 -7.04 14.57
C ASN A 109 0.40 -7.31 14.53
N ASP A 110 0.00 -8.55 14.84
CA ASP A 110 -1.41 -8.93 14.82
C ASP A 110 -2.23 -7.97 15.68
N ASP A 111 -1.65 -7.51 16.79
CA ASP A 111 -2.33 -6.59 17.68
C ASP A 111 -2.43 -5.19 17.07
N GLN A 112 -1.34 -4.75 16.43
CA GLN A 112 -1.31 -3.43 15.80
C GLN A 112 -2.29 -3.35 14.63
N VAL A 113 -2.30 -4.38 13.80
CA VAL A 113 -3.19 -4.42 12.65
C VAL A 113 -4.65 -4.57 13.08
N GLN A 114 -4.87 -5.25 14.21
CA GLN A 114 -6.21 -5.46 14.74
C GLN A 114 -6.88 -4.13 15.07
N GLY A 115 -6.11 -3.21 15.64
CA GLY A 115 -6.65 -1.90 15.99
C GLY A 115 -6.90 -1.03 14.77
N PHE A 116 -6.04 -1.18 13.77
CA PHE A 116 -6.15 -0.40 12.54
C PHE A 116 -7.43 -0.74 11.77
N PHE A 117 -7.89 -1.98 11.90
CA PHE A 117 -9.09 -2.43 11.20
C PHE A 117 -10.13 -3.00 12.17
N ASP A 118 -11.28 -3.39 11.63
CA ASP A 118 -12.36 -3.95 12.43
C ASP A 118 -11.93 -5.24 13.13
N GLY A 119 -11.01 -5.97 12.50
CA GLY A 119 -10.54 -7.22 13.07
C GLY A 119 -9.82 -8.09 12.06
N LEU A 120 -9.01 -7.47 11.22
CA LEU A 120 -8.26 -8.21 10.20
C LEU A 120 -7.14 -9.03 10.86
N LYS A 121 -7.16 -10.33 10.62
CA LYS A 121 -6.16 -11.23 11.20
C LYS A 121 -5.11 -11.66 10.18
N PHE A 122 -3.84 -11.44 10.50
CA PHE A 122 -2.73 -11.83 9.63
C PHE A 122 -2.03 -13.06 10.18
N LYS A 123 -1.66 -13.98 9.29
CA LYS A 123 -0.99 -15.22 9.70
C LYS A 123 0.52 -15.15 9.48
N GLN A 124 1.27 -15.09 10.58
CA GLN A 124 2.73 -15.05 10.53
C GLN A 124 3.34 -16.37 10.99
N LYS A 125 2.50 -17.33 11.36
CA LYS A 125 2.95 -18.64 11.84
C LYS A 125 3.83 -18.51 13.08
N ALA A 126 3.36 -17.73 14.05
CA ALA A 126 4.09 -17.53 15.30
C ALA A 126 5.50 -16.99 15.06
N SER A 127 5.71 -15.72 15.42
CA SER A 127 7.01 -15.09 15.24
C SER A 127 7.39 -14.25 16.46
N LEU A 128 8.71 -14.13 16.69
CA LEU A 128 9.22 -13.35 17.81
C LEU A 128 8.87 -11.87 17.66
N PHE A 129 8.97 -11.38 16.41
CA PHE A 129 8.69 -9.99 16.10
C PHE A 129 7.64 -9.87 15.00
N PRO A 130 7.06 -8.67 14.82
CA PRO A 130 6.04 -8.43 13.79
C PRO A 130 6.59 -8.72 12.38
N GLY A 131 5.77 -9.36 11.56
CA GLY A 131 6.19 -9.68 10.20
C GLY A 131 5.25 -9.14 9.14
N TYR A 132 4.59 -8.02 9.45
CA TYR A 132 3.65 -7.40 8.52
C TYR A 132 4.14 -6.01 8.11
N LEU A 133 4.16 -5.76 6.81
CA LEU A 133 4.62 -4.47 6.30
C LEU A 133 3.46 -3.51 6.07
N VAL A 134 3.59 -2.30 6.63
CA VAL A 134 2.56 -1.27 6.51
C VAL A 134 3.18 0.05 6.06
N LEU A 135 2.61 0.64 5.02
CA LEU A 135 3.12 1.90 4.49
C LEU A 135 2.66 3.11 5.29
N GLU A 136 3.40 4.21 5.12
CA GLU A 136 3.10 5.47 5.80
C GLU A 136 3.19 6.59 4.76
N ILE A 137 2.17 7.44 4.71
CA ILE A 137 2.16 8.52 3.72
C ILE A 137 2.11 9.90 4.36
N ASN A 138 2.82 10.85 3.75
CA ASN A 138 2.87 12.22 4.24
C ASN A 138 2.06 13.13 3.32
N ASP A 139 2.04 12.82 2.03
CA ASP A 139 1.30 13.60 1.05
C ASP A 139 1.00 12.75 -0.18
N PHE A 140 -0.29 12.65 -0.53
CA PHE A 140 -0.71 11.86 -1.69
C PHE A 140 -1.64 12.68 -2.58
N SER A 141 -1.68 12.34 -3.86
CA SER A 141 -2.54 13.04 -4.81
C SER A 141 -3.21 12.06 -5.77
N MET A 142 -4.40 12.42 -6.24
CA MET A 142 -5.14 11.56 -7.17
C MET A 142 -4.48 11.56 -8.54
N PHE A 143 -4.05 10.38 -8.99
CA PHE A 143 -3.40 10.23 -10.29
C PHE A 143 -4.42 10.20 -11.42
N ASN A 144 -5.29 9.19 -11.39
CA ASN A 144 -6.32 9.04 -12.41
C ASN A 144 -7.71 9.25 -11.82
N ARG A 145 -8.46 10.21 -12.39
CA ARG A 145 -9.81 10.51 -11.92
C ARG A 145 -10.76 9.36 -12.22
N ASP A 146 -10.56 8.68 -13.34
CA ASP A 146 -11.40 7.57 -13.74
C ASP A 146 -11.35 6.46 -12.69
N GLN A 147 -12.52 5.91 -12.36
CA GLN A 147 -12.61 4.85 -11.37
C GLN A 147 -12.33 3.48 -11.98
N LEU A 148 -11.54 2.67 -11.28
CA LEU A 148 -11.19 1.33 -11.74
C LEU A 148 -11.24 0.34 -10.58
N ILE A 149 -11.94 -0.77 -10.79
CA ILE A 149 -12.06 -1.80 -9.76
C ILE A 149 -10.98 -2.87 -9.93
N LEU A 150 -10.47 -3.37 -8.81
CA LEU A 150 -9.42 -4.39 -8.85
C LEU A 150 -10.02 -5.77 -9.13
N SER A 151 -10.27 -6.05 -10.40
CA SER A 151 -10.82 -7.34 -10.80
C SER A 151 -9.82 -8.47 -10.56
N ASN A 152 -8.54 -8.11 -10.41
CA ASN A 152 -7.48 -9.08 -10.17
C ASN A 152 -7.25 -9.32 -8.68
N ALA A 153 -8.19 -8.86 -7.84
CA ALA A 153 -8.06 -9.03 -6.39
C ALA A 153 -7.94 -10.50 -6.00
N GLY A 154 -8.72 -11.35 -6.68
CA GLY A 154 -8.69 -12.76 -6.39
C GLY A 154 -7.34 -13.40 -6.72
N THR A 155 -6.65 -12.85 -7.71
CA THR A 155 -5.34 -13.35 -8.11
C THR A 155 -4.27 -12.96 -7.11
N ILE A 156 -4.43 -11.77 -6.52
CA ILE A 156 -3.49 -11.25 -5.54
C ILE A 156 -3.32 -12.22 -4.37
N GLU A 157 -2.08 -12.41 -3.96
CA GLU A 157 -1.75 -13.30 -2.85
C GLU A 157 -1.47 -12.51 -1.58
N PHE A 158 -1.80 -13.09 -0.43
CA PHE A 158 -1.58 -12.45 0.86
C PHE A 158 -0.11 -12.13 1.08
N LEU A 159 0.16 -10.98 1.69
CA LEU A 159 1.54 -10.55 1.96
C LEU A 159 2.12 -11.21 3.21
N TYR A 160 1.27 -11.86 4.01
CA TYR A 160 1.74 -12.53 5.23
C TYR A 160 2.34 -13.91 4.92
N GLY A 161 2.16 -14.38 3.68
CA GLY A 161 2.69 -15.68 3.30
C GLY A 161 3.57 -15.60 2.07
N THR A 162 4.26 -14.47 1.90
CA THR A 162 5.14 -14.27 0.76
C THR A 162 6.60 -14.29 1.21
N PRO A 163 7.29 -15.44 1.05
CA PRO A 163 8.70 -15.57 1.44
C PRO A 163 9.58 -14.44 0.90
N ARG A 164 9.31 -14.04 -0.34
CA ARG A 164 10.08 -12.97 -0.98
C ARG A 164 9.98 -11.67 -0.19
N TYR A 165 8.76 -11.24 0.10
CA TYR A 165 8.53 -10.00 0.85
C TYR A 165 9.09 -10.12 2.27
N ILE A 166 8.80 -11.24 2.93
CA ILE A 166 9.26 -11.47 4.29
C ILE A 166 10.79 -11.46 4.34
N ALA A 167 11.42 -12.21 3.44
CA ALA A 167 12.88 -12.28 3.39
C ALA A 167 13.50 -10.94 3.02
N ARG A 168 12.80 -10.15 2.22
CA ARG A 168 13.29 -8.85 1.78
C ARG A 168 13.49 -7.90 2.96
N PHE A 169 12.57 -7.93 3.92
CA PHE A 169 12.64 -7.03 5.08
C PHE A 169 13.11 -7.77 6.34
N ILE A 170 12.45 -8.88 6.66
CA ILE A 170 12.78 -9.64 7.85
C ILE A 170 14.16 -10.30 7.76
N GLU A 171 14.34 -11.17 6.77
CA GLU A 171 15.62 -11.86 6.58
C GLU A 171 16.72 -10.86 6.24
N GLN A 172 16.35 -9.78 5.55
CA GLN A 172 17.30 -8.75 5.16
C GLN A 172 18.40 -9.30 4.26
N GLU A 173 18.09 -10.37 3.52
CA GLU A 173 19.06 -11.00 2.63
C GLU A 173 20.28 -11.49 3.42
N PHE A 174 20.05 -12.49 4.28
CA PHE A 174 21.12 -13.05 5.10
C PHE A 174 22.25 -13.63 4.25
N SER A 175 21.87 -14.29 3.14
CA SER A 175 22.86 -14.89 2.26
C SER A 175 23.04 -14.06 0.99
N ASP A 176 24.29 -13.67 0.73
CA ASP A 176 24.62 -12.88 -0.45
C ASP A 176 26.04 -13.15 -0.94
N GLU A 177 26.70 -14.16 -0.37
CA GLU A 177 28.06 -14.51 -0.76
C GLU A 177 28.09 -15.13 -2.16
N GLU A 178 27.10 -15.97 -2.45
CA GLU A 178 27.00 -16.63 -3.74
C GLU A 178 25.63 -16.44 -4.35
N GLY A 1 4.61 -28.29 -19.89
CA GLY A 1 5.20 -28.73 -18.60
C GLY A 1 6.57 -28.11 -18.35
N ALA A 2 7.58 -28.59 -19.06
CA ALA A 2 8.94 -28.09 -18.92
C ALA A 2 9.65 -28.00 -20.27
N MET A 3 10.04 -26.79 -20.66
CA MET A 3 10.72 -26.57 -21.93
C MET A 3 9.86 -27.03 -23.10
N GLY A 4 8.56 -26.76 -23.02
CA GLY A 4 7.64 -27.15 -24.08
C GLY A 4 6.74 -26.01 -24.51
N PRO A 5 5.73 -26.28 -25.36
CA PRO A 5 4.79 -25.26 -25.84
C PRO A 5 3.87 -24.77 -24.73
N PRO A 6 3.30 -23.55 -24.89
CA PRO A 6 2.39 -22.97 -23.89
C PRO A 6 1.09 -23.75 -23.77
N SER A 7 0.61 -23.91 -22.53
CA SER A 7 -0.63 -24.63 -22.27
C SER A 7 -1.20 -24.25 -20.92
N SER A 8 -2.52 -24.24 -20.81
CA SER A 8 -3.19 -23.91 -19.56
C SER A 8 -4.40 -24.80 -19.32
N ARG A 9 -4.71 -25.05 -18.05
CA ARG A 9 -5.84 -25.90 -17.68
C ARG A 9 -6.99 -25.06 -17.12
N ASP A 10 -6.72 -24.33 -16.04
CA ASP A 10 -7.72 -23.49 -15.41
C ASP A 10 -7.21 -22.05 -15.24
N ALA A 11 -6.34 -21.63 -16.16
CA ALA A 11 -5.78 -20.27 -16.12
C ALA A 11 -5.83 -19.61 -17.48
N VAL A 12 -5.36 -18.38 -17.57
CA VAL A 12 -5.35 -17.63 -18.81
C VAL A 12 -4.05 -17.87 -19.59
N ARG A 13 -3.95 -17.23 -20.76
CA ARG A 13 -2.76 -17.38 -21.60
C ARG A 13 -1.82 -16.19 -21.43
N VAL A 14 -2.40 -15.00 -21.29
CA VAL A 14 -1.62 -13.78 -21.13
C VAL A 14 -1.95 -13.09 -19.81
N THR A 15 -0.90 -12.74 -19.05
CA THR A 15 -1.08 -12.08 -17.76
C THR A 15 -0.49 -10.67 -17.80
N ALA A 16 -1.35 -9.67 -17.58
CA ALA A 16 -0.91 -8.28 -17.60
C ALA A 16 -2.00 -7.36 -17.05
N SER A 17 -1.62 -6.14 -16.69
CA SER A 17 -2.55 -5.16 -16.15
C SER A 17 -2.44 -3.84 -16.90
N ALA A 18 -3.59 -3.25 -17.22
CA ALA A 18 -3.62 -1.97 -17.94
C ALA A 18 -3.89 -0.81 -17.00
N HIS A 19 -4.86 -0.98 -16.11
CA HIS A 19 -5.21 0.05 -15.14
C HIS A 19 -4.10 0.26 -14.12
N MET A 20 -3.49 -0.83 -13.68
CA MET A 20 -2.41 -0.77 -12.69
C MET A 20 -1.12 -1.34 -13.27
N LYS A 21 -0.01 -1.08 -12.57
CA LYS A 21 1.30 -1.57 -13.00
C LYS A 21 2.02 -2.23 -11.83
N HIS A 22 2.92 -3.15 -12.14
CA HIS A 22 3.68 -3.85 -11.12
C HIS A 22 4.83 -2.99 -10.62
N TRP A 23 4.66 -2.40 -9.43
CA TRP A 23 5.69 -1.53 -8.85
C TRP A 23 6.23 -2.09 -7.53
N LEU A 24 5.57 -3.10 -6.96
CA LEU A 24 6.01 -3.68 -5.70
C LEU A 24 7.31 -4.46 -5.86
N GLU A 25 7.38 -5.29 -6.90
CA GLU A 25 8.57 -6.09 -7.15
C GLU A 25 9.77 -5.25 -7.59
N PRO A 26 9.59 -4.37 -8.61
CA PRO A 26 10.68 -3.52 -9.12
C PRO A 26 11.18 -2.49 -8.11
N VAL A 27 10.28 -1.91 -7.33
CA VAL A 27 10.67 -0.91 -6.35
C VAL A 27 11.67 -1.46 -5.32
N LEU A 28 11.43 -2.69 -4.88
CA LEU A 28 12.30 -3.32 -3.90
C LEU A 28 13.62 -3.79 -4.52
N CYS A 29 13.57 -4.27 -5.76
CA CYS A 29 14.78 -4.76 -6.43
C CYS A 29 15.33 -3.76 -7.46
N GLU A 30 14.53 -3.44 -8.47
CA GLU A 30 14.95 -2.51 -9.52
C GLU A 30 15.26 -1.12 -8.97
N ALA A 31 14.41 -0.64 -8.06
CA ALA A 31 14.61 0.67 -7.46
C ALA A 31 15.46 0.57 -6.19
N GLY A 32 15.29 -0.52 -5.46
CA GLY A 32 16.05 -0.72 -4.23
C GLY A 32 15.91 0.43 -3.25
N LEU A 33 14.67 0.81 -2.94
CA LEU A 33 14.42 1.90 -2.01
C LEU A 33 15.16 1.67 -0.70
N GLY A 34 15.22 2.70 0.14
CA GLY A 34 15.93 2.57 1.41
C GLY A 34 15.45 3.55 2.46
N HIS A 35 16.39 4.09 3.23
CA HIS A 35 16.08 5.03 4.29
C HIS A 35 15.49 6.33 3.74
N ASN A 36 14.17 6.45 3.82
CA ASN A 36 13.47 7.64 3.35
C ASN A 36 13.60 7.82 1.83
N TYR A 37 12.91 6.97 1.07
CA TYR A 37 12.92 7.05 -0.38
C TYR A 37 11.55 7.43 -0.91
N LYS A 38 11.51 8.21 -1.98
CA LYS A 38 10.26 8.66 -2.55
C LYS A 38 10.20 8.42 -4.07
N VAL A 39 9.23 7.61 -4.49
CA VAL A 39 9.04 7.30 -5.91
C VAL A 39 7.58 7.50 -6.32
N ASP A 40 7.34 7.66 -7.62
CA ASP A 40 5.99 7.86 -8.12
C ASP A 40 5.40 6.55 -8.64
N LYS A 41 4.33 6.09 -7.98
CA LYS A 41 3.67 4.86 -8.37
C LYS A 41 2.17 4.94 -8.08
N VAL A 42 1.39 4.06 -8.70
CA VAL A 42 -0.06 4.04 -8.51
C VAL A 42 -0.47 3.00 -7.47
N LEU A 43 -1.43 3.36 -6.63
CA LEU A 43 -1.92 2.46 -5.59
C LEU A 43 -3.44 2.55 -5.46
N LYS A 44 -4.10 1.39 -5.37
CA LYS A 44 -5.55 1.34 -5.24
C LYS A 44 -5.97 0.79 -3.89
N VAL A 45 -7.04 1.36 -3.34
CA VAL A 45 -7.56 0.94 -2.03
C VAL A 45 -8.82 0.10 -2.21
N LEU A 46 -8.99 -0.90 -1.34
CA LEU A 46 -10.14 -1.80 -1.44
C LEU A 46 -11.03 -1.77 -0.19
N ARG A 47 -10.54 -1.19 0.92
CA ARG A 47 -11.31 -1.15 2.16
C ARG A 47 -11.22 0.21 2.85
N ILE A 48 -12.37 0.70 3.31
CA ILE A 48 -12.46 1.99 3.99
C ILE A 48 -13.31 1.90 5.25
N TYR A 49 -12.90 2.61 6.31
CA TYR A 49 -13.65 2.63 7.57
C TYR A 49 -14.02 4.07 7.96
N PRO A 50 -14.82 4.77 7.14
CA PRO A 50 -15.22 6.16 7.40
C PRO A 50 -16.27 6.29 8.51
N ARG A 51 -16.16 7.34 9.31
CA ARG A 51 -17.10 7.61 10.39
C ARG A 51 -17.35 9.12 10.49
N SER A 52 -18.42 9.49 11.19
CA SER A 52 -18.76 10.90 11.36
C SER A 52 -17.65 11.67 12.06
N ASN A 53 -17.03 11.05 13.06
CA ASN A 53 -15.96 11.68 13.82
C ASN A 53 -14.61 11.60 13.09
N THR A 54 -14.55 10.82 12.01
CA THR A 54 -13.31 10.67 11.25
C THR A 54 -13.02 11.90 10.38
N LEU A 55 -11.78 12.00 9.90
CA LEU A 55 -11.36 13.11 9.07
C LEU A 55 -11.40 12.73 7.59
N SER A 56 -12.21 11.72 7.26
CA SER A 56 -12.32 11.24 5.88
C SER A 56 -10.98 10.71 5.39
N SER A 57 -10.21 10.14 6.31
CA SER A 57 -8.90 9.58 5.98
C SER A 57 -8.34 8.83 7.19
N LEU A 58 -8.43 7.50 7.15
CA LEU A 58 -7.95 6.66 8.23
C LEU A 58 -7.34 5.37 7.66
N PRO A 59 -6.82 4.47 8.52
CA PRO A 59 -6.22 3.19 8.06
C PRO A 59 -7.14 2.46 7.09
N LEU A 60 -6.58 2.05 5.96
CA LEU A 60 -7.34 1.35 4.94
C LEU A 60 -6.57 0.16 4.37
N CYS A 61 -7.29 -0.90 4.03
CA CYS A 61 -6.67 -2.09 3.45
C CYS A 61 -6.66 -1.99 1.94
N LEU A 62 -5.47 -1.79 1.36
CA LEU A 62 -5.32 -1.65 -0.08
C LEU A 62 -4.63 -2.85 -0.69
N CYS A 63 -4.82 -3.03 -2.00
CA CYS A 63 -4.20 -4.14 -2.73
C CYS A 63 -3.45 -3.62 -3.94
N ASP A 64 -2.17 -3.96 -4.04
CA ASP A 64 -1.34 -3.53 -5.15
C ASP A 64 -1.55 -4.44 -6.36
N ALA A 65 -0.78 -4.19 -7.42
CA ALA A 65 -0.88 -4.97 -8.64
C ALA A 65 -0.44 -6.42 -8.43
N ASN A 66 0.61 -6.62 -7.65
CA ASN A 66 1.15 -7.96 -7.41
C ASN A 66 0.69 -8.54 -6.06
N TYR A 67 0.78 -7.73 -5.01
CA TYR A 67 0.40 -8.19 -3.67
C TYR A 67 -0.40 -7.12 -2.91
N LYS A 68 -0.68 -7.40 -1.64
CA LYS A 68 -1.44 -6.47 -0.80
C LYS A 68 -0.65 -6.08 0.45
N ILE A 69 -0.80 -4.83 0.88
CA ILE A 69 -0.11 -4.34 2.07
C ILE A 69 -0.94 -3.26 2.78
N LEU A 70 -0.73 -3.11 4.08
CA LEU A 70 -1.44 -2.10 4.85
C LEU A 70 -0.81 -0.73 4.65
N ALA A 71 -1.58 0.33 4.87
CA ALA A 71 -1.08 1.69 4.71
C ALA A 71 -1.94 2.70 5.47
N PHE A 72 -1.36 3.85 5.76
CA PHE A 72 -2.09 4.90 6.47
C PHE A 72 -1.58 6.28 6.06
N ALA A 73 -2.50 7.23 5.96
CA ALA A 73 -2.16 8.59 5.57
C ALA A 73 -2.15 9.53 6.78
N ASN A 74 -1.10 10.35 6.89
CA ASN A 74 -0.98 11.30 7.99
C ASN A 74 -1.97 12.42 7.83
N TYR A 75 -2.28 13.12 8.92
CA TYR A 75 -3.21 14.24 8.88
C TYR A 75 -2.77 15.31 7.89
N LYS A 76 -1.45 15.39 7.67
CA LYS A 76 -0.90 16.36 6.72
C LYS A 76 -1.46 16.10 5.33
N ALA A 77 -1.55 14.81 4.99
CA ALA A 77 -2.09 14.39 3.71
C ALA A 77 -3.61 14.58 3.67
N ILE A 78 -4.25 14.40 4.84
CA ILE A 78 -5.71 14.55 4.94
C ILE A 78 -6.13 16.00 4.72
N ALA A 79 -5.49 16.92 5.44
CA ALA A 79 -5.80 18.34 5.32
C ALA A 79 -5.58 18.87 3.91
N ALA A 80 -4.49 18.44 3.29
CA ALA A 80 -4.15 18.88 1.93
C ALA A 80 -5.26 18.51 0.94
N PHE A 81 -5.66 17.25 0.94
CA PHE A 81 -6.70 16.78 0.03
C PHE A 81 -8.01 17.52 0.26
N GLU A 82 -8.27 17.90 1.52
CA GLU A 82 -9.49 18.62 1.86
C GLU A 82 -9.55 19.95 1.10
N ARG A 83 -8.42 20.63 1.02
CA ARG A 83 -8.35 21.90 0.30
C ARG A 83 -8.39 21.67 -1.21
N LYS A 84 -7.82 20.56 -1.66
CA LYS A 84 -7.77 20.22 -3.09
C LYS A 84 -9.14 19.94 -3.68
N GLU A 85 -9.88 19.00 -3.07
CA GLU A 85 -11.20 18.63 -3.59
C GLU A 85 -12.35 19.09 -2.69
N ARG A 86 -12.08 19.33 -1.41
CA ARG A 86 -13.12 19.76 -0.47
C ARG A 86 -14.25 18.73 -0.39
N ARG A 87 -13.90 17.46 -0.53
CA ARG A 87 -14.89 16.38 -0.46
C ARG A 87 -14.31 15.13 0.21
N ARG A 88 -15.18 14.18 0.51
CA ARG A 88 -14.76 12.93 1.15
C ARG A 88 -13.87 12.12 0.22
N VAL A 89 -12.60 12.01 0.59
CA VAL A 89 -11.63 11.29 -0.21
C VAL A 89 -11.70 9.77 0.02
N THR A 90 -11.78 9.36 1.27
CA THR A 90 -11.82 7.94 1.63
C THR A 90 -13.07 7.27 1.08
N GLN A 91 -14.17 8.01 1.02
CA GLN A 91 -15.43 7.47 0.55
C GLN A 91 -15.28 6.72 -0.79
N ASN A 92 -15.31 7.45 -1.90
CA ASN A 92 -15.19 6.81 -3.22
C ASN A 92 -14.01 7.33 -4.05
N LEU A 93 -13.37 8.42 -3.60
CA LEU A 93 -12.25 9.00 -4.34
C LEU A 93 -11.00 8.11 -4.30
N LEU A 94 -10.68 7.55 -3.14
CA LEU A 94 -9.50 6.69 -3.00
C LEU A 94 -9.58 5.48 -3.92
N ASN A 95 -10.78 4.91 -4.05
CA ASN A 95 -11.00 3.73 -4.88
C ASN A 95 -10.63 3.99 -6.35
N SER A 96 -10.71 5.25 -6.78
CA SER A 96 -10.40 5.61 -8.16
C SER A 96 -8.94 5.35 -8.49
N GLU A 97 -8.05 6.22 -8.00
CA GLU A 97 -6.61 6.08 -8.24
C GLU A 97 -5.85 7.14 -7.45
N ILE A 98 -4.67 6.78 -6.96
CA ILE A 98 -3.88 7.71 -6.16
C ILE A 98 -2.39 7.64 -6.48
N MET A 99 -1.70 8.74 -6.21
CA MET A 99 -0.26 8.85 -6.44
C MET A 99 0.42 9.27 -5.14
N ILE A 100 1.25 8.39 -4.60
CA ILE A 100 1.95 8.70 -3.35
C ILE A 100 3.35 9.22 -3.64
N HIS A 101 3.49 10.54 -3.57
CA HIS A 101 4.78 11.20 -3.82
C HIS A 101 5.81 10.77 -2.79
N SER A 102 5.39 10.65 -1.54
CA SER A 102 6.29 10.24 -0.46
C SER A 102 5.67 9.15 0.40
N PHE A 103 6.47 8.14 0.72
CA PHE A 103 6.02 7.03 1.55
C PHE A 103 7.22 6.35 2.22
N THR A 104 7.00 5.87 3.44
CA THR A 104 8.07 5.20 4.20
C THR A 104 7.61 3.85 4.73
N ILE A 105 8.53 2.88 4.76
CA ILE A 105 8.23 1.55 5.26
C ILE A 105 8.00 1.57 6.76
N ARG A 106 7.00 0.83 7.21
CA ARG A 106 6.67 0.77 8.63
C ARG A 106 6.32 -0.66 9.05
N PHE A 107 6.92 -1.13 10.14
CA PHE A 107 6.67 -2.48 10.63
C PHE A 107 5.39 -2.54 11.46
N TYR A 108 4.67 -3.65 11.35
CA TYR A 108 3.42 -3.84 12.09
C TYR A 108 3.32 -5.27 12.62
N ASN A 109 2.65 -5.42 13.75
CA ASN A 109 2.47 -6.74 14.36
C ASN A 109 1.00 -7.12 14.39
N ASP A 110 0.69 -8.29 14.94
CA ASP A 110 -0.68 -8.78 15.02
C ASP A 110 -1.56 -7.81 15.80
N ASP A 111 -1.02 -7.25 16.88
CA ASP A 111 -1.78 -6.31 17.71
C ASP A 111 -2.00 -4.98 17.00
N GLN A 112 -0.99 -4.51 16.27
CA GLN A 112 -1.10 -3.24 15.55
C GLN A 112 -2.12 -3.32 14.43
N VAL A 113 -2.10 -4.41 13.66
CA VAL A 113 -3.04 -4.60 12.57
C VAL A 113 -4.46 -4.77 13.09
N GLN A 114 -4.60 -5.41 14.25
CA GLN A 114 -5.90 -5.63 14.87
C GLN A 114 -6.55 -4.29 15.21
N GLY A 115 -5.74 -3.40 15.78
CA GLY A 115 -6.24 -2.08 16.13
C GLY A 115 -6.38 -1.17 14.92
N PHE A 116 -5.57 -1.43 13.90
CA PHE A 116 -5.59 -0.65 12.66
C PHE A 116 -6.97 -0.72 12.00
N PHE A 117 -7.56 -1.92 12.03
CA PHE A 117 -8.87 -2.14 11.43
C PHE A 117 -9.86 -2.65 12.47
N ASP A 118 -11.10 -2.88 12.06
CA ASP A 118 -12.15 -3.36 12.96
C ASP A 118 -11.72 -4.63 13.70
N GLY A 119 -10.88 -5.43 13.06
CA GLY A 119 -10.41 -6.67 13.67
C GLY A 119 -9.84 -7.64 12.65
N LEU A 120 -9.08 -7.10 11.71
CA LEU A 120 -8.45 -7.93 10.67
C LEU A 120 -7.27 -8.71 11.24
N LYS A 121 -7.32 -10.03 11.09
CA LYS A 121 -6.26 -10.90 11.58
C LYS A 121 -5.33 -11.35 10.47
N PHE A 122 -4.03 -11.17 10.69
CA PHE A 122 -3.02 -11.56 9.71
C PHE A 122 -2.30 -12.83 10.14
N LYS A 123 -2.22 -13.79 9.24
CA LYS A 123 -1.57 -15.07 9.52
C LYS A 123 -0.05 -14.96 9.36
N GLN A 124 0.66 -14.92 10.50
CA GLN A 124 2.11 -14.83 10.49
C GLN A 124 2.76 -16.15 10.90
N LYS A 125 1.98 -17.24 10.85
CA LYS A 125 2.47 -18.57 11.21
C LYS A 125 2.95 -18.60 12.67
N ALA A 126 2.12 -18.06 13.57
CA ALA A 126 2.44 -18.02 14.99
C ALA A 126 3.83 -17.41 15.24
N SER A 127 3.88 -16.08 15.31
CA SER A 127 5.12 -15.37 15.55
C SER A 127 4.95 -14.29 16.60
N LEU A 128 6.02 -14.01 17.35
CA LEU A 128 5.97 -12.98 18.39
C LEU A 128 6.47 -11.64 17.85
N PHE A 129 7.44 -11.69 16.95
CA PHE A 129 8.01 -10.49 16.35
C PHE A 129 7.15 -10.02 15.17
N PRO A 130 7.14 -8.70 14.89
CA PRO A 130 6.36 -8.14 13.78
C PRO A 130 6.93 -8.53 12.43
N GLY A 131 6.04 -8.77 11.46
CA GLY A 131 6.47 -9.14 10.12
C GLY A 131 5.49 -8.70 9.06
N TYR A 132 5.08 -7.44 9.11
CA TYR A 132 4.13 -6.89 8.15
C TYR A 132 4.69 -5.63 7.50
N LEU A 133 4.59 -5.56 6.17
CA LEU A 133 5.06 -4.39 5.42
C LEU A 133 3.94 -3.39 5.25
N VAL A 134 4.08 -2.24 5.90
CA VAL A 134 3.07 -1.18 5.84
C VAL A 134 3.69 0.14 5.40
N LEU A 135 3.02 0.83 4.47
CA LEU A 135 3.49 2.11 3.97
C LEU A 135 2.78 3.27 4.63
N GLU A 136 3.39 4.44 4.56
CA GLU A 136 2.81 5.66 5.14
C GLU A 136 2.58 6.70 4.05
N ILE A 137 1.42 7.36 4.09
CA ILE A 137 1.10 8.37 3.09
C ILE A 137 1.20 9.79 3.66
N ASN A 138 2.33 10.44 3.40
CA ASN A 138 2.54 11.80 3.88
C ASN A 138 1.84 12.80 2.96
N ASP A 139 1.90 12.52 1.66
CA ASP A 139 1.27 13.37 0.66
C ASP A 139 0.99 12.56 -0.60
N PHE A 140 -0.28 12.54 -1.02
CA PHE A 140 -0.68 11.81 -2.21
C PHE A 140 -1.53 12.69 -3.13
N SER A 141 -1.62 12.31 -4.40
CA SER A 141 -2.41 13.08 -5.36
C SER A 141 -3.18 12.17 -6.31
N MET A 142 -4.36 12.63 -6.75
CA MET A 142 -5.19 11.86 -7.66
C MET A 142 -4.53 11.76 -9.03
N PHE A 143 -3.99 10.59 -9.34
CA PHE A 143 -3.33 10.37 -10.64
C PHE A 143 -4.36 10.31 -11.76
N ASN A 144 -5.28 9.36 -11.67
CA ASN A 144 -6.31 9.19 -12.67
C ASN A 144 -7.69 9.43 -12.07
N ARG A 145 -8.41 10.42 -12.60
CA ARG A 145 -9.73 10.76 -12.11
C ARG A 145 -10.72 9.62 -12.32
N ASP A 146 -10.48 8.80 -13.36
CA ASP A 146 -11.36 7.68 -13.67
C ASP A 146 -11.48 6.75 -12.47
N GLN A 147 -12.73 6.39 -12.13
CA GLN A 147 -12.99 5.51 -10.99
C GLN A 147 -13.02 4.06 -11.43
N LEU A 148 -12.09 3.27 -10.89
CA LEU A 148 -12.00 1.86 -11.21
C LEU A 148 -11.75 1.01 -9.97
N ILE A 149 -12.26 -0.22 -9.96
CA ILE A 149 -12.09 -1.13 -8.84
C ILE A 149 -11.09 -2.23 -9.20
N LEU A 150 -10.27 -2.63 -8.23
CA LEU A 150 -9.26 -3.66 -8.46
C LEU A 150 -9.89 -5.06 -8.43
N SER A 151 -10.46 -5.47 -9.56
CA SER A 151 -11.08 -6.78 -9.67
C SER A 151 -10.03 -7.88 -9.64
N ASN A 152 -8.86 -7.60 -10.24
CA ASN A 152 -7.76 -8.55 -10.28
C ASN A 152 -7.26 -8.91 -8.89
N ALA A 153 -7.57 -8.06 -7.90
CA ALA A 153 -7.14 -8.30 -6.52
C ALA A 153 -7.50 -9.71 -6.03
N GLY A 154 -8.54 -10.30 -6.64
CA GLY A 154 -8.96 -11.63 -6.25
C GLY A 154 -7.89 -12.69 -6.50
N THR A 155 -7.18 -12.57 -7.62
CA THR A 155 -6.14 -13.52 -7.98
C THR A 155 -4.88 -13.32 -7.13
N ILE A 156 -4.69 -12.09 -6.64
CA ILE A 156 -3.54 -11.76 -5.81
C ILE A 156 -3.45 -12.66 -4.58
N GLU A 157 -2.23 -12.84 -4.08
CA GLU A 157 -1.99 -13.67 -2.91
C GLU A 157 -1.58 -12.82 -1.70
N PHE A 158 -1.69 -13.41 -0.51
CA PHE A 158 -1.34 -12.71 0.72
C PHE A 158 0.16 -12.41 0.80
N LEU A 159 0.50 -11.13 0.92
CA LEU A 159 1.90 -10.71 1.00
C LEU A 159 2.50 -11.10 2.35
N TYR A 160 1.71 -10.95 3.41
CA TYR A 160 2.16 -11.28 4.76
C TYR A 160 2.59 -12.74 4.91
N GLY A 161 2.15 -13.60 3.99
CA GLY A 161 2.51 -15.01 4.06
C GLY A 161 3.56 -15.42 3.05
N THR A 162 3.90 -14.53 2.13
CA THR A 162 4.91 -14.84 1.12
C THR A 162 6.31 -14.89 1.74
N PRO A 163 7.02 -16.02 1.59
CA PRO A 163 8.38 -16.19 2.15
C PRO A 163 9.38 -15.22 1.54
N ARG A 164 9.16 -14.85 0.28
CA ARG A 164 10.07 -13.93 -0.41
C ARG A 164 10.09 -12.55 0.24
N TYR A 165 8.91 -11.95 0.41
CA TYR A 165 8.81 -10.62 1.02
C TYR A 165 9.24 -10.66 2.48
N ILE A 166 8.92 -11.75 3.16
CA ILE A 166 9.27 -11.93 4.56
C ILE A 166 10.79 -11.86 4.74
N ALA A 167 11.51 -12.47 3.81
CA ALA A 167 12.97 -12.47 3.86
C ALA A 167 13.56 -11.09 3.56
N ARG A 168 12.79 -10.24 2.88
CA ARG A 168 13.25 -8.90 2.52
C ARG A 168 13.50 -8.03 3.74
N PHE A 169 12.63 -8.12 4.75
CA PHE A 169 12.76 -7.29 5.95
C PHE A 169 13.01 -8.11 7.22
N ILE A 170 12.25 -9.19 7.39
CA ILE A 170 12.36 -10.01 8.59
C ILE A 170 13.67 -10.80 8.63
N GLU A 171 14.14 -11.26 7.47
CA GLU A 171 15.40 -12.02 7.40
C GLU A 171 16.61 -11.11 7.19
N GLN A 172 16.44 -9.81 7.43
CA GLN A 172 17.53 -8.86 7.25
C GLN A 172 18.73 -9.18 8.14
N GLU A 173 18.45 -9.60 9.38
CA GLU A 173 19.51 -9.94 10.33
C GLU A 173 19.20 -11.25 11.04
N PHE A 174 19.03 -12.32 10.27
CA PHE A 174 18.73 -13.64 10.83
C PHE A 174 20.00 -14.31 11.35
N SER A 175 20.91 -14.62 10.44
CA SER A 175 22.17 -15.27 10.80
C SER A 175 23.34 -14.70 10.00
N ASP A 176 24.54 -14.80 10.53
CA ASP A 176 25.74 -14.30 9.86
C ASP A 176 26.03 -15.11 8.60
N GLU A 177 25.85 -16.42 8.69
CA GLU A 177 26.09 -17.32 7.56
C GLU A 177 27.55 -17.23 7.08
N GLU A 178 28.47 -17.14 8.04
CA GLU A 178 29.89 -17.06 7.73
C GLU A 178 30.74 -17.60 8.86
N GLY A 1 7.23 21.50 19.66
CA GLY A 1 7.84 20.57 18.68
C GLY A 1 9.16 21.08 18.14
N ALA A 2 9.48 20.71 16.90
CA ALA A 2 10.72 21.14 16.27
C ALA A 2 10.45 22.13 15.13
N MET A 3 11.37 23.06 14.94
CA MET A 3 11.23 24.07 13.89
C MET A 3 11.39 23.44 12.51
N GLY A 4 10.59 23.90 11.55
CA GLY A 4 10.66 23.38 10.19
C GLY A 4 11.40 24.32 9.26
N PRO A 5 12.63 23.97 8.83
CA PRO A 5 13.42 24.81 7.92
C PRO A 5 12.72 25.05 6.58
N PRO A 6 12.84 26.26 6.01
CA PRO A 6 12.21 26.59 4.72
C PRO A 6 12.69 25.68 3.59
N SER A 7 11.81 25.45 2.61
CA SER A 7 12.14 24.61 1.47
C SER A 7 12.55 25.45 0.27
N SER A 8 13.62 25.01 -0.41
CA SER A 8 14.11 25.72 -1.58
C SER A 8 14.42 24.75 -2.72
N ARG A 9 15.40 23.88 -2.49
CA ARG A 9 15.80 22.90 -3.49
C ARG A 9 14.67 21.90 -3.77
N ASP A 10 13.94 21.54 -2.72
CA ASP A 10 12.81 20.61 -2.85
C ASP A 10 11.47 21.34 -2.76
N ALA A 11 11.48 22.64 -3.01
CA ALA A 11 10.26 23.44 -2.96
C ALA A 11 9.32 23.10 -4.11
N VAL A 12 9.90 22.89 -5.29
CA VAL A 12 9.12 22.55 -6.47
C VAL A 12 8.69 21.08 -6.45
N ARG A 13 7.97 20.67 -7.49
CA ARG A 13 7.49 19.30 -7.59
C ARG A 13 7.70 18.74 -8.99
N VAL A 14 7.74 17.41 -9.09
CA VAL A 14 7.94 16.74 -10.37
C VAL A 14 6.77 15.81 -10.68
N THR A 15 6.26 15.88 -11.91
CA THR A 15 5.15 15.06 -12.35
C THR A 15 5.34 14.60 -13.78
N ALA A 16 4.91 13.37 -14.07
CA ALA A 16 5.04 12.81 -15.41
C ALA A 16 4.10 11.62 -15.59
N SER A 17 3.91 11.21 -16.85
CA SER A 17 3.03 10.09 -17.16
C SER A 17 3.63 8.78 -16.64
N ALA A 18 2.81 8.01 -15.92
CA ALA A 18 3.24 6.73 -15.37
C ALA A 18 2.10 5.71 -15.38
N HIS A 19 2.46 4.43 -15.38
CA HIS A 19 1.48 3.36 -15.40
C HIS A 19 1.74 2.36 -14.27
N MET A 20 0.71 1.61 -13.90
CA MET A 20 0.83 0.62 -12.84
C MET A 20 1.49 -0.66 -13.37
N LYS A 21 2.76 -0.85 -13.05
CA LYS A 21 3.49 -2.02 -13.51
C LYS A 21 4.57 -2.43 -12.51
N HIS A 22 5.41 -1.46 -12.13
CA HIS A 22 6.50 -1.72 -11.19
C HIS A 22 6.16 -1.22 -9.78
N TRP A 23 5.81 -2.14 -8.89
CA TRP A 23 5.45 -1.78 -7.52
C TRP A 23 6.20 -2.65 -6.49
N LEU A 24 5.46 -3.42 -5.68
CA LEU A 24 6.04 -4.24 -4.63
C LEU A 24 7.21 -5.11 -5.08
N GLU A 25 7.13 -5.66 -6.29
CA GLU A 25 8.19 -6.54 -6.79
C GLU A 25 9.49 -5.77 -7.12
N PRO A 26 9.47 -4.85 -8.11
CA PRO A 26 10.67 -4.08 -8.51
C PRO A 26 11.16 -3.07 -7.47
N VAL A 27 10.24 -2.55 -6.67
CA VAL A 27 10.57 -1.56 -5.65
C VAL A 27 11.77 -1.98 -4.80
N LEU A 28 11.78 -3.23 -4.36
CA LEU A 28 12.88 -3.74 -3.53
C LEU A 28 13.88 -4.55 -4.35
N CYS A 29 13.49 -4.99 -5.55
CA CYS A 29 14.36 -5.79 -6.39
C CYS A 29 15.44 -4.95 -7.08
N GLU A 30 15.03 -3.91 -7.80
CA GLU A 30 15.98 -3.06 -8.52
C GLU A 30 15.98 -1.62 -8.02
N ALA A 31 14.79 -1.09 -7.74
CA ALA A 31 14.68 0.29 -7.27
C ALA A 31 15.39 0.50 -5.94
N GLY A 32 15.36 -0.52 -5.09
CA GLY A 32 16.03 -0.43 -3.80
C GLY A 32 15.38 0.57 -2.87
N LEU A 33 14.09 0.84 -3.07
CA LEU A 33 13.35 1.77 -2.24
C LEU A 33 13.24 1.27 -0.81
N GLY A 34 12.75 2.12 0.08
CA GLY A 34 12.61 1.75 1.48
C GLY A 34 12.49 2.93 2.41
N HIS A 35 13.30 2.94 3.46
CA HIS A 35 13.29 4.00 4.45
C HIS A 35 13.65 5.35 3.84
N ASN A 36 12.68 6.26 3.83
CA ASN A 36 12.88 7.61 3.28
C ASN A 36 13.09 7.57 1.77
N TYR A 37 12.11 7.02 1.07
CA TYR A 37 12.16 6.92 -0.39
C TYR A 37 10.80 7.20 -1.00
N LYS A 38 10.79 7.69 -2.24
CA LYS A 38 9.55 8.01 -2.92
C LYS A 38 9.66 7.78 -4.43
N VAL A 39 8.54 7.39 -5.05
CA VAL A 39 8.50 7.15 -6.49
C VAL A 39 7.12 7.49 -7.04
N ASP A 40 6.99 7.40 -8.38
CA ASP A 40 5.72 7.71 -9.03
C ASP A 40 4.99 6.44 -9.45
N LYS A 41 3.75 6.29 -8.98
CA LYS A 41 2.94 5.12 -9.30
C LYS A 41 1.50 5.29 -8.82
N VAL A 42 0.64 4.33 -9.18
CA VAL A 42 -0.77 4.38 -8.79
C VAL A 42 -1.13 3.24 -7.85
N LEU A 43 -1.91 3.55 -6.81
CA LEU A 43 -2.35 2.58 -5.83
C LEU A 43 -3.85 2.70 -5.58
N LYS A 44 -4.53 1.57 -5.46
CA LYS A 44 -5.98 1.56 -5.23
C LYS A 44 -6.34 0.82 -3.95
N VAL A 45 -7.27 1.37 -3.17
CA VAL A 45 -7.71 0.75 -1.92
C VAL A 45 -9.10 0.11 -2.11
N LEU A 46 -9.31 -1.04 -1.47
CA LEU A 46 -10.57 -1.76 -1.59
C LEU A 46 -11.45 -1.64 -0.34
N ARG A 47 -10.91 -1.17 0.77
CA ARG A 47 -11.70 -1.06 2.00
C ARG A 47 -11.41 0.23 2.78
N ILE A 48 -12.48 0.84 3.28
CA ILE A 48 -12.38 2.07 4.06
C ILE A 48 -13.15 1.92 5.36
N TYR A 49 -12.50 2.20 6.49
CA TYR A 49 -13.12 2.09 7.79
C TYR A 49 -13.12 3.44 8.52
N PRO A 50 -14.12 4.31 8.22
CA PRO A 50 -14.22 5.63 8.84
C PRO A 50 -14.36 5.55 10.36
N ARG A 51 -13.86 6.59 11.04
CA ARG A 51 -13.92 6.66 12.50
C ARG A 51 -14.70 7.88 12.96
N SER A 52 -14.79 8.05 14.28
CA SER A 52 -15.51 9.19 14.86
C SER A 52 -14.78 10.51 14.61
N ASN A 53 -13.49 10.43 14.28
CA ASN A 53 -12.69 11.62 14.03
C ASN A 53 -13.24 12.41 12.85
N THR A 54 -13.70 11.69 11.83
CA THR A 54 -14.27 12.30 10.63
C THR A 54 -13.25 13.20 9.92
N LEU A 55 -12.14 12.59 9.50
CA LEU A 55 -11.09 13.32 8.79
C LEU A 55 -11.10 13.00 7.29
N SER A 56 -11.97 12.06 6.89
CA SER A 56 -12.07 11.65 5.49
C SER A 56 -10.75 11.04 5.00
N SER A 57 -10.03 10.41 5.92
CA SER A 57 -8.75 9.77 5.60
C SER A 57 -8.20 9.05 6.84
N LEU A 58 -8.29 7.72 6.84
CA LEU A 58 -7.81 6.93 7.96
C LEU A 58 -7.44 5.52 7.50
N PRO A 59 -6.82 4.69 8.39
CA PRO A 59 -6.41 3.32 8.06
C PRO A 59 -7.32 2.65 7.03
N LEU A 60 -6.72 2.04 6.02
CA LEU A 60 -7.48 1.38 4.97
C LEU A 60 -6.73 0.19 4.40
N CYS A 61 -7.48 -0.78 3.87
CA CYS A 61 -6.89 -1.98 3.27
C CYS A 61 -6.89 -1.84 1.76
N LEU A 62 -5.70 -1.90 1.16
CA LEU A 62 -5.57 -1.75 -0.29
C LEU A 62 -4.91 -2.96 -0.93
N CYS A 63 -5.15 -3.12 -2.24
CA CYS A 63 -4.57 -4.21 -3.00
C CYS A 63 -3.71 -3.66 -4.12
N ASP A 64 -2.42 -4.01 -4.10
CA ASP A 64 -1.48 -3.54 -5.11
C ASP A 64 -1.57 -4.37 -6.37
N ALA A 65 -0.67 -4.11 -7.30
CA ALA A 65 -0.65 -4.83 -8.57
C ALA A 65 -0.21 -6.28 -8.40
N ASN A 66 0.69 -6.53 -7.44
CA ASN A 66 1.20 -7.88 -7.21
C ASN A 66 0.73 -8.47 -5.89
N TYR A 67 0.65 -7.64 -4.84
CA TYR A 67 0.22 -8.13 -3.53
C TYR A 67 -0.58 -7.07 -2.78
N LYS A 68 -0.93 -7.36 -1.52
CA LYS A 68 -1.71 -6.43 -0.70
C LYS A 68 -1.01 -6.15 0.64
N ILE A 69 -1.20 -4.93 1.14
CA ILE A 69 -0.61 -4.53 2.43
C ILE A 69 -1.47 -3.47 3.11
N LEU A 70 -1.12 -3.14 4.36
CA LEU A 70 -1.84 -2.12 5.11
C LEU A 70 -1.21 -0.75 4.87
N ALA A 71 -2.04 0.29 4.79
CA ALA A 71 -1.54 1.63 4.56
C ALA A 71 -2.39 2.69 5.28
N PHE A 72 -1.73 3.75 5.72
CA PHE A 72 -2.40 4.85 6.42
C PHE A 72 -1.83 6.18 5.98
N ALA A 73 -2.69 7.19 5.87
CA ALA A 73 -2.25 8.51 5.44
C ALA A 73 -2.04 9.45 6.63
N ASN A 74 -0.94 10.19 6.61
CA ASN A 74 -0.63 11.14 7.67
C ASN A 74 -1.57 12.33 7.62
N TYR A 75 -1.85 12.92 8.77
CA TYR A 75 -2.74 14.07 8.85
C TYR A 75 -2.35 15.18 7.88
N LYS A 76 -1.04 15.33 7.66
CA LYS A 76 -0.55 16.36 6.75
C LYS A 76 -1.11 16.12 5.34
N ALA A 77 -1.17 14.84 4.97
CA ALA A 77 -1.69 14.43 3.68
C ALA A 77 -3.22 14.61 3.65
N ILE A 78 -3.85 14.36 4.79
CA ILE A 78 -5.30 14.47 4.91
C ILE A 78 -5.74 15.93 4.79
N ALA A 79 -5.16 16.80 5.62
CA ALA A 79 -5.50 18.21 5.62
C ALA A 79 -5.23 18.85 4.25
N ALA A 80 -4.12 18.47 3.63
CA ALA A 80 -3.75 19.00 2.32
C ALA A 80 -4.80 18.69 1.27
N PHE A 81 -5.25 17.44 1.23
CA PHE A 81 -6.26 17.00 0.27
C PHE A 81 -7.55 17.79 0.46
N GLU A 82 -7.88 18.10 1.71
CA GLU A 82 -9.08 18.86 2.03
C GLU A 82 -9.06 20.23 1.37
N ARG A 83 -7.90 20.88 1.41
CA ARG A 83 -7.75 22.20 0.81
C ARG A 83 -7.71 22.11 -0.72
N LYS A 84 -7.14 21.01 -1.23
CA LYS A 84 -7.00 20.82 -2.67
C LYS A 84 -8.34 20.56 -3.37
N GLU A 85 -9.04 19.50 -2.95
CA GLU A 85 -10.31 19.13 -3.57
C GLU A 85 -11.53 19.58 -2.75
N ARG A 86 -11.34 19.79 -1.45
CA ARG A 86 -12.45 20.21 -0.58
C ARG A 86 -13.57 19.18 -0.58
N ARG A 87 -13.20 17.91 -0.76
CA ARG A 87 -14.16 16.82 -0.79
C ARG A 87 -13.58 15.57 -0.15
N ARG A 88 -14.46 14.65 0.27
CA ARG A 88 -14.01 13.42 0.91
C ARG A 88 -13.32 12.51 -0.10
N VAL A 89 -12.08 12.12 0.21
CA VAL A 89 -11.30 11.27 -0.66
C VAL A 89 -11.58 9.78 -0.42
N THR A 90 -11.80 9.42 0.83
CA THR A 90 -12.05 8.02 1.21
C THR A 90 -13.29 7.45 0.53
N GLN A 91 -14.18 8.32 0.05
CA GLN A 91 -15.41 7.87 -0.60
C GLN A 91 -15.11 7.05 -1.86
N ASN A 92 -14.88 7.71 -2.98
CA ASN A 92 -14.60 7.01 -4.24
C ASN A 92 -13.24 7.39 -4.84
N LEU A 93 -12.63 8.46 -4.34
CA LEU A 93 -11.34 8.91 -4.86
C LEU A 93 -10.23 7.89 -4.61
N LEU A 94 -10.23 7.29 -3.43
CA LEU A 94 -9.20 6.30 -3.09
C LEU A 94 -9.34 5.04 -3.94
N ASN A 95 -10.59 4.61 -4.17
CA ASN A 95 -10.84 3.41 -4.96
C ASN A 95 -10.44 3.60 -6.42
N SER A 96 -10.48 4.84 -6.90
CA SER A 96 -10.12 5.14 -8.28
C SER A 96 -8.63 4.96 -8.52
N GLU A 97 -7.84 5.94 -8.09
CA GLU A 97 -6.39 5.90 -8.26
C GLU A 97 -5.73 7.02 -7.46
N ILE A 98 -4.54 6.77 -6.94
CA ILE A 98 -3.82 7.76 -6.15
C ILE A 98 -2.32 7.76 -6.45
N MET A 99 -1.74 8.95 -6.51
CA MET A 99 -0.31 9.10 -6.75
C MET A 99 0.36 9.64 -5.49
N ILE A 100 1.02 8.74 -4.76
CA ILE A 100 1.70 9.11 -3.51
C ILE A 100 3.01 9.84 -3.80
N HIS A 101 3.13 11.05 -3.24
CA HIS A 101 4.35 11.85 -3.41
C HIS A 101 5.51 11.19 -2.69
N SER A 102 5.24 10.66 -1.50
CA SER A 102 6.27 10.00 -0.70
C SER A 102 5.66 8.96 0.23
N PHE A 103 6.42 7.90 0.52
CA PHE A 103 5.96 6.84 1.40
C PHE A 103 7.12 6.21 2.16
N THR A 104 6.86 5.78 3.39
CA THR A 104 7.89 5.15 4.23
C THR A 104 7.43 3.79 4.73
N ILE A 105 8.35 2.84 4.78
CA ILE A 105 8.05 1.49 5.24
C ILE A 105 7.91 1.45 6.76
N ARG A 106 6.89 0.73 7.24
CA ARG A 106 6.65 0.60 8.67
C ARG A 106 6.09 -0.78 9.00
N PHE A 107 6.69 -1.44 10.01
CA PHE A 107 6.25 -2.77 10.41
C PHE A 107 5.13 -2.68 11.46
N TYR A 108 4.16 -3.59 11.36
CA TYR A 108 3.04 -3.62 12.28
C TYR A 108 2.84 -5.03 12.84
N ASN A 109 2.34 -5.12 14.08
CA ASN A 109 2.10 -6.41 14.72
C ASN A 109 0.61 -6.75 14.68
N ASP A 110 0.25 -7.90 15.24
CA ASP A 110 -1.15 -8.34 15.25
C ASP A 110 -2.05 -7.34 16.00
N ASP A 111 -1.54 -6.82 17.11
CA ASP A 111 -2.29 -5.86 17.91
C ASP A 111 -2.42 -4.52 17.19
N GLN A 112 -1.35 -4.10 16.53
CA GLN A 112 -1.34 -2.83 15.81
C GLN A 112 -2.28 -2.86 14.61
N VAL A 113 -2.31 -3.97 13.88
CA VAL A 113 -3.19 -4.10 12.72
C VAL A 113 -4.65 -4.22 13.15
N GLN A 114 -4.87 -4.82 14.33
CA GLN A 114 -6.22 -5.00 14.87
C GLN A 114 -6.89 -3.66 15.11
N GLY A 115 -6.11 -2.70 15.62
CA GLY A 115 -6.64 -1.37 15.90
C GLY A 115 -6.92 -0.59 14.62
N PHE A 116 -6.09 -0.80 13.60
CA PHE A 116 -6.24 -0.11 12.34
C PHE A 116 -7.59 -0.41 11.69
N PHE A 117 -8.03 -1.66 11.79
CA PHE A 117 -9.32 -2.07 11.21
C PHE A 117 -10.25 -2.64 12.28
N ASP A 118 -11.40 -3.15 11.85
CA ASP A 118 -12.38 -3.72 12.77
C ASP A 118 -11.80 -4.88 13.55
N GLY A 119 -10.95 -5.67 12.91
CA GLY A 119 -10.34 -6.81 13.56
C GLY A 119 -9.68 -7.76 12.59
N LEU A 120 -9.01 -7.20 11.59
CA LEU A 120 -8.34 -8.01 10.57
C LEU A 120 -7.10 -8.68 11.16
N LYS A 121 -7.11 -10.02 11.19
CA LYS A 121 -5.98 -10.78 11.73
C LYS A 121 -5.17 -11.42 10.61
N PHE A 122 -3.86 -11.24 10.67
CA PHE A 122 -2.96 -11.80 9.67
C PHE A 122 -2.20 -12.99 10.22
N LYS A 123 -2.18 -14.09 9.48
CA LYS A 123 -1.50 -15.31 9.90
C LYS A 123 0.02 -15.16 9.74
N GLN A 124 0.74 -15.26 10.86
CA GLN A 124 2.20 -15.15 10.84
C GLN A 124 2.87 -16.51 11.10
N LYS A 125 2.06 -17.55 11.26
CA LYS A 125 2.58 -18.89 11.52
C LYS A 125 3.40 -18.94 12.81
N ALA A 126 2.80 -18.42 13.89
CA ALA A 126 3.46 -18.41 15.20
C ALA A 126 4.81 -17.70 15.13
N SER A 127 4.83 -16.42 15.50
CA SER A 127 6.07 -15.63 15.50
C SER A 127 6.16 -14.75 16.73
N LEU A 128 7.33 -14.72 17.34
CA LEU A 128 7.56 -13.91 18.54
C LEU A 128 7.55 -12.42 18.21
N PHE A 129 8.01 -12.08 17.00
CA PHE A 129 8.08 -10.69 16.56
C PHE A 129 7.14 -10.46 15.36
N PRO A 130 6.71 -9.20 15.15
CA PRO A 130 5.82 -8.86 14.04
C PRO A 130 6.49 -9.02 12.68
N GLY A 131 5.68 -9.27 11.65
CA GLY A 131 6.23 -9.45 10.31
C GLY A 131 5.26 -9.01 9.23
N TYR A 132 4.84 -7.75 9.29
CA TYR A 132 3.91 -7.21 8.29
C TYR A 132 4.38 -5.85 7.78
N LEU A 133 4.30 -5.66 6.47
CA LEU A 133 4.72 -4.42 5.86
C LEU A 133 3.57 -3.44 5.71
N VAL A 134 3.73 -2.24 6.27
CA VAL A 134 2.70 -1.21 6.20
C VAL A 134 3.29 0.11 5.72
N LEU A 135 2.66 0.71 4.71
CA LEU A 135 3.12 1.97 4.14
C LEU A 135 2.44 3.16 4.80
N GLU A 136 3.05 4.33 4.66
CA GLU A 136 2.52 5.56 5.23
C GLU A 136 2.41 6.63 4.14
N ILE A 137 1.23 7.23 4.03
CA ILE A 137 1.01 8.26 3.03
C ILE A 137 1.18 9.66 3.62
N ASN A 138 2.38 10.22 3.46
CA ASN A 138 2.67 11.55 3.98
C ASN A 138 2.00 12.61 3.12
N ASP A 139 2.03 12.39 1.80
CA ASP A 139 1.43 13.32 0.84
C ASP A 139 1.09 12.59 -0.45
N PHE A 140 -0.18 12.66 -0.85
CA PHE A 140 -0.62 11.99 -2.07
C PHE A 140 -1.50 12.92 -2.91
N SER A 141 -1.62 12.61 -4.20
CA SER A 141 -2.43 13.41 -5.11
C SER A 141 -3.26 12.51 -6.03
N MET A 142 -4.39 13.03 -6.48
CA MET A 142 -5.28 12.28 -7.36
C MET A 142 -4.69 12.16 -8.77
N PHE A 143 -4.28 10.95 -9.13
CA PHE A 143 -3.70 10.70 -10.45
C PHE A 143 -4.76 10.81 -11.54
N ASN A 144 -5.96 10.29 -11.24
CA ASN A 144 -7.06 10.33 -12.18
C ASN A 144 -8.40 10.27 -11.45
N ARG A 145 -9.47 10.66 -12.15
CA ARG A 145 -10.81 10.66 -11.55
C ARG A 145 -11.69 9.57 -12.16
N ASP A 146 -11.07 8.48 -12.60
CA ASP A 146 -11.81 7.37 -13.19
C ASP A 146 -12.06 6.28 -12.16
N GLN A 147 -13.35 5.98 -11.91
CA GLN A 147 -13.71 4.96 -10.95
C GLN A 147 -13.34 3.58 -11.45
N LEU A 148 -12.27 3.02 -10.91
CA LEU A 148 -11.79 1.70 -11.30
C LEU A 148 -11.60 0.80 -10.08
N ILE A 149 -12.16 -0.41 -10.16
CA ILE A 149 -12.06 -1.37 -9.06
C ILE A 149 -11.04 -2.46 -9.42
N LEU A 150 -10.23 -2.85 -8.43
CA LEU A 150 -9.23 -3.89 -8.65
C LEU A 150 -9.85 -5.28 -8.64
N SER A 151 -10.37 -5.68 -9.80
CA SER A 151 -10.99 -6.99 -9.95
C SER A 151 -9.95 -8.11 -9.87
N ASN A 152 -8.76 -7.84 -10.41
CA ASN A 152 -7.66 -8.81 -10.39
C ASN A 152 -7.25 -9.18 -8.97
N ALA A 153 -7.60 -8.32 -8.00
CA ALA A 153 -7.25 -8.55 -6.60
C ALA A 153 -7.60 -9.98 -6.14
N GLY A 154 -8.61 -10.57 -6.77
CA GLY A 154 -9.02 -11.92 -6.41
C GLY A 154 -7.92 -12.94 -6.62
N THR A 155 -7.18 -12.81 -7.72
CA THR A 155 -6.09 -13.74 -8.02
C THR A 155 -4.82 -13.38 -7.24
N ILE A 156 -4.69 -12.11 -6.87
CA ILE A 156 -3.52 -11.65 -6.13
C ILE A 156 -3.30 -12.45 -4.84
N GLU A 157 -2.04 -12.54 -4.43
CA GLU A 157 -1.67 -13.27 -3.22
C GLU A 157 -1.37 -12.31 -2.08
N PHE A 158 -1.43 -12.82 -0.85
CA PHE A 158 -1.16 -12.03 0.34
C PHE A 158 0.34 -11.80 0.54
N LEU A 159 0.70 -10.57 0.90
CA LEU A 159 2.10 -10.22 1.12
C LEU A 159 2.57 -10.61 2.52
N TYR A 160 1.63 -10.65 3.47
CA TYR A 160 1.97 -11.00 4.86
C TYR A 160 2.35 -12.47 5.00
N GLY A 161 2.17 -13.26 3.94
CA GLY A 161 2.51 -14.67 3.99
C GLY A 161 3.56 -15.07 2.97
N THR A 162 4.27 -14.08 2.41
CA THR A 162 5.31 -14.34 1.42
C THR A 162 6.67 -14.49 2.11
N PRO A 163 7.26 -15.71 2.09
CA PRO A 163 8.56 -15.96 2.73
C PRO A 163 9.69 -15.10 2.14
N ARG A 164 9.56 -14.75 0.85
CA ARG A 164 10.58 -13.94 0.19
C ARG A 164 10.62 -12.52 0.76
N TYR A 165 9.46 -11.85 0.78
CA TYR A 165 9.38 -10.49 1.31
C TYR A 165 9.79 -10.46 2.77
N ILE A 166 9.37 -11.48 3.51
CA ILE A 166 9.70 -11.61 4.93
C ILE A 166 11.20 -11.68 5.13
N ALA A 167 11.89 -12.35 4.22
CA ALA A 167 13.34 -12.50 4.31
C ALA A 167 14.09 -11.19 4.07
N ARG A 168 13.56 -10.35 3.18
CA ARG A 168 14.20 -9.08 2.84
C ARG A 168 14.14 -8.06 3.98
N PHE A 169 13.03 -8.06 4.73
CA PHE A 169 12.86 -7.09 5.82
C PHE A 169 13.12 -7.71 7.20
N ILE A 170 12.65 -8.93 7.42
CA ILE A 170 12.78 -9.59 8.71
C ILE A 170 14.05 -10.43 8.83
N GLU A 171 14.35 -11.25 7.83
CA GLU A 171 15.53 -12.11 7.88
C GLU A 171 16.80 -11.39 7.41
N GLN A 172 16.70 -10.08 7.16
CA GLN A 172 17.86 -9.31 6.71
C GLN A 172 18.94 -9.27 7.79
N GLU A 173 18.51 -9.18 9.05
CA GLU A 173 19.45 -9.12 10.17
C GLU A 173 18.93 -9.96 11.34
N PHE A 174 19.77 -10.88 11.81
CA PHE A 174 19.39 -11.76 12.93
C PHE A 174 20.52 -11.86 13.95
N SER A 175 21.75 -12.01 13.47
CA SER A 175 22.90 -12.12 14.36
C SER A 175 23.10 -10.85 15.18
N ASP A 176 23.31 -11.03 16.48
CA ASP A 176 23.52 -9.90 17.38
C ASP A 176 24.87 -9.24 17.13
N GLU A 177 25.88 -10.07 16.88
CA GLU A 177 27.24 -9.57 16.64
C GLU A 177 27.29 -8.66 15.42
N GLU A 178 26.54 -9.03 14.37
CA GLU A 178 26.50 -8.26 13.14
C GLU A 178 25.30 -7.32 13.13
N GLY A 1 28.23 10.21 6.96
CA GLY A 1 27.83 11.63 7.16
C GLY A 1 29.02 12.52 7.49
N ALA A 2 29.79 12.88 6.48
CA ALA A 2 30.96 13.73 6.67
C ALA A 2 31.14 14.68 5.50
N MET A 3 31.90 15.76 5.72
CA MET A 3 32.15 16.75 4.68
C MET A 3 33.32 16.34 3.79
N GLY A 4 33.10 16.37 2.49
CA GLY A 4 34.14 15.99 1.55
C GLY A 4 33.86 16.50 0.14
N PRO A 5 34.82 16.37 -0.79
CA PRO A 5 34.65 16.82 -2.18
C PRO A 5 33.66 15.96 -2.94
N PRO A 6 32.98 16.54 -3.95
CA PRO A 6 31.99 15.80 -4.76
C PRO A 6 32.64 14.77 -5.67
N SER A 7 31.91 13.69 -5.95
CA SER A 7 32.42 12.62 -6.81
C SER A 7 31.29 11.68 -7.22
N SER A 8 30.86 10.84 -6.28
CA SER A 8 29.78 9.89 -6.52
C SER A 8 28.42 10.50 -6.20
N ARG A 9 28.39 11.34 -5.17
CA ARG A 9 27.16 12.00 -4.75
C ARG A 9 26.65 12.97 -5.82
N ASP A 10 27.59 13.54 -6.57
CA ASP A 10 27.24 14.50 -7.63
C ASP A 10 26.34 13.87 -8.69
N ALA A 11 26.62 12.63 -9.06
CA ALA A 11 25.84 11.93 -10.07
C ALA A 11 25.11 10.71 -9.50
N VAL A 12 24.03 10.32 -10.15
CA VAL A 12 23.25 9.17 -9.73
C VAL A 12 22.66 8.43 -10.92
N ARG A 13 21.93 7.35 -10.66
CA ARG A 13 21.31 6.56 -11.72
C ARG A 13 19.93 7.10 -12.07
N VAL A 14 19.52 6.91 -13.32
CA VAL A 14 18.22 7.39 -13.79
C VAL A 14 17.18 6.29 -13.72
N THR A 15 16.06 6.59 -13.03
CA THR A 15 14.98 5.62 -12.89
C THR A 15 13.63 6.33 -12.91
N ALA A 16 12.79 5.97 -13.88
CA ALA A 16 11.47 6.56 -14.01
C ALA A 16 10.48 5.57 -14.62
N SER A 17 9.53 5.10 -13.80
CA SER A 17 8.53 4.15 -14.26
C SER A 17 7.18 4.41 -13.59
N ALA A 18 6.11 4.10 -14.30
CA ALA A 18 4.76 4.30 -13.78
C ALA A 18 3.89 3.05 -13.98
N HIS A 19 4.53 1.88 -13.90
CA HIS A 19 3.82 0.62 -14.08
C HIS A 19 3.41 0.03 -12.73
N MET A 20 2.11 -0.10 -12.52
CA MET A 20 1.58 -0.65 -11.27
C MET A 20 1.88 -2.14 -11.16
N LYS A 21 1.91 -2.82 -12.30
CA LYS A 21 2.17 -4.27 -12.34
C LYS A 21 3.51 -4.61 -11.69
N HIS A 22 3.45 -5.16 -10.47
CA HIS A 22 4.66 -5.56 -9.75
C HIS A 22 5.55 -4.36 -9.45
N TRP A 23 5.21 -3.60 -8.40
CA TRP A 23 6.01 -2.44 -8.01
C TRP A 23 6.66 -2.64 -6.64
N LEU A 24 6.07 -3.51 -5.81
CA LEU A 24 6.59 -3.79 -4.48
C LEU A 24 7.93 -4.51 -4.56
N GLU A 25 8.05 -5.45 -5.49
CA GLU A 25 9.29 -6.21 -5.65
C GLU A 25 10.44 -5.35 -6.19
N PRO A 26 10.27 -4.70 -7.37
CA PRO A 26 11.33 -3.86 -7.97
C PRO A 26 11.76 -2.70 -7.10
N VAL A 27 10.79 -2.03 -6.47
CA VAL A 27 11.08 -0.88 -5.63
C VAL A 27 12.13 -1.21 -4.55
N LEU A 28 12.11 -2.44 -4.08
CA LEU A 28 13.05 -2.88 -3.04
C LEU A 28 14.47 -3.07 -3.58
N CYS A 29 14.60 -3.74 -4.73
CA CYS A 29 15.92 -4.01 -5.30
C CYS A 29 16.20 -3.19 -6.56
N GLU A 30 15.29 -3.25 -7.53
CA GLU A 30 15.47 -2.53 -8.79
C GLU A 30 15.60 -1.02 -8.58
N ALA A 31 14.79 -0.47 -7.68
CA ALA A 31 14.84 0.97 -7.40
C ALA A 31 16.04 1.31 -6.52
N GLY A 32 16.36 0.40 -5.59
CA GLY A 32 17.49 0.63 -4.70
C GLY A 32 17.35 1.88 -3.86
N LEU A 33 16.19 2.05 -3.24
CA LEU A 33 15.94 3.22 -2.39
C LEU A 33 16.45 2.98 -0.98
N GLY A 34 16.46 4.04 -0.17
CA GLY A 34 16.93 3.94 1.20
C GLY A 34 15.81 4.03 2.22
N HIS A 35 16.14 4.48 3.42
CA HIS A 35 15.16 4.63 4.49
C HIS A 35 14.07 5.62 4.10
N ASN A 36 14.48 6.73 3.50
CA ASN A 36 13.55 7.76 3.05
C ASN A 36 13.66 7.94 1.55
N TYR A 37 12.56 7.69 0.84
CA TYR A 37 12.55 7.82 -0.61
C TYR A 37 11.18 8.19 -1.14
N LYS A 38 11.12 8.56 -2.41
CA LYS A 38 9.86 8.95 -3.05
C LYS A 38 9.86 8.55 -4.52
N VAL A 39 9.09 7.51 -4.86
CA VAL A 39 8.99 7.05 -6.24
C VAL A 39 7.54 7.11 -6.71
N ASP A 40 7.35 6.91 -8.01
CA ASP A 40 6.01 6.95 -8.60
C ASP A 40 5.38 5.57 -8.68
N LYS A 41 4.20 5.42 -8.05
CA LYS A 41 3.49 4.16 -8.04
C LYS A 41 1.99 4.40 -7.96
N VAL A 42 1.21 3.39 -8.37
CA VAL A 42 -0.25 3.49 -8.32
C VAL A 42 -0.82 2.55 -7.27
N LEU A 43 -1.61 3.12 -6.36
CA LEU A 43 -2.22 2.33 -5.28
C LEU A 43 -3.73 2.58 -5.21
N LYS A 44 -4.50 1.51 -5.14
CA LYS A 44 -5.96 1.60 -5.06
C LYS A 44 -6.45 1.12 -3.71
N VAL A 45 -7.53 1.74 -3.23
CA VAL A 45 -8.11 1.39 -1.94
C VAL A 45 -9.38 0.57 -2.13
N LEU A 46 -9.59 -0.42 -1.26
CA LEU A 46 -10.76 -1.30 -1.36
C LEU A 46 -11.65 -1.17 -0.12
N ARG A 47 -11.06 -0.84 1.02
CA ARG A 47 -11.82 -0.72 2.26
C ARG A 47 -11.38 0.49 3.09
N ILE A 48 -12.36 1.26 3.55
CA ILE A 48 -12.11 2.44 4.37
C ILE A 48 -13.07 2.49 5.55
N TYR A 49 -12.52 2.50 6.77
CA TYR A 49 -13.34 2.55 7.98
C TYR A 49 -13.05 3.81 8.79
N PRO A 50 -13.82 4.90 8.57
CA PRO A 50 -13.64 6.16 9.29
C PRO A 50 -13.57 5.97 10.80
N ARG A 51 -12.67 6.72 11.44
CA ARG A 51 -12.51 6.65 12.89
C ARG A 51 -13.41 7.64 13.60
N SER A 52 -13.45 7.56 14.93
CA SER A 52 -14.28 8.45 15.74
C SER A 52 -13.90 9.91 15.53
N ASN A 53 -12.60 10.16 15.33
CA ASN A 53 -12.10 11.51 15.12
C ASN A 53 -12.71 12.13 13.86
N THR A 54 -12.91 11.32 12.83
CA THR A 54 -13.49 11.78 11.57
C THR A 54 -12.55 12.78 10.89
N LEU A 55 -11.51 12.27 10.24
CA LEU A 55 -10.54 13.11 9.54
C LEU A 55 -10.66 12.96 8.01
N SER A 56 -11.60 12.12 7.56
CA SER A 56 -11.80 11.88 6.14
C SER A 56 -10.57 11.20 5.51
N SER A 57 -9.85 10.44 6.32
CA SER A 57 -8.67 9.71 5.87
C SER A 57 -8.03 8.95 7.03
N LEU A 58 -8.24 7.64 7.05
CA LEU A 58 -7.71 6.79 8.11
C LEU A 58 -7.27 5.44 7.53
N PRO A 59 -6.59 4.59 8.32
CA PRO A 59 -6.11 3.27 7.88
C PRO A 59 -7.10 2.58 6.93
N LEU A 60 -6.62 2.21 5.75
CA LEU A 60 -7.46 1.55 4.75
C LEU A 60 -6.74 0.36 4.13
N CYS A 61 -7.50 -0.68 3.81
CA CYS A 61 -6.94 -1.89 3.21
C CYS A 61 -6.85 -1.75 1.69
N LEU A 62 -5.62 -1.61 1.19
CA LEU A 62 -5.39 -1.46 -0.24
C LEU A 62 -4.55 -2.61 -0.76
N CYS A 63 -4.87 -3.08 -1.97
CA CYS A 63 -4.14 -4.18 -2.58
C CYS A 63 -3.48 -3.73 -3.89
N ASP A 64 -2.16 -3.82 -3.95
CA ASP A 64 -1.42 -3.44 -5.14
C ASP A 64 -1.77 -4.36 -6.31
N ALA A 65 -0.96 -4.33 -7.36
CA ALA A 65 -1.20 -5.14 -8.54
C ALA A 65 -0.70 -6.58 -8.37
N ASN A 66 0.28 -6.79 -7.48
CA ASN A 66 0.84 -8.12 -7.26
C ASN A 66 0.68 -8.59 -5.82
N TYR A 67 0.42 -7.67 -4.89
CA TYR A 67 0.25 -8.04 -3.48
C TYR A 67 -0.65 -7.06 -2.75
N LYS A 68 -0.92 -7.34 -1.48
CA LYS A 68 -1.77 -6.49 -0.64
C LYS A 68 -1.10 -6.18 0.69
N ILE A 69 -1.14 -4.91 1.09
CA ILE A 69 -0.53 -4.48 2.35
C ILE A 69 -1.40 -3.44 3.05
N LEU A 70 -1.15 -3.24 4.35
CA LEU A 70 -1.89 -2.25 5.12
C LEU A 70 -1.20 -0.89 4.99
N ALA A 71 -1.98 0.19 5.07
CA ALA A 71 -1.42 1.53 4.95
C ALA A 71 -2.34 2.59 5.53
N PHE A 72 -1.76 3.73 5.89
CA PHE A 72 -2.53 4.85 6.45
C PHE A 72 -1.90 6.16 6.01
N ALA A 73 -2.72 7.19 5.88
CA ALA A 73 -2.23 8.50 5.45
C ALA A 73 -1.99 9.43 6.64
N ASN A 74 -0.88 10.17 6.58
CA ASN A 74 -0.53 11.10 7.64
C ASN A 74 -1.48 12.28 7.63
N TYR A 75 -1.61 12.96 8.77
CA TYR A 75 -2.51 14.11 8.88
C TYR A 75 -2.26 15.14 7.80
N LYS A 76 -1.01 15.29 7.39
CA LYS A 76 -0.67 16.25 6.34
C LYS A 76 -1.39 15.85 5.07
N ALA A 77 -1.40 14.55 4.79
CA ALA A 77 -2.08 14.01 3.63
C ALA A 77 -3.59 14.07 3.84
N ILE A 78 -4.03 13.79 5.07
CA ILE A 78 -5.44 13.82 5.43
C ILE A 78 -6.05 15.20 5.19
N ALA A 79 -5.44 16.23 5.77
CA ALA A 79 -5.91 17.60 5.64
C ALA A 79 -5.92 18.08 4.19
N ALA A 80 -5.01 17.54 3.39
CA ALA A 80 -4.90 17.93 1.98
C ALA A 80 -6.21 17.75 1.22
N PHE A 81 -7.09 16.87 1.70
CA PHE A 81 -8.37 16.62 1.04
C PHE A 81 -9.22 17.89 0.94
N GLU A 82 -9.15 18.75 1.95
CA GLU A 82 -9.91 19.99 1.96
C GLU A 82 -9.38 20.99 0.94
N ARG A 83 -8.06 21.01 0.77
CA ARG A 83 -7.41 21.95 -0.15
C ARG A 83 -7.67 21.59 -1.62
N LYS A 84 -7.43 20.33 -1.97
CA LYS A 84 -7.59 19.89 -3.36
C LYS A 84 -9.06 19.69 -3.77
N GLU A 85 -9.84 18.98 -2.94
CA GLU A 85 -11.23 18.71 -3.28
C GLU A 85 -12.23 19.46 -2.39
N ARG A 86 -11.80 19.88 -1.20
CA ARG A 86 -12.69 20.59 -0.27
C ARG A 86 -13.89 19.72 0.11
N ARG A 87 -13.71 18.40 0.04
CA ARG A 87 -14.77 17.46 0.38
C ARG A 87 -14.18 16.10 0.76
N ARG A 88 -15.03 15.20 1.26
CA ARG A 88 -14.58 13.88 1.67
C ARG A 88 -13.90 13.15 0.52
N VAL A 89 -12.62 12.84 0.69
CA VAL A 89 -11.83 12.15 -0.33
C VAL A 89 -11.90 10.63 -0.19
N THR A 90 -12.11 10.15 1.04
CA THR A 90 -12.15 8.71 1.31
C THR A 90 -13.54 8.11 1.06
N GLN A 91 -14.16 8.51 -0.02
CA GLN A 91 -15.49 8.01 -0.38
C GLN A 91 -15.41 7.18 -1.67
N ASN A 92 -15.36 7.87 -2.81
CA ASN A 92 -15.28 7.20 -4.12
C ASN A 92 -14.03 7.62 -4.89
N LEU A 93 -13.43 8.75 -4.49
CA LEU A 93 -12.25 9.26 -5.17
C LEU A 93 -11.04 8.32 -5.05
N LEU A 94 -10.77 7.86 -3.84
CA LEU A 94 -9.64 6.97 -3.60
C LEU A 94 -9.75 5.66 -4.39
N ASN A 95 -10.96 5.12 -4.47
CA ASN A 95 -11.19 3.87 -5.19
C ASN A 95 -10.73 3.96 -6.65
N SER A 96 -10.79 5.17 -7.21
CA SER A 96 -10.40 5.39 -8.60
C SER A 96 -8.94 5.01 -8.83
N GLU A 97 -8.03 5.86 -8.37
CA GLU A 97 -6.60 5.63 -8.52
C GLU A 97 -5.81 6.75 -7.85
N ILE A 98 -4.82 6.40 -7.04
CA ILE A 98 -4.03 7.38 -6.32
C ILE A 98 -2.53 7.25 -6.57
N MET A 99 -1.84 8.39 -6.53
CA MET A 99 -0.39 8.43 -6.72
C MET A 99 0.25 9.02 -5.46
N ILE A 100 1.01 8.20 -4.75
CA ILE A 100 1.66 8.63 -3.51
C ILE A 100 2.95 9.37 -3.79
N HIS A 101 3.02 10.63 -3.36
CA HIS A 101 4.22 11.44 -3.55
C HIS A 101 5.35 10.93 -2.66
N SER A 102 4.99 10.57 -1.43
CA SER A 102 5.98 10.07 -0.46
C SER A 102 5.38 8.96 0.41
N PHE A 103 6.18 7.94 0.69
CA PHE A 103 5.73 6.82 1.52
C PHE A 103 6.89 6.25 2.33
N THR A 104 6.59 5.78 3.54
CA THR A 104 7.61 5.22 4.42
C THR A 104 7.18 3.85 4.96
N ILE A 105 8.14 2.95 5.13
CA ILE A 105 7.86 1.61 5.62
C ILE A 105 7.70 1.60 7.14
N ARG A 106 6.74 0.82 7.63
CA ARG A 106 6.48 0.71 9.06
C ARG A 106 6.26 -0.74 9.47
N PHE A 107 6.49 -1.04 10.73
CA PHE A 107 6.32 -2.40 11.25
C PHE A 107 4.99 -2.54 11.99
N TYR A 108 4.31 -3.67 11.76
CA TYR A 108 3.03 -3.95 12.39
C TYR A 108 2.93 -5.40 12.81
N ASN A 109 2.53 -5.63 14.06
CA ASN A 109 2.38 -6.99 14.58
C ASN A 109 0.95 -7.46 14.43
N ASP A 110 0.67 -8.68 14.88
CA ASP A 110 -0.68 -9.25 14.79
C ASP A 110 -1.68 -8.38 15.57
N ASP A 111 -1.25 -7.92 16.73
CA ASP A 111 -2.09 -7.06 17.56
C ASP A 111 -2.24 -5.67 16.96
N GLN A 112 -1.14 -5.17 16.40
CA GLN A 112 -1.13 -3.83 15.78
C GLN A 112 -2.12 -3.75 14.63
N VAL A 113 -2.17 -4.77 13.79
CA VAL A 113 -3.08 -4.79 12.66
C VAL A 113 -4.53 -4.86 13.12
N GLN A 114 -4.76 -5.52 14.26
CA GLN A 114 -6.11 -5.64 14.81
C GLN A 114 -6.69 -4.26 15.10
N GLY A 115 -5.91 -3.44 15.80
CA GLY A 115 -6.34 -2.08 16.11
C GLY A 115 -6.33 -1.19 14.89
N PHE A 116 -5.50 -1.53 13.90
CA PHE A 116 -5.39 -0.77 12.67
C PHE A 116 -6.73 -0.72 11.94
N PHE A 117 -7.43 -1.85 11.94
CA PHE A 117 -8.74 -1.94 11.30
C PHE A 117 -9.81 -2.41 12.30
N ASP A 118 -10.96 -2.82 11.78
CA ASP A 118 -12.06 -3.28 12.64
C ASP A 118 -11.64 -4.48 13.48
N GLY A 119 -10.88 -5.39 12.87
CA GLY A 119 -10.42 -6.57 13.57
C GLY A 119 -9.94 -7.66 12.64
N LEU A 120 -9.20 -7.26 11.60
CA LEU A 120 -8.67 -8.21 10.63
C LEU A 120 -7.61 -9.10 11.26
N LYS A 121 -7.80 -10.41 11.15
CA LYS A 121 -6.86 -11.37 11.73
C LYS A 121 -5.92 -11.91 10.66
N PHE A 122 -4.64 -11.55 10.76
CA PHE A 122 -3.64 -12.00 9.81
C PHE A 122 -2.84 -13.18 10.39
N LYS A 123 -2.70 -14.24 9.61
CA LYS A 123 -1.97 -15.42 10.06
C LYS A 123 -0.48 -15.28 9.82
N GLN A 124 0.28 -15.06 10.90
CA GLN A 124 1.73 -14.91 10.81
C GLN A 124 2.46 -16.13 11.38
N LYS A 125 1.70 -17.19 11.69
CA LYS A 125 2.27 -18.42 12.24
C LYS A 125 2.97 -18.17 13.57
N ALA A 126 2.28 -17.46 14.46
CA ALA A 126 2.81 -17.14 15.80
C ALA A 126 4.22 -16.58 15.73
N SER A 127 4.34 -15.26 15.69
CA SER A 127 5.63 -14.59 15.63
C SER A 127 5.72 -13.47 16.65
N LEU A 128 6.80 -13.45 17.44
CA LEU A 128 6.99 -12.43 18.46
C LEU A 128 7.29 -11.07 17.81
N PHE A 129 8.01 -11.11 16.69
CA PHE A 129 8.38 -9.89 15.97
C PHE A 129 7.35 -9.60 14.88
N PRO A 130 7.21 -8.32 14.47
CA PRO A 130 6.26 -7.92 13.43
C PRO A 130 6.66 -8.47 12.06
N GLY A 131 5.68 -9.04 11.36
CA GLY A 131 5.94 -9.61 10.03
C GLY A 131 5.02 -9.04 8.97
N TYR A 132 4.54 -7.82 9.17
CA TYR A 132 3.65 -7.18 8.21
C TYR A 132 4.19 -5.80 7.80
N LEU A 133 4.32 -5.60 6.49
CA LEU A 133 4.82 -4.33 5.97
C LEU A 133 3.67 -3.36 5.73
N VAL A 134 3.71 -2.21 6.40
CA VAL A 134 2.68 -1.19 6.26
C VAL A 134 3.27 0.14 5.79
N LEU A 135 2.66 0.71 4.76
CA LEU A 135 3.12 1.98 4.22
C LEU A 135 2.42 3.17 4.89
N GLU A 136 3.03 4.33 4.75
CA GLU A 136 2.47 5.56 5.32
C GLU A 136 2.32 6.62 4.24
N ILE A 137 1.09 7.07 4.01
CA ILE A 137 0.82 8.07 2.98
C ILE A 137 0.99 9.49 3.54
N ASN A 138 2.17 10.06 3.34
CA ASN A 138 2.44 11.42 3.82
C ASN A 138 1.73 12.44 2.94
N ASP A 139 1.73 12.18 1.63
CA ASP A 139 1.08 13.06 0.67
C ASP A 139 0.76 12.28 -0.61
N PHE A 140 -0.51 12.28 -0.98
CA PHE A 140 -0.95 11.57 -2.19
C PHE A 140 -1.83 12.46 -3.06
N SER A 141 -1.90 12.13 -4.35
CA SER A 141 -2.71 12.90 -5.29
C SER A 141 -3.42 11.98 -6.27
N MET A 142 -4.58 12.42 -6.76
CA MET A 142 -5.35 11.62 -7.71
C MET A 142 -4.60 11.47 -9.03
N PHE A 143 -4.10 10.26 -9.27
CA PHE A 143 -3.35 9.97 -10.50
C PHE A 143 -4.30 9.83 -11.69
N ASN A 144 -5.22 8.88 -11.60
CA ASN A 144 -6.17 8.63 -12.68
C ASN A 144 -7.56 9.16 -12.30
N ARG A 145 -8.10 10.06 -13.13
CA ARG A 145 -9.42 10.64 -12.89
C ARG A 145 -10.51 9.58 -12.97
N ASP A 146 -10.39 8.68 -13.94
CA ASP A 146 -11.38 7.61 -14.13
C ASP A 146 -11.49 6.73 -12.90
N GLN A 147 -12.72 6.37 -12.55
CA GLN A 147 -12.98 5.53 -11.38
C GLN A 147 -12.95 4.05 -11.76
N LEU A 148 -11.86 3.38 -11.40
CA LEU A 148 -11.70 1.95 -11.68
C LEU A 148 -11.39 1.17 -10.41
N ILE A 149 -11.90 -0.06 -10.34
CA ILE A 149 -11.67 -0.93 -9.19
C ILE A 149 -10.65 -2.01 -9.54
N LEU A 150 -9.90 -2.47 -8.54
CA LEU A 150 -8.90 -3.51 -8.75
C LEU A 150 -9.55 -4.89 -8.79
N SER A 151 -10.06 -5.27 -9.96
CA SER A 151 -10.69 -6.56 -10.13
C SER A 151 -9.65 -7.69 -10.07
N ASN A 152 -8.41 -7.36 -10.41
CA ASN A 152 -7.32 -8.34 -10.39
C ASN A 152 -7.04 -8.83 -8.96
N ALA A 153 -7.50 -8.07 -7.97
CA ALA A 153 -7.30 -8.41 -6.56
C ALA A 153 -7.65 -9.88 -6.27
N GLY A 154 -8.56 -10.44 -7.06
CA GLY A 154 -8.96 -11.83 -6.87
C GLY A 154 -7.86 -12.83 -7.19
N THR A 155 -6.94 -12.44 -8.06
CA THR A 155 -5.84 -13.32 -8.46
C THR A 155 -4.59 -13.10 -7.60
N ILE A 156 -4.50 -11.92 -6.99
CA ILE A 156 -3.36 -11.58 -6.14
C ILE A 156 -3.16 -12.60 -5.02
N GLU A 157 -1.92 -12.74 -4.58
CA GLU A 157 -1.57 -13.67 -3.51
C GLU A 157 -1.62 -12.99 -2.15
N PHE A 158 -1.18 -13.70 -1.12
CA PHE A 158 -1.16 -13.16 0.25
C PHE A 158 0.22 -12.63 0.62
N LEU A 159 0.24 -11.50 1.32
CA LEU A 159 1.50 -10.87 1.72
C LEU A 159 2.11 -11.54 2.96
N TYR A 160 1.33 -12.39 3.64
CA TYR A 160 1.83 -13.08 4.83
C TYR A 160 2.64 -14.33 4.47
N GLY A 161 2.67 -14.69 3.18
CA GLY A 161 3.41 -15.84 2.74
C GLY A 161 4.40 -15.53 1.64
N THR A 162 4.93 -14.30 1.66
CA THR A 162 5.90 -13.88 0.65
C THR A 162 7.32 -14.03 1.19
N PRO A 163 8.00 -15.15 0.87
CA PRO A 163 9.37 -15.40 1.34
C PRO A 163 10.35 -14.32 0.89
N ARG A 164 10.08 -13.73 -0.27
CA ARG A 164 10.95 -12.68 -0.81
C ARG A 164 10.84 -11.41 0.02
N TYR A 165 9.62 -10.93 0.21
CA TYR A 165 9.38 -9.70 0.98
C TYR A 165 9.77 -9.88 2.45
N ILE A 166 9.47 -11.05 3.00
CA ILE A 166 9.78 -11.36 4.39
C ILE A 166 11.30 -11.33 4.63
N ALA A 167 12.06 -11.86 3.69
CA ALA A 167 13.52 -11.91 3.82
C ALA A 167 14.16 -10.52 3.83
N ARG A 168 13.60 -9.59 3.06
CA ARG A 168 14.15 -8.25 2.96
C ARG A 168 13.99 -7.44 4.25
N PHE A 169 12.85 -7.56 4.91
CA PHE A 169 12.59 -6.80 6.13
C PHE A 169 12.67 -7.63 7.41
N ILE A 170 12.24 -8.90 7.34
CA ILE A 170 12.27 -9.76 8.52
C ILE A 170 13.64 -10.37 8.75
N GLU A 171 14.23 -10.94 7.69
CA GLU A 171 15.53 -11.57 7.78
C GLU A 171 16.68 -10.55 7.66
N GLN A 172 16.34 -9.26 7.63
CA GLN A 172 17.36 -8.22 7.52
C GLN A 172 18.33 -8.26 8.70
N GLU A 173 17.79 -8.51 9.89
CA GLU A 173 18.60 -8.58 11.10
C GLU A 173 18.06 -9.64 12.06
N PHE A 174 18.96 -10.29 12.79
CA PHE A 174 18.57 -11.32 13.74
C PHE A 174 19.54 -11.34 14.91
N SER A 175 19.06 -11.83 16.05
CA SER A 175 19.88 -11.91 17.27
C SER A 175 19.78 -13.30 17.89
N ASP A 176 20.85 -13.72 18.57
CA ASP A 176 20.89 -15.02 19.21
C ASP A 176 20.16 -15.00 20.55
N GLU A 177 20.51 -14.05 21.41
CA GLU A 177 19.88 -13.94 22.72
C GLU A 177 19.65 -12.48 23.10
N GLU A 178 19.39 -11.62 22.11
CA GLU A 178 19.15 -10.21 22.34
C GLU A 178 17.68 -9.95 22.65
N GLY A 1 -2.59 -32.73 -4.57
CA GLY A 1 -3.92 -33.01 -5.19
C GLY A 1 -4.68 -31.75 -5.51
N ALA A 2 -5.50 -31.80 -6.56
CA ALA A 2 -6.30 -30.65 -6.97
C ALA A 2 -7.79 -30.91 -6.76
N MET A 3 -8.32 -30.38 -5.67
CA MET A 3 -9.74 -30.55 -5.36
C MET A 3 -10.39 -29.22 -5.00
N GLY A 4 -9.71 -28.44 -4.15
CA GLY A 4 -10.24 -27.14 -3.74
C GLY A 4 -9.26 -26.01 -4.00
N PRO A 5 -8.30 -25.78 -3.08
CA PRO A 5 -7.31 -24.70 -3.22
C PRO A 5 -6.29 -25.01 -4.32
N PRO A 6 -6.02 -24.03 -5.22
CA PRO A 6 -5.07 -24.22 -6.32
C PRO A 6 -3.63 -24.28 -5.82
N SER A 7 -2.75 -24.88 -6.62
CA SER A 7 -1.34 -24.99 -6.27
C SER A 7 -0.60 -23.69 -6.54
N SER A 8 0.64 -23.61 -6.05
CA SER A 8 1.46 -22.42 -6.24
C SER A 8 2.21 -22.45 -7.57
N ARG A 9 2.01 -23.51 -8.35
CA ARG A 9 2.68 -23.64 -9.65
C ARG A 9 2.32 -22.48 -10.57
N ASP A 10 1.09 -21.96 -10.40
CA ASP A 10 0.62 -20.84 -11.22
C ASP A 10 0.40 -19.59 -10.38
N ALA A 11 1.09 -19.51 -9.24
CA ALA A 11 0.96 -18.36 -8.35
C ALA A 11 2.00 -17.29 -8.68
N VAL A 12 3.21 -17.74 -9.03
CA VAL A 12 4.31 -16.82 -9.36
C VAL A 12 3.96 -15.93 -10.55
N ARG A 13 3.39 -16.52 -11.60
CA ARG A 13 3.02 -15.77 -12.79
C ARG A 13 1.50 -15.59 -12.86
N VAL A 14 1.08 -14.40 -13.28
CA VAL A 14 -0.34 -14.09 -13.40
C VAL A 14 -0.69 -13.64 -14.82
N THR A 15 -1.81 -14.14 -15.34
CA THR A 15 -2.25 -13.79 -16.69
C THR A 15 -2.81 -12.37 -16.72
N ALA A 16 -3.46 -11.97 -15.63
CA ALA A 16 -4.05 -10.64 -15.53
C ALA A 16 -3.06 -9.63 -14.95
N SER A 17 -2.40 -8.89 -15.82
CA SER A 17 -1.44 -7.87 -15.40
C SER A 17 -1.39 -6.72 -16.40
N ALA A 18 -1.70 -5.51 -15.93
CA ALA A 18 -1.70 -4.33 -16.78
C ALA A 18 -2.15 -3.07 -16.02
N HIS A 19 -2.97 -3.25 -14.99
CA HIS A 19 -3.48 -2.13 -14.20
C HIS A 19 -2.34 -1.34 -13.57
N MET A 20 -1.32 -2.04 -13.09
CA MET A 20 -0.17 -1.41 -12.46
C MET A 20 1.09 -1.63 -13.29
N LYS A 21 2.18 -0.96 -12.91
CA LYS A 21 3.44 -1.10 -13.64
C LYS A 21 4.64 -0.90 -12.71
N HIS A 22 5.27 -2.01 -12.35
CA HIS A 22 6.46 -1.97 -11.48
C HIS A 22 6.13 -1.33 -10.12
N TRP A 23 5.73 -2.15 -9.15
CA TRP A 23 5.38 -1.65 -7.82
C TRP A 23 6.09 -2.46 -6.71
N LEU A 24 5.37 -3.40 -6.09
CA LEU A 24 5.91 -4.20 -4.99
C LEU A 24 7.10 -5.08 -5.41
N GLU A 25 7.07 -5.59 -6.63
CA GLU A 25 8.14 -6.47 -7.11
C GLU A 25 9.47 -5.74 -7.32
N PRO A 26 9.55 -4.77 -8.26
CA PRO A 26 10.79 -4.04 -8.55
C PRO A 26 11.30 -3.15 -7.41
N VAL A 27 10.37 -2.59 -6.63
CA VAL A 27 10.73 -1.70 -5.53
C VAL A 27 11.82 -2.31 -4.63
N LEU A 28 11.70 -3.61 -4.37
CA LEU A 28 12.68 -4.31 -3.54
C LEU A 28 13.71 -5.07 -4.37
N CYS A 29 13.37 -5.36 -5.63
CA CYS A 29 14.26 -6.12 -6.51
C CYS A 29 15.38 -5.26 -7.09
N GLU A 30 15.02 -4.22 -7.85
CA GLU A 30 16.02 -3.36 -8.49
C GLU A 30 15.98 -1.92 -8.00
N ALA A 31 14.81 -1.45 -7.57
CA ALA A 31 14.68 -0.07 -7.10
C ALA A 31 15.60 0.19 -5.91
N GLY A 32 15.80 -0.82 -5.07
CA GLY A 32 16.66 -0.67 -3.92
C GLY A 32 16.10 0.28 -2.88
N LEU A 33 14.77 0.35 -2.79
CA LEU A 33 14.12 1.24 -1.84
C LEU A 33 14.42 0.81 -0.40
N GLY A 34 14.51 1.79 0.49
CA GLY A 34 14.80 1.50 1.88
C GLY A 34 13.79 2.14 2.82
N HIS A 35 14.21 2.40 4.06
CA HIS A 35 13.34 3.01 5.05
C HIS A 35 12.97 4.43 4.67
N ASN A 36 13.94 5.17 4.14
CA ASN A 36 13.72 6.56 3.72
C ASN A 36 13.84 6.71 2.21
N TYR A 37 12.78 6.34 1.49
CA TYR A 37 12.75 6.43 0.04
C TYR A 37 11.39 6.94 -0.45
N LYS A 38 11.40 7.66 -1.56
CA LYS A 38 10.16 8.20 -2.13
C LYS A 38 10.12 7.99 -3.63
N VAL A 39 9.11 7.24 -4.09
CA VAL A 39 8.93 6.97 -5.52
C VAL A 39 7.51 7.26 -5.97
N ASP A 40 7.33 7.45 -7.27
CA ASP A 40 6.01 7.73 -7.83
C ASP A 40 5.35 6.44 -8.31
N LYS A 41 4.28 6.05 -7.63
CA LYS A 41 3.55 4.83 -8.00
C LYS A 41 2.05 4.99 -7.78
N VAL A 42 1.28 4.08 -8.37
CA VAL A 42 -0.17 4.11 -8.26
C VAL A 42 -0.67 3.09 -7.24
N LEU A 43 -1.48 3.55 -6.30
CA LEU A 43 -2.04 2.69 -5.27
C LEU A 43 -3.50 3.03 -5.00
N LYS A 44 -4.36 2.02 -5.08
CA LYS A 44 -5.79 2.20 -4.85
C LYS A 44 -6.25 1.39 -3.64
N VAL A 45 -7.19 1.93 -2.88
CA VAL A 45 -7.71 1.25 -1.70
C VAL A 45 -9.11 0.69 -1.98
N LEU A 46 -9.40 -0.49 -1.41
CA LEU A 46 -10.70 -1.14 -1.62
C LEU A 46 -11.58 -1.12 -0.37
N ARG A 47 -11.02 -0.76 0.78
CA ARG A 47 -11.81 -0.73 2.02
C ARG A 47 -11.48 0.50 2.87
N ILE A 48 -12.54 1.10 3.44
CA ILE A 48 -12.40 2.28 4.28
C ILE A 48 -13.37 2.21 5.46
N TYR A 49 -12.91 2.66 6.63
CA TYR A 49 -13.74 2.65 7.84
C TYR A 49 -13.90 4.07 8.41
N PRO A 50 -14.74 4.91 7.78
CA PRO A 50 -14.96 6.29 8.22
C PRO A 50 -15.75 6.38 9.53
N ARG A 51 -15.61 7.50 10.22
CA ARG A 51 -16.31 7.73 11.48
C ARG A 51 -17.16 8.99 11.39
N SER A 52 -17.90 9.28 12.46
CA SER A 52 -18.77 10.46 12.50
C SER A 52 -17.95 11.75 12.56
N ASN A 53 -16.87 11.73 13.34
CA ASN A 53 -16.01 12.91 13.49
C ASN A 53 -14.61 12.67 12.93
N THR A 54 -14.49 11.74 11.98
CA THR A 54 -13.20 11.41 11.39
C THR A 54 -12.61 12.61 10.64
N LEU A 55 -11.48 12.37 9.95
CA LEU A 55 -10.81 13.40 9.18
C LEU A 55 -10.83 13.06 7.69
N SER A 56 -11.79 12.22 7.29
CA SER A 56 -11.91 11.81 5.90
C SER A 56 -10.68 11.01 5.47
N SER A 57 -10.07 10.32 6.43
CA SER A 57 -8.87 9.53 6.19
C SER A 57 -8.50 8.75 7.44
N LEU A 58 -8.59 7.43 7.36
CA LEU A 58 -8.26 6.56 8.49
C LEU A 58 -7.73 5.21 7.99
N PRO A 59 -7.15 4.37 8.88
CA PRO A 59 -6.62 3.06 8.50
C PRO A 59 -7.51 2.36 7.48
N LEU A 60 -6.92 2.06 6.32
CA LEU A 60 -7.67 1.43 5.23
C LEU A 60 -6.91 0.25 4.65
N CYS A 61 -7.63 -0.63 3.97
CA CYS A 61 -7.04 -1.81 3.34
C CYS A 61 -6.97 -1.61 1.82
N LEU A 62 -5.76 -1.64 1.28
CA LEU A 62 -5.57 -1.44 -0.15
C LEU A 62 -4.91 -2.65 -0.80
N CYS A 63 -5.09 -2.78 -2.11
CA CYS A 63 -4.51 -3.89 -2.86
C CYS A 63 -3.66 -3.38 -4.01
N ASP A 64 -2.44 -3.88 -4.11
CA ASP A 64 -1.53 -3.47 -5.18
C ASP A 64 -1.70 -4.37 -6.41
N ALA A 65 -0.79 -4.23 -7.37
CA ALA A 65 -0.83 -5.01 -8.60
C ALA A 65 -0.75 -6.51 -8.34
N ASN A 66 0.14 -6.92 -7.42
CA ASN A 66 0.32 -8.34 -7.12
C ASN A 66 -0.14 -8.69 -5.71
N TYR A 67 0.30 -7.90 -4.72
CA TYR A 67 -0.05 -8.15 -3.33
C TYR A 67 -0.78 -6.97 -2.70
N LYS A 68 -1.25 -7.16 -1.47
CA LYS A 68 -1.96 -6.11 -0.75
C LYS A 68 -1.39 -5.94 0.65
N ILE A 69 -1.34 -4.69 1.12
CA ILE A 69 -0.81 -4.39 2.45
C ILE A 69 -1.64 -3.33 3.15
N LEU A 70 -1.29 -3.05 4.40
CA LEU A 70 -2.00 -2.04 5.18
C LEU A 70 -1.26 -0.70 5.08
N ALA A 71 -2.02 0.39 5.04
CA ALA A 71 -1.42 1.72 4.94
C ALA A 71 -2.20 2.75 5.74
N PHE A 72 -1.50 3.82 6.12
CA PHE A 72 -2.10 4.90 6.89
C PHE A 72 -1.59 6.25 6.40
N ALA A 73 -2.52 7.17 6.14
CA ALA A 73 -2.16 8.50 5.65
C ALA A 73 -1.95 9.49 6.79
N ASN A 74 -0.88 10.29 6.69
CA ASN A 74 -0.56 11.29 7.69
C ASN A 74 -1.56 12.44 7.62
N TYR A 75 -1.76 13.12 8.74
CA TYR A 75 -2.71 14.24 8.80
C TYR A 75 -2.45 15.26 7.70
N LYS A 76 -1.18 15.47 7.35
CA LYS A 76 -0.84 16.42 6.30
C LYS A 76 -1.51 15.99 5.00
N ALA A 77 -1.45 14.69 4.75
CA ALA A 77 -2.06 14.10 3.57
C ALA A 77 -3.58 14.09 3.72
N ILE A 78 -4.04 13.85 4.95
CA ILE A 78 -5.47 13.82 5.26
C ILE A 78 -6.13 15.17 5.00
N ALA A 79 -5.57 16.22 5.61
CA ALA A 79 -6.11 17.57 5.45
C ALA A 79 -6.11 18.02 3.99
N ALA A 80 -5.14 17.55 3.22
CA ALA A 80 -5.03 17.91 1.81
C ALA A 80 -6.30 17.57 1.03
N PHE A 81 -7.08 16.61 1.55
CA PHE A 81 -8.31 16.19 0.89
C PHE A 81 -9.28 17.36 0.68
N GLU A 82 -9.38 18.23 1.69
CA GLU A 82 -10.27 19.38 1.62
C GLU A 82 -9.74 20.41 0.63
N ARG A 83 -8.42 20.58 0.58
CA ARG A 83 -7.80 21.53 -0.31
C ARG A 83 -7.91 21.10 -1.77
N LYS A 84 -7.90 19.79 -2.00
CA LYS A 84 -7.99 19.25 -3.35
C LYS A 84 -9.34 19.55 -4.01
N GLU A 85 -10.34 18.70 -3.75
CA GLU A 85 -11.67 18.88 -4.35
C GLU A 85 -12.73 19.28 -3.32
N ARG A 86 -12.30 19.61 -2.10
CA ARG A 86 -13.24 20.01 -1.04
C ARG A 86 -14.25 18.91 -0.74
N ARG A 87 -13.87 17.66 -1.01
CA ARG A 87 -14.74 16.51 -0.76
C ARG A 87 -13.97 15.36 -0.12
N ARG A 88 -14.70 14.44 0.52
CA ARG A 88 -14.07 13.30 1.17
C ARG A 88 -13.41 12.39 0.14
N VAL A 89 -12.10 12.20 0.28
CA VAL A 89 -11.33 11.38 -0.65
C VAL A 89 -11.55 9.88 -0.42
N THR A 90 -11.72 9.49 0.84
CA THR A 90 -11.93 8.09 1.19
C THR A 90 -13.19 7.50 0.55
N GLN A 91 -14.09 8.37 0.11
CA GLN A 91 -15.34 7.92 -0.51
C GLN A 91 -15.11 7.25 -1.86
N ASN A 92 -14.86 8.05 -2.90
CA ASN A 92 -14.65 7.51 -4.24
C ASN A 92 -13.30 7.88 -4.84
N LEU A 93 -12.64 8.90 -4.27
CA LEU A 93 -11.34 9.34 -4.80
C LEU A 93 -10.27 8.26 -4.66
N LEU A 94 -10.16 7.66 -3.48
CA LEU A 94 -9.17 6.61 -3.24
C LEU A 94 -9.38 5.43 -4.19
N ASN A 95 -10.64 5.07 -4.42
CA ASN A 95 -10.98 3.95 -5.30
C ASN A 95 -10.71 4.31 -6.77
N SER A 96 -10.56 5.60 -7.07
CA SER A 96 -10.32 6.04 -8.44
C SER A 96 -8.84 5.91 -8.81
N GLU A 97 -8.01 6.79 -8.25
CA GLU A 97 -6.57 6.78 -8.54
C GLU A 97 -5.80 7.57 -7.50
N ILE A 98 -4.55 7.14 -7.23
CA ILE A 98 -3.73 7.84 -6.26
C ILE A 98 -2.23 7.75 -6.59
N MET A 99 -1.48 8.72 -6.08
CA MET A 99 -0.04 8.80 -6.29
C MET A 99 0.64 9.20 -4.99
N ILE A 100 1.36 8.27 -4.37
CA ILE A 100 2.05 8.57 -3.12
C ILE A 100 3.43 9.15 -3.39
N HIS A 101 3.55 10.46 -3.25
CA HIS A 101 4.82 11.16 -3.48
C HIS A 101 5.88 10.68 -2.49
N SER A 102 5.47 10.48 -1.24
CA SER A 102 6.40 10.04 -0.20
C SER A 102 5.75 9.02 0.73
N PHE A 103 6.48 7.94 1.01
CA PHE A 103 5.99 6.89 1.90
C PHE A 103 7.15 6.27 2.67
N THR A 104 6.88 5.86 3.92
CA THR A 104 7.90 5.26 4.77
C THR A 104 7.49 3.85 5.20
N ILE A 105 8.47 2.94 5.24
CA ILE A 105 8.20 1.56 5.63
C ILE A 105 8.10 1.43 7.14
N ARG A 106 7.07 0.74 7.60
CA ARG A 106 6.85 0.52 9.03
C ARG A 106 6.36 -0.89 9.29
N PHE A 107 6.84 -1.51 10.37
CA PHE A 107 6.46 -2.86 10.72
C PHE A 107 5.26 -2.87 11.67
N TYR A 108 4.29 -3.73 11.37
CA TYR A 108 3.09 -3.84 12.20
C TYR A 108 2.88 -5.27 12.68
N ASN A 109 2.44 -5.41 13.92
CA ASN A 109 2.20 -6.73 14.51
C ASN A 109 0.71 -7.07 14.43
N ASP A 110 0.34 -8.24 14.93
CA ASP A 110 -1.06 -8.68 14.90
C ASP A 110 -1.93 -7.70 15.67
N ASP A 111 -1.43 -7.21 16.79
CA ASP A 111 -2.18 -6.26 17.62
C ASP A 111 -2.27 -4.91 16.92
N GLN A 112 -1.19 -4.49 16.27
CA GLN A 112 -1.15 -3.21 15.57
C GLN A 112 -2.17 -3.17 14.43
N VAL A 113 -2.20 -4.23 13.63
CA VAL A 113 -3.11 -4.31 12.50
C VAL A 113 -4.56 -4.47 12.98
N GLN A 114 -4.75 -5.14 14.11
CA GLN A 114 -6.08 -5.35 14.67
C GLN A 114 -6.75 -4.03 15.03
N GLY A 115 -5.96 -3.11 15.57
CA GLY A 115 -6.49 -1.80 15.95
C GLY A 115 -6.85 -0.95 14.75
N PHE A 116 -6.04 -1.04 13.69
CA PHE A 116 -6.28 -0.28 12.48
C PHE A 116 -7.61 -0.63 11.83
N PHE A 117 -7.95 -1.91 11.82
CA PHE A 117 -9.20 -2.38 11.22
C PHE A 117 -10.16 -2.89 12.29
N ASP A 118 -11.38 -3.24 11.86
CA ASP A 118 -12.40 -3.74 12.78
C ASP A 118 -11.98 -5.04 13.45
N GLY A 119 -11.11 -5.80 12.79
CA GLY A 119 -10.64 -7.05 13.34
C GLY A 119 -9.98 -7.95 12.31
N LEU A 120 -9.17 -7.35 11.43
CA LEU A 120 -8.47 -8.11 10.40
C LEU A 120 -7.39 -8.99 11.04
N LYS A 121 -7.46 -10.29 10.77
CA LYS A 121 -6.51 -11.25 11.35
C LYS A 121 -5.42 -11.63 10.36
N PHE A 122 -4.17 -11.34 10.72
CA PHE A 122 -3.02 -11.67 9.89
C PHE A 122 -2.26 -12.86 10.47
N LYS A 123 -1.70 -13.69 9.61
CA LYS A 123 -0.95 -14.87 10.05
C LYS A 123 0.55 -14.67 9.83
N GLN A 124 1.33 -14.86 10.90
CA GLN A 124 2.78 -14.71 10.84
C GLN A 124 3.50 -16.07 10.92
N LYS A 125 2.72 -17.16 10.93
CA LYS A 125 3.28 -18.50 11.02
C LYS A 125 4.10 -18.68 12.29
N ALA A 126 3.50 -18.34 13.43
CA ALA A 126 4.15 -18.47 14.72
C ALA A 126 5.40 -17.61 14.80
N SER A 127 5.21 -16.32 15.14
CA SER A 127 6.33 -15.39 15.25
C SER A 127 6.13 -14.46 16.43
N LEU A 128 7.23 -14.01 17.04
CA LEU A 128 7.16 -13.11 18.18
C LEU A 128 7.33 -11.65 17.75
N PHE A 129 8.16 -11.42 16.74
CA PHE A 129 8.39 -10.08 16.22
C PHE A 129 7.46 -9.77 15.05
N PRO A 130 7.18 -8.47 14.80
CA PRO A 130 6.30 -8.06 13.70
C PRO A 130 6.83 -8.52 12.34
N GLY A 131 5.93 -8.91 11.45
CA GLY A 131 6.33 -9.36 10.12
C GLY A 131 5.38 -8.92 9.03
N TYR A 132 4.77 -7.75 9.22
CA TYR A 132 3.83 -7.22 8.24
C TYR A 132 4.29 -5.86 7.72
N LEU A 133 4.32 -5.70 6.40
CA LEU A 133 4.75 -4.45 5.78
C LEU A 133 3.59 -3.46 5.68
N VAL A 134 3.79 -2.28 6.27
CA VAL A 134 2.77 -1.23 6.23
C VAL A 134 3.37 0.09 5.77
N LEU A 135 2.72 0.72 4.79
CA LEU A 135 3.20 1.99 4.26
C LEU A 135 2.51 3.16 4.93
N GLU A 136 3.14 4.33 4.86
CA GLU A 136 2.61 5.55 5.44
C GLU A 136 2.45 6.61 4.36
N ILE A 137 1.23 7.15 4.21
CA ILE A 137 0.98 8.15 3.18
C ILE A 137 1.10 9.56 3.73
N ASN A 138 2.29 10.15 3.59
CA ASN A 138 2.53 11.50 4.06
C ASN A 138 1.87 12.51 3.12
N ASP A 139 1.91 12.22 1.83
CA ASP A 139 1.32 13.09 0.82
C ASP A 139 1.02 12.29 -0.45
N PHE A 140 -0.24 12.32 -0.88
CA PHE A 140 -0.65 11.59 -2.07
C PHE A 140 -1.53 12.46 -2.97
N SER A 141 -1.68 12.07 -4.24
CA SER A 141 -2.50 12.82 -5.17
C SER A 141 -3.11 11.92 -6.24
N MET A 142 -4.29 12.29 -6.73
CA MET A 142 -4.98 11.51 -7.76
C MET A 142 -4.17 11.50 -9.05
N PHE A 143 -3.76 10.30 -9.49
CA PHE A 143 -2.94 10.18 -10.70
C PHE A 143 -3.78 9.98 -11.96
N ASN A 144 -4.46 8.84 -12.06
CA ASN A 144 -5.29 8.52 -13.23
C ASN A 144 -5.93 7.14 -13.11
N ARG A 145 -7.09 6.99 -13.78
CA ARG A 145 -7.82 5.71 -13.78
C ARG A 145 -9.12 5.87 -14.56
N ASP A 146 -9.73 4.75 -14.90
CA ASP A 146 -11.00 4.75 -15.63
C ASP A 146 -12.20 4.65 -14.68
N GLN A 147 -11.98 5.00 -13.40
CA GLN A 147 -13.05 4.95 -12.40
C GLN A 147 -13.58 3.52 -12.26
N LEU A 148 -12.68 2.55 -12.30
CA LEU A 148 -13.05 1.14 -12.18
C LEU A 148 -12.43 0.51 -10.94
N ILE A 149 -13.13 -0.47 -10.37
CA ILE A 149 -12.67 -1.17 -9.18
C ILE A 149 -11.60 -2.20 -9.54
N LEU A 150 -10.63 -2.39 -8.65
CA LEU A 150 -9.57 -3.37 -8.87
C LEU A 150 -10.09 -4.76 -8.54
N SER A 151 -10.80 -5.37 -9.48
CA SER A 151 -11.37 -6.70 -9.29
C SER A 151 -10.26 -7.74 -9.10
N ASN A 152 -9.10 -7.48 -9.67
CA ASN A 152 -7.96 -8.40 -9.55
C ASN A 152 -7.53 -8.56 -8.10
N ALA A 153 -7.90 -7.60 -7.24
CA ALA A 153 -7.54 -7.63 -5.84
C ALA A 153 -8.07 -8.90 -5.15
N GLY A 154 -9.21 -9.38 -5.62
CA GLY A 154 -9.81 -10.59 -5.04
C GLY A 154 -8.90 -11.79 -5.13
N THR A 155 -8.21 -11.93 -6.27
CA THR A 155 -7.27 -13.03 -6.47
C THR A 155 -5.99 -12.82 -5.69
N ILE A 156 -5.63 -11.55 -5.52
CA ILE A 156 -4.42 -11.17 -4.80
C ILE A 156 -4.46 -11.65 -3.35
N GLU A 157 -3.28 -11.99 -2.82
CA GLU A 157 -3.15 -12.47 -1.45
C GLU A 157 -2.22 -11.56 -0.65
N PHE A 158 -2.32 -11.62 0.67
CA PHE A 158 -1.48 -10.80 1.54
C PHE A 158 -0.01 -11.18 1.37
N LEU A 159 0.89 -10.26 1.72
CA LEU A 159 2.32 -10.50 1.61
C LEU A 159 2.85 -11.40 2.75
N TYR A 160 1.95 -11.82 3.64
CA TYR A 160 2.33 -12.68 4.76
C TYR A 160 2.98 -13.99 4.29
N GLY A 161 2.69 -14.39 3.05
CA GLY A 161 3.24 -15.63 2.54
C GLY A 161 4.20 -15.42 1.38
N THR A 162 4.89 -14.28 1.36
CA THR A 162 5.85 -13.98 0.30
C THR A 162 7.27 -14.07 0.85
N PRO A 163 7.99 -15.17 0.57
CA PRO A 163 9.37 -15.37 1.06
C PRO A 163 10.31 -14.22 0.71
N ARG A 164 10.17 -13.69 -0.50
CA ARG A 164 11.03 -12.60 -0.97
C ARG A 164 10.84 -11.34 -0.13
N TYR A 165 9.59 -10.88 0.01
CA TYR A 165 9.30 -9.67 0.78
C TYR A 165 9.70 -9.85 2.24
N ILE A 166 9.43 -11.03 2.78
CA ILE A 166 9.78 -11.34 4.15
C ILE A 166 11.30 -11.33 4.33
N ALA A 167 12.00 -11.87 3.34
CA ALA A 167 13.46 -11.93 3.39
C ALA A 167 14.11 -10.54 3.34
N ARG A 168 13.49 -9.63 2.59
CA ARG A 168 14.04 -8.27 2.45
C ARG A 168 14.09 -7.52 3.78
N PHE A 169 13.06 -7.66 4.60
CA PHE A 169 13.01 -6.95 5.88
C PHE A 169 13.26 -7.88 7.08
N ILE A 170 12.67 -9.06 7.05
CA ILE A 170 12.80 -10.01 8.15
C ILE A 170 14.19 -10.66 8.18
N GLU A 171 14.67 -11.07 7.01
CA GLU A 171 15.98 -11.72 6.91
C GLU A 171 17.11 -10.73 6.64
N GLN A 172 16.98 -9.53 7.20
CA GLN A 172 18.01 -8.50 7.03
C GLN A 172 19.35 -8.97 7.57
N GLU A 173 20.36 -8.93 6.72
CA GLU A 173 21.71 -9.35 7.08
C GLU A 173 21.74 -10.83 7.47
N PHE A 174 20.91 -11.63 6.82
CA PHE A 174 20.82 -13.06 7.10
C PHE A 174 21.52 -13.86 6.00
N SER A 175 21.34 -13.44 4.75
CA SER A 175 21.94 -14.12 3.61
C SER A 175 23.15 -13.34 3.08
N ASP A 176 24.22 -14.06 2.74
CA ASP A 176 25.43 -13.44 2.23
C ASP A 176 25.47 -13.50 0.70
N GLU A 177 25.18 -14.68 0.15
CA GLU A 177 25.18 -14.87 -1.30
C GLU A 177 24.01 -14.13 -1.94
N GLU A 178 22.86 -14.17 -1.29
CA GLU A 178 21.65 -13.50 -1.80
C GLU A 178 21.25 -14.07 -3.15
#